data_2YZ0
#
_entry.id   2YZ0
#
_entity_poly.entity_id   1
_entity_poly.type   'polypeptide(L)'
_entity_poly.pdbx_seq_one_letter_code
;MSLSHLTLDQYYEIQCNELEAIRSIYMDDFTDLTKRKSSWDKQPQIIFEITLRSVDKEPVESSITLHFAMTPMYPYTAPE
IEFKNVQNVMDSQLQMLKSEFKKIHNTSRGQEIIFEITSFTQEKLDEFQNVVNTQSLE
;
_entity_poly.pdbx_strand_id   A
#
# COMPACT_ATOMS: atom_id res chain seq x y z
N MET A 1 -19.17 -20.49 4.47
CA MET A 1 -20.32 -21.25 3.99
C MET A 1 -19.88 -22.38 3.07
N SER A 2 -19.11 -22.04 2.04
CA SER A 2 -18.62 -23.03 1.09
C SER A 2 -17.15 -22.79 0.76
N LEU A 3 -16.27 -23.48 1.49
CA LEU A 3 -14.83 -23.35 1.28
C LEU A 3 -14.19 -24.71 1.07
N SER A 4 -13.93 -25.05 -0.19
CA SER A 4 -13.31 -26.33 -0.52
C SER A 4 -12.76 -26.31 -1.95
N HIS A 5 -13.63 -26.01 -2.90
CA HIS A 5 -13.23 -25.96 -4.31
C HIS A 5 -11.87 -25.28 -4.46
N LEU A 6 -11.82 -23.99 -4.14
CA LEU A 6 -10.58 -23.23 -4.24
C LEU A 6 -9.97 -22.99 -2.86
N THR A 7 -8.80 -23.58 -2.63
CA THR A 7 -8.11 -23.44 -1.36
C THR A 7 -7.32 -22.13 -1.30
N LEU A 8 -6.83 -21.79 -0.12
CA LEU A 8 -6.06 -20.56 0.07
C LEU A 8 -4.89 -20.51 -0.89
N ASP A 9 -4.36 -21.67 -1.25
CA ASP A 9 -3.23 -21.76 -2.16
C ASP A 9 -3.52 -20.99 -3.45
N GLN A 10 -4.79 -20.98 -3.85
CA GLN A 10 -5.19 -20.28 -5.06
C GLN A 10 -4.97 -18.78 -4.94
N TYR A 11 -5.23 -18.24 -3.76
CA TYR A 11 -5.06 -16.81 -3.50
C TYR A 11 -3.58 -16.42 -3.63
N TYR A 12 -2.70 -17.38 -3.42
CA TYR A 12 -1.27 -17.13 -3.51
C TYR A 12 -0.89 -16.62 -4.90
N GLU A 13 -1.55 -17.16 -5.92
CA GLU A 13 -1.29 -16.75 -7.30
C GLU A 13 -1.69 -15.30 -7.53
N ILE A 14 -2.85 -14.93 -7.01
CA ILE A 14 -3.35 -13.57 -7.15
C ILE A 14 -2.48 -12.58 -6.39
N GLN A 15 -2.10 -12.95 -5.17
CA GLN A 15 -1.27 -12.09 -4.34
C GLN A 15 0.11 -11.89 -4.96
N CYS A 16 0.71 -12.99 -5.41
CA CYS A 16 2.03 -12.94 -6.03
C CYS A 16 2.01 -12.07 -7.29
N ASN A 17 0.93 -12.16 -8.05
CA ASN A 17 0.79 -11.39 -9.27
C ASN A 17 0.87 -9.89 -8.98
N GLU A 18 0.37 -9.49 -7.81
CA GLU A 18 0.39 -8.09 -7.41
C GLU A 18 1.82 -7.62 -7.16
N LEU A 19 2.63 -8.49 -6.56
CA LEU A 19 4.02 -8.16 -6.27
C LEU A 19 4.80 -7.87 -7.54
N GLU A 20 4.71 -8.78 -8.51
CA GLU A 20 5.40 -8.62 -9.78
C GLU A 20 4.79 -7.49 -10.59
N ALA A 21 3.48 -7.32 -10.47
CA ALA A 21 2.77 -6.28 -11.21
C ALA A 21 3.19 -4.89 -10.73
N ILE A 22 3.27 -4.72 -9.41
CA ILE A 22 3.66 -3.45 -8.82
C ILE A 22 5.17 -3.25 -8.90
N ARG A 23 5.91 -4.35 -8.78
CA ARG A 23 7.36 -4.29 -8.84
C ARG A 23 7.83 -3.59 -10.12
N SER A 24 7.09 -3.80 -11.21
CA SER A 24 7.43 -3.19 -12.48
C SER A 24 7.27 -1.68 -12.43
N ILE A 25 6.32 -1.22 -11.62
CA ILE A 25 6.07 0.21 -11.47
C ILE A 25 7.07 0.85 -10.53
N TYR A 26 7.34 0.20 -9.40
CA TYR A 26 8.29 0.71 -8.42
C TYR A 26 9.53 -0.17 -8.36
N MET A 27 10.06 -0.52 -9.53
CA MET A 27 11.25 -1.37 -9.60
C MET A 27 12.27 -0.96 -8.55
N ASP A 28 12.42 0.35 -8.35
CA ASP A 28 13.37 0.86 -7.37
C ASP A 28 12.63 1.41 -6.14
N ASP A 29 11.39 1.84 -6.34
CA ASP A 29 10.59 2.37 -5.25
C ASP A 29 9.88 1.24 -4.49
N PHE A 30 10.50 0.08 -4.48
CA PHE A 30 9.93 -1.09 -3.79
C PHE A 30 10.79 -1.48 -2.59
N THR A 31 10.13 -1.96 -1.54
CA THR A 31 10.83 -2.38 -0.33
C THR A 31 10.53 -3.84 0.01
N ASP A 32 11.58 -4.59 0.32
CA ASP A 32 11.43 -6.00 0.66
C ASP A 32 11.44 -6.20 2.17
N LEU A 33 10.31 -6.64 2.70
CA LEU A 33 10.18 -6.87 4.14
C LEU A 33 9.83 -8.33 4.43
N THR A 34 9.37 -9.04 3.40
CA THR A 34 9.01 -10.45 3.55
C THR A 34 10.11 -11.23 4.26
N LYS A 35 9.75 -12.38 4.81
CA LYS A 35 10.71 -13.23 5.51
C LYS A 35 11.61 -13.96 4.53
N ARG A 36 12.20 -13.21 3.59
CA ARG A 36 13.08 -13.79 2.59
C ARG A 36 14.51 -13.27 2.76
N LYS A 37 14.63 -11.98 3.05
CA LYS A 37 15.94 -11.36 3.24
C LYS A 37 16.92 -12.34 3.90
N SER A 38 18.12 -12.40 3.36
CA SER A 38 19.15 -13.30 3.89
C SER A 38 18.81 -14.75 3.57
N SER A 39 17.89 -15.31 4.34
CA SER A 39 17.48 -16.70 4.15
C SER A 39 16.80 -16.88 2.80
N TRP A 40 16.31 -18.09 2.55
CA TRP A 40 15.64 -18.40 1.30
C TRP A 40 14.13 -18.25 1.44
N ASP A 41 13.58 -18.78 2.52
CA ASP A 41 12.15 -18.71 2.78
C ASP A 41 11.80 -19.38 4.11
N LYS A 42 11.01 -18.69 4.92
CA LYS A 42 10.60 -19.21 6.22
C LYS A 42 9.09 -19.11 6.40
N GLN A 43 8.63 -17.98 6.93
CA GLN A 43 7.21 -17.77 7.15
C GLN A 43 6.71 -16.55 6.37
N PRO A 44 7.03 -16.53 5.07
CA PRO A 44 6.63 -15.42 4.18
C PRO A 44 5.13 -15.42 3.92
N GLN A 45 4.57 -14.21 3.79
CA GLN A 45 3.14 -14.06 3.54
C GLN A 45 2.89 -13.28 2.25
N ILE A 46 3.97 -13.00 1.53
CA ILE A 46 3.87 -12.25 0.28
C ILE A 46 3.84 -10.75 0.52
N ILE A 47 3.32 -10.36 1.69
CA ILE A 47 3.24 -8.95 2.06
C ILE A 47 4.52 -8.22 1.69
N PHE A 48 4.38 -6.94 1.35
CA PHE A 48 5.53 -6.12 0.98
C PHE A 48 5.23 -4.63 1.20
N GLU A 49 6.29 -3.84 1.34
CA GLU A 49 6.14 -2.40 1.55
C GLU A 49 6.57 -1.62 0.31
N ILE A 50 5.99 -0.44 0.13
CA ILE A 50 6.31 0.40 -1.02
C ILE A 50 6.59 1.83 -0.58
N THR A 51 7.62 2.43 -1.15
CA THR A 51 7.99 3.80 -0.83
C THR A 51 7.19 4.81 -1.65
N LEU A 52 6.51 5.71 -0.96
CA LEU A 52 5.70 6.73 -1.63
C LEU A 52 6.08 8.13 -1.15
N ARG A 53 5.75 9.14 -1.95
CA ARG A 53 6.04 10.52 -1.62
C ARG A 53 5.55 11.46 -2.70
N SER A 54 5.54 12.76 -2.39
CA SER A 54 5.09 13.77 -3.34
C SER A 54 5.87 13.68 -4.65
N VAL A 55 5.64 14.64 -5.54
CA VAL A 55 6.32 14.67 -6.83
C VAL A 55 7.56 15.54 -6.76
N ASP A 56 7.54 16.54 -5.88
CA ASP A 56 8.67 17.45 -5.73
C ASP A 56 9.20 17.42 -4.31
N LYS A 57 10.00 18.42 -3.95
CA LYS A 57 10.57 18.51 -2.61
C LYS A 57 10.10 19.78 -1.90
N GLU A 58 9.50 20.69 -2.66
CA GLU A 58 9.00 21.94 -2.10
C GLU A 58 7.51 22.09 -2.35
N PRO A 59 6.81 22.71 -1.39
CA PRO A 59 7.43 23.22 -0.17
C PRO A 59 7.90 22.10 0.77
N VAL A 60 7.52 20.87 0.43
CA VAL A 60 7.90 19.71 1.24
C VAL A 60 8.09 18.48 0.36
N GLU A 61 8.48 17.37 0.99
CA GLU A 61 8.70 16.13 0.26
C GLU A 61 7.59 15.12 0.54
N SER A 62 6.85 15.35 1.63
CA SER A 62 5.76 14.47 2.02
C SER A 62 6.08 13.02 1.65
N SER A 63 6.92 12.38 2.45
CA SER A 63 7.31 11.00 2.22
C SER A 63 6.57 10.06 3.16
N ILE A 64 5.92 9.05 2.60
CA ILE A 64 5.18 8.08 3.39
C ILE A 64 5.36 6.66 2.83
N THR A 65 5.43 5.69 3.73
CA THR A 65 5.61 4.29 3.33
C THR A 65 4.31 3.51 3.53
N LEU A 66 3.79 2.98 2.43
CA LEU A 66 2.56 2.19 2.48
C LEU A 66 2.85 0.70 2.46
N HIS A 67 2.53 0.02 3.57
CA HIS A 67 2.77 -1.41 3.68
C HIS A 67 1.45 -2.18 3.63
N PHE A 68 1.26 -2.96 2.57
CA PHE A 68 0.04 -3.74 2.41
C PHE A 68 0.30 -5.22 2.71
N ALA A 69 -0.65 -5.84 3.39
CA ALA A 69 -0.53 -7.26 3.74
C ALA A 69 -1.66 -8.08 3.12
N MET A 70 -1.29 -9.04 2.29
CA MET A 70 -2.27 -9.90 1.63
C MET A 70 -2.67 -11.06 2.54
N THR A 71 -3.70 -10.85 3.35
CA THR A 71 -4.17 -11.88 4.27
C THR A 71 -4.27 -13.23 3.57
N PRO A 72 -4.25 -14.31 4.36
CA PRO A 72 -4.33 -15.68 3.84
C PRO A 72 -5.72 -15.99 3.29
N MET A 73 -6.60 -15.00 3.31
CA MET A 73 -7.96 -15.18 2.81
C MET A 73 -8.23 -14.26 1.62
N TYR A 74 -7.51 -13.14 1.57
CA TYR A 74 -7.67 -12.18 0.49
C TYR A 74 -7.69 -12.88 -0.87
N PRO A 75 -8.43 -12.30 -1.82
CA PRO A 75 -9.20 -11.07 -1.60
C PRO A 75 -10.38 -11.29 -0.66
N TYR A 76 -10.72 -12.55 -0.42
CA TYR A 76 -11.83 -12.90 0.45
C TYR A 76 -11.95 -11.90 1.60
N THR A 77 -10.83 -11.60 2.23
CA THR A 77 -10.79 -10.67 3.34
C THR A 77 -10.07 -9.38 2.97
N ALA A 78 -10.03 -8.44 3.91
CA ALA A 78 -9.36 -7.16 3.67
C ALA A 78 -7.95 -7.16 4.26
N PRO A 79 -6.99 -6.66 3.49
CA PRO A 79 -5.58 -6.59 3.92
C PRO A 79 -5.37 -5.56 5.03
N GLU A 80 -4.11 -5.25 5.30
CA GLU A 80 -3.76 -4.27 6.33
C GLU A 80 -2.77 -3.24 5.80
N ILE A 81 -3.11 -1.96 5.96
CA ILE A 81 -2.25 -0.89 5.50
C ILE A 81 -1.82 0.01 6.66
N GLU A 82 -0.56 0.44 6.64
CA GLU A 82 -0.03 1.30 7.69
C GLU A 82 0.99 2.28 7.12
N PHE A 83 0.92 3.53 7.58
CA PHE A 83 1.83 4.56 7.12
C PHE A 83 3.04 4.67 8.05
N LYS A 84 4.21 4.87 7.46
CA LYS A 84 5.44 5.00 8.23
C LYS A 84 6.16 6.31 7.91
N ASN A 85 7.20 6.61 8.67
CA ASN A 85 7.96 7.84 8.47
C ASN A 85 7.09 9.07 8.71
N VAL A 86 6.21 9.34 7.75
CA VAL A 86 5.32 10.50 7.87
C VAL A 86 6.06 11.72 8.41
N GLN A 87 6.60 12.52 7.51
CA GLN A 87 7.33 13.72 7.90
C GLN A 87 6.44 14.96 7.81
N ASN A 88 6.36 15.54 6.63
CA ASN A 88 5.54 16.73 6.42
C ASN A 88 4.11 16.51 6.90
N VAL A 89 3.55 15.35 6.53
CA VAL A 89 2.19 15.01 6.93
C VAL A 89 2.06 14.95 8.45
N MET A 90 0.93 15.43 8.96
CA MET A 90 0.68 15.42 10.40
C MET A 90 -0.13 14.19 10.81
N ASP A 91 -1.28 14.02 10.17
CA ASP A 91 -2.15 12.88 10.46
C ASP A 91 -3.45 12.97 9.68
N SER A 92 -3.92 14.20 9.48
CA SER A 92 -5.17 14.43 8.74
C SER A 92 -5.11 13.77 7.37
N GLN A 93 -3.96 13.85 6.72
CA GLN A 93 -3.78 13.27 5.40
C GLN A 93 -3.73 11.75 5.48
N LEU A 94 -3.12 11.23 6.54
CA LEU A 94 -3.01 9.78 6.73
C LEU A 94 -4.38 9.17 6.96
N GLN A 95 -5.15 9.76 7.87
CA GLN A 95 -6.49 9.26 8.18
C GLN A 95 -7.42 9.42 6.99
N MET A 96 -7.21 10.49 6.22
CA MET A 96 -8.03 10.75 5.04
C MET A 96 -7.93 9.60 4.04
N LEU A 97 -6.71 9.09 3.86
CA LEU A 97 -6.48 8.00 2.92
C LEU A 97 -7.18 6.72 3.39
N LYS A 98 -7.14 6.48 4.70
CA LYS A 98 -7.77 5.30 5.29
C LYS A 98 -9.25 5.22 4.89
N SER A 99 -9.91 6.38 4.88
CA SER A 99 -11.32 6.45 4.54
C SER A 99 -11.54 6.07 3.08
N GLU A 100 -10.62 6.49 2.22
CA GLU A 100 -10.71 6.21 0.78
C GLU A 100 -10.37 4.75 0.51
N PHE A 101 -9.60 4.15 1.41
CA PHE A 101 -9.19 2.75 1.25
C PHE A 101 -10.42 1.84 1.19
N LYS A 102 -11.51 2.28 1.82
CA LYS A 102 -12.74 1.50 1.84
C LYS A 102 -13.41 1.51 0.47
N LYS A 103 -13.45 2.67 -0.16
CA LYS A 103 -14.06 2.82 -1.47
C LYS A 103 -13.26 2.07 -2.53
N ILE A 104 -11.93 2.16 -2.44
CA ILE A 104 -11.05 1.49 -3.38
C ILE A 104 -11.20 -0.03 -3.30
N HIS A 105 -11.18 -0.55 -2.08
CA HIS A 105 -11.32 -1.99 -1.86
C HIS A 105 -12.69 -2.47 -2.35
N ASN A 106 -13.73 -1.70 -2.05
CA ASN A 106 -15.09 -2.06 -2.45
C ASN A 106 -15.17 -2.26 -3.96
N THR A 107 -14.50 -1.38 -4.70
CA THR A 107 -14.50 -1.45 -6.16
C THR A 107 -13.51 -2.50 -6.65
N SER A 108 -12.43 -2.69 -5.91
CA SER A 108 -11.40 -3.66 -6.27
C SER A 108 -11.52 -4.92 -5.41
N ARG A 109 -12.69 -5.14 -4.85
CA ARG A 109 -12.93 -6.30 -4.00
C ARG A 109 -12.75 -7.59 -4.79
N GLY A 110 -11.51 -8.05 -4.88
CA GLY A 110 -11.22 -9.28 -5.62
C GLY A 110 -10.03 -9.13 -6.55
N GLN A 111 -9.72 -7.90 -6.92
CA GLN A 111 -8.60 -7.63 -7.81
C GLN A 111 -7.46 -6.95 -7.06
N GLU A 112 -6.45 -6.50 -7.81
CA GLU A 112 -5.30 -5.83 -7.21
C GLU A 112 -5.71 -4.49 -6.59
N ILE A 113 -5.24 -4.24 -5.38
CA ILE A 113 -5.55 -2.99 -4.69
C ILE A 113 -4.28 -2.24 -4.30
N ILE A 114 -3.14 -2.88 -4.51
CA ILE A 114 -1.86 -2.27 -4.18
C ILE A 114 -1.60 -1.05 -5.05
N PHE A 115 -1.88 -1.17 -6.34
CA PHE A 115 -1.69 -0.07 -7.28
C PHE A 115 -2.72 1.02 -7.07
N GLU A 116 -3.95 0.61 -6.75
CA GLU A 116 -5.04 1.55 -6.52
C GLU A 116 -4.77 2.40 -5.28
N ILE A 117 -4.39 1.74 -4.19
CA ILE A 117 -4.11 2.44 -2.94
C ILE A 117 -2.90 3.37 -3.09
N THR A 118 -1.88 2.90 -3.79
CA THR A 118 -0.67 3.68 -4.01
C THR A 118 -0.95 4.88 -4.91
N SER A 119 -1.73 4.64 -5.97
CA SER A 119 -2.06 5.69 -6.91
C SER A 119 -2.95 6.75 -6.26
N PHE A 120 -3.94 6.29 -5.50
CA PHE A 120 -4.86 7.19 -4.81
C PHE A 120 -4.12 8.08 -3.83
N THR A 121 -3.26 7.47 -3.02
CA THR A 121 -2.48 8.21 -2.03
C THR A 121 -1.47 9.12 -2.69
N GLN A 122 -0.82 8.62 -3.75
CA GLN A 122 0.17 9.40 -4.47
C GLN A 122 -0.46 10.62 -5.13
N GLU A 123 -1.57 10.40 -5.84
CA GLU A 123 -2.27 11.49 -6.52
C GLU A 123 -2.76 12.53 -5.51
N LYS A 124 -3.45 12.06 -4.48
CA LYS A 124 -3.98 12.94 -3.44
C LYS A 124 -2.85 13.61 -2.67
N LEU A 125 -1.78 12.87 -2.44
CA LEU A 125 -0.63 13.38 -1.71
C LEU A 125 0.03 14.53 -2.48
N ASP A 126 0.34 14.27 -3.75
CA ASP A 126 0.97 15.28 -4.59
C ASP A 126 0.14 16.55 -4.66
N GLU A 127 -1.17 16.38 -4.85
CA GLU A 127 -2.08 17.51 -4.93
C GLU A 127 -2.08 18.31 -3.63
N PHE A 128 -1.80 17.63 -2.52
CA PHE A 128 -1.77 18.27 -1.22
C PHE A 128 -0.69 19.36 -1.17
N GLN A 129 0.57 18.93 -1.21
CA GLN A 129 1.68 19.86 -1.18
C GLN A 129 1.34 21.16 -1.91
N ASN A 130 0.60 21.03 -3.01
CA ASN A 130 0.20 22.19 -3.80
C ASN A 130 -0.80 23.05 -3.03
N VAL A 131 -1.82 22.41 -2.48
CA VAL A 131 -2.85 23.12 -1.72
C VAL A 131 -3.03 22.52 -0.34
N VAL A 132 -2.14 22.87 0.59
CA VAL A 132 -2.19 22.36 1.95
C VAL A 132 -2.45 23.48 2.94
N ASN A 133 -3.26 23.19 3.96
CA ASN A 133 -3.59 24.18 4.99
C ASN A 133 -2.37 24.48 5.86
N THR A 134 -1.50 25.36 5.37
CA THR A 134 -0.30 25.74 6.10
C THR A 134 -0.65 26.45 7.40
N GLN A 135 0.23 26.35 8.38
CA GLN A 135 0.01 26.99 9.67
C GLN A 135 1.34 27.27 10.38
N SER A 136 2.26 26.32 10.27
CA SER A 136 3.57 26.46 10.90
C SER A 136 3.44 26.57 12.41
N LEU A 137 4.45 26.09 13.13
CA LEU A 137 4.44 26.15 14.59
C LEU A 137 3.08 25.75 15.14
N GLU A 138 2.89 24.45 15.36
CA GLU A 138 1.63 23.94 15.89
C GLU A 138 1.45 24.36 17.34
N MET A 1 -7.08 -20.19 -16.67
CA MET A 1 -7.06 -20.84 -15.37
C MET A 1 -8.48 -21.20 -14.91
N SER A 2 -8.88 -22.44 -15.15
CA SER A 2 -10.21 -22.90 -14.79
C SER A 2 -10.15 -23.81 -13.56
N LEU A 3 -10.19 -23.20 -12.37
CA LEU A 3 -10.14 -23.95 -11.13
C LEU A 3 -11.40 -23.71 -10.30
N SER A 4 -11.43 -24.28 -9.09
CA SER A 4 -12.56 -24.11 -8.19
C SER A 4 -12.19 -23.27 -6.98
N HIS A 5 -12.89 -22.16 -6.80
CA HIS A 5 -12.63 -21.27 -5.68
C HIS A 5 -13.29 -21.79 -4.41
N LEU A 6 -12.46 -22.26 -3.48
CA LEU A 6 -12.96 -22.79 -2.22
C LEU A 6 -11.90 -22.70 -1.13
N THR A 7 -10.69 -23.16 -1.45
CA THR A 7 -9.59 -23.13 -0.50
C THR A 7 -8.86 -21.80 -0.55
N LEU A 8 -8.07 -21.52 0.48
CA LEU A 8 -7.31 -20.28 0.56
C LEU A 8 -6.20 -20.26 -0.48
N ASP A 9 -5.74 -21.44 -0.87
CA ASP A 9 -4.68 -21.57 -1.86
C ASP A 9 -4.99 -20.73 -3.10
N GLN A 10 -6.27 -20.63 -3.43
CA GLN A 10 -6.71 -19.86 -4.60
C GLN A 10 -6.47 -18.37 -4.37
N TYR A 11 -6.73 -17.91 -3.15
CA TYR A 11 -6.55 -16.51 -2.81
C TYR A 11 -5.11 -16.06 -3.04
N TYR A 12 -4.18 -17.01 -2.95
CA TYR A 12 -2.77 -16.73 -3.14
C TYR A 12 -2.52 -16.19 -4.55
N GLU A 13 -3.24 -16.73 -5.52
CA GLU A 13 -3.09 -16.31 -6.91
C GLU A 13 -3.37 -14.82 -7.06
N ILE A 14 -4.42 -14.34 -6.39
CA ILE A 14 -4.80 -12.94 -6.45
C ILE A 14 -3.75 -12.06 -5.79
N GLN A 15 -3.24 -12.51 -4.65
CA GLN A 15 -2.23 -11.77 -3.92
C GLN A 15 -0.95 -11.65 -4.74
N CYS A 16 -0.56 -12.73 -5.40
CA CYS A 16 0.64 -12.74 -6.21
C CYS A 16 0.55 -11.74 -7.35
N ASN A 17 -0.63 -11.67 -7.98
CA ASN A 17 -0.86 -10.76 -9.08
C ASN A 17 -0.63 -9.30 -8.64
N GLU A 18 -0.96 -9.01 -7.39
CA GLU A 18 -0.79 -7.68 -6.85
C GLU A 18 0.69 -7.29 -6.80
N LEU A 19 1.54 -8.26 -6.47
CA LEU A 19 2.98 -8.02 -6.39
C LEU A 19 3.55 -7.70 -7.76
N GLU A 20 3.26 -8.56 -8.73
CA GLU A 20 3.74 -8.37 -10.10
C GLU A 20 3.09 -7.16 -10.75
N ALA A 21 1.82 -6.92 -10.39
CA ALA A 21 1.08 -5.80 -10.94
C ALA A 21 1.67 -4.47 -10.48
N ILE A 22 1.87 -4.34 -9.18
CA ILE A 22 2.43 -3.11 -8.61
C ILE A 22 3.92 -3.00 -8.91
N ARG A 23 4.61 -4.14 -8.89
CA ARG A 23 6.04 -4.17 -9.16
C ARG A 23 6.36 -3.48 -10.48
N SER A 24 5.45 -3.61 -11.45
CA SER A 24 5.63 -3.00 -12.76
C SER A 24 5.59 -1.48 -12.66
N ILE A 25 4.82 -0.97 -11.71
CA ILE A 25 4.70 0.46 -11.52
C ILE A 25 5.82 1.00 -10.63
N TYR A 26 6.10 0.28 -9.55
CA TYR A 26 7.16 0.69 -8.62
C TYR A 26 8.37 -0.23 -8.75
N MET A 27 8.74 -0.54 -9.98
CA MET A 27 9.89 -1.39 -10.25
C MET A 27 11.05 -1.06 -9.32
N ASP A 28 11.32 0.23 -9.18
CA ASP A 28 12.41 0.69 -8.32
C ASP A 28 11.87 1.21 -6.99
N ASP A 29 10.56 1.45 -6.95
CA ASP A 29 9.92 1.94 -5.73
C ASP A 29 9.29 0.80 -4.94
N PHE A 30 9.77 -0.42 -5.19
CA PHE A 30 9.26 -1.60 -4.50
C PHE A 30 10.29 -2.14 -3.52
N THR A 31 9.83 -2.52 -2.33
CA THR A 31 10.72 -3.06 -1.31
C THR A 31 10.35 -4.51 -0.98
N ASP A 32 11.37 -5.37 -0.89
CA ASP A 32 11.15 -6.78 -0.58
C ASP A 32 11.42 -7.05 0.89
N LEU A 33 10.38 -7.48 1.61
CA LEU A 33 10.51 -7.77 3.03
C LEU A 33 10.13 -9.22 3.32
N THR A 34 9.37 -9.83 2.42
CA THR A 34 8.95 -11.21 2.56
C THR A 34 10.11 -12.11 2.99
N LYS A 35 9.79 -13.19 3.68
CA LYS A 35 10.81 -14.13 4.14
C LYS A 35 11.04 -15.23 3.11
N ARG A 36 11.59 -14.85 1.96
CA ARG A 36 11.87 -15.81 0.90
C ARG A 36 13.37 -15.91 0.64
N LYS A 37 13.81 -17.07 0.14
CA LYS A 37 15.22 -17.28 -0.16
C LYS A 37 16.09 -17.00 1.07
N SER A 38 16.57 -15.76 1.16
CA SER A 38 17.42 -15.36 2.28
C SER A 38 16.75 -15.69 3.61
N SER A 39 17.37 -15.25 4.70
CA SER A 39 16.84 -15.51 6.03
C SER A 39 17.12 -16.94 6.46
N TRP A 40 16.57 -17.32 7.61
CA TRP A 40 16.76 -18.68 8.12
C TRP A 40 15.45 -19.44 8.16
N ASP A 41 14.36 -18.75 7.80
CA ASP A 41 13.04 -19.36 7.79
C ASP A 41 12.30 -19.04 6.50
N LYS A 42 11.33 -19.88 6.15
CA LYS A 42 10.55 -19.68 4.93
C LYS A 42 9.07 -19.54 5.25
N GLN A 43 8.69 -18.40 5.82
CA GLN A 43 7.30 -18.13 6.18
C GLN A 43 6.77 -16.91 5.45
N PRO A 44 7.01 -16.84 4.14
CA PRO A 44 6.57 -15.73 3.30
C PRO A 44 5.06 -15.70 3.12
N GLN A 45 4.46 -14.54 3.40
CA GLN A 45 3.01 -14.38 3.28
C GLN A 45 2.66 -13.52 2.06
N ILE A 46 3.66 -13.26 1.22
CA ILE A 46 3.46 -12.45 0.02
C ILE A 46 3.55 -10.97 0.35
N ILE A 47 3.19 -10.61 1.57
CA ILE A 47 3.24 -9.22 2.00
C ILE A 47 4.54 -8.56 1.59
N PHE A 48 4.48 -7.27 1.27
CA PHE A 48 5.66 -6.52 0.85
C PHE A 48 5.53 -5.05 1.24
N GLU A 49 6.66 -4.34 1.22
CA GLU A 49 6.67 -2.92 1.57
C GLU A 49 6.92 -2.07 0.34
N ILE A 50 6.37 -0.86 0.34
CA ILE A 50 6.53 0.06 -0.77
C ILE A 50 6.94 1.45 -0.28
N THR A 51 7.91 2.05 -0.97
CA THR A 51 8.39 3.38 -0.62
C THR A 51 7.51 4.47 -1.21
N LEU A 52 7.10 5.42 -0.38
CA LEU A 52 6.25 6.52 -0.83
C LEU A 52 6.77 7.86 -0.32
N ARG A 53 6.41 8.93 -1.01
CA ARG A 53 6.85 10.27 -0.63
C ARG A 53 6.21 11.33 -1.52
N SER A 54 6.33 12.59 -1.12
CA SER A 54 5.76 13.69 -1.88
C SER A 54 6.35 13.76 -3.28
N VAL A 55 5.74 14.57 -4.15
CA VAL A 55 6.21 14.72 -5.51
C VAL A 55 7.38 15.68 -5.58
N ASP A 56 7.41 16.64 -4.66
CA ASP A 56 8.48 17.63 -4.63
C ASP A 56 9.31 17.48 -3.35
N LYS A 57 10.17 18.45 -3.10
CA LYS A 57 11.03 18.43 -1.91
C LYS A 57 10.70 19.58 -0.98
N GLU A 58 10.08 20.62 -1.53
CA GLU A 58 9.71 21.80 -0.74
C GLU A 58 8.19 21.93 -0.66
N PRO A 59 7.71 22.40 0.50
CA PRO A 59 8.57 22.77 1.64
C PRO A 59 9.22 21.55 2.28
N VAL A 60 8.81 20.37 1.85
CA VAL A 60 9.35 19.13 2.40
C VAL A 60 9.23 17.99 1.39
N GLU A 61 9.69 16.80 1.78
CA GLU A 61 9.65 15.64 0.91
C GLU A 61 8.68 14.59 1.47
N SER A 62 8.33 14.73 2.74
CA SER A 62 7.42 13.80 3.39
C SER A 62 7.60 12.40 2.84
N SER A 63 8.47 11.62 3.48
CA SER A 63 8.74 10.24 3.04
C SER A 63 8.03 9.24 3.95
N ILE A 64 7.19 8.40 3.35
CA ILE A 64 6.45 7.39 4.10
C ILE A 64 6.44 6.06 3.36
N THR A 65 6.36 4.97 4.12
CA THR A 65 6.34 3.63 3.54
C THR A 65 5.07 2.89 3.93
N LEU A 66 4.23 2.59 2.94
CA LEU A 66 2.98 1.88 3.17
C LEU A 66 3.18 0.37 3.05
N HIS A 67 3.09 -0.33 4.18
CA HIS A 67 3.26 -1.78 4.20
C HIS A 67 1.90 -2.48 4.25
N PHE A 68 1.58 -3.21 3.19
CA PHE A 68 0.31 -3.93 3.12
C PHE A 68 0.53 -5.43 3.33
N ALA A 69 -0.40 -6.05 4.05
CA ALA A 69 -0.31 -7.49 4.32
C ALA A 69 -1.53 -8.22 3.78
N MET A 70 -1.30 -9.11 2.82
CA MET A 70 -2.39 -9.89 2.23
C MET A 70 -2.72 -11.11 3.07
N THR A 71 -3.69 -10.97 3.96
CA THR A 71 -4.10 -12.05 4.84
C THR A 71 -4.38 -13.32 4.04
N PRO A 72 -4.35 -14.48 4.72
CA PRO A 72 -4.59 -15.77 4.09
C PRO A 72 -6.06 -15.95 3.69
N MET A 73 -6.89 -14.97 4.03
CA MET A 73 -8.31 -15.02 3.71
C MET A 73 -8.65 -14.00 2.62
N TYR A 74 -7.83 -12.96 2.52
CA TYR A 74 -8.05 -11.91 1.54
C TYR A 74 -8.30 -12.50 0.15
N PRO A 75 -9.07 -11.78 -0.66
CA PRO A 75 -9.66 -10.49 -0.28
C PRO A 75 -10.75 -10.64 0.78
N TYR A 76 -11.17 -11.88 1.01
CA TYR A 76 -12.21 -12.16 1.99
C TYR A 76 -12.10 -11.22 3.19
N THR A 77 -10.91 -11.17 3.78
CA THR A 77 -10.66 -10.31 4.93
C THR A 77 -9.94 -9.04 4.52
N ALA A 78 -9.75 -8.14 5.48
CA ALA A 78 -9.06 -6.87 5.22
C ALA A 78 -7.60 -6.94 5.66
N PRO A 79 -6.70 -6.51 4.76
CA PRO A 79 -5.25 -6.51 5.03
C PRO A 79 -4.85 -5.48 6.09
N GLU A 80 -3.58 -5.45 6.44
CA GLU A 80 -3.08 -4.52 7.43
C GLU A 80 -2.14 -3.49 6.78
N ILE A 81 -2.36 -2.22 7.11
CA ILE A 81 -1.54 -1.14 6.57
C ILE A 81 -0.90 -0.32 7.68
N GLU A 82 0.41 -0.16 7.60
CA GLU A 82 1.15 0.62 8.61
C GLU A 82 2.14 1.56 7.94
N PHE A 83 2.28 2.75 8.51
CA PHE A 83 3.21 3.75 7.96
C PHE A 83 4.56 3.66 8.65
N LYS A 84 5.63 3.82 7.88
CA LYS A 84 6.99 3.76 8.40
C LYS A 84 7.75 5.04 8.08
N ASN A 85 8.94 5.18 8.69
CA ASN A 85 9.76 6.36 8.47
C ASN A 85 9.06 7.62 8.97
N VAL A 86 8.05 8.05 8.22
CA VAL A 86 7.30 9.25 8.59
C VAL A 86 8.19 10.30 9.23
N GLN A 87 8.76 11.18 8.42
CA GLN A 87 9.64 12.22 8.92
C GLN A 87 8.90 13.56 8.99
N ASN A 88 8.88 14.27 7.86
CA ASN A 88 8.21 15.57 7.79
C ASN A 88 6.81 15.48 8.38
N VAL A 89 6.12 14.40 8.08
CA VAL A 89 4.75 14.19 8.58
C VAL A 89 4.75 13.99 10.09
N MET A 90 3.77 14.59 10.76
CA MET A 90 3.65 14.48 12.21
C MET A 90 2.84 13.24 12.59
N ASP A 91 1.55 13.27 12.27
CA ASP A 91 0.67 12.15 12.57
C ASP A 91 -0.75 12.43 12.06
N SER A 92 -1.13 13.70 12.04
CA SER A 92 -2.45 14.09 11.58
C SER A 92 -2.74 13.52 10.19
N GLN A 93 -1.75 13.59 9.31
CA GLN A 93 -1.89 13.09 7.95
C GLN A 93 -1.96 11.56 7.94
N LEU A 94 -1.14 10.93 8.78
CA LEU A 94 -1.12 9.47 8.87
C LEU A 94 -2.49 8.93 9.27
N GLN A 95 -3.10 9.55 10.27
CA GLN A 95 -4.40 9.12 10.75
C GLN A 95 -5.47 9.34 9.68
N MET A 96 -5.36 10.45 8.96
CA MET A 96 -6.32 10.77 7.90
C MET A 96 -6.30 9.72 6.81
N LEU A 97 -5.12 9.19 6.52
CA LEU A 97 -4.98 8.15 5.49
C LEU A 97 -5.76 6.90 5.86
N LYS A 98 -5.68 6.52 7.14
CA LYS A 98 -6.39 5.34 7.62
C LYS A 98 -7.88 5.43 7.30
N SER A 99 -8.46 6.59 7.55
CA SER A 99 -9.88 6.81 7.30
C SER A 99 -10.22 6.54 5.83
N GLU A 100 -9.32 6.94 4.93
CA GLU A 100 -9.52 6.73 3.50
C GLU A 100 -9.37 5.26 3.14
N PHE A 101 -8.60 4.53 3.94
CA PHE A 101 -8.37 3.12 3.70
C PHE A 101 -9.69 2.34 3.73
N LYS A 102 -10.64 2.83 4.52
CA LYS A 102 -11.94 2.19 4.63
C LYS A 102 -12.76 2.39 3.36
N LYS A 103 -12.70 3.59 2.80
CA LYS A 103 -13.42 3.91 1.58
C LYS A 103 -12.83 3.17 0.39
N ILE A 104 -11.50 3.16 0.31
CA ILE A 104 -10.81 2.50 -0.79
C ILE A 104 -11.09 1.00 -0.80
N HIS A 105 -10.97 0.38 0.37
CA HIS A 105 -11.22 -1.05 0.50
C HIS A 105 -12.67 -1.38 0.16
N ASN A 106 -13.59 -0.55 0.62
CA ASN A 106 -15.01 -0.76 0.37
C ASN A 106 -15.29 -0.80 -1.13
N THR A 107 -14.66 0.10 -1.88
CA THR A 107 -14.84 0.17 -3.32
C THR A 107 -14.03 -0.93 -4.03
N SER A 108 -12.85 -1.23 -3.48
CA SER A 108 -11.99 -2.25 -4.06
C SER A 108 -12.04 -3.54 -3.23
N ARG A 109 -13.19 -3.78 -2.61
CA ARG A 109 -13.37 -4.97 -1.79
C ARG A 109 -13.48 -6.21 -2.66
N GLY A 110 -12.33 -6.73 -3.11
CA GLY A 110 -12.33 -7.91 -3.94
C GLY A 110 -11.28 -7.84 -5.04
N GLN A 111 -10.67 -6.67 -5.20
CA GLN A 111 -9.66 -6.47 -6.22
C GLN A 111 -8.38 -5.90 -5.61
N GLU A 112 -7.53 -5.34 -6.46
CA GLU A 112 -6.26 -4.76 -6.00
C GLU A 112 -6.51 -3.49 -5.21
N ILE A 113 -5.84 -3.37 -4.07
CA ILE A 113 -5.98 -2.19 -3.21
C ILE A 113 -4.62 -1.57 -2.90
N ILE A 114 -3.56 -2.30 -3.23
CA ILE A 114 -2.20 -1.81 -2.99
C ILE A 114 -1.93 -0.53 -3.78
N PHE A 115 -2.31 -0.53 -5.05
CA PHE A 115 -2.11 0.65 -5.90
C PHE A 115 -3.07 1.77 -5.51
N GLU A 116 -4.26 1.40 -5.06
CA GLU A 116 -5.27 2.37 -4.66
C GLU A 116 -4.82 3.13 -3.41
N ILE A 117 -4.37 2.39 -2.41
CA ILE A 117 -3.91 2.99 -1.16
C ILE A 117 -2.70 3.87 -1.39
N THR A 118 -1.76 3.39 -2.21
CA THR A 118 -0.55 4.14 -2.52
C THR A 118 -0.86 5.39 -3.32
N SER A 119 -1.75 5.26 -4.30
CA SER A 119 -2.13 6.38 -5.14
C SER A 119 -2.88 7.45 -4.34
N PHE A 120 -3.80 7.00 -3.49
CA PHE A 120 -4.58 7.91 -2.67
C PHE A 120 -3.68 8.69 -1.71
N THR A 121 -2.81 7.96 -1.01
CA THR A 121 -1.89 8.59 -0.06
C THR A 121 -0.93 9.52 -0.76
N GLN A 122 -0.47 9.12 -1.95
CA GLN A 122 0.47 9.91 -2.72
C GLN A 122 -0.18 11.22 -3.17
N GLU A 123 -1.40 11.13 -3.68
CA GLU A 123 -2.12 12.30 -4.14
C GLU A 123 -2.57 13.18 -2.97
N LYS A 124 -2.97 12.52 -1.89
CA LYS A 124 -3.42 13.23 -0.69
C LYS A 124 -2.24 13.82 0.06
N LEU A 125 -1.08 13.17 -0.04
CA LEU A 125 0.12 13.64 0.63
C LEU A 125 0.62 14.94 0.01
N ASP A 126 0.67 14.99 -1.31
CA ASP A 126 1.12 16.17 -2.02
C ASP A 126 0.24 17.38 -1.70
N GLU A 127 -1.06 17.12 -1.55
CA GLU A 127 -2.01 18.18 -1.23
C GLU A 127 -1.66 18.85 0.10
N PHE A 128 -1.45 18.03 1.12
CA PHE A 128 -1.12 18.53 2.45
C PHE A 128 0.25 19.21 2.44
N GLN A 129 1.27 18.46 2.06
CA GLN A 129 2.63 18.99 2.00
C GLN A 129 2.65 20.37 1.35
N ASN A 130 1.73 20.59 0.41
CA ASN A 130 1.64 21.87 -0.28
C ASN A 130 1.23 22.99 0.67
N VAL A 131 -0.02 22.95 1.10
CA VAL A 131 -0.53 23.98 2.01
C VAL A 131 -2.02 23.75 2.30
N VAL A 132 -2.76 23.33 1.28
CA VAL A 132 -4.19 23.08 1.41
C VAL A 132 -4.93 24.36 1.77
N ASN A 133 -5.45 25.04 0.74
CA ASN A 133 -6.18 26.28 0.94
C ASN A 133 -7.11 26.56 -0.25
N THR A 134 -8.13 27.38 -0.02
CA THR A 134 -9.08 27.73 -1.07
C THR A 134 -8.48 28.74 -2.04
N GLN A 135 -7.79 28.24 -3.05
CA GLN A 135 -7.17 29.10 -4.05
C GLN A 135 -6.95 28.34 -5.37
N SER A 136 -6.21 27.25 -5.29
CA SER A 136 -5.92 26.43 -6.46
C SER A 136 -6.23 24.97 -6.20
N LEU A 137 -6.96 24.35 -7.13
CA LEU A 137 -7.32 22.94 -7.00
C LEU A 137 -7.81 22.38 -8.33
N GLU A 138 -7.79 21.05 -8.46
CA GLU A 138 -8.23 20.39 -9.68
C GLU A 138 -9.71 20.69 -9.95
N MET A 1 -8.32 -23.77 -12.42
CA MET A 1 -8.25 -23.76 -13.87
C MET A 1 -9.45 -23.05 -14.48
N SER A 2 -10.64 -23.37 -13.96
CA SER A 2 -11.87 -22.77 -14.45
C SER A 2 -12.82 -22.46 -13.29
N LEU A 3 -12.45 -21.46 -12.50
CA LEU A 3 -13.27 -21.06 -11.36
C LEU A 3 -13.41 -22.21 -10.36
N SER A 4 -12.42 -22.37 -9.49
CA SER A 4 -12.44 -23.42 -8.49
C SER A 4 -11.65 -23.02 -7.26
N HIS A 5 -12.34 -22.44 -6.28
CA HIS A 5 -11.70 -22.01 -5.04
C HIS A 5 -12.12 -22.89 -3.88
N LEU A 6 -11.14 -23.45 -3.19
CA LEU A 6 -11.39 -24.32 -2.04
C LEU A 6 -10.36 -24.10 -0.93
N THR A 7 -9.09 -24.10 -1.32
CA THR A 7 -8.01 -23.90 -0.35
C THR A 7 -7.43 -22.49 -0.47
N LEU A 8 -6.75 -22.05 0.58
CA LEU A 8 -6.15 -20.73 0.59
C LEU A 8 -5.02 -20.63 -0.43
N ASP A 9 -4.44 -21.78 -0.78
CA ASP A 9 -3.36 -21.83 -1.76
C ASP A 9 -3.73 -21.04 -3.02
N GLN A 10 -5.01 -21.01 -3.33
CA GLN A 10 -5.49 -20.31 -4.52
C GLN A 10 -5.33 -18.80 -4.35
N TYR A 11 -5.59 -18.30 -3.15
CA TYR A 11 -5.48 -16.88 -2.87
C TYR A 11 -4.04 -16.41 -3.05
N TYR A 12 -3.09 -17.33 -2.88
CA TYR A 12 -1.68 -17.00 -3.02
C TYR A 12 -1.38 -16.47 -4.42
N GLU A 13 -2.05 -17.05 -5.42
CA GLU A 13 -1.86 -16.64 -6.80
C GLU A 13 -2.28 -15.18 -6.99
N ILE A 14 -3.42 -14.82 -6.40
CA ILE A 14 -3.94 -13.45 -6.52
C ILE A 14 -3.01 -12.46 -5.82
N GLN A 15 -2.52 -12.83 -4.65
CA GLN A 15 -1.62 -11.97 -3.89
C GLN A 15 -0.30 -11.77 -4.63
N CYS A 16 0.24 -12.85 -5.18
CA CYS A 16 1.51 -12.79 -5.90
C CYS A 16 1.37 -11.91 -7.14
N ASN A 17 0.23 -11.98 -7.79
CA ASN A 17 -0.03 -11.17 -8.99
C ASN A 17 0.11 -9.69 -8.69
N GLU A 18 -0.26 -9.30 -7.47
CA GLU A 18 -0.18 -7.90 -7.06
C GLU A 18 1.28 -7.46 -6.96
N LEU A 19 2.13 -8.34 -6.46
CA LEU A 19 3.55 -8.03 -6.31
C LEU A 19 4.20 -7.80 -7.67
N GLU A 20 4.00 -8.75 -8.59
CA GLU A 20 4.57 -8.64 -9.93
C GLU A 20 3.91 -7.50 -10.71
N ALA A 21 2.61 -7.32 -10.48
CA ALA A 21 1.88 -6.26 -11.16
C ALA A 21 2.34 -4.87 -10.73
N ILE A 22 2.41 -4.67 -9.41
CA ILE A 22 2.85 -3.39 -8.87
C ILE A 22 4.36 -3.21 -9.05
N ARG A 23 5.10 -4.30 -8.95
CA ARG A 23 6.55 -4.27 -9.10
C ARG A 23 6.94 -3.57 -10.40
N SER A 24 6.14 -3.77 -11.44
CA SER A 24 6.41 -3.18 -12.74
C SER A 24 6.26 -1.66 -12.68
N ILE A 25 5.36 -1.20 -11.81
CA ILE A 25 5.12 0.23 -11.66
C ILE A 25 6.13 0.86 -10.70
N TYR A 26 6.37 0.19 -9.58
CA TYR A 26 7.32 0.68 -8.59
C TYR A 26 8.60 -0.14 -8.61
N MET A 27 9.12 -0.38 -9.82
CA MET A 27 10.36 -1.15 -9.98
C MET A 27 11.43 -0.66 -9.02
N ASP A 28 11.71 0.64 -9.05
CA ASP A 28 12.73 1.23 -8.18
C ASP A 28 12.07 1.85 -6.94
N ASP A 29 10.75 1.97 -6.97
CA ASP A 29 10.01 2.54 -5.86
C ASP A 29 9.35 1.45 -5.02
N PHE A 30 9.93 0.25 -5.06
CA PHE A 30 9.40 -0.88 -4.31
C PHE A 30 10.34 -1.26 -3.17
N THR A 31 9.76 -1.49 -2.00
CA THR A 31 10.55 -1.87 -0.82
C THR A 31 10.29 -3.32 -0.43
N ASP A 32 11.36 -4.07 -0.19
CA ASP A 32 11.24 -5.47 0.19
C ASP A 32 11.30 -5.62 1.72
N LEU A 33 10.20 -6.06 2.31
CA LEU A 33 10.13 -6.24 3.75
C LEU A 33 9.70 -7.66 4.10
N THR A 34 9.46 -8.47 3.07
CA THR A 34 9.04 -9.85 3.26
C THR A 34 10.09 -10.64 4.05
N LYS A 35 9.67 -11.77 4.60
CA LYS A 35 10.57 -12.62 5.38
C LYS A 35 11.44 -13.47 4.47
N ARG A 36 12.01 -12.84 3.44
CA ARG A 36 12.87 -13.54 2.49
C ARG A 36 14.26 -13.74 3.07
N LYS A 37 14.95 -12.64 3.36
CA LYS A 37 16.29 -12.69 3.92
C LYS A 37 16.28 -12.36 5.41
N SER A 38 15.18 -12.69 6.07
CA SER A 38 15.04 -12.41 7.50
C SER A 38 15.64 -13.53 8.34
N SER A 39 15.46 -13.45 9.65
CA SER A 39 15.98 -14.46 10.56
C SER A 39 14.88 -15.03 11.44
N TRP A 40 14.31 -16.15 11.02
CA TRP A 40 13.24 -16.79 11.77
C TRP A 40 12.96 -18.19 11.23
N ASP A 41 12.44 -18.24 10.01
CA ASP A 41 12.12 -19.52 9.37
C ASP A 41 11.45 -19.29 8.02
N LYS A 42 12.15 -18.58 7.13
CA LYS A 42 11.62 -18.29 5.80
C LYS A 42 10.10 -18.41 5.78
N GLN A 43 9.42 -17.50 6.46
CA GLN A 43 7.97 -17.49 6.51
C GLN A 43 7.39 -16.28 5.80
N PRO A 44 7.66 -16.17 4.49
CA PRO A 44 7.18 -15.05 3.68
C PRO A 44 5.67 -15.11 3.46
N GLN A 45 5.01 -13.97 3.69
CA GLN A 45 3.56 -13.88 3.53
C GLN A 45 3.20 -13.07 2.29
N ILE A 46 4.20 -12.79 1.47
CA ILE A 46 3.99 -12.03 0.24
C ILE A 46 3.98 -10.52 0.53
N ILE A 47 3.45 -10.16 1.70
CA ILE A 47 3.38 -8.76 2.09
C ILE A 47 4.59 -7.98 1.57
N PHE A 48 4.38 -6.70 1.29
CA PHE A 48 5.46 -5.84 0.80
C PHE A 48 5.12 -4.37 1.01
N GLU A 49 6.16 -3.54 1.04
CA GLU A 49 5.98 -2.10 1.24
C GLU A 49 6.27 -1.33 -0.04
N ILE A 50 5.77 -0.10 -0.11
CA ILE A 50 5.98 0.75 -1.27
C ILE A 50 6.30 2.17 -0.87
N THR A 51 7.26 2.78 -1.58
CA THR A 51 7.66 4.15 -1.29
C THR A 51 6.76 5.16 -1.99
N LEU A 52 6.05 5.97 -1.21
CA LEU A 52 5.15 6.97 -1.77
C LEU A 52 5.54 8.37 -1.30
N ARG A 53 5.06 9.38 -2.02
CA ARG A 53 5.35 10.77 -1.68
C ARG A 53 4.65 11.72 -2.63
N SER A 54 4.82 13.02 -2.39
CA SER A 54 4.19 14.04 -3.22
C SER A 54 4.73 13.99 -4.65
N VAL A 55 4.15 14.81 -5.52
CA VAL A 55 4.57 14.86 -6.92
C VAL A 55 5.83 15.71 -7.08
N ASP A 56 5.98 16.70 -6.20
CA ASP A 56 7.15 17.58 -6.25
C ASP A 56 7.99 17.44 -4.98
N LYS A 57 8.94 18.36 -4.81
CA LYS A 57 9.81 18.34 -3.64
C LYS A 57 9.63 19.60 -2.81
N GLU A 58 8.96 20.59 -3.39
CA GLU A 58 8.71 21.85 -2.70
C GLU A 58 7.22 22.19 -2.68
N PRO A 59 6.79 22.91 -1.64
CA PRO A 59 7.69 23.38 -0.57
C PRO A 59 8.18 22.23 0.30
N VAL A 60 7.65 21.03 0.07
CA VAL A 60 8.02 19.86 0.83
C VAL A 60 8.13 18.63 -0.06
N GLU A 61 8.62 17.53 0.52
CA GLU A 61 8.77 16.29 -0.23
C GLU A 61 7.66 15.31 0.12
N SER A 62 7.06 15.50 1.29
CA SER A 62 5.99 14.63 1.75
C SER A 62 6.21 13.19 1.28
N SER A 63 6.89 12.41 2.11
CA SER A 63 7.18 11.02 1.79
C SER A 63 6.55 10.08 2.81
N ILE A 64 5.72 9.16 2.32
CA ILE A 64 5.05 8.20 3.19
C ILE A 64 5.15 6.79 2.63
N THR A 65 5.39 5.81 3.51
CA THR A 65 5.50 4.43 3.10
C THR A 65 4.25 3.64 3.47
N LEU A 66 3.56 3.13 2.45
CA LEU A 66 2.34 2.36 2.67
C LEU A 66 2.65 0.87 2.71
N HIS A 67 2.52 0.27 3.89
CA HIS A 67 2.78 -1.15 4.07
C HIS A 67 1.49 -1.95 4.03
N PHE A 68 1.30 -2.71 2.96
CA PHE A 68 0.10 -3.52 2.80
C PHE A 68 0.39 -5.00 3.06
N ALA A 69 -0.52 -5.68 3.74
CA ALA A 69 -0.36 -7.09 4.06
C ALA A 69 -1.54 -7.91 3.52
N MET A 70 -1.23 -8.96 2.78
CA MET A 70 -2.26 -9.83 2.22
C MET A 70 -2.50 -11.05 3.11
N THR A 71 -3.59 -11.03 3.86
CA THR A 71 -3.93 -12.13 4.75
C THR A 71 -4.04 -13.44 3.98
N PRO A 72 -3.96 -14.56 4.72
CA PRO A 72 -4.05 -15.90 4.14
C PRO A 72 -5.45 -16.22 3.63
N MET A 73 -6.38 -15.30 3.87
CA MET A 73 -7.77 -15.48 3.44
C MET A 73 -8.13 -14.49 2.34
N TYR A 74 -7.41 -13.37 2.30
CA TYR A 74 -7.65 -12.35 1.29
C TYR A 74 -7.75 -12.96 -0.11
N PRO A 75 -8.55 -12.33 -0.97
CA PRO A 75 -9.29 -11.10 -0.62
C PRO A 75 -10.42 -11.37 0.37
N TYR A 76 -10.74 -12.65 0.56
CA TYR A 76 -11.80 -13.03 1.48
C TYR A 76 -11.88 -12.08 2.66
N THR A 77 -10.71 -11.81 3.25
CA THR A 77 -10.64 -10.91 4.41
C THR A 77 -10.06 -9.56 4.01
N ALA A 78 -9.96 -8.66 4.99
CA ALA A 78 -9.41 -7.33 4.74
C ALA A 78 -7.96 -7.24 5.20
N PRO A 79 -7.09 -6.73 4.31
CA PRO A 79 -5.66 -6.57 4.61
C PRO A 79 -5.40 -5.48 5.64
N GLU A 80 -4.11 -5.21 5.88
CA GLU A 80 -3.73 -4.19 6.85
C GLU A 80 -2.82 -3.15 6.21
N ILE A 81 -3.01 -1.89 6.58
CA ILE A 81 -2.22 -0.80 6.04
C ILE A 81 -1.72 0.13 7.15
N GLU A 82 -0.51 0.64 6.99
CA GLU A 82 0.08 1.53 7.97
C GLU A 82 1.02 2.54 7.31
N PHE A 83 1.03 3.76 7.82
CA PHE A 83 1.89 4.80 7.28
C PHE A 83 3.19 4.92 8.07
N LYS A 84 4.30 5.07 7.36
CA LYS A 84 5.60 5.18 7.99
C LYS A 84 6.31 6.46 7.56
N ASN A 85 7.40 6.79 8.23
CA ASN A 85 8.17 7.99 7.92
C ASN A 85 7.34 9.24 8.16
N VAL A 86 6.36 9.48 7.30
CA VAL A 86 5.49 10.65 7.42
C VAL A 86 6.25 11.85 7.99
N GLN A 87 6.83 12.65 7.10
CA GLN A 87 7.60 13.82 7.52
C GLN A 87 6.75 15.09 7.39
N ASN A 88 6.20 15.30 6.19
CA ASN A 88 5.38 16.48 5.94
C ASN A 88 3.93 16.23 6.35
N VAL A 89 3.73 15.25 7.23
CA VAL A 89 2.40 14.91 7.70
C VAL A 89 2.37 14.81 9.23
N MET A 90 1.19 15.03 9.80
CA MET A 90 1.03 14.96 11.25
C MET A 90 0.24 13.72 11.65
N ASP A 91 -1.04 13.71 11.33
CA ASP A 91 -1.91 12.57 11.65
C ASP A 91 -3.27 12.70 10.96
N SER A 92 -3.73 13.95 10.82
CA SER A 92 -5.02 14.21 10.19
C SER A 92 -5.08 13.57 8.81
N GLN A 93 -4.03 13.75 8.02
CA GLN A 93 -3.97 13.18 6.68
C GLN A 93 -3.87 11.66 6.73
N LEU A 94 -3.11 11.16 7.69
CA LEU A 94 -2.92 9.71 7.85
C LEU A 94 -4.26 9.02 8.05
N GLN A 95 -5.06 9.55 8.97
CA GLN A 95 -6.37 8.98 9.28
C GLN A 95 -7.31 9.12 8.08
N MET A 96 -7.21 10.26 7.39
CA MET A 96 -8.04 10.52 6.23
C MET A 96 -7.84 9.45 5.15
N LEU A 97 -6.58 9.06 4.95
CA LEU A 97 -6.25 8.06 3.95
C LEU A 97 -6.91 6.72 4.28
N LYS A 98 -6.84 6.33 5.55
CA LYS A 98 -7.43 5.07 6.00
C LYS A 98 -8.93 5.05 5.71
N SER A 99 -9.57 6.21 5.82
CA SER A 99 -11.00 6.32 5.57
C SER A 99 -11.33 5.99 4.12
N GLU A 100 -10.51 6.49 3.20
CA GLU A 100 -10.72 6.26 1.78
C GLU A 100 -10.39 4.81 1.42
N PHE A 101 -9.55 4.18 2.23
CA PHE A 101 -9.16 2.79 2.01
C PHE A 101 -10.38 1.87 2.01
N LYS A 102 -11.31 2.15 2.91
CA LYS A 102 -12.54 1.36 3.03
C LYS A 102 -13.32 1.38 1.72
N LYS A 103 -13.44 2.55 1.13
CA LYS A 103 -14.17 2.70 -0.13
C LYS A 103 -13.44 2.00 -1.26
N ILE A 104 -12.13 2.16 -1.31
CA ILE A 104 -11.31 1.53 -2.34
C ILE A 104 -11.42 0.01 -2.28
N HIS A 105 -11.27 -0.54 -1.08
CA HIS A 105 -11.35 -1.98 -0.89
C HIS A 105 -12.74 -2.50 -1.25
N ASN A 106 -13.76 -1.75 -0.86
CA ASN A 106 -15.14 -2.15 -1.15
C ASN A 106 -15.35 -2.33 -2.64
N THR A 107 -14.76 -1.44 -3.44
CA THR A 107 -14.88 -1.51 -4.89
C THR A 107 -13.91 -2.52 -5.47
N SER A 108 -12.81 -2.76 -4.77
CA SER A 108 -11.80 -3.70 -5.22
C SER A 108 -11.75 -4.93 -4.33
N ARG A 109 -12.89 -5.23 -3.70
CA ARG A 109 -12.98 -6.39 -2.81
C ARG A 109 -12.87 -7.69 -3.59
N GLY A 110 -11.66 -8.04 -4.00
CA GLY A 110 -11.44 -9.26 -4.74
C GLY A 110 -10.34 -9.12 -5.78
N GLN A 111 -10.03 -7.88 -6.14
CA GLN A 111 -9.00 -7.61 -7.13
C GLN A 111 -7.82 -6.87 -6.50
N GLU A 112 -6.90 -6.40 -7.34
CA GLU A 112 -5.73 -5.66 -6.86
C GLU A 112 -6.15 -4.39 -6.14
N ILE A 113 -5.63 -4.20 -4.94
CA ILE A 113 -5.93 -3.01 -4.14
C ILE A 113 -4.67 -2.22 -3.82
N ILE A 114 -3.52 -2.85 -4.01
CA ILE A 114 -2.25 -2.21 -3.73
C ILE A 114 -2.06 -0.96 -4.59
N PHE A 115 -2.41 -1.07 -5.87
CA PHE A 115 -2.29 0.04 -6.80
C PHE A 115 -3.35 1.11 -6.52
N GLU A 116 -4.54 0.65 -6.11
CA GLU A 116 -5.64 1.56 -5.80
C GLU A 116 -5.34 2.39 -4.57
N ILE A 117 -4.89 1.71 -3.51
CA ILE A 117 -4.56 2.38 -2.26
C ILE A 117 -3.40 3.35 -2.44
N THR A 118 -2.40 2.93 -3.21
CA THR A 118 -1.23 3.76 -3.47
C THR A 118 -1.60 4.99 -4.30
N SER A 119 -2.41 4.78 -5.32
CA SER A 119 -2.83 5.86 -6.20
C SER A 119 -3.73 6.84 -5.45
N PHE A 120 -4.51 6.32 -4.50
CA PHE A 120 -5.41 7.14 -3.71
C PHE A 120 -4.65 7.95 -2.67
N THR A 121 -3.66 7.32 -2.06
CA THR A 121 -2.85 7.97 -1.03
C THR A 121 -1.96 9.06 -1.64
N GLN A 122 -1.39 8.76 -2.80
CA GLN A 122 -0.52 9.72 -3.48
C GLN A 122 -1.32 10.91 -4.00
N GLU A 123 -2.45 10.62 -4.64
CA GLU A 123 -3.31 11.67 -5.19
C GLU A 123 -3.81 12.59 -4.08
N LYS A 124 -4.09 12.01 -2.92
CA LYS A 124 -4.57 12.77 -1.78
C LYS A 124 -3.44 13.53 -1.12
N LEU A 125 -2.27 12.91 -1.04
CA LEU A 125 -1.11 13.53 -0.42
C LEU A 125 -0.61 14.71 -1.25
N ASP A 126 -0.57 14.51 -2.57
CA ASP A 126 -0.11 15.56 -3.48
C ASP A 126 -1.04 16.77 -3.42
N GLU A 127 -2.34 16.51 -3.39
CA GLU A 127 -3.34 17.58 -3.33
C GLU A 127 -3.27 18.32 -2.00
N PHE A 128 -2.86 17.60 -0.95
CA PHE A 128 -2.76 18.18 0.37
C PHE A 128 -1.54 19.10 0.47
N GLN A 129 -0.36 18.55 0.22
CA GLN A 129 0.88 19.33 0.28
C GLN A 129 0.67 20.72 -0.32
N ASN A 130 -0.06 20.78 -1.43
CA ASN A 130 -0.32 22.04 -2.10
C ASN A 130 -1.09 23.00 -1.18
N VAL A 131 -2.07 22.46 -0.46
CA VAL A 131 -2.86 23.26 0.46
C VAL A 131 -2.91 22.63 1.84
N VAL A 132 -1.88 22.90 2.64
CA VAL A 132 -1.80 22.36 4.00
C VAL A 132 -1.83 23.48 5.03
N ASN A 133 -2.45 23.19 6.18
CA ASN A 133 -2.55 24.17 7.25
C ASN A 133 -1.18 24.74 7.60
N THR A 134 -1.04 26.06 7.51
CA THR A 134 0.22 26.72 7.82
C THR A 134 1.39 26.02 7.15
N GLN A 135 1.83 26.56 6.01
CA GLN A 135 2.93 25.98 5.27
C GLN A 135 4.20 25.96 6.12
N SER A 136 5.17 25.16 5.70
CA SER A 136 6.44 25.04 6.43
C SER A 136 7.57 24.62 5.49
N LEU A 137 8.80 24.84 5.93
CA LEU A 137 9.97 24.48 5.13
C LEU A 137 10.93 23.62 5.93
N GLU A 138 11.55 22.65 5.26
CA GLU A 138 12.49 21.75 5.91
C GLU A 138 13.27 20.94 4.87
N MET A 1 -1.65 -25.93 3.67
CA MET A 1 -2.14 -26.85 2.64
C MET A 1 -1.94 -26.26 1.25
N SER A 2 -2.28 -27.04 0.23
CA SER A 2 -2.12 -26.59 -1.16
C SER A 2 -3.01 -27.42 -2.09
N LEU A 3 -3.91 -26.76 -2.79
CA LEU A 3 -4.81 -27.42 -3.72
C LEU A 3 -5.80 -28.31 -2.97
N SER A 4 -7.09 -28.02 -3.15
CA SER A 4 -8.15 -28.78 -2.49
C SER A 4 -9.52 -28.22 -2.83
N HIS A 5 -9.83 -28.17 -4.13
CA HIS A 5 -11.12 -27.66 -4.58
C HIS A 5 -11.21 -26.16 -4.36
N LEU A 6 -10.82 -25.39 -5.36
CA LEU A 6 -10.86 -23.93 -5.27
C LEU A 6 -10.55 -23.46 -3.86
N THR A 7 -9.43 -23.94 -3.31
CA THR A 7 -9.02 -23.57 -1.97
C THR A 7 -8.35 -22.20 -1.95
N LEU A 8 -8.01 -21.73 -0.75
CA LEU A 8 -7.36 -20.43 -0.60
C LEU A 8 -6.11 -20.34 -1.47
N ASP A 9 -5.55 -21.50 -1.81
CA ASP A 9 -4.35 -21.55 -2.63
C ASP A 9 -4.55 -20.79 -3.94
N GLN A 10 -5.79 -20.75 -4.41
CA GLN A 10 -6.11 -20.05 -5.65
C GLN A 10 -5.91 -18.56 -5.50
N TYR A 11 -6.17 -18.04 -4.30
CA TYR A 11 -6.02 -16.62 -4.03
C TYR A 11 -4.56 -16.20 -4.15
N TYR A 12 -3.66 -17.14 -3.92
CA TYR A 12 -2.23 -16.86 -4.00
C TYR A 12 -1.85 -16.36 -5.40
N GLU A 13 -2.49 -16.93 -6.42
CA GLU A 13 -2.22 -16.55 -7.80
C GLU A 13 -2.54 -15.07 -8.03
N ILE A 14 -3.70 -14.65 -7.54
CA ILE A 14 -4.12 -13.25 -7.69
C ILE A 14 -3.24 -12.32 -6.88
N GLN A 15 -2.96 -12.70 -5.63
CA GLN A 15 -2.12 -11.89 -4.76
C GLN A 15 -0.72 -11.73 -5.34
N CYS A 16 -0.15 -12.83 -5.83
CA CYS A 16 1.18 -12.82 -6.41
C CYS A 16 1.23 -11.89 -7.63
N ASN A 17 0.20 -11.97 -8.45
CA ASN A 17 0.12 -11.14 -9.65
C ASN A 17 0.21 -9.66 -9.30
N GLU A 18 -0.34 -9.30 -8.15
CA GLU A 18 -0.32 -7.91 -7.70
C GLU A 18 1.10 -7.44 -7.42
N LEU A 19 1.90 -8.31 -6.81
CA LEU A 19 3.29 -8.00 -6.49
C LEU A 19 4.09 -7.72 -7.74
N GLU A 20 4.02 -8.64 -8.70
CA GLU A 20 4.74 -8.50 -9.96
C GLU A 20 4.15 -7.37 -10.80
N ALA A 21 2.82 -7.24 -10.76
CA ALA A 21 2.13 -6.21 -11.51
C ALA A 21 2.58 -4.81 -11.08
N ILE A 22 2.56 -4.58 -9.77
CA ILE A 22 2.96 -3.28 -9.22
C ILE A 22 4.47 -3.13 -9.24
N ARG A 23 5.19 -4.23 -9.01
CA ARG A 23 6.64 -4.22 -9.01
C ARG A 23 7.18 -3.60 -10.29
N SER A 24 6.47 -3.83 -11.39
CA SER A 24 6.89 -3.30 -12.69
C SER A 24 6.80 -1.77 -12.70
N ILE A 25 5.83 -1.24 -11.97
CA ILE A 25 5.64 0.21 -11.90
C ILE A 25 6.59 0.84 -10.89
N TYR A 26 6.69 0.21 -9.72
CA TYR A 26 7.57 0.71 -8.66
C TYR A 26 8.78 -0.21 -8.48
N MET A 27 9.40 -0.57 -9.59
CA MET A 27 10.57 -1.44 -9.56
C MET A 27 11.52 -1.04 -8.43
N ASP A 28 11.99 0.21 -8.48
CA ASP A 28 12.89 0.71 -7.45
C ASP A 28 12.11 1.22 -6.23
N ASP A 29 10.87 1.62 -6.46
CA ASP A 29 10.01 2.13 -5.40
C ASP A 29 9.33 0.98 -4.66
N PHE A 30 9.99 -0.17 -4.61
CA PHE A 30 9.44 -1.34 -3.94
C PHE A 30 10.30 -1.75 -2.75
N THR A 31 9.66 -2.13 -1.66
CA THR A 31 10.37 -2.55 -0.45
C THR A 31 10.06 -4.00 -0.10
N ASP A 32 11.10 -4.76 0.23
CA ASP A 32 10.93 -6.16 0.60
C ASP A 32 10.94 -6.34 2.11
N LEU A 33 9.83 -6.81 2.66
CA LEU A 33 9.71 -7.03 4.10
C LEU A 33 9.46 -8.49 4.42
N THR A 34 8.81 -9.19 3.48
CA THR A 34 8.51 -10.60 3.66
C THR A 34 9.68 -11.34 4.29
N LYS A 35 9.40 -12.51 4.85
CA LYS A 35 10.44 -13.33 5.48
C LYS A 35 11.30 -14.02 4.43
N ARG A 36 11.79 -13.24 3.47
CA ARG A 36 12.65 -13.78 2.42
C ARG A 36 14.02 -14.14 2.95
N LYS A 37 14.80 -13.11 3.31
CA LYS A 37 16.14 -13.32 3.85
C LYS A 37 16.25 -12.78 5.27
N SER A 38 15.20 -12.99 6.06
CA SER A 38 15.19 -12.52 7.44
C SER A 38 14.98 -13.67 8.40
N SER A 39 15.94 -13.89 9.28
CA SER A 39 15.87 -14.97 10.26
C SER A 39 15.14 -14.51 11.52
N TRP A 40 13.86 -14.86 11.61
CA TRP A 40 13.06 -14.48 12.77
C TRP A 40 11.69 -15.16 12.72
N ASP A 41 11.07 -15.15 11.55
CA ASP A 41 9.75 -15.77 11.37
C ASP A 41 9.68 -16.50 10.03
N LYS A 42 8.93 -17.60 10.02
CA LYS A 42 8.79 -18.40 8.81
C LYS A 42 7.31 -18.55 8.44
N GLN A 43 6.64 -17.44 8.20
CA GLN A 43 5.23 -17.45 7.83
C GLN A 43 4.87 -16.22 7.00
N PRO A 44 5.32 -16.21 5.73
CA PRO A 44 5.05 -15.11 4.81
C PRO A 44 3.59 -15.04 4.39
N GLN A 45 3.19 -13.89 3.85
CA GLN A 45 1.81 -13.69 3.41
C GLN A 45 1.76 -12.92 2.09
N ILE A 46 2.93 -12.75 1.47
CA ILE A 46 3.01 -12.03 0.21
C ILE A 46 2.98 -10.53 0.43
N ILE A 47 2.71 -10.12 1.66
CA ILE A 47 2.65 -8.71 2.01
C ILE A 47 3.92 -7.98 1.58
N PHE A 48 3.76 -6.71 1.19
CA PHE A 48 4.91 -5.90 0.76
C PHE A 48 4.64 -4.42 1.01
N GLU A 49 5.73 -3.67 1.19
CA GLU A 49 5.62 -2.23 1.44
C GLU A 49 6.07 -1.43 0.23
N ILE A 50 5.50 -0.24 0.07
CA ILE A 50 5.85 0.63 -1.05
C ILE A 50 6.11 2.05 -0.58
N THR A 51 7.15 2.68 -1.14
CA THR A 51 7.52 4.04 -0.78
C THR A 51 6.72 5.05 -1.59
N LEU A 52 6.07 5.98 -0.91
CA LEU A 52 5.28 7.01 -1.57
C LEU A 52 5.68 8.41 -1.09
N ARG A 53 5.27 9.43 -1.84
CA ARG A 53 5.58 10.80 -1.48
C ARG A 53 4.96 11.78 -2.48
N SER A 54 5.04 13.06 -2.17
CA SER A 54 4.48 14.10 -3.04
C SER A 54 5.25 14.16 -4.37
N VAL A 55 4.74 14.97 -5.30
CA VAL A 55 5.36 15.12 -6.60
C VAL A 55 6.48 16.16 -6.56
N ASP A 56 6.36 17.11 -5.64
CA ASP A 56 7.36 18.16 -5.49
C ASP A 56 8.06 18.06 -4.15
N LYS A 57 8.89 19.06 -3.85
CA LYS A 57 9.62 19.08 -2.58
C LYS A 57 9.20 20.26 -1.73
N GLU A 58 8.64 21.29 -2.37
CA GLU A 58 8.19 22.48 -1.66
C GLU A 58 6.66 22.60 -1.73
N PRO A 59 6.06 23.07 -0.62
CA PRO A 59 6.81 23.47 0.58
C PRO A 59 7.40 22.26 1.31
N VAL A 60 6.95 21.07 0.93
CA VAL A 60 7.44 19.84 1.54
C VAL A 60 7.41 18.68 0.55
N GLU A 61 7.90 17.53 0.99
CA GLU A 61 7.93 16.34 0.13
C GLU A 61 6.98 15.28 0.67
N SER A 62 6.57 15.42 1.93
CA SER A 62 5.68 14.47 2.55
C SER A 62 5.93 13.06 2.04
N SER A 63 6.80 12.33 2.73
CA SER A 63 7.15 10.96 2.34
C SER A 63 6.45 9.96 3.25
N ILE A 64 5.68 9.07 2.64
CA ILE A 64 4.95 8.04 3.39
C ILE A 64 5.03 6.69 2.70
N THR A 65 5.14 5.63 3.49
CA THR A 65 5.22 4.27 2.95
C THR A 65 3.93 3.50 3.19
N LEU A 66 3.24 3.16 2.11
CA LEU A 66 1.99 2.42 2.21
C LEU A 66 2.24 0.91 2.15
N HIS A 67 2.03 0.24 3.28
CA HIS A 67 2.24 -1.21 3.36
C HIS A 67 0.90 -1.94 3.28
N PHE A 68 0.73 -2.71 2.21
CA PHE A 68 -0.51 -3.47 2.01
C PHE A 68 -0.29 -4.95 2.33
N ALA A 69 -1.28 -5.56 2.97
CA ALA A 69 -1.20 -6.97 3.33
C ALA A 69 -2.33 -7.76 2.69
N MET A 70 -1.97 -8.75 1.88
CA MET A 70 -2.97 -9.59 1.21
C MET A 70 -3.41 -10.73 2.11
N THR A 71 -4.60 -10.61 2.67
CA THR A 71 -5.15 -11.64 3.56
C THR A 71 -5.27 -12.97 2.83
N PRO A 72 -5.30 -14.06 3.61
CA PRO A 72 -5.42 -15.42 3.06
C PRO A 72 -6.80 -15.69 2.45
N MET A 73 -7.66 -14.67 2.48
CA MET A 73 -9.00 -14.79 1.93
C MET A 73 -9.20 -13.84 0.77
N TYR A 74 -8.43 -12.75 0.75
CA TYR A 74 -8.53 -11.76 -0.31
C TYR A 74 -8.54 -12.43 -1.68
N PRO A 75 -9.26 -11.80 -2.63
CA PRO A 75 -9.99 -10.55 -2.38
C PRO A 75 -11.19 -10.77 -1.48
N TYR A 76 -11.58 -12.03 -1.29
CA TYR A 76 -12.73 -12.35 -0.44
C TYR A 76 -12.82 -11.40 0.74
N THR A 77 -11.69 -11.14 1.38
CA THR A 77 -11.64 -10.24 2.52
C THR A 77 -10.81 -8.99 2.22
N ALA A 78 -10.97 -7.96 3.03
CA ALA A 78 -10.24 -6.71 2.85
C ALA A 78 -8.87 -6.79 3.52
N PRO A 79 -7.83 -6.37 2.79
CA PRO A 79 -6.45 -6.37 3.29
C PRO A 79 -6.23 -5.32 4.38
N GLU A 80 -4.97 -5.13 4.76
CA GLU A 80 -4.63 -4.15 5.79
C GLU A 80 -3.60 -3.16 5.27
N ILE A 81 -3.78 -1.89 5.64
CA ILE A 81 -2.87 -0.84 5.21
C ILE A 81 -2.40 0.01 6.39
N GLU A 82 -1.12 0.33 6.42
CA GLU A 82 -0.56 1.14 7.50
C GLU A 82 0.46 2.13 6.95
N PHE A 83 0.50 3.31 7.56
CA PHE A 83 1.42 4.36 7.14
C PHE A 83 2.71 4.32 7.97
N LYS A 84 3.84 4.55 7.31
CA LYS A 84 5.12 4.55 7.98
C LYS A 84 5.88 5.85 7.75
N ASN A 85 6.95 6.05 8.49
CA ASN A 85 7.75 7.26 8.36
C ASN A 85 6.94 8.50 8.73
N VAL A 86 6.04 8.88 7.83
CA VAL A 86 5.19 10.05 8.06
C VAL A 86 5.98 11.20 8.68
N GLN A 87 6.54 12.06 7.84
CA GLN A 87 7.32 13.19 8.31
C GLN A 87 6.52 14.49 8.19
N ASN A 88 6.74 15.22 7.10
CA ASN A 88 6.04 16.47 6.86
C ASN A 88 4.55 16.33 7.16
N VAL A 89 3.99 15.16 6.84
CA VAL A 89 2.58 14.90 7.07
C VAL A 89 2.26 14.93 8.56
N MET A 90 1.02 15.31 8.89
CA MET A 90 0.59 15.39 10.27
C MET A 90 -0.22 14.15 10.66
N ASP A 91 -1.45 14.07 10.18
CA ASP A 91 -2.32 12.92 10.46
C ASP A 91 -3.71 13.14 9.86
N SER A 92 -4.13 14.39 9.80
CA SER A 92 -5.45 14.72 9.25
C SER A 92 -5.61 14.16 7.85
N GLN A 93 -4.59 14.33 7.02
CA GLN A 93 -4.61 13.85 5.66
C GLN A 93 -4.51 12.32 5.62
N LEU A 94 -3.68 11.77 6.50
CA LEU A 94 -3.49 10.33 6.57
C LEU A 94 -4.82 9.62 6.84
N GLN A 95 -5.55 10.12 7.84
CA GLN A 95 -6.84 9.54 8.20
C GLN A 95 -7.81 9.60 7.04
N MET A 96 -7.71 10.66 6.25
CA MET A 96 -8.59 10.84 5.10
C MET A 96 -8.42 9.71 4.09
N LEU A 97 -7.17 9.27 3.92
CA LEU A 97 -6.86 8.18 2.99
C LEU A 97 -7.52 6.88 3.44
N LYS A 98 -7.46 6.60 4.73
CA LYS A 98 -8.05 5.38 5.28
C LYS A 98 -9.52 5.29 4.92
N SER A 99 -10.22 6.43 4.94
CA SER A 99 -11.63 6.47 4.61
C SER A 99 -11.85 6.21 3.13
N GLU A 100 -11.01 6.80 2.29
CA GLU A 100 -11.12 6.64 0.85
C GLU A 100 -10.80 5.20 0.44
N PHE A 101 -10.04 4.51 1.28
CA PHE A 101 -9.67 3.12 1.01
C PHE A 101 -10.90 2.23 0.90
N LYS A 102 -11.95 2.60 1.64
CA LYS A 102 -13.20 1.84 1.63
C LYS A 102 -13.88 1.94 0.27
N LYS A 103 -13.87 3.14 -0.32
CA LYS A 103 -14.48 3.37 -1.61
C LYS A 103 -13.71 2.64 -2.72
N ILE A 104 -12.40 2.70 -2.65
CA ILE A 104 -11.55 2.04 -3.65
C ILE A 104 -11.76 0.52 -3.62
N HIS A 105 -11.74 -0.05 -2.43
CA HIS A 105 -11.93 -1.49 -2.27
C HIS A 105 -13.32 -1.91 -2.75
N ASN A 106 -14.33 -1.12 -2.39
CA ASN A 106 -15.71 -1.41 -2.78
C ASN A 106 -15.83 -1.53 -4.30
N THR A 107 -15.15 -0.63 -5.01
CA THR A 107 -15.18 -0.63 -6.47
C THR A 107 -14.20 -1.65 -7.04
N SER A 108 -13.18 -1.99 -6.25
CA SER A 108 -12.18 -2.95 -6.68
C SER A 108 -12.33 -4.28 -5.94
N ARG A 109 -13.55 -4.55 -5.49
CA ARG A 109 -13.84 -5.78 -4.76
C ARG A 109 -13.65 -7.00 -5.66
N GLY A 110 -12.41 -7.49 -5.74
CA GLY A 110 -12.13 -8.65 -6.56
C GLY A 110 -11.11 -8.35 -7.65
N GLN A 111 -10.10 -7.54 -7.31
CA GLN A 111 -9.07 -7.18 -8.27
C GLN A 111 -7.93 -6.43 -7.58
N GLU A 112 -6.97 -5.97 -8.37
CA GLU A 112 -5.83 -5.25 -7.83
C GLU A 112 -6.27 -3.97 -7.14
N ILE A 113 -5.77 -3.75 -5.92
CA ILE A 113 -6.12 -2.56 -5.16
C ILE A 113 -4.88 -1.82 -4.69
N ILE A 114 -3.71 -2.41 -4.95
CA ILE A 114 -2.44 -1.80 -4.56
C ILE A 114 -2.17 -0.54 -5.37
N PHE A 115 -2.36 -0.63 -6.68
CA PHE A 115 -2.13 0.51 -7.57
C PHE A 115 -3.18 1.59 -7.35
N GLU A 116 -4.39 1.16 -7.02
CA GLU A 116 -5.49 2.10 -6.78
C GLU A 116 -5.24 2.91 -5.50
N ILE A 117 -4.82 2.23 -4.45
CA ILE A 117 -4.54 2.88 -3.18
C ILE A 117 -3.36 3.84 -3.29
N THR A 118 -2.32 3.39 -4.01
CA THR A 118 -1.12 4.21 -4.20
C THR A 118 -1.42 5.43 -5.06
N SER A 119 -2.18 5.23 -6.13
CA SER A 119 -2.53 6.31 -7.03
C SER A 119 -3.43 7.32 -6.33
N PHE A 120 -4.24 6.84 -5.41
CA PHE A 120 -5.16 7.71 -4.68
C PHE A 120 -4.42 8.49 -3.59
N THR A 121 -3.56 7.79 -2.85
CA THR A 121 -2.79 8.40 -1.79
C THR A 121 -1.80 9.42 -2.34
N GLN A 122 -1.09 9.04 -3.39
CA GLN A 122 -0.11 9.92 -4.02
C GLN A 122 -0.77 11.19 -4.54
N GLU A 123 -1.98 11.05 -5.08
CA GLU A 123 -2.71 12.18 -5.61
C GLU A 123 -3.28 13.05 -4.48
N LYS A 124 -3.91 12.40 -3.52
CA LYS A 124 -4.50 13.11 -2.37
C LYS A 124 -3.41 13.80 -1.55
N LEU A 125 -2.21 13.23 -1.57
CA LEU A 125 -1.09 13.80 -0.83
C LEU A 125 -0.65 15.13 -1.43
N ASP A 126 -0.41 15.14 -2.73
CA ASP A 126 0.01 16.35 -3.42
C ASP A 126 -1.04 17.45 -3.29
N GLU A 127 -2.30 17.05 -3.31
CA GLU A 127 -3.41 18.00 -3.19
C GLU A 127 -3.33 18.75 -1.86
N PHE A 128 -3.17 17.99 -0.78
CA PHE A 128 -3.09 18.58 0.55
C PHE A 128 -1.85 19.47 0.68
N GLN A 129 -0.68 18.88 0.51
CA GLN A 129 0.57 19.61 0.61
C GLN A 129 0.47 20.95 -0.10
N ASN A 130 -0.26 20.97 -1.21
CA ASN A 130 -0.44 22.19 -2.00
C ASN A 130 -1.29 23.20 -1.24
N VAL A 131 -2.32 22.70 -0.56
CA VAL A 131 -3.21 23.56 0.20
C VAL A 131 -3.04 23.35 1.70
N VAL A 132 -1.85 22.91 2.10
CA VAL A 132 -1.56 22.67 3.50
C VAL A 132 -0.97 23.91 4.17
N ASN A 133 -1.08 23.97 5.49
CA ASN A 133 -0.56 25.10 6.25
C ASN A 133 0.59 24.68 7.16
N THR A 134 1.80 24.68 6.61
CA THR A 134 2.99 24.31 7.37
C THR A 134 4.17 25.23 7.04
N GLN A 135 5.12 25.29 7.96
CA GLN A 135 6.29 26.13 7.78
C GLN A 135 7.55 25.43 8.27
N SER A 136 8.35 24.93 7.33
CA SER A 136 9.58 24.22 7.67
C SER A 136 10.34 24.95 8.77
N LEU A 137 10.90 24.19 9.71
CA LEU A 137 11.65 24.77 10.81
C LEU A 137 12.38 23.68 11.60
N GLU A 138 13.65 23.93 11.89
CA GLU A 138 14.45 22.97 12.65
C GLU A 138 13.79 22.63 13.99
N MET A 1 -3.20 -23.88 2.50
CA MET A 1 -1.79 -24.26 2.60
C MET A 1 -1.43 -25.28 1.53
N SER A 2 -2.32 -26.24 1.30
CA SER A 2 -2.09 -27.28 0.31
C SER A 2 -3.37 -28.04 -0.01
N LEU A 3 -3.89 -27.85 -1.22
CA LEU A 3 -5.11 -28.52 -1.64
C LEU A 3 -5.23 -28.54 -3.15
N SER A 4 -6.30 -29.15 -3.66
CA SER A 4 -6.53 -29.23 -5.09
C SER A 4 -7.75 -28.41 -5.50
N HIS A 5 -8.93 -28.88 -5.13
CA HIS A 5 -10.16 -28.18 -5.45
C HIS A 5 -10.13 -26.74 -4.94
N LEU A 6 -11.21 -26.00 -5.17
CA LEU A 6 -11.30 -24.62 -4.74
C LEU A 6 -10.75 -24.45 -3.33
N THR A 7 -9.76 -23.57 -3.18
CA THR A 7 -9.15 -23.32 -1.88
C THR A 7 -8.35 -22.02 -1.90
N LEU A 8 -7.87 -21.61 -0.73
CA LEU A 8 -7.10 -20.38 -0.60
C LEU A 8 -5.93 -20.39 -1.59
N ASP A 9 -5.38 -21.57 -1.85
CA ASP A 9 -4.27 -21.71 -2.78
C ASP A 9 -4.57 -21.00 -4.10
N GLN A 10 -5.83 -21.04 -4.51
CA GLN A 10 -6.25 -20.40 -5.75
C GLN A 10 -6.10 -18.89 -5.67
N TYR A 11 -6.38 -18.34 -4.49
CA TYR A 11 -6.28 -16.90 -4.29
C TYR A 11 -4.83 -16.43 -4.42
N TYR A 12 -3.89 -17.33 -4.17
CA TYR A 12 -2.48 -17.00 -4.26
C TYR A 12 -2.12 -16.53 -5.67
N GLU A 13 -2.74 -17.14 -6.67
CA GLU A 13 -2.48 -16.78 -8.06
C GLU A 13 -2.79 -15.30 -8.31
N ILE A 14 -3.90 -14.83 -7.72
CA ILE A 14 -4.29 -13.44 -7.88
C ILE A 14 -3.32 -12.50 -7.16
N GLN A 15 -2.88 -12.92 -5.98
CA GLN A 15 -1.94 -12.11 -5.21
C GLN A 15 -0.63 -11.93 -5.94
N CYS A 16 -0.12 -13.02 -6.51
CA CYS A 16 1.14 -12.98 -7.25
C CYS A 16 1.06 -12.00 -8.41
N ASN A 17 -0.05 -12.03 -9.15
CA ASN A 17 -0.25 -11.14 -10.28
C ASN A 17 -0.15 -9.68 -9.85
N GLU A 18 -0.58 -9.40 -8.63
CA GLU A 18 -0.55 -8.04 -8.10
C GLU A 18 0.89 -7.57 -7.92
N LEU A 19 1.75 -8.48 -7.49
CA LEU A 19 3.17 -8.16 -7.28
C LEU A 19 3.85 -7.82 -8.60
N GLU A 20 3.70 -8.69 -9.58
CA GLU A 20 4.31 -8.47 -10.89
C GLU A 20 3.64 -7.30 -11.61
N ALA A 21 2.35 -7.11 -11.35
CA ALA A 21 1.60 -6.02 -11.98
C ALA A 21 2.11 -4.66 -11.49
N ILE A 22 2.21 -4.52 -10.17
CA ILE A 22 2.68 -3.27 -9.57
C ILE A 22 4.20 -3.13 -9.70
N ARG A 23 4.89 -4.26 -9.61
CA ARG A 23 6.35 -4.27 -9.72
C ARG A 23 6.81 -3.55 -10.97
N SER A 24 6.02 -3.67 -12.05
CA SER A 24 6.35 -3.03 -13.31
C SER A 24 6.27 -1.51 -13.19
N ILE A 25 5.33 -1.04 -12.39
CA ILE A 25 5.15 0.40 -12.18
C ILE A 25 6.16 0.93 -11.17
N TYR A 26 6.34 0.21 -10.07
CA TYR A 26 7.28 0.61 -9.03
C TYR A 26 8.48 -0.32 -8.99
N MET A 27 9.03 -0.62 -10.15
CA MET A 27 10.19 -1.50 -10.25
C MET A 27 11.22 -1.17 -9.17
N ASP A 28 11.67 0.08 -9.16
CA ASP A 28 12.66 0.53 -8.19
C ASP A 28 11.98 0.88 -6.87
N ASP A 29 10.79 1.45 -6.95
CA ASP A 29 10.04 1.84 -5.76
C ASP A 29 9.33 0.64 -5.14
N PHE A 30 10.05 -0.48 -5.06
CA PHE A 30 9.49 -1.69 -4.48
C PHE A 30 10.41 -2.27 -3.42
N THR A 31 9.87 -2.46 -2.22
CA THR A 31 10.65 -3.00 -1.10
C THR A 31 10.13 -4.38 -0.70
N ASP A 32 11.06 -5.31 -0.49
CA ASP A 32 10.70 -6.66 -0.09
C ASP A 32 10.78 -6.83 1.42
N LEU A 33 9.63 -7.06 2.04
CA LEU A 33 9.57 -7.23 3.49
C LEU A 33 9.16 -8.66 3.86
N THR A 34 8.57 -9.35 2.90
CA THR A 34 8.13 -10.73 3.10
C THR A 34 9.11 -11.49 3.98
N LYS A 35 8.64 -12.54 4.63
CA LYS A 35 9.48 -13.36 5.49
C LYS A 35 10.42 -14.23 4.67
N ARG A 36 11.30 -13.60 3.91
CA ARG A 36 12.25 -14.32 3.06
C ARG A 36 13.67 -13.81 3.30
N LYS A 37 13.79 -12.53 3.60
CA LYS A 37 15.10 -11.92 3.85
C LYS A 37 15.67 -12.39 5.19
N SER A 38 16.86 -12.97 5.15
CA SER A 38 17.51 -13.46 6.36
C SER A 38 16.95 -14.81 6.77
N SER A 39 15.61 -14.91 6.81
CA SER A 39 14.95 -16.14 7.20
C SER A 39 14.43 -16.89 5.97
N TRP A 40 13.95 -18.10 6.19
CA TRP A 40 13.42 -18.92 5.10
C TRP A 40 11.95 -18.65 4.87
N ASP A 41 11.17 -18.64 5.96
CA ASP A 41 9.74 -18.40 5.88
C ASP A 41 9.08 -18.62 7.23
N LYS A 42 8.24 -17.68 7.65
CA LYS A 42 7.54 -17.78 8.93
C LYS A 42 6.02 -17.77 8.71
N GLN A 43 5.44 -16.58 8.74
CA GLN A 43 4.00 -16.44 8.55
C GLN A 43 3.69 -15.40 7.48
N PRO A 44 4.47 -15.43 6.38
CA PRO A 44 4.29 -14.49 5.26
C PRO A 44 3.01 -14.76 4.47
N GLN A 45 2.85 -14.06 3.37
CA GLN A 45 1.67 -14.22 2.52
C GLN A 45 1.75 -13.33 1.29
N ILE A 46 2.98 -13.06 0.84
CA ILE A 46 3.19 -12.21 -0.33
C ILE A 46 3.27 -10.74 0.06
N ILE A 47 2.78 -10.42 1.25
CA ILE A 47 2.80 -9.06 1.74
C ILE A 47 4.09 -8.35 1.35
N PHE A 48 4.00 -7.04 1.12
CA PHE A 48 5.16 -6.24 0.73
C PHE A 48 4.89 -4.76 0.95
N GLU A 49 5.97 -3.98 1.01
CA GLU A 49 5.86 -2.54 1.22
C GLU A 49 6.26 -1.78 -0.03
N ILE A 50 5.75 -0.56 -0.16
CA ILE A 50 6.05 0.28 -1.32
C ILE A 50 6.37 1.71 -0.89
N THR A 51 7.33 2.32 -1.56
CA THR A 51 7.73 3.70 -1.27
C THR A 51 6.88 4.69 -2.05
N LEU A 52 6.49 5.78 -1.38
CA LEU A 52 5.68 6.81 -2.01
C LEU A 52 6.13 8.21 -1.56
N ARG A 53 5.73 9.22 -2.32
CA ARG A 53 6.08 10.60 -1.99
C ARG A 53 5.46 11.57 -2.99
N SER A 54 5.60 12.87 -2.72
CA SER A 54 5.05 13.89 -3.59
C SER A 54 5.76 13.90 -4.94
N VAL A 55 5.44 14.90 -5.77
CA VAL A 55 6.06 15.02 -7.09
C VAL A 55 7.25 15.95 -7.04
N ASP A 56 7.21 16.91 -6.13
CA ASP A 56 8.29 17.89 -5.99
C ASP A 56 9.02 17.70 -4.65
N LYS A 57 9.93 18.60 -4.35
CA LYS A 57 10.69 18.54 -3.11
C LYS A 57 10.43 19.78 -2.25
N GLU A 58 9.82 20.79 -2.85
CA GLU A 58 9.50 22.03 -2.14
C GLU A 58 8.01 22.33 -2.19
N PRO A 59 7.47 22.89 -1.10
CA PRO A 59 8.27 23.20 0.09
C PRO A 59 8.72 21.95 0.83
N VAL A 60 8.26 20.79 0.37
CA VAL A 60 8.62 19.52 0.98
C VAL A 60 8.51 18.37 -0.01
N GLU A 61 8.81 17.16 0.45
CA GLU A 61 8.73 15.99 -0.40
C GLU A 61 7.72 14.97 0.13
N SER A 62 7.28 15.20 1.37
CA SER A 62 6.31 14.30 2.00
C SER A 62 6.54 12.86 1.58
N SER A 63 7.35 12.15 2.35
CA SER A 63 7.67 10.75 2.06
C SER A 63 6.93 9.82 3.01
N ILE A 64 6.13 8.91 2.44
CA ILE A 64 5.37 7.96 3.24
C ILE A 64 5.45 6.56 2.65
N THR A 65 5.74 5.58 3.50
CA THR A 65 5.84 4.19 3.07
C THR A 65 4.52 3.45 3.29
N LEU A 66 3.90 3.05 2.19
CA LEU A 66 2.63 2.32 2.26
C LEU A 66 2.86 0.81 2.21
N HIS A 67 2.58 0.14 3.32
CA HIS A 67 2.75 -1.31 3.40
C HIS A 67 1.40 -2.01 3.43
N PHE A 68 1.10 -2.74 2.35
CA PHE A 68 -0.16 -3.47 2.25
C PHE A 68 0.05 -4.96 2.53
N ALA A 69 -0.94 -5.58 3.15
CA ALA A 69 -0.87 -7.01 3.46
C ALA A 69 -2.03 -7.77 2.85
N MET A 70 -1.74 -8.59 1.85
CA MET A 70 -2.77 -9.38 1.17
C MET A 70 -3.20 -10.56 2.03
N THR A 71 -4.16 -10.32 2.92
CA THR A 71 -4.66 -11.37 3.80
C THR A 71 -4.79 -12.70 3.07
N PRO A 72 -4.77 -13.80 3.82
CA PRO A 72 -4.89 -15.15 3.26
C PRO A 72 -6.29 -15.43 2.72
N MET A 73 -7.16 -14.44 2.81
CA MET A 73 -8.53 -14.57 2.33
C MET A 73 -8.82 -13.59 1.20
N TYR A 74 -8.10 -12.48 1.20
CA TYR A 74 -8.27 -11.45 0.18
C TYR A 74 -8.30 -12.06 -1.22
N PRO A 75 -9.03 -11.41 -2.13
CA PRO A 75 -9.76 -10.17 -1.83
C PRO A 75 -10.96 -10.42 -0.91
N TYR A 76 -11.29 -11.70 -0.73
CA TYR A 76 -12.42 -12.06 0.13
C TYR A 76 -12.58 -11.07 1.28
N THR A 77 -11.51 -10.87 2.03
CA THR A 77 -11.53 -9.96 3.16
C THR A 77 -10.76 -8.67 2.85
N ALA A 78 -10.86 -7.69 3.74
CA ALA A 78 -10.18 -6.42 3.56
C ALA A 78 -8.74 -6.49 4.07
N PRO A 79 -7.78 -6.05 3.23
CA PRO A 79 -6.36 -6.05 3.58
C PRO A 79 -6.03 -5.03 4.66
N GLU A 80 -4.78 -5.04 5.12
CA GLU A 80 -4.34 -4.12 6.15
C GLU A 80 -3.18 -3.26 5.64
N ILE A 81 -3.22 -1.97 5.97
CA ILE A 81 -2.18 -1.04 5.55
C ILE A 81 -1.91 0.00 6.62
N GLU A 82 -0.67 0.48 6.68
CA GLU A 82 -0.29 1.48 7.66
C GLU A 82 0.82 2.38 7.11
N PHE A 83 0.81 3.65 7.53
CA PHE A 83 1.79 4.61 7.08
C PHE A 83 3.01 4.63 8.01
N LYS A 84 4.20 4.76 7.42
CA LYS A 84 5.42 4.78 8.20
C LYS A 84 6.23 6.05 7.90
N ASN A 85 7.33 6.24 8.63
CA ASN A 85 8.18 7.41 8.44
C ASN A 85 7.39 8.70 8.66
N VAL A 86 6.58 9.05 7.68
CA VAL A 86 5.77 10.27 7.77
C VAL A 86 6.58 11.42 8.35
N GLN A 87 7.19 12.21 7.47
CA GLN A 87 8.00 13.35 7.90
C GLN A 87 7.19 14.64 7.85
N ASN A 88 7.01 15.18 6.65
CA ASN A 88 6.25 16.41 6.47
C ASN A 88 4.82 16.25 6.96
N VAL A 89 4.12 15.26 6.41
CA VAL A 89 2.74 14.99 6.80
C VAL A 89 2.60 14.87 8.31
N MET A 90 1.55 15.49 8.85
CA MET A 90 1.30 15.46 10.29
C MET A 90 0.46 14.26 10.67
N ASP A 91 -0.81 14.29 10.28
CA ASP A 91 -1.73 13.20 10.58
C ASP A 91 -3.09 13.44 9.93
N SER A 92 -3.47 14.71 9.80
CA SER A 92 -4.74 15.07 9.20
C SER A 92 -4.89 14.43 7.82
N GLN A 93 -3.84 14.55 7.01
CA GLN A 93 -3.86 13.99 5.66
C GLN A 93 -3.82 12.46 5.71
N LEU A 94 -3.06 11.92 6.65
CA LEU A 94 -2.94 10.48 6.80
C LEU A 94 -4.29 9.83 7.06
N GLN A 95 -5.05 10.41 7.99
CA GLN A 95 -6.37 9.90 8.33
C GLN A 95 -7.31 9.96 7.12
N MET A 96 -7.15 10.99 6.31
CA MET A 96 -7.97 11.16 5.12
C MET A 96 -7.78 9.99 4.16
N LEU A 97 -6.54 9.57 3.99
CA LEU A 97 -6.22 8.46 3.09
C LEU A 97 -6.92 7.19 3.52
N LYS A 98 -6.90 6.93 4.83
CA LYS A 98 -7.54 5.74 5.38
C LYS A 98 -9.02 5.68 4.98
N SER A 99 -9.66 6.84 4.99
CA SER A 99 -11.08 6.92 4.63
C SER A 99 -11.30 6.51 3.17
N GLU A 100 -10.39 6.95 2.31
CA GLU A 100 -10.47 6.63 0.88
C GLU A 100 -10.16 5.16 0.63
N PHE A 101 -9.37 4.57 1.51
CA PHE A 101 -8.99 3.17 1.39
C PHE A 101 -10.23 2.27 1.43
N LYS A 102 -11.25 2.70 2.16
CA LYS A 102 -12.48 1.94 2.29
C LYS A 102 -13.30 2.03 1.00
N LYS A 103 -13.36 3.21 0.42
CA LYS A 103 -14.10 3.43 -0.81
C LYS A 103 -13.42 2.74 -1.99
N ILE A 104 -12.10 2.84 -2.04
CA ILE A 104 -11.33 2.21 -3.11
C ILE A 104 -11.46 0.70 -3.07
N HIS A 105 -11.29 0.12 -1.89
CA HIS A 105 -11.39 -1.33 -1.72
C HIS A 105 -12.80 -1.82 -2.06
N ASN A 106 -13.80 -1.09 -1.60
CA ASN A 106 -15.19 -1.45 -1.85
C ASN A 106 -15.46 -1.55 -3.34
N THR A 107 -14.95 -0.59 -4.10
CA THR A 107 -15.12 -0.58 -5.55
C THR A 107 -14.20 -1.57 -6.23
N SER A 108 -13.04 -1.81 -5.62
CA SER A 108 -12.06 -2.74 -6.18
C SER A 108 -12.01 -4.03 -5.37
N ARG A 109 -13.16 -4.41 -4.82
CA ARG A 109 -13.25 -5.63 -4.01
C ARG A 109 -13.25 -6.88 -4.89
N GLY A 110 -12.06 -7.28 -5.33
CA GLY A 110 -11.95 -8.46 -6.18
C GLY A 110 -10.75 -8.39 -7.10
N GLN A 111 -10.35 -7.17 -7.47
CA GLN A 111 -9.22 -6.97 -8.36
C GLN A 111 -8.06 -6.32 -7.62
N GLU A 112 -7.09 -5.80 -8.38
CA GLU A 112 -5.93 -5.15 -7.79
C GLU A 112 -6.33 -3.85 -7.08
N ILE A 113 -5.81 -3.67 -5.87
CA ILE A 113 -6.11 -2.48 -5.09
C ILE A 113 -4.84 -1.74 -4.70
N ILE A 114 -3.71 -2.43 -4.81
CA ILE A 114 -2.42 -1.84 -4.48
C ILE A 114 -2.16 -0.58 -5.30
N PHE A 115 -2.47 -0.65 -6.59
CA PHE A 115 -2.29 0.48 -7.48
C PHE A 115 -3.28 1.59 -7.18
N GLU A 116 -4.47 1.20 -6.73
CA GLU A 116 -5.51 2.17 -6.39
C GLU A 116 -5.13 2.99 -5.17
N ILE A 117 -4.68 2.30 -4.12
CA ILE A 117 -4.27 2.98 -2.89
C ILE A 117 -3.03 3.84 -3.11
N THR A 118 -2.08 3.31 -3.86
CA THR A 118 -0.85 4.05 -4.15
C THR A 118 -1.12 5.25 -5.05
N SER A 119 -1.97 5.05 -6.05
CA SER A 119 -2.31 6.12 -6.98
C SER A 119 -3.09 7.22 -6.27
N PHE A 120 -4.00 6.82 -5.39
CA PHE A 120 -4.82 7.78 -4.65
C PHE A 120 -3.98 8.59 -3.69
N THR A 121 -3.12 7.91 -2.92
CA THR A 121 -2.26 8.57 -1.97
C THR A 121 -1.24 9.47 -2.67
N GLN A 122 -0.72 8.99 -3.78
CA GLN A 122 0.26 9.75 -4.56
C GLN A 122 -0.35 11.03 -5.11
N GLU A 123 -1.54 10.89 -5.72
CA GLU A 123 -2.23 12.03 -6.29
C GLU A 123 -2.67 13.02 -5.21
N LYS A 124 -3.23 12.47 -4.13
CA LYS A 124 -3.71 13.29 -3.01
C LYS A 124 -2.53 13.88 -2.25
N LEU A 125 -1.42 13.15 -2.20
CA LEU A 125 -0.23 13.62 -1.50
C LEU A 125 0.33 14.89 -2.15
N ASP A 126 0.34 14.91 -3.48
CA ASP A 126 0.85 16.06 -4.21
C ASP A 126 0.03 17.31 -3.88
N GLU A 127 -1.27 17.14 -3.73
CA GLU A 127 -2.15 18.26 -3.41
C GLU A 127 -1.79 18.86 -2.06
N PHE A 128 -1.40 18.01 -1.12
CA PHE A 128 -1.02 18.46 0.22
C PHE A 128 -0.06 19.64 0.15
N GLN A 129 1.12 19.40 -0.39
CA GLN A 129 2.14 20.44 -0.52
C GLN A 129 1.54 21.71 -1.13
N ASN A 130 0.57 21.53 -2.02
CA ASN A 130 -0.08 22.65 -2.67
C ASN A 130 -0.80 23.54 -1.66
N VAL A 131 -1.57 22.91 -0.78
CA VAL A 131 -2.31 23.63 0.24
C VAL A 131 -2.23 22.92 1.59
N VAL A 132 -1.26 23.30 2.41
CA VAL A 132 -1.08 22.70 3.72
C VAL A 132 -1.52 23.65 4.83
N ASN A 133 -2.04 23.08 5.90
CA ASN A 133 -2.50 23.88 7.04
C ASN A 133 -1.79 23.46 8.32
N THR A 134 -0.73 24.20 8.69
CA THR A 134 0.03 23.90 9.89
C THR A 134 0.09 25.12 10.81
N GLN A 135 0.68 26.20 10.31
CA GLN A 135 0.79 27.42 11.10
C GLN A 135 1.02 27.10 12.57
N SER A 136 1.91 26.16 12.84
CA SER A 136 2.21 25.75 14.21
C SER A 136 3.49 24.93 14.26
N LEU A 137 4.48 25.32 13.47
CA LEU A 137 5.76 24.63 13.42
C LEU A 137 6.86 25.55 12.90
N GLU A 138 6.64 26.15 11.75
CA GLU A 138 7.62 27.05 11.15
C GLU A 138 7.30 28.50 11.52
N MET A 1 0.84 -21.32 -11.42
CA MET A 1 0.69 -22.59 -12.13
C MET A 1 1.00 -23.76 -11.20
N SER A 2 0.38 -23.77 -10.03
CA SER A 2 0.61 -24.84 -9.05
C SER A 2 -0.67 -25.11 -8.26
N LEU A 3 -0.89 -26.38 -7.95
CA LEU A 3 -2.08 -26.79 -7.19
C LEU A 3 -3.35 -26.42 -7.94
N SER A 4 -4.40 -27.23 -7.74
CA SER A 4 -5.68 -26.99 -8.40
C SER A 4 -6.82 -27.61 -7.60
N HIS A 5 -7.64 -26.76 -6.98
CA HIS A 5 -8.77 -27.24 -6.19
C HIS A 5 -9.50 -26.06 -5.55
N LEU A 6 -10.79 -26.27 -5.26
CA LEU A 6 -11.60 -25.23 -4.64
C LEU A 6 -11.17 -24.97 -3.21
N THR A 7 -10.24 -24.04 -3.03
CA THR A 7 -9.74 -23.70 -1.70
C THR A 7 -8.97 -22.39 -1.73
N LEU A 8 -8.61 -21.89 -0.54
CA LEU A 8 -7.87 -20.64 -0.44
C LEU A 8 -6.63 -20.66 -1.32
N ASP A 9 -6.12 -21.86 -1.59
CA ASP A 9 -4.94 -22.02 -2.42
C ASP A 9 -5.10 -21.26 -3.75
N GLN A 10 -6.33 -21.25 -4.26
CA GLN A 10 -6.62 -20.57 -5.52
C GLN A 10 -6.41 -19.07 -5.40
N TYR A 11 -6.82 -18.52 -4.26
CA TYR A 11 -6.69 -17.08 -4.00
C TYR A 11 -5.24 -16.64 -4.19
N TYR A 12 -4.32 -17.58 -4.04
CA TYR A 12 -2.90 -17.29 -4.18
C TYR A 12 -2.60 -16.68 -5.55
N GLU A 13 -3.30 -17.16 -6.56
CA GLU A 13 -3.11 -16.66 -7.93
C GLU A 13 -3.46 -15.18 -8.01
N ILE A 14 -4.55 -14.79 -7.37
CA ILE A 14 -4.98 -13.39 -7.37
C ILE A 14 -4.01 -12.52 -6.59
N GLN A 15 -3.57 -13.00 -5.44
CA GLN A 15 -2.63 -12.26 -4.61
C GLN A 15 -1.28 -12.09 -5.31
N CYS A 16 -0.78 -13.19 -5.87
CA CYS A 16 0.50 -13.18 -6.57
C CYS A 16 0.47 -12.19 -7.73
N ASN A 17 -0.64 -12.16 -8.47
CA ASN A 17 -0.79 -11.26 -9.60
C ASN A 17 -0.65 -9.81 -9.17
N GLU A 18 -1.12 -9.52 -7.95
CA GLU A 18 -1.05 -8.16 -7.42
C GLU A 18 0.40 -7.70 -7.28
N LEU A 19 1.27 -8.62 -6.88
CA LEU A 19 2.69 -8.31 -6.71
C LEU A 19 3.34 -7.99 -8.05
N GLU A 20 3.16 -8.89 -9.01
CA GLU A 20 3.73 -8.70 -10.34
C GLU A 20 3.06 -7.54 -11.06
N ALA A 21 1.77 -7.34 -10.79
CA ALA A 21 1.01 -6.26 -11.41
C ALA A 21 1.51 -4.90 -10.96
N ILE A 22 1.66 -4.75 -9.64
CA ILE A 22 2.15 -3.49 -9.08
C ILE A 22 3.64 -3.33 -9.28
N ARG A 23 4.37 -4.44 -9.23
CA ARG A 23 5.82 -4.42 -9.42
C ARG A 23 6.18 -3.76 -10.74
N SER A 24 5.35 -3.95 -11.75
CA SER A 24 5.58 -3.38 -13.07
C SER A 24 5.53 -1.85 -13.02
N ILE A 25 4.63 -1.34 -12.19
CA ILE A 25 4.47 0.11 -12.04
C ILE A 25 5.51 0.68 -11.08
N TYR A 26 5.75 -0.03 -9.98
CA TYR A 26 6.72 0.40 -8.97
C TYR A 26 7.95 -0.49 -8.99
N MET A 27 8.46 -0.79 -10.18
CA MET A 27 9.64 -1.62 -10.33
C MET A 27 10.71 -1.25 -9.32
N ASP A 28 11.06 0.03 -9.29
CA ASP A 28 12.07 0.53 -8.36
C ASP A 28 11.43 1.08 -7.09
N ASP A 29 10.15 1.43 -7.20
CA ASP A 29 9.41 1.98 -6.06
C ASP A 29 8.78 0.87 -5.23
N PHE A 30 9.30 -0.34 -5.39
CA PHE A 30 8.78 -1.50 -4.66
C PHE A 30 9.74 -1.91 -3.55
N THR A 31 9.18 -2.40 -2.44
CA THR A 31 9.98 -2.82 -1.31
C THR A 31 9.65 -4.25 -0.90
N ASP A 32 10.68 -5.06 -0.69
CA ASP A 32 10.50 -6.45 -0.30
C ASP A 32 10.63 -6.62 1.21
N LEU A 33 9.54 -7.01 1.86
CA LEU A 33 9.54 -7.20 3.31
C LEU A 33 9.21 -8.65 3.66
N THR A 34 8.58 -9.35 2.73
CA THR A 34 8.20 -10.74 2.95
C THR A 34 9.24 -11.46 3.81
N LYS A 35 8.86 -11.77 5.05
CA LYS A 35 9.76 -12.46 5.96
C LYS A 35 10.56 -13.53 5.25
N ARG A 36 11.77 -13.18 4.81
CA ARG A 36 12.63 -14.12 4.10
C ARG A 36 14.03 -14.16 4.73
N LYS A 37 14.83 -13.14 4.44
CA LYS A 37 16.17 -13.05 4.99
C LYS A 37 16.27 -11.98 6.06
N SER A 38 17.18 -12.16 7.00
CA SER A 38 17.38 -11.21 8.08
C SER A 38 16.04 -10.63 8.53
N SER A 39 15.37 -11.34 9.42
CA SER A 39 14.07 -10.90 9.94
C SER A 39 13.88 -11.35 11.38
N TRP A 40 12.68 -11.11 11.92
CA TRP A 40 12.37 -11.49 13.28
C TRP A 40 11.39 -12.66 13.32
N ASP A 41 10.45 -12.66 12.39
CA ASP A 41 9.46 -13.73 12.30
C ASP A 41 9.47 -14.38 10.92
N LYS A 42 8.99 -15.61 10.86
CA LYS A 42 8.94 -16.36 9.59
C LYS A 42 7.52 -16.85 9.31
N GLN A 43 6.63 -15.93 8.96
CA GLN A 43 5.25 -16.29 8.65
C GLN A 43 4.64 -15.30 7.67
N PRO A 44 5.27 -15.18 6.48
CA PRO A 44 4.79 -14.28 5.43
C PRO A 44 3.49 -14.75 4.80
N GLN A 45 3.13 -14.14 3.67
CA GLN A 45 1.90 -14.51 2.97
C GLN A 45 1.73 -13.67 1.71
N ILE A 46 2.85 -13.34 1.07
CA ILE A 46 2.83 -12.55 -0.15
C ILE A 46 2.83 -11.05 0.16
N ILE A 47 2.58 -10.72 1.42
CA ILE A 47 2.55 -9.33 1.85
C ILE A 47 3.82 -8.59 1.43
N PHE A 48 3.69 -7.29 1.17
CA PHE A 48 4.83 -6.49 0.76
C PHE A 48 4.54 -5.00 0.96
N GLU A 49 5.60 -4.19 0.96
CA GLU A 49 5.45 -2.75 1.15
C GLU A 49 5.81 -2.00 -0.14
N ILE A 50 5.33 -0.76 -0.24
CA ILE A 50 5.60 0.06 -1.41
C ILE A 50 5.99 1.48 -1.01
N THR A 51 6.92 2.06 -1.75
CA THR A 51 7.40 3.42 -1.47
C THR A 51 6.49 4.45 -2.14
N LEU A 52 6.05 5.44 -1.35
CA LEU A 52 5.18 6.49 -1.85
C LEU A 52 5.63 7.85 -1.35
N ARG A 53 5.28 8.90 -2.09
CA ARG A 53 5.65 10.25 -1.73
C ARG A 53 5.01 11.27 -2.68
N SER A 54 5.03 12.54 -2.28
CA SER A 54 4.46 13.60 -3.10
C SER A 54 5.06 13.60 -4.49
N VAL A 55 4.48 14.40 -5.38
CA VAL A 55 4.97 14.49 -6.75
C VAL A 55 6.11 15.49 -6.87
N ASP A 56 6.18 16.41 -5.91
CA ASP A 56 7.24 17.42 -5.90
C ASP A 56 8.14 17.27 -4.68
N LYS A 57 9.10 18.17 -4.53
CA LYS A 57 10.02 18.13 -3.40
C LYS A 57 9.84 19.35 -2.51
N GLU A 58 9.02 20.30 -2.96
CA GLU A 58 8.77 21.52 -2.21
C GLU A 58 7.27 21.76 -2.06
N PRO A 59 6.88 22.38 -0.93
CA PRO A 59 7.83 22.80 0.11
C PRO A 59 8.43 21.61 0.85
N VAL A 60 7.97 20.41 0.50
CA VAL A 60 8.47 19.19 1.13
C VAL A 60 8.45 18.02 0.16
N GLU A 61 8.90 16.86 0.63
CA GLU A 61 8.94 15.66 -0.21
C GLU A 61 7.85 14.67 0.23
N SER A 62 7.34 14.86 1.44
CA SER A 62 6.30 13.99 1.96
C SER A 62 6.51 12.55 1.49
N SER A 63 7.24 11.77 2.28
CA SER A 63 7.52 10.38 1.93
C SER A 63 6.84 9.44 2.92
N ILE A 64 6.01 8.55 2.39
CA ILE A 64 5.29 7.58 3.22
C ILE A 64 5.31 6.19 2.59
N THR A 65 5.51 5.17 3.42
CA THR A 65 5.55 3.80 2.95
C THR A 65 4.26 3.06 3.30
N LEU A 66 3.50 2.70 2.27
CA LEU A 66 2.25 1.98 2.47
C LEU A 66 2.46 0.47 2.40
N HIS A 67 2.27 -0.21 3.53
CA HIS A 67 2.43 -1.65 3.60
C HIS A 67 1.08 -2.35 3.66
N PHE A 68 0.76 -3.08 2.60
CA PHE A 68 -0.51 -3.81 2.52
C PHE A 68 -0.30 -5.30 2.78
N ALA A 69 -1.22 -5.90 3.52
CA ALA A 69 -1.14 -7.33 3.82
C ALA A 69 -2.29 -8.09 3.18
N MET A 70 -1.96 -8.98 2.26
CA MET A 70 -2.97 -9.78 1.57
C MET A 70 -3.43 -10.95 2.45
N THR A 71 -4.60 -10.80 3.05
CA THR A 71 -5.15 -11.84 3.92
C THR A 71 -5.38 -13.12 3.14
N PRO A 72 -5.35 -14.25 3.87
CA PRO A 72 -5.54 -15.59 3.28
C PRO A 72 -6.98 -15.80 2.80
N MET A 73 -7.81 -14.78 2.99
CA MET A 73 -9.21 -14.87 2.58
C MET A 73 -9.51 -13.88 1.45
N TYR A 74 -8.74 -12.80 1.41
CA TYR A 74 -8.92 -11.78 0.37
C TYR A 74 -9.05 -12.41 -1.00
N PRO A 75 -9.81 -11.75 -1.89
CA PRO A 75 -10.49 -10.49 -1.56
C PRO A 75 -11.63 -10.70 -0.57
N TYR A 76 -12.03 -11.94 -0.37
CA TYR A 76 -13.11 -12.28 0.55
C TYR A 76 -13.14 -11.30 1.73
N THR A 77 -11.99 -11.16 2.38
CA THR A 77 -11.88 -10.25 3.53
C THR A 77 -11.11 -9.00 3.16
N ALA A 78 -10.89 -8.13 4.15
CA ALA A 78 -10.16 -6.89 3.94
C ALA A 78 -8.76 -6.97 4.52
N PRO A 79 -7.76 -6.59 3.71
CA PRO A 79 -6.35 -6.61 4.13
C PRO A 79 -6.04 -5.54 5.17
N GLU A 80 -4.76 -5.36 5.47
CA GLU A 80 -4.33 -4.37 6.44
C GLU A 80 -3.33 -3.39 5.83
N ILE A 81 -3.43 -2.13 6.22
CA ILE A 81 -2.53 -1.10 5.70
C ILE A 81 -1.96 -0.25 6.84
N GLU A 82 -0.70 0.14 6.70
CA GLU A 82 -0.04 0.96 7.71
C GLU A 82 0.99 1.88 7.08
N PHE A 83 1.09 3.10 7.60
CA PHE A 83 2.03 4.08 7.08
C PHE A 83 3.33 4.06 7.89
N LYS A 84 4.45 4.22 7.19
CA LYS A 84 5.76 4.22 7.84
C LYS A 84 6.53 5.50 7.52
N ASN A 85 7.64 5.70 8.20
CA ASN A 85 8.47 6.89 7.99
C ASN A 85 7.68 8.16 8.29
N VAL A 86 6.80 8.53 7.36
CA VAL A 86 5.97 9.72 7.53
C VAL A 86 6.79 10.87 8.12
N GLN A 87 7.35 11.71 7.25
CA GLN A 87 8.14 12.84 7.69
C GLN A 87 7.29 14.11 7.79
N ASN A 88 7.26 14.89 6.73
CA ASN A 88 6.49 16.12 6.71
C ASN A 88 5.10 15.91 7.29
N VAL A 89 4.44 14.85 6.84
CA VAL A 89 3.10 14.53 7.32
C VAL A 89 3.10 14.27 8.83
N MET A 90 2.05 14.74 9.51
CA MET A 90 1.94 14.56 10.95
C MET A 90 1.16 13.30 11.28
N ASP A 91 -0.11 13.27 10.89
CA ASP A 91 -0.97 12.12 11.15
C ASP A 91 -2.41 12.42 10.74
N SER A 92 -2.79 13.69 10.78
CA SER A 92 -4.14 14.11 10.42
C SER A 92 -4.51 13.60 9.02
N GLN A 93 -3.60 13.79 8.07
CA GLN A 93 -3.83 13.35 6.70
C GLN A 93 -3.77 11.84 6.59
N LEU A 94 -2.87 11.22 7.36
CA LEU A 94 -2.72 9.77 7.36
C LEU A 94 -4.03 9.09 7.73
N GLN A 95 -4.70 9.60 8.75
CA GLN A 95 -5.97 9.05 9.20
C GLN A 95 -7.04 9.17 8.12
N MET A 96 -6.98 10.27 7.36
CA MET A 96 -7.95 10.51 6.30
C MET A 96 -7.88 9.40 5.25
N LEU A 97 -6.67 9.01 4.88
CA LEU A 97 -6.48 7.96 3.88
C LEU A 97 -7.14 6.66 4.33
N LYS A 98 -7.00 6.34 5.60
CA LYS A 98 -7.59 5.13 6.16
C LYS A 98 -9.10 5.08 5.88
N SER A 99 -9.74 6.24 5.94
CA SER A 99 -11.17 6.33 5.69
C SER A 99 -11.50 6.04 4.22
N GLU A 100 -10.67 6.60 3.33
CA GLU A 100 -10.88 6.41 1.90
C GLU A 100 -10.58 4.96 1.50
N PHE A 101 -9.74 4.29 2.28
CA PHE A 101 -9.37 2.91 2.00
C PHE A 101 -10.60 2.01 2.02
N LYS A 102 -11.57 2.36 2.86
CA LYS A 102 -12.80 1.58 2.97
C LYS A 102 -13.59 1.62 1.67
N LYS A 103 -13.69 2.82 1.08
CA LYS A 103 -14.41 2.99 -0.17
C LYS A 103 -13.68 2.32 -1.33
N ILE A 104 -12.35 2.37 -1.28
CA ILE A 104 -11.53 1.75 -2.32
C ILE A 104 -11.73 0.25 -2.37
N HIS A 105 -11.68 -0.39 -1.21
CA HIS A 105 -11.86 -1.84 -1.12
C HIS A 105 -13.26 -2.24 -1.58
N ASN A 106 -14.26 -1.46 -1.17
CA ASN A 106 -15.64 -1.73 -1.54
C ASN A 106 -15.81 -1.75 -3.06
N THR A 107 -15.20 -0.77 -3.73
CA THR A 107 -15.27 -0.66 -5.17
C THR A 107 -14.37 -1.68 -5.85
N SER A 108 -13.29 -2.05 -5.16
CA SER A 108 -12.34 -3.01 -5.70
C SER A 108 -12.34 -4.30 -4.87
N ARG A 109 -13.52 -4.70 -4.42
CA ARG A 109 -13.67 -5.91 -3.61
C ARG A 109 -13.71 -7.15 -4.51
N GLY A 110 -12.54 -7.56 -4.99
CA GLY A 110 -12.47 -8.74 -5.85
C GLY A 110 -11.27 -8.70 -6.77
N GLN A 111 -10.66 -7.53 -6.91
CA GLN A 111 -9.49 -7.36 -7.77
C GLN A 111 -8.36 -6.67 -7.03
N GLU A 112 -7.35 -6.22 -7.78
CA GLU A 112 -6.21 -5.53 -7.19
C GLU A 112 -6.65 -4.26 -6.47
N ILE A 113 -6.17 -4.09 -5.24
CA ILE A 113 -6.51 -2.91 -4.45
C ILE A 113 -5.26 -2.14 -4.05
N ILE A 114 -4.10 -2.71 -4.33
CA ILE A 114 -2.82 -2.07 -4.01
C ILE A 114 -2.62 -0.81 -4.83
N PHE A 115 -2.90 -0.91 -6.13
CA PHE A 115 -2.75 0.23 -7.04
C PHE A 115 -3.76 1.31 -6.72
N GLU A 116 -4.95 0.90 -6.28
CA GLU A 116 -6.01 1.85 -5.94
C GLU A 116 -5.65 2.66 -4.70
N ILE A 117 -5.17 1.98 -3.67
CA ILE A 117 -4.78 2.64 -2.43
C ILE A 117 -3.61 3.58 -2.67
N THR A 118 -2.66 3.16 -3.50
CA THR A 118 -1.48 3.96 -3.80
C THR A 118 -1.86 5.20 -4.61
N SER A 119 -2.73 5.01 -5.60
CA SER A 119 -3.16 6.11 -6.45
C SER A 119 -3.91 7.16 -5.63
N PHE A 120 -4.80 6.70 -4.75
CA PHE A 120 -5.58 7.60 -3.91
C PHE A 120 -4.69 8.30 -2.90
N THR A 121 -3.83 7.54 -2.24
CA THR A 121 -2.92 8.08 -1.24
C THR A 121 -1.96 9.08 -1.86
N GLN A 122 -1.49 8.76 -3.06
CA GLN A 122 -0.55 9.64 -3.76
C GLN A 122 -1.20 10.96 -4.13
N GLU A 123 -2.43 10.88 -4.65
CA GLU A 123 -3.16 12.08 -5.04
C GLU A 123 -3.68 12.82 -3.82
N LYS A 124 -3.96 12.08 -2.75
CA LYS A 124 -4.46 12.67 -1.52
C LYS A 124 -3.34 13.38 -0.76
N LEU A 125 -2.19 12.71 -0.65
CA LEU A 125 -1.05 13.28 0.04
C LEU A 125 -0.46 14.45 -0.73
N ASP A 126 -0.35 14.29 -2.05
CA ASP A 126 0.20 15.34 -2.90
C ASP A 126 -0.64 16.60 -2.82
N GLU A 127 -1.96 16.45 -2.88
CA GLU A 127 -2.87 17.57 -2.81
C GLU A 127 -2.73 18.32 -1.48
N PHE A 128 -2.31 17.59 -0.45
CA PHE A 128 -2.13 18.16 0.87
C PHE A 128 -0.87 19.03 0.92
N GLN A 129 0.24 18.48 0.45
CA GLN A 129 1.51 19.20 0.44
C GLN A 129 1.39 20.48 -0.37
N ASN A 130 0.33 20.59 -1.15
CA ASN A 130 0.10 21.77 -1.98
C ASN A 130 0.03 23.03 -1.13
N VAL A 131 -0.96 23.09 -0.23
CA VAL A 131 -1.13 24.24 0.64
C VAL A 131 -1.25 23.80 2.10
N VAL A 132 -1.75 22.58 2.31
CA VAL A 132 -1.92 22.04 3.65
C VAL A 132 -2.39 23.12 4.62
N ASN A 133 -2.23 22.86 5.91
CA ASN A 133 -2.64 23.80 6.94
C ASN A 133 -1.50 24.75 7.28
N THR A 134 -0.37 24.19 7.71
CA THR A 134 0.80 24.99 8.08
C THR A 134 2.06 24.42 7.46
N GLN A 135 2.95 25.30 7.01
CA GLN A 135 4.21 24.87 6.41
C GLN A 135 5.06 26.08 6.02
N SER A 136 6.36 26.01 6.33
CA SER A 136 7.27 27.09 6.01
C SER A 136 8.72 26.62 6.07
N LEU A 137 9.64 27.48 5.67
CA LEU A 137 11.07 27.16 5.68
C LEU A 137 11.79 27.89 6.79
N GLU A 138 12.75 27.22 7.41
CA GLU A 138 13.53 27.82 8.49
C GLU A 138 12.63 28.60 9.43
N MET A 1 -17.69 -21.16 0.55
CA MET A 1 -17.22 -21.35 1.92
C MET A 1 -16.51 -22.69 2.07
N SER A 2 -17.19 -23.76 1.67
CA SER A 2 -16.62 -25.10 1.76
C SER A 2 -15.15 -25.09 1.36
N LEU A 3 -14.29 -25.52 2.28
CA LEU A 3 -12.86 -25.57 2.03
C LEU A 3 -12.56 -26.29 0.71
N SER A 4 -13.53 -27.05 0.24
CA SER A 4 -13.38 -27.79 -1.02
C SER A 4 -13.42 -26.85 -2.22
N HIS A 5 -12.76 -27.25 -3.30
CA HIS A 5 -12.73 -26.44 -4.52
C HIS A 5 -12.20 -25.04 -4.22
N LEU A 6 -11.88 -24.29 -5.28
CA LEU A 6 -11.36 -22.94 -5.14
C LEU A 6 -10.46 -22.83 -3.92
N THR A 7 -9.19 -23.18 -4.10
CA THR A 7 -8.22 -23.12 -3.01
C THR A 7 -7.58 -21.74 -2.92
N LEU A 8 -7.03 -21.42 -1.76
CA LEU A 8 -6.38 -20.13 -1.54
C LEU A 8 -5.20 -19.95 -2.48
N ASP A 9 -4.66 -21.06 -2.97
CA ASP A 9 -3.52 -21.02 -3.88
C ASP A 9 -3.84 -20.16 -5.09
N GLN A 10 -5.12 -20.09 -5.45
CA GLN A 10 -5.54 -19.29 -6.60
C GLN A 10 -5.35 -17.81 -6.35
N TYR A 11 -5.58 -17.39 -5.11
CA TYR A 11 -5.43 -15.99 -4.72
C TYR A 11 -3.99 -15.54 -4.87
N TYR A 12 -3.06 -16.49 -4.76
CA TYR A 12 -1.64 -16.19 -4.88
C TYR A 12 -1.32 -15.56 -6.24
N GLU A 13 -1.99 -16.04 -7.27
CA GLU A 13 -1.79 -15.52 -8.62
C GLU A 13 -2.11 -14.04 -8.69
N ILE A 14 -3.23 -13.65 -8.10
CA ILE A 14 -3.65 -12.26 -8.09
C ILE A 14 -2.73 -11.40 -7.24
N GLN A 15 -2.32 -11.94 -6.09
CA GLN A 15 -1.42 -11.23 -5.19
C GLN A 15 -0.07 -10.97 -5.85
N CYS A 16 0.49 -12.01 -6.46
CA CYS A 16 1.78 -11.90 -7.12
C CYS A 16 1.73 -10.85 -8.23
N ASN A 17 0.66 -10.85 -9.00
CA ASN A 17 0.49 -9.90 -10.08
C ASN A 17 0.56 -8.47 -9.57
N GLU A 18 0.06 -8.26 -8.36
CA GLU A 18 0.07 -6.93 -7.75
C GLU A 18 1.49 -6.46 -7.47
N LEU A 19 2.35 -7.40 -7.07
CA LEU A 19 3.74 -7.07 -6.77
C LEU A 19 4.47 -6.62 -8.04
N GLU A 20 4.37 -7.43 -9.09
CA GLU A 20 5.03 -7.11 -10.36
C GLU A 20 4.37 -5.90 -11.02
N ALA A 21 3.07 -5.77 -10.83
CA ALA A 21 2.33 -4.65 -11.40
C ALA A 21 2.77 -3.32 -10.79
N ILE A 22 2.81 -3.28 -9.46
CA ILE A 22 3.21 -2.07 -8.76
C ILE A 22 4.72 -1.86 -8.84
N ARG A 23 5.47 -2.96 -8.84
CA ARG A 23 6.92 -2.90 -8.91
C ARG A 23 7.37 -2.04 -10.10
N SER A 24 6.63 -2.14 -11.20
CA SER A 24 6.95 -1.38 -12.40
C SER A 24 6.84 0.12 -12.14
N ILE A 25 5.90 0.50 -11.28
CA ILE A 25 5.70 1.91 -10.95
C ILE A 25 6.67 2.36 -9.87
N TYR A 26 6.85 1.52 -8.86
CA TYR A 26 7.75 1.84 -7.75
C TYR A 26 8.99 0.96 -7.80
N MET A 27 9.58 0.85 -8.99
CA MET A 27 10.78 0.04 -9.17
C MET A 27 11.80 0.32 -8.07
N ASP A 28 12.21 1.58 -7.95
CA ASP A 28 13.18 1.97 -6.94
C ASP A 28 12.48 2.43 -5.67
N ASP A 29 11.15 2.51 -5.72
CA ASP A 29 10.36 2.93 -4.58
C ASP A 29 9.71 1.73 -3.89
N PHE A 30 10.37 0.58 -3.97
CA PHE A 30 9.84 -0.64 -3.37
C PHE A 30 10.79 -1.15 -2.28
N THR A 31 10.22 -1.71 -1.23
CA THR A 31 11.00 -2.24 -0.11
C THR A 31 10.68 -3.70 0.13
N ASP A 32 11.72 -4.52 0.29
CA ASP A 32 11.55 -5.95 0.52
C ASP A 32 11.58 -6.25 2.03
N LEU A 33 10.45 -6.70 2.56
CA LEU A 33 10.35 -7.02 3.98
C LEU A 33 10.13 -8.51 4.18
N THR A 34 9.78 -9.21 3.10
CA THR A 34 9.55 -10.64 3.17
C THR A 34 10.69 -11.37 3.87
N LYS A 35 10.59 -12.68 3.97
CA LYS A 35 11.63 -13.49 4.62
C LYS A 35 12.82 -13.69 3.70
N ARG A 36 12.85 -12.94 2.59
CA ARG A 36 13.93 -13.04 1.63
C ARG A 36 15.28 -13.01 2.34
N LYS A 37 15.54 -11.94 3.07
CA LYS A 37 16.79 -11.79 3.81
C LYS A 37 16.81 -12.67 5.05
N SER A 38 18.01 -13.08 5.46
CA SER A 38 18.16 -13.93 6.64
C SER A 38 17.40 -15.24 6.46
N SER A 39 17.55 -16.14 7.43
CA SER A 39 16.88 -17.44 7.38
C SER A 39 16.35 -17.82 8.76
N TRP A 40 15.19 -18.46 8.78
CA TRP A 40 14.58 -18.89 10.03
C TRP A 40 13.19 -19.47 9.79
N ASP A 41 12.44 -18.85 8.88
CA ASP A 41 11.09 -19.31 8.55
C ASP A 41 10.85 -19.24 7.06
N LYS A 42 10.12 -20.22 6.54
CA LYS A 42 9.80 -20.26 5.10
C LYS A 42 8.30 -20.25 4.88
N GLN A 43 7.68 -19.10 5.11
CA GLN A 43 6.24 -18.95 4.93
C GLN A 43 5.88 -17.51 4.59
N PRO A 44 6.31 -17.06 3.40
CA PRO A 44 6.04 -15.70 2.94
C PRO A 44 4.57 -15.48 2.58
N GLN A 45 4.11 -14.24 2.73
CA GLN A 45 2.72 -13.90 2.42
C GLN A 45 2.63 -13.00 1.20
N ILE A 46 3.79 -12.62 0.67
CA ILE A 46 3.84 -11.76 -0.51
C ILE A 46 3.72 -10.29 -0.12
N ILE A 47 3.73 -10.03 1.18
CA ILE A 47 3.63 -8.66 1.68
C ILE A 47 4.84 -7.83 1.27
N PHE A 48 4.60 -6.58 0.94
CA PHE A 48 5.66 -5.68 0.51
C PHE A 48 5.37 -4.24 0.95
N GLU A 49 6.43 -3.47 1.19
CA GLU A 49 6.29 -2.08 1.61
C GLU A 49 6.69 -1.13 0.49
N ILE A 50 6.18 0.09 0.54
CA ILE A 50 6.49 1.10 -0.46
C ILE A 50 6.80 2.45 0.18
N THR A 51 7.76 3.17 -0.37
CA THR A 51 8.14 4.47 0.15
C THR A 51 7.33 5.58 -0.51
N LEU A 52 6.70 6.41 0.31
CA LEU A 52 5.88 7.51 -0.18
C LEU A 52 6.25 8.82 0.51
N ARG A 53 5.86 9.93 -0.10
CA ARG A 53 6.15 11.25 0.47
C ARG A 53 5.57 12.36 -0.41
N SER A 54 5.67 13.59 0.07
CA SER A 54 5.15 14.74 -0.68
C SER A 54 5.93 14.93 -1.98
N VAL A 55 5.38 15.76 -2.86
CA VAL A 55 6.02 16.04 -4.14
C VAL A 55 7.18 17.01 -3.98
N ASP A 56 7.09 17.88 -2.97
CA ASP A 56 8.13 18.86 -2.71
C ASP A 56 8.74 18.65 -1.33
N LYS A 57 9.52 19.63 -0.88
CA LYS A 57 10.17 19.55 0.43
C LYS A 57 9.69 20.68 1.33
N GLU A 58 9.09 21.71 0.73
CA GLU A 58 8.59 22.84 1.50
C GLU A 58 7.08 22.97 1.33
N PRO A 59 6.40 23.37 2.43
CA PRO A 59 7.06 23.68 3.69
C PRO A 59 7.61 22.42 4.38
N VAL A 60 7.22 21.26 3.86
CA VAL A 60 7.67 19.99 4.41
C VAL A 60 7.76 18.92 3.33
N GLU A 61 8.31 17.76 3.69
CA GLU A 61 8.46 16.66 2.75
C GLU A 61 7.50 15.52 3.09
N SER A 62 6.98 15.54 4.32
CA SER A 62 6.05 14.51 4.77
C SER A 62 6.41 13.15 4.17
N SER A 63 7.29 12.42 4.85
CA SER A 63 7.71 11.11 4.38
C SER A 63 7.07 10.00 5.21
N ILE A 64 6.37 9.10 4.53
CA ILE A 64 5.71 7.98 5.20
C ILE A 64 5.81 6.71 4.38
N THR A 65 6.09 5.60 5.07
CA THR A 65 6.22 4.30 4.39
C THR A 65 4.92 3.51 4.49
N LEU A 66 4.29 3.27 3.34
CA LEU A 66 3.04 2.51 3.29
C LEU A 66 3.32 1.03 3.08
N HIS A 67 3.02 0.23 4.10
CA HIS A 67 3.23 -1.21 4.04
C HIS A 67 1.90 -1.94 3.94
N PHE A 68 1.65 -2.56 2.78
CA PHE A 68 0.42 -3.30 2.55
C PHE A 68 0.66 -4.81 2.67
N ALA A 69 -0.31 -5.50 3.26
CA ALA A 69 -0.20 -6.95 3.42
C ALA A 69 -1.39 -7.66 2.78
N MET A 70 -1.09 -8.65 1.94
CA MET A 70 -2.13 -9.41 1.26
C MET A 70 -2.47 -10.68 2.03
N THR A 71 -3.67 -10.71 2.61
CA THR A 71 -4.11 -11.86 3.39
C THR A 71 -4.21 -13.10 2.50
N PRO A 72 -4.16 -14.28 3.14
CA PRO A 72 -4.24 -15.56 2.44
C PRO A 72 -5.64 -15.82 1.86
N MET A 73 -6.52 -14.86 2.03
CA MET A 73 -7.89 -14.98 1.52
C MET A 73 -8.20 -13.87 0.53
N TYR A 74 -7.50 -12.76 0.66
CA TYR A 74 -7.70 -11.61 -0.23
C TYR A 74 -7.73 -12.06 -1.69
N PRO A 75 -8.50 -11.35 -2.51
CA PRO A 75 -9.29 -10.19 -2.06
C PRO A 75 -10.46 -10.61 -1.16
N TYR A 76 -10.77 -11.89 -1.16
CA TYR A 76 -11.87 -12.42 -0.35
C TYR A 76 -11.98 -11.64 0.95
N THR A 77 -10.86 -11.40 1.60
CA THR A 77 -10.83 -10.66 2.86
C THR A 77 -10.20 -9.29 2.69
N ALA A 78 -10.17 -8.52 3.77
CA ALA A 78 -9.58 -7.19 3.75
C ALA A 78 -8.12 -7.22 4.20
N PRO A 79 -7.24 -6.55 3.44
CA PRO A 79 -5.81 -6.49 3.74
C PRO A 79 -5.52 -5.64 4.99
N GLU A 80 -4.26 -5.26 5.14
CA GLU A 80 -3.86 -4.46 6.29
C GLU A 80 -2.70 -3.53 5.91
N ILE A 81 -2.79 -2.28 6.37
CA ILE A 81 -1.76 -1.30 6.09
C ILE A 81 -1.53 -0.37 7.28
N GLU A 82 -0.31 0.14 7.42
CA GLU A 82 0.03 1.03 8.52
C GLU A 82 1.09 2.04 8.09
N PHE A 83 1.02 3.24 8.65
CA PHE A 83 1.98 4.29 8.33
C PHE A 83 3.21 4.21 9.23
N LYS A 84 4.38 4.45 8.64
CA LYS A 84 5.64 4.40 9.38
C LYS A 84 6.41 5.71 9.23
N ASN A 85 7.52 5.82 9.95
CA ASN A 85 8.35 7.01 9.90
C ASN A 85 7.58 8.24 10.36
N VAL A 86 6.66 8.73 9.53
CA VAL A 86 5.86 9.89 9.85
C VAL A 86 6.69 10.96 10.54
N GLN A 87 7.27 11.86 9.74
CA GLN A 87 8.09 12.94 10.28
C GLN A 87 7.33 14.26 10.28
N ASN A 88 7.04 14.77 9.09
CA ASN A 88 6.31 16.03 8.96
C ASN A 88 4.80 15.80 8.95
N VAL A 89 4.31 15.12 9.98
CA VAL A 89 2.89 14.82 10.09
C VAL A 89 2.48 14.59 11.53
N MET A 90 1.32 15.13 11.91
CA MET A 90 0.82 14.98 13.27
C MET A 90 0.08 13.66 13.44
N ASP A 91 -1.11 13.58 12.82
CA ASP A 91 -1.92 12.37 12.91
C ASP A 91 -3.25 12.56 12.18
N SER A 92 -3.72 13.81 12.15
CA SER A 92 -4.99 14.13 11.49
C SER A 92 -5.00 13.61 10.06
N GLN A 93 -3.89 13.83 9.35
CA GLN A 93 -3.78 13.40 7.97
C GLN A 93 -3.67 11.88 7.88
N LEU A 94 -2.95 11.29 8.82
CA LEU A 94 -2.78 9.84 8.85
C LEU A 94 -4.13 9.12 8.96
N GLN A 95 -4.95 9.57 9.90
CA GLN A 95 -6.26 8.98 10.10
C GLN A 95 -7.15 9.16 8.87
N MET A 96 -6.98 10.30 8.20
CA MET A 96 -7.75 10.60 7.00
C MET A 96 -7.49 9.56 5.91
N LEU A 97 -6.25 9.12 5.81
CA LEU A 97 -5.87 8.12 4.81
C LEU A 97 -6.56 6.79 5.07
N LYS A 98 -6.59 6.39 6.34
CA LYS A 98 -7.22 5.14 6.73
C LYS A 98 -8.70 5.12 6.33
N SER A 99 -9.34 6.28 6.44
CA SER A 99 -10.76 6.39 6.09
C SER A 99 -10.97 6.12 4.60
N GLU A 100 -10.12 6.72 3.77
CA GLU A 100 -10.21 6.54 2.32
C GLU A 100 -9.84 5.12 1.92
N PHE A 101 -9.03 4.47 2.75
CA PHE A 101 -8.60 3.10 2.48
C PHE A 101 -9.79 2.16 2.39
N LYS A 102 -10.82 2.43 3.20
CA LYS A 102 -12.02 1.60 3.22
C LYS A 102 -12.84 1.81 1.94
N LYS A 103 -12.89 3.05 1.48
CA LYS A 103 -13.63 3.38 0.26
C LYS A 103 -12.93 2.81 -0.98
N ILE A 104 -11.61 2.95 -1.01
CA ILE A 104 -10.82 2.46 -2.14
C ILE A 104 -10.95 0.93 -2.27
N HIS A 105 -10.80 0.23 -1.15
CA HIS A 105 -10.91 -1.21 -1.13
C HIS A 105 -12.31 -1.67 -1.55
N ASN A 106 -13.32 -0.97 -1.04
CA ASN A 106 -14.70 -1.31 -1.36
C ASN A 106 -14.96 -1.21 -2.86
N THR A 107 -14.44 -0.15 -3.47
CA THR A 107 -14.61 0.07 -4.90
C THR A 107 -13.68 -0.84 -5.71
N SER A 108 -12.55 -1.19 -5.11
CA SER A 108 -11.58 -2.06 -5.77
C SER A 108 -11.46 -3.40 -5.05
N ARG A 109 -12.58 -3.89 -4.54
CA ARG A 109 -12.60 -5.17 -3.83
C ARG A 109 -12.57 -6.34 -4.81
N GLY A 110 -11.41 -6.60 -5.39
CA GLY A 110 -11.27 -7.69 -6.34
C GLY A 110 -10.02 -7.56 -7.19
N GLN A 111 -9.57 -6.33 -7.39
CA GLN A 111 -8.38 -6.07 -8.20
C GLN A 111 -7.31 -5.38 -7.38
N GLU A 112 -6.28 -4.87 -8.06
CA GLU A 112 -5.18 -4.18 -7.39
C GLU A 112 -5.71 -3.05 -6.52
N ILE A 113 -5.18 -2.96 -5.30
CA ILE A 113 -5.59 -1.91 -4.37
C ILE A 113 -4.40 -1.13 -3.86
N ILE A 114 -3.22 -1.76 -3.86
CA ILE A 114 -2.01 -1.12 -3.40
C ILE A 114 -1.73 0.16 -4.18
N PHE A 115 -1.89 0.09 -5.50
CA PHE A 115 -1.66 1.25 -6.35
C PHE A 115 -2.65 2.36 -6.04
N GLU A 116 -3.88 1.98 -5.70
CA GLU A 116 -4.93 2.94 -5.39
C GLU A 116 -4.62 3.67 -4.09
N ILE A 117 -4.20 2.92 -3.07
CA ILE A 117 -3.87 3.50 -1.78
C ILE A 117 -2.64 4.41 -1.88
N THR A 118 -1.65 3.99 -2.65
CA THR A 118 -0.43 4.76 -2.83
C THR A 118 -0.71 6.04 -3.61
N SER A 119 -1.50 5.93 -4.67
CA SER A 119 -1.84 7.07 -5.50
C SER A 119 -2.73 8.05 -4.73
N PHE A 120 -3.67 7.50 -3.96
CA PHE A 120 -4.58 8.32 -3.18
C PHE A 120 -3.85 9.05 -2.05
N THR A 121 -3.04 8.29 -1.31
CA THR A 121 -2.27 8.86 -0.20
C THR A 121 -1.27 9.90 -0.69
N GLN A 122 -0.64 9.61 -1.82
CA GLN A 122 0.35 10.52 -2.40
C GLN A 122 -0.31 11.82 -2.82
N GLU A 123 -1.40 11.73 -3.58
CA GLU A 123 -2.11 12.91 -4.05
C GLU A 123 -2.74 13.66 -2.89
N LYS A 124 -3.35 12.92 -1.97
CA LYS A 124 -4.00 13.52 -0.81
C LYS A 124 -2.96 14.11 0.15
N LEU A 125 -1.78 13.49 0.19
CA LEU A 125 -0.70 13.96 1.05
C LEU A 125 -0.11 15.27 0.53
N ASP A 126 0.10 15.34 -0.78
CA ASP A 126 0.66 16.53 -1.40
C ASP A 126 -0.34 17.69 -1.35
N GLU A 127 -1.59 17.39 -1.71
CA GLU A 127 -2.64 18.42 -1.70
C GLU A 127 -2.84 18.99 -0.30
N PHE A 128 -2.53 18.18 0.70
CA PHE A 128 -2.67 18.61 2.09
C PHE A 128 -1.50 19.49 2.52
N GLN A 129 -0.29 18.99 2.30
CA GLN A 129 0.91 19.74 2.65
C GLN A 129 0.91 21.13 2.01
N ASN A 130 0.40 21.21 0.80
CA ASN A 130 0.33 22.48 0.08
C ASN A 130 -0.86 23.31 0.56
N VAL A 131 -2.05 22.95 0.10
CA VAL A 131 -3.26 23.67 0.48
C VAL A 131 -4.49 23.06 -0.20
N VAL A 132 -4.33 22.69 -1.47
CA VAL A 132 -5.43 22.10 -2.23
C VAL A 132 -4.99 21.74 -3.64
N ASN A 133 -3.79 21.18 -3.76
CA ASN A 133 -3.24 20.80 -5.05
C ASN A 133 -3.27 19.28 -5.24
N THR A 134 -4.29 18.79 -5.92
CA THR A 134 -4.44 17.36 -6.16
C THR A 134 -3.92 16.98 -7.55
N GLN A 135 -2.68 16.51 -7.61
CA GLN A 135 -2.07 16.11 -8.86
C GLN A 135 -1.36 14.76 -8.73
N SER A 136 -0.98 14.18 -9.86
CA SER A 136 -0.30 12.89 -9.86
C SER A 136 1.06 13.00 -10.54
N LEU A 137 2.13 12.79 -9.76
CA LEU A 137 3.49 12.87 -10.27
C LEU A 137 4.02 11.47 -10.60
N GLU A 138 5.21 11.43 -11.21
CA GLU A 138 5.82 10.16 -11.57
C GLU A 138 5.60 9.12 -10.49
N MET A 1 -2.24 -22.68 0.93
CA MET A 1 -2.35 -24.08 0.54
C MET A 1 -3.46 -24.27 -0.49
N SER A 2 -3.18 -25.07 -1.51
CA SER A 2 -4.15 -25.33 -2.57
C SER A 2 -4.78 -26.70 -2.41
N LEU A 3 -5.99 -26.87 -2.94
CA LEU A 3 -6.71 -28.13 -2.85
C LEU A 3 -7.24 -28.55 -4.21
N SER A 4 -8.12 -27.73 -4.78
CA SER A 4 -8.71 -28.03 -6.09
C SER A 4 -9.77 -26.99 -6.44
N HIS A 5 -9.35 -25.91 -7.09
CA HIS A 5 -10.27 -24.85 -7.49
C HIS A 5 -11.04 -24.32 -6.29
N LEU A 6 -11.65 -23.15 -6.46
CA LEU A 6 -12.42 -22.53 -5.39
C LEU A 6 -11.68 -22.65 -4.05
N THR A 7 -10.79 -21.70 -3.77
CA THR A 7 -10.03 -21.70 -2.53
C THR A 7 -9.10 -20.49 -2.46
N LEU A 8 -8.49 -20.31 -1.30
CA LEU A 8 -7.57 -19.18 -1.09
C LEU A 8 -6.50 -19.15 -2.19
N ASP A 9 -6.19 -20.31 -2.73
CA ASP A 9 -5.19 -20.42 -3.79
C ASP A 9 -5.50 -19.46 -4.93
N GLN A 10 -6.78 -19.17 -5.12
CA GLN A 10 -7.21 -18.27 -6.18
C GLN A 10 -6.75 -16.84 -5.91
N TYR A 11 -6.80 -16.44 -4.64
CA TYR A 11 -6.40 -15.10 -4.24
C TYR A 11 -4.88 -14.93 -4.36
N TYR A 12 -4.17 -16.05 -4.33
CA TYR A 12 -2.72 -16.03 -4.43
C TYR A 12 -2.27 -15.34 -5.71
N GLU A 13 -2.97 -15.60 -6.81
CA GLU A 13 -2.65 -14.99 -8.10
C GLU A 13 -2.89 -13.48 -8.07
N ILE A 14 -3.98 -13.08 -7.42
CA ILE A 14 -4.33 -11.67 -7.32
C ILE A 14 -3.33 -10.92 -6.44
N GLN A 15 -2.90 -11.56 -5.36
CA GLN A 15 -1.94 -10.96 -4.43
C GLN A 15 -0.59 -10.73 -5.12
N CYS A 16 -0.11 -11.76 -5.81
CA CYS A 16 1.16 -11.67 -6.50
C CYS A 16 1.10 -10.63 -7.63
N ASN A 17 -0.05 -10.57 -8.30
CA ASN A 17 -0.24 -9.62 -9.39
C ASN A 17 -0.01 -8.19 -8.92
N GLU A 18 -0.36 -7.91 -7.67
CA GLU A 18 -0.20 -6.59 -7.10
C GLU A 18 1.28 -6.23 -6.97
N LEU A 19 2.09 -7.22 -6.61
CA LEU A 19 3.53 -7.01 -6.46
C LEU A 19 4.18 -6.68 -7.79
N GLU A 20 3.91 -7.51 -8.80
CA GLU A 20 4.47 -7.30 -10.13
C GLU A 20 3.88 -6.06 -10.79
N ALA A 21 2.59 -5.82 -10.52
CA ALA A 21 1.90 -4.66 -11.08
C ALA A 21 2.46 -3.36 -10.52
N ILE A 22 2.56 -3.29 -9.20
CA ILE A 22 3.09 -2.10 -8.54
C ILE A 22 4.60 -1.99 -8.71
N ARG A 23 5.26 -3.14 -8.72
CA ARG A 23 6.71 -3.18 -8.89
C ARG A 23 7.15 -2.37 -10.11
N SER A 24 6.33 -2.41 -11.16
CA SER A 24 6.64 -1.68 -12.38
C SER A 24 6.59 -0.17 -12.15
N ILE A 25 5.67 0.25 -11.29
CA ILE A 25 5.51 1.67 -10.98
C ILE A 25 6.59 2.14 -10.01
N TYR A 26 6.82 1.35 -8.96
CA TYR A 26 7.82 1.69 -7.96
C TYR A 26 9.03 0.75 -8.05
N MET A 27 9.46 0.48 -9.28
CA MET A 27 10.61 -0.40 -9.50
C MET A 27 11.71 -0.14 -8.48
N ASP A 28 12.14 1.10 -8.38
CA ASP A 28 13.20 1.48 -7.44
C ASP A 28 12.59 1.83 -6.08
N ASP A 29 11.34 2.26 -6.08
CA ASP A 29 10.65 2.63 -4.85
C ASP A 29 9.88 1.43 -4.29
N PHE A 30 10.40 0.23 -4.52
CA PHE A 30 9.77 -0.98 -4.03
C PHE A 30 10.65 -1.69 -3.01
N THR A 31 10.07 -2.05 -1.87
CA THR A 31 10.80 -2.73 -0.81
C THR A 31 10.23 -4.12 -0.56
N ASP A 32 11.09 -5.13 -0.60
CA ASP A 32 10.67 -6.51 -0.38
C ASP A 32 11.04 -6.95 1.03
N LEU A 33 10.02 -7.23 1.84
CA LEU A 33 10.23 -7.66 3.22
C LEU A 33 9.62 -9.04 3.45
N THR A 34 9.14 -9.66 2.37
CA THR A 34 8.56 -10.99 2.46
C THR A 34 9.58 -12.03 2.89
N LYS A 35 9.12 -13.25 3.10
CA LYS A 35 10.00 -14.34 3.52
C LYS A 35 10.85 -14.83 2.35
N ARG A 36 11.61 -13.91 1.76
CA ARG A 36 12.46 -14.26 0.63
C ARG A 36 13.92 -14.39 1.08
N LYS A 37 14.63 -15.36 0.49
CA LYS A 37 16.03 -15.58 0.82
C LYS A 37 16.23 -15.61 2.35
N SER A 38 15.26 -16.16 3.05
CA SER A 38 15.32 -16.24 4.51
C SER A 38 13.93 -16.47 5.11
N SER A 39 13.29 -17.55 4.68
CA SER A 39 11.95 -17.88 5.17
C SER A 39 12.03 -18.60 6.51
N TRP A 40 10.95 -18.53 7.28
CA TRP A 40 10.89 -19.18 8.59
C TRP A 40 10.08 -20.47 8.52
N ASP A 41 9.20 -20.56 7.53
CA ASP A 41 8.36 -21.74 7.35
C ASP A 41 7.71 -21.75 5.97
N LYS A 42 8.54 -21.64 4.94
CA LYS A 42 8.05 -21.64 3.56
C LYS A 42 6.58 -21.25 3.51
N GLN A 43 6.29 -19.98 3.82
CA GLN A 43 4.93 -19.48 3.81
C GLN A 43 4.91 -17.96 3.69
N PRO A 44 5.44 -17.45 2.57
CA PRO A 44 5.49 -16.01 2.30
C PRO A 44 4.11 -15.42 2.03
N GLN A 45 3.64 -14.58 2.94
CA GLN A 45 2.33 -13.96 2.79
C GLN A 45 2.34 -12.97 1.64
N ILE A 46 3.49 -12.79 1.02
CA ILE A 46 3.63 -11.87 -0.10
C ILE A 46 3.81 -10.43 0.39
N ILE A 47 3.24 -10.13 1.55
CA ILE A 47 3.33 -8.79 2.13
C ILE A 47 4.65 -8.13 1.76
N PHE A 48 4.61 -6.81 1.60
CA PHE A 48 5.81 -6.05 1.24
C PHE A 48 5.65 -4.59 1.63
N GLU A 49 6.78 -3.85 1.61
CA GLU A 49 6.76 -2.44 1.96
C GLU A 49 6.99 -1.58 0.72
N ILE A 50 6.62 -0.31 0.83
CA ILE A 50 6.79 0.63 -0.28
C ILE A 50 7.18 2.01 0.22
N THR A 51 8.12 2.65 -0.48
CA THR A 51 8.59 3.97 -0.12
C THR A 51 7.79 5.05 -0.81
N LEU A 52 7.28 6.02 -0.04
CA LEU A 52 6.50 7.11 -0.59
C LEU A 52 7.01 8.46 -0.08
N ARG A 53 6.57 9.53 -0.73
CA ARG A 53 6.98 10.88 -0.34
C ARG A 53 6.28 11.92 -1.20
N SER A 54 6.44 13.19 -0.83
CA SER A 54 5.81 14.29 -1.56
C SER A 54 6.35 14.36 -2.98
N VAL A 55 5.91 15.39 -3.72
CA VAL A 55 6.35 15.58 -5.10
C VAL A 55 7.58 16.47 -5.16
N ASP A 56 7.76 17.29 -4.13
CA ASP A 56 8.91 18.19 -4.07
C ASP A 56 9.80 17.87 -2.87
N LYS A 57 10.79 18.72 -2.63
CA LYS A 57 11.71 18.53 -1.51
C LYS A 57 11.63 19.71 -0.53
N GLU A 58 10.83 20.71 -0.89
CA GLU A 58 10.68 21.89 -0.05
C GLU A 58 9.21 22.30 0.04
N PRO A 59 8.83 22.91 1.17
CA PRO A 59 9.76 23.17 2.28
C PRO A 59 10.19 21.89 2.99
N VAL A 60 9.65 20.76 2.54
CA VAL A 60 9.98 19.47 3.13
C VAL A 60 10.00 18.37 2.07
N GLU A 61 10.51 17.21 2.46
CA GLU A 61 10.59 16.08 1.54
C GLU A 61 9.45 15.08 1.79
N SER A 62 8.99 15.03 3.04
CA SER A 62 7.90 14.13 3.41
C SER A 62 8.20 12.71 2.94
N SER A 63 8.62 11.86 3.87
CA SER A 63 8.93 10.47 3.55
C SER A 63 8.22 9.51 4.50
N ILE A 64 7.43 8.61 3.94
CA ILE A 64 6.69 7.64 4.75
C ILE A 64 6.61 6.29 4.03
N THR A 65 6.92 5.22 4.76
CA THR A 65 6.87 3.87 4.22
C THR A 65 5.53 3.21 4.46
N LEU A 66 4.83 2.87 3.38
CA LEU A 66 3.53 2.23 3.48
C LEU A 66 3.65 0.71 3.35
N HIS A 67 3.42 0.01 4.45
CA HIS A 67 3.51 -1.45 4.47
C HIS A 67 2.11 -2.06 4.43
N PHE A 68 1.77 -2.68 3.29
CA PHE A 68 0.47 -3.32 3.14
C PHE A 68 0.59 -4.83 3.24
N ALA A 69 -0.38 -5.45 3.91
CA ALA A 69 -0.39 -6.90 4.08
C ALA A 69 -1.65 -7.51 3.49
N MET A 70 -1.48 -8.41 2.53
CA MET A 70 -2.61 -9.07 1.88
C MET A 70 -3.05 -10.30 2.68
N THR A 71 -3.97 -10.09 3.62
CA THR A 71 -4.48 -11.17 4.45
C THR A 71 -4.70 -12.44 3.63
N PRO A 72 -4.76 -13.58 4.31
CA PRO A 72 -4.97 -14.89 3.67
C PRO A 72 -6.38 -15.03 3.11
N MET A 73 -7.17 -13.97 3.22
CA MET A 73 -8.54 -13.99 2.71
C MET A 73 -8.75 -12.89 1.68
N TYR A 74 -7.94 -11.83 1.78
CA TYR A 74 -8.04 -10.70 0.85
C TYR A 74 -8.13 -11.20 -0.59
N PRO A 75 -8.83 -10.42 -1.44
CA PRO A 75 -9.46 -9.17 -1.02
C PRO A 75 -10.67 -9.41 -0.10
N TYR A 76 -11.09 -10.66 0.00
CA TYR A 76 -12.22 -11.02 0.84
C TYR A 76 -12.28 -10.13 2.08
N THR A 77 -11.14 -9.95 2.72
CA THR A 77 -11.06 -9.12 3.92
C THR A 77 -10.20 -7.88 3.68
N ALA A 78 -9.97 -7.11 4.73
CA ALA A 78 -9.18 -5.89 4.65
C ALA A 78 -7.76 -6.13 5.14
N PRO A 79 -6.77 -5.68 4.36
CA PRO A 79 -5.35 -5.82 4.70
C PRO A 79 -4.95 -4.96 5.89
N GLU A 80 -3.64 -4.78 6.06
CA GLU A 80 -3.12 -3.98 7.17
C GLU A 80 -2.08 -2.98 6.67
N ILE A 81 -2.26 -1.72 7.03
CA ILE A 81 -1.33 -0.66 6.62
C ILE A 81 -0.71 0.01 7.84
N GLU A 82 0.55 0.42 7.70
CA GLU A 82 1.26 1.09 8.79
C GLU A 82 2.28 2.08 8.24
N PHE A 83 2.34 3.26 8.83
CA PHE A 83 3.28 4.30 8.40
C PHE A 83 4.57 4.23 9.20
N LYS A 84 5.69 4.40 8.51
CA LYS A 84 6.99 4.36 9.16
C LYS A 84 7.79 5.64 8.88
N ASN A 85 8.93 5.78 9.54
CA ASN A 85 9.77 6.97 9.36
C ASN A 85 9.02 8.23 9.76
N VAL A 86 8.10 8.66 8.90
CA VAL A 86 7.31 9.86 9.16
C VAL A 86 8.19 10.97 9.73
N GLN A 87 8.84 11.72 8.84
CA GLN A 87 9.70 12.82 9.27
C GLN A 87 8.94 14.14 9.28
N ASN A 88 8.77 14.74 8.12
CA ASN A 88 8.05 16.00 8.00
C ASN A 88 6.67 15.90 8.63
N VAL A 89 5.97 14.81 8.35
CA VAL A 89 4.64 14.59 8.90
C VAL A 89 4.67 14.52 10.43
N MET A 90 3.56 14.90 11.05
CA MET A 90 3.47 14.89 12.51
C MET A 90 2.67 13.68 12.98
N ASP A 91 1.36 13.70 12.73
CA ASP A 91 0.48 12.60 13.13
C ASP A 91 -0.92 12.80 12.56
N SER A 92 -1.37 14.05 12.50
CA SER A 92 -2.69 14.36 11.99
C SER A 92 -2.87 13.79 10.59
N GLN A 93 -1.84 13.90 9.76
CA GLN A 93 -1.88 13.40 8.39
C GLN A 93 -1.92 11.87 8.38
N LEU A 94 -1.11 11.26 9.24
CA LEU A 94 -1.05 9.80 9.32
C LEU A 94 -2.41 9.22 9.68
N GLN A 95 -3.04 9.78 10.71
CA GLN A 95 -4.35 9.31 11.15
C GLN A 95 -5.41 9.59 10.07
N MET A 96 -5.27 10.72 9.39
CA MET A 96 -6.21 11.10 8.34
C MET A 96 -6.23 10.07 7.23
N LEU A 97 -5.06 9.53 6.90
CA LEU A 97 -4.94 8.53 5.85
C LEU A 97 -5.75 7.29 6.18
N LYS A 98 -5.62 6.82 7.40
CA LYS A 98 -6.36 5.63 7.86
C LYS A 98 -7.85 5.82 7.67
N SER A 99 -8.33 7.05 7.85
CA SER A 99 -9.74 7.35 7.69
C SER A 99 -10.17 7.24 6.23
N GLU A 100 -9.36 7.80 5.33
CA GLU A 100 -9.66 7.76 3.91
C GLU A 100 -9.37 6.37 3.34
N PHE A 101 -8.50 5.63 4.00
CA PHE A 101 -8.13 4.29 3.57
C PHE A 101 -9.36 3.39 3.50
N LYS A 102 -10.30 3.60 4.41
CA LYS A 102 -11.52 2.81 4.47
C LYS A 102 -12.35 3.01 3.20
N LYS A 103 -12.45 4.26 2.75
CA LYS A 103 -13.21 4.59 1.55
C LYS A 103 -12.56 3.96 0.32
N ILE A 104 -11.24 3.94 0.29
CA ILE A 104 -10.51 3.37 -0.83
C ILE A 104 -10.76 1.86 -0.94
N HIS A 105 -10.64 1.17 0.18
CA HIS A 105 -10.86 -0.27 0.23
C HIS A 105 -12.29 -0.62 -0.16
N ASN A 106 -13.24 0.17 0.34
CA ASN A 106 -14.65 -0.05 0.05
C ASN A 106 -14.92 0.04 -1.45
N THR A 107 -14.33 1.05 -2.08
CA THR A 107 -14.51 1.27 -3.52
C THR A 107 -13.63 0.31 -4.33
N SER A 108 -12.50 -0.08 -3.74
CA SER A 108 -11.57 -0.98 -4.41
C SER A 108 -11.48 -2.31 -3.66
N ARG A 109 -12.62 -2.80 -3.20
CA ARG A 109 -12.68 -4.07 -2.47
C ARG A 109 -12.77 -5.24 -3.44
N GLY A 110 -11.62 -5.77 -3.84
CA GLY A 110 -11.59 -6.89 -4.75
C GLY A 110 -11.06 -6.51 -6.13
N GLN A 111 -9.97 -5.76 -6.15
CA GLN A 111 -9.36 -5.33 -7.40
C GLN A 111 -8.05 -4.61 -7.15
N GLU A 112 -7.38 -4.96 -6.05
CA GLU A 112 -6.11 -4.35 -5.70
C GLU A 112 -6.33 -2.97 -5.08
N ILE A 113 -5.61 -2.70 -4.00
CA ILE A 113 -5.71 -1.42 -3.30
C ILE A 113 -4.34 -0.83 -2.98
N ILE A 114 -3.30 -1.57 -3.37
CA ILE A 114 -1.93 -1.12 -3.13
C ILE A 114 -1.63 0.18 -3.88
N PHE A 115 -2.03 0.22 -5.15
CA PHE A 115 -1.81 1.40 -5.97
C PHE A 115 -2.74 2.54 -5.56
N GLU A 116 -3.95 2.19 -5.14
CA GLU A 116 -4.93 3.18 -4.72
C GLU A 116 -4.49 3.86 -3.42
N ILE A 117 -4.07 3.06 -2.45
CA ILE A 117 -3.62 3.58 -1.16
C ILE A 117 -2.38 4.45 -1.33
N THR A 118 -1.46 4.00 -2.18
CA THR A 118 -0.23 4.72 -2.43
C THR A 118 -0.50 6.04 -3.15
N SER A 119 -1.39 6.00 -4.14
CA SER A 119 -1.73 7.18 -4.91
C SER A 119 -2.50 8.19 -4.05
N PHE A 120 -3.45 7.68 -3.28
CA PHE A 120 -4.26 8.54 -2.41
C PHE A 120 -3.37 9.26 -1.39
N THR A 121 -2.53 8.49 -0.71
CA THR A 121 -1.63 9.05 0.30
C THR A 121 -0.60 9.99 -0.34
N GLN A 122 -0.09 9.59 -1.49
CA GLN A 122 0.90 10.39 -2.20
C GLN A 122 0.30 11.73 -2.65
N GLU A 123 -0.96 11.69 -3.09
CA GLU A 123 -1.65 12.90 -3.54
C GLU A 123 -2.11 13.73 -2.36
N LYS A 124 -2.61 13.07 -1.32
CA LYS A 124 -3.09 13.75 -0.13
C LYS A 124 -1.92 14.38 0.64
N LEU A 125 -0.82 13.65 0.73
CA LEU A 125 0.36 14.14 1.43
C LEU A 125 0.99 15.33 0.69
N ASP A 126 1.00 15.23 -0.64
CA ASP A 126 1.58 16.29 -1.47
C ASP A 126 0.82 17.61 -1.27
N GLU A 127 -0.51 17.54 -1.27
CA GLU A 127 -1.33 18.72 -1.08
C GLU A 127 -1.22 19.24 0.35
N PHE A 128 -1.01 18.34 1.29
CA PHE A 128 -0.87 18.70 2.69
C PHE A 128 0.42 19.48 2.94
N GLN A 129 1.51 19.00 2.36
CA GLN A 129 2.80 19.64 2.51
C GLN A 129 2.75 21.09 2.03
N ASN A 130 2.13 21.30 0.87
CA ASN A 130 2.02 22.64 0.30
C ASN A 130 0.96 23.45 1.03
N VAL A 131 -0.30 23.22 0.69
CA VAL A 131 -1.41 23.92 1.31
C VAL A 131 -2.75 23.43 0.79
N VAL A 132 -2.95 23.52 -0.52
CA VAL A 132 -4.19 23.07 -1.14
C VAL A 132 -3.92 22.46 -2.51
N ASN A 133 -4.73 21.46 -2.86
CA ASN A 133 -4.58 20.78 -4.15
C ASN A 133 -5.62 19.69 -4.32
N THR A 134 -6.77 20.04 -4.87
CA THR A 134 -7.85 19.09 -5.08
C THR A 134 -7.89 18.61 -6.54
N GLN A 135 -8.29 17.37 -6.73
CA GLN A 135 -8.38 16.79 -8.06
C GLN A 135 -9.46 15.72 -8.13
N SER A 136 -10.34 15.84 -9.13
CA SER A 136 -11.42 14.89 -9.31
C SER A 136 -11.78 14.73 -10.78
N LEU A 137 -11.14 13.78 -11.44
CA LEU A 137 -11.39 13.52 -12.85
C LEU A 137 -12.77 12.91 -13.07
N GLU A 138 -13.66 13.68 -13.69
CA GLU A 138 -15.02 13.20 -13.95
C GLU A 138 -15.04 12.27 -15.15
N MET A 1 -3.18 -31.15 -4.57
CA MET A 1 -3.98 -29.94 -4.44
C MET A 1 -5.47 -30.27 -4.54
N SER A 2 -5.81 -31.23 -5.39
CA SER A 2 -7.20 -31.63 -5.58
C SER A 2 -8.09 -30.41 -5.81
N LEU A 3 -7.64 -29.52 -6.69
CA LEU A 3 -8.41 -28.32 -7.02
C LEU A 3 -9.88 -28.64 -7.22
N SER A 4 -10.74 -27.75 -6.74
CA SER A 4 -12.19 -27.95 -6.88
C SER A 4 -12.86 -26.65 -7.34
N HIS A 5 -12.11 -25.81 -8.04
CA HIS A 5 -12.64 -24.55 -8.54
C HIS A 5 -12.96 -23.61 -7.38
N LEU A 6 -12.52 -23.98 -6.19
CA LEU A 6 -12.76 -23.16 -5.00
C LEU A 6 -11.67 -23.40 -3.95
N THR A 7 -10.84 -22.38 -3.72
CA THR A 7 -9.76 -22.48 -2.75
C THR A 7 -8.96 -21.19 -2.69
N LEU A 8 -8.33 -20.95 -1.54
CA LEU A 8 -7.52 -19.74 -1.36
C LEU A 8 -6.46 -19.62 -2.44
N ASP A 9 -6.10 -20.75 -3.04
CA ASP A 9 -5.10 -20.78 -4.10
C ASP A 9 -5.43 -19.75 -5.18
N GLN A 10 -6.72 -19.56 -5.43
CA GLN A 10 -7.17 -18.61 -6.45
C GLN A 10 -6.87 -17.18 -6.03
N TYR A 11 -6.97 -16.92 -4.73
CA TYR A 11 -6.71 -15.58 -4.20
C TYR A 11 -5.25 -15.20 -4.37
N TYR A 12 -4.39 -16.20 -4.47
CA TYR A 12 -2.96 -15.98 -4.64
C TYR A 12 -2.67 -15.30 -5.99
N GLU A 13 -3.42 -15.70 -7.01
CA GLU A 13 -3.24 -15.13 -8.34
C GLU A 13 -3.53 -13.63 -8.34
N ILE A 14 -4.61 -13.25 -7.66
CA ILE A 14 -4.99 -11.85 -7.58
C ILE A 14 -3.98 -11.04 -6.75
N GLN A 15 -3.52 -11.65 -5.67
CA GLN A 15 -2.55 -10.99 -4.79
C GLN A 15 -1.22 -10.77 -5.52
N CYS A 16 -0.74 -11.80 -6.21
CA CYS A 16 0.51 -11.73 -6.94
C CYS A 16 0.41 -10.69 -8.06
N ASN A 17 -0.75 -10.61 -8.68
CA ASN A 17 -0.97 -9.66 -9.77
C ASN A 17 -0.71 -8.23 -9.30
N GLU A 18 -1.03 -7.95 -8.04
CA GLU A 18 -0.83 -6.62 -7.47
C GLU A 18 0.66 -6.28 -7.38
N LEU A 19 1.47 -7.28 -7.06
CA LEU A 19 2.91 -7.09 -6.94
C LEU A 19 3.52 -6.71 -8.29
N GLU A 20 3.22 -7.52 -9.31
CA GLU A 20 3.74 -7.27 -10.65
C GLU A 20 3.12 -6.02 -11.25
N ALA A 21 1.85 -5.78 -10.95
CA ALA A 21 1.15 -4.61 -11.45
C ALA A 21 1.72 -3.32 -10.87
N ILE A 22 1.93 -3.31 -9.56
CA ILE A 22 2.47 -2.15 -8.87
C ILE A 22 3.98 -2.03 -9.11
N ARG A 23 4.65 -3.19 -9.20
CA ARG A 23 6.09 -3.22 -9.42
C ARG A 23 6.47 -2.36 -10.62
N SER A 24 5.60 -2.33 -11.63
CA SER A 24 5.84 -1.57 -12.84
C SER A 24 5.85 -0.07 -12.55
N ILE A 25 5.05 0.33 -11.56
CA ILE A 25 4.96 1.74 -11.18
C ILE A 25 6.06 2.10 -10.19
N TYR A 26 6.28 1.23 -9.20
CA TYR A 26 7.30 1.47 -8.19
C TYR A 26 8.49 0.54 -8.40
N MET A 27 8.94 0.42 -9.65
CA MET A 27 10.07 -0.42 -9.97
C MET A 27 11.22 -0.21 -8.99
N ASP A 28 11.54 1.06 -8.74
CA ASP A 28 12.63 1.40 -7.82
C ASP A 28 12.07 1.76 -6.45
N ASP A 29 10.84 2.26 -6.43
CA ASP A 29 10.20 2.65 -5.18
C ASP A 29 9.52 1.46 -4.53
N PHE A 30 10.11 0.29 -4.68
CA PHE A 30 9.55 -0.94 -4.10
C PHE A 30 10.52 -1.54 -3.08
N THR A 31 9.96 -2.11 -2.02
CA THR A 31 10.76 -2.73 -0.96
C THR A 31 10.31 -4.16 -0.69
N ASP A 32 11.29 -5.06 -0.57
CA ASP A 32 11.00 -6.46 -0.32
C ASP A 32 11.12 -6.78 1.17
N LEU A 33 10.01 -7.14 1.80
CA LEU A 33 9.99 -7.47 3.21
C LEU A 33 9.48 -8.89 3.44
N THR A 34 8.95 -9.49 2.38
CA THR A 34 8.42 -10.85 2.47
C THR A 34 9.22 -11.69 3.45
N LYS A 35 8.52 -12.32 4.40
CA LYS A 35 9.16 -13.15 5.40
C LYS A 35 9.98 -14.27 4.73
N ARG A 36 11.21 -13.94 4.36
CA ARG A 36 12.09 -14.91 3.71
C ARG A 36 13.16 -15.40 4.70
N LYS A 37 14.09 -14.52 5.04
CA LYS A 37 15.16 -14.87 5.97
C LYS A 37 15.77 -16.22 5.61
N SER A 38 16.65 -16.71 6.48
CA SER A 38 17.31 -18.00 6.25
C SER A 38 16.60 -19.11 7.03
N SER A 39 17.18 -20.31 6.99
CA SER A 39 16.61 -21.46 7.68
C SER A 39 16.24 -21.10 9.12
N TRP A 40 14.96 -20.83 9.35
CA TRP A 40 14.47 -20.47 10.68
C TRP A 40 12.96 -20.33 10.68
N ASP A 41 12.45 -19.29 10.02
CA ASP A 41 11.03 -19.06 9.95
C ASP A 41 10.68 -18.23 8.71
N LYS A 42 9.71 -18.71 7.94
CA LYS A 42 9.28 -18.01 6.73
C LYS A 42 7.81 -18.30 6.44
N GLN A 43 6.92 -17.52 7.07
CA GLN A 43 5.49 -17.69 6.86
C GLN A 43 4.88 -16.45 6.22
N PRO A 44 5.46 -16.02 5.09
CA PRO A 44 4.98 -14.84 4.36
C PRO A 44 3.64 -15.08 3.69
N GLN A 45 3.29 -14.21 2.75
CA GLN A 45 2.02 -14.33 2.03
C GLN A 45 1.93 -13.29 0.92
N ILE A 46 3.07 -12.97 0.30
CA ILE A 46 3.11 -12.00 -0.78
C ILE A 46 3.29 -10.59 -0.23
N ILE A 47 2.94 -10.39 1.03
CA ILE A 47 3.07 -9.10 1.68
C ILE A 47 4.33 -8.37 1.20
N PHE A 48 4.23 -7.05 1.08
CA PHE A 48 5.35 -6.24 0.64
C PHE A 48 5.15 -4.77 1.01
N GLU A 49 6.25 -4.03 1.07
CA GLU A 49 6.19 -2.61 1.42
C GLU A 49 6.48 -1.73 0.20
N ILE A 50 6.08 -0.47 0.27
CA ILE A 50 6.29 0.46 -0.82
C ILE A 50 6.67 1.85 -0.29
N THR A 51 7.67 2.46 -0.91
CA THR A 51 8.12 3.78 -0.51
C THR A 51 7.27 4.87 -1.16
N LEU A 52 6.91 5.88 -0.37
CA LEU A 52 6.10 7.00 -0.87
C LEU A 52 6.64 8.33 -0.36
N ARG A 53 6.26 9.40 -1.05
CA ARG A 53 6.70 10.74 -0.67
C ARG A 53 6.05 11.80 -1.55
N SER A 54 6.07 13.04 -1.09
CA SER A 54 5.47 14.15 -1.84
C SER A 54 6.04 14.21 -3.26
N VAL A 55 5.62 15.22 -4.01
CA VAL A 55 6.08 15.39 -5.38
C VAL A 55 7.28 16.33 -5.44
N ASP A 56 7.37 17.22 -4.46
CA ASP A 56 8.47 18.18 -4.41
C ASP A 56 9.21 18.09 -3.07
N LYS A 57 10.03 19.09 -2.78
CA LYS A 57 10.80 19.11 -1.54
C LYS A 57 10.36 20.27 -0.65
N GLU A 58 9.61 21.20 -1.23
CA GLU A 58 9.12 22.36 -0.49
C GLU A 58 7.60 22.40 -0.48
N PRO A 59 7.03 22.83 0.65
CA PRO A 59 7.80 23.24 1.83
C PRO A 59 8.49 22.07 2.51
N VAL A 60 8.14 20.86 2.08
CA VAL A 60 8.73 19.65 2.65
C VAL A 60 8.71 18.50 1.65
N GLU A 61 9.29 17.37 2.04
CA GLU A 61 9.33 16.20 1.18
C GLU A 61 8.38 15.11 1.67
N SER A 62 7.98 15.23 2.94
CA SER A 62 7.08 14.26 3.54
C SER A 62 7.33 12.86 2.99
N SER A 63 8.22 12.11 3.63
CA SER A 63 8.56 10.77 3.20
C SER A 63 7.89 9.73 4.10
N ILE A 64 7.09 8.84 3.49
CA ILE A 64 6.40 7.80 4.23
C ILE A 64 6.38 6.50 3.45
N THR A 65 6.36 5.38 4.18
CA THR A 65 6.33 4.07 3.55
C THR A 65 5.07 3.29 3.93
N LEU A 66 4.25 2.98 2.93
CA LEU A 66 3.02 2.25 3.16
C LEU A 66 3.22 0.75 2.94
N HIS A 67 3.14 -0.02 4.03
CA HIS A 67 3.31 -1.46 3.94
C HIS A 67 1.97 -2.17 4.00
N PHE A 68 1.58 -2.79 2.89
CA PHE A 68 0.31 -3.51 2.81
C PHE A 68 0.53 -5.02 2.88
N ALA A 69 -0.35 -5.71 3.61
CA ALA A 69 -0.25 -7.15 3.75
C ALA A 69 -1.49 -7.84 3.21
N MET A 70 -1.31 -8.68 2.20
CA MET A 70 -2.42 -9.40 1.59
C MET A 70 -2.73 -10.68 2.37
N THR A 71 -3.75 -10.60 3.23
CA THR A 71 -4.14 -11.75 4.03
C THR A 71 -4.38 -12.98 3.17
N PRO A 72 -4.34 -14.17 3.80
CA PRO A 72 -4.55 -15.44 3.10
C PRO A 72 -6.00 -15.61 2.65
N MET A 73 -6.84 -14.65 2.99
CA MET A 73 -8.25 -14.70 2.61
C MET A 73 -8.60 -13.56 1.66
N TYR A 74 -7.82 -12.50 1.70
CA TYR A 74 -8.05 -11.34 0.84
C TYR A 74 -8.27 -11.76 -0.60
N PRO A 75 -9.04 -10.96 -1.35
CA PRO A 75 -9.64 -9.73 -0.82
C PRO A 75 -10.75 -10.02 0.18
N TYR A 76 -11.14 -11.30 0.28
CA TYR A 76 -12.19 -11.69 1.21
C TYR A 76 -12.15 -10.86 2.48
N THR A 77 -10.97 -10.81 3.10
CA THR A 77 -10.79 -10.04 4.33
C THR A 77 -10.12 -8.70 4.05
N ALA A 78 -9.75 -8.00 5.12
CA ALA A 78 -9.10 -6.69 4.99
C ALA A 78 -7.63 -6.78 5.38
N PRO A 79 -6.76 -6.24 4.52
CA PRO A 79 -5.30 -6.24 4.75
C PRO A 79 -4.90 -5.31 5.90
N GLU A 80 -3.60 -5.11 6.05
CA GLU A 80 -3.08 -4.25 7.11
C GLU A 80 -2.15 -3.18 6.54
N ILE A 81 -2.43 -1.92 6.88
CA ILE A 81 -1.61 -0.81 6.40
C ILE A 81 -1.01 -0.04 7.56
N GLU A 82 0.25 0.36 7.41
CA GLU A 82 0.94 1.11 8.45
C GLU A 82 1.96 2.07 7.84
N PHE A 83 2.12 3.24 8.46
CA PHE A 83 3.05 4.24 7.98
C PHE A 83 4.39 4.12 8.69
N LYS A 84 5.48 4.31 7.94
CA LYS A 84 6.83 4.22 8.49
C LYS A 84 7.61 5.50 8.22
N ASN A 85 8.78 5.60 8.84
CA ASN A 85 9.63 6.78 8.65
C ASN A 85 8.94 8.03 9.17
N VAL A 86 7.96 8.51 8.42
CA VAL A 86 7.22 9.71 8.80
C VAL A 86 8.15 10.77 9.37
N GLN A 87 8.63 11.65 8.49
CA GLN A 87 9.53 12.73 8.90
C GLN A 87 8.78 14.06 9.01
N ASN A 88 8.38 14.59 7.85
CA ASN A 88 7.66 15.86 7.82
C ASN A 88 6.17 15.65 8.07
N VAL A 89 5.85 14.97 9.18
CA VAL A 89 4.47 14.70 9.54
C VAL A 89 4.37 14.26 11.00
N MET A 90 3.41 14.83 11.72
CA MET A 90 3.20 14.48 13.12
C MET A 90 2.44 13.16 13.25
N ASP A 91 1.17 13.18 12.89
CA ASP A 91 0.33 11.99 12.96
C ASP A 91 -1.07 12.26 12.41
N SER A 92 -1.52 13.49 12.56
CA SER A 92 -2.84 13.89 12.09
C SER A 92 -3.01 13.54 10.61
N GLN A 93 -1.94 13.71 9.84
CA GLN A 93 -1.97 13.41 8.41
C GLN A 93 -2.04 11.91 8.17
N LEU A 94 -1.33 11.15 8.99
CA LEU A 94 -1.31 9.70 8.86
C LEU A 94 -2.69 9.10 9.15
N GLN A 95 -3.31 9.55 10.24
CA GLN A 95 -4.63 9.07 10.61
C GLN A 95 -5.68 9.48 9.58
N MET A 96 -5.49 10.66 8.98
CA MET A 96 -6.41 11.16 7.97
C MET A 96 -6.50 10.20 6.79
N LEU A 97 -5.35 9.62 6.42
CA LEU A 97 -5.31 8.68 5.31
C LEU A 97 -5.98 7.37 5.66
N LYS A 98 -5.77 6.92 6.91
CA LYS A 98 -6.36 5.67 7.37
C LYS A 98 -7.87 5.67 7.18
N SER A 99 -8.49 6.83 7.38
CA SER A 99 -9.93 6.97 7.22
C SER A 99 -10.35 6.72 5.78
N GLU A 100 -9.54 7.20 4.84
CA GLU A 100 -9.82 7.03 3.43
C GLU A 100 -9.58 5.59 2.99
N PHE A 101 -8.74 4.89 3.73
CA PHE A 101 -8.42 3.50 3.43
C PHE A 101 -9.67 2.63 3.45
N LYS A 102 -10.59 2.96 4.37
CA LYS A 102 -11.83 2.22 4.50
C LYS A 102 -12.72 2.41 3.27
N LYS A 103 -12.73 3.63 2.75
CA LYS A 103 -13.54 3.95 1.58
C LYS A 103 -12.98 3.28 0.33
N ILE A 104 -11.65 3.32 0.18
CA ILE A 104 -10.99 2.72 -0.97
C ILE A 104 -11.22 1.21 -1.00
N HIS A 105 -11.03 0.55 0.14
CA HIS A 105 -11.22 -0.88 0.24
C HIS A 105 -12.67 -1.26 -0.03
N ASN A 106 -13.60 -0.46 0.48
CA ASN A 106 -15.02 -0.71 0.29
C ASN A 106 -15.37 -0.74 -1.19
N THR A 107 -14.75 0.16 -1.96
CA THR A 107 -15.00 0.24 -3.39
C THR A 107 -14.03 -0.65 -4.17
N SER A 108 -12.99 -1.12 -3.49
CA SER A 108 -12.00 -1.98 -4.12
C SER A 108 -11.98 -3.36 -3.46
N ARG A 109 -13.06 -3.68 -2.73
CA ARG A 109 -13.17 -4.97 -2.06
C ARG A 109 -13.28 -6.10 -3.07
N GLY A 110 -12.17 -6.46 -3.69
CA GLY A 110 -12.16 -7.52 -4.66
C GLY A 110 -11.11 -7.33 -5.75
N GLN A 111 -10.68 -6.08 -5.93
CA GLN A 111 -9.68 -5.76 -6.93
C GLN A 111 -8.41 -5.21 -6.28
N GLU A 112 -7.55 -4.61 -7.09
CA GLU A 112 -6.29 -4.04 -6.59
C GLU A 112 -6.56 -2.86 -5.67
N ILE A 113 -5.87 -2.83 -4.54
CA ILE A 113 -6.04 -1.74 -3.57
C ILE A 113 -4.69 -1.08 -3.27
N ILE A 114 -3.61 -1.76 -3.64
CA ILE A 114 -2.27 -1.23 -3.40
C ILE A 114 -2.05 0.07 -4.16
N PHE A 115 -2.48 0.10 -5.41
CA PHE A 115 -2.33 1.29 -6.24
C PHE A 115 -3.29 2.40 -5.80
N GLU A 116 -4.48 1.99 -5.38
CA GLU A 116 -5.50 2.94 -4.92
C GLU A 116 -5.05 3.64 -3.65
N ILE A 117 -4.55 2.87 -2.69
CA ILE A 117 -4.09 3.42 -1.43
C ILE A 117 -2.89 4.34 -1.63
N THR A 118 -1.95 3.90 -2.48
CA THR A 118 -0.76 4.68 -2.76
C THR A 118 -1.10 5.95 -3.52
N SER A 119 -1.98 5.83 -4.51
CA SER A 119 -2.39 6.97 -5.32
C SER A 119 -3.11 8.01 -4.47
N PHE A 120 -4.02 7.54 -3.62
CA PHE A 120 -4.77 8.43 -2.75
C PHE A 120 -3.86 9.12 -1.74
N THR A 121 -3.02 8.34 -1.08
CA THR A 121 -2.09 8.87 -0.09
C THR A 121 -1.09 9.82 -0.74
N GLN A 122 -0.64 9.48 -1.93
CA GLN A 122 0.32 10.31 -2.66
C GLN A 122 -0.27 11.68 -2.98
N GLU A 123 -1.54 11.69 -3.39
CA GLU A 123 -2.22 12.93 -3.73
C GLU A 123 -2.61 13.70 -2.47
N LYS A 124 -2.99 12.97 -1.43
CA LYS A 124 -3.37 13.57 -0.16
C LYS A 124 -2.18 14.22 0.53
N LEU A 125 -1.02 13.62 0.38
CA LEU A 125 0.20 14.15 0.98
C LEU A 125 0.68 15.39 0.25
N ASP A 126 0.65 15.33 -1.08
CA ASP A 126 1.07 16.47 -1.90
C ASP A 126 0.15 17.66 -1.72
N GLU A 127 -1.16 17.40 -1.77
CA GLU A 127 -2.15 18.45 -1.60
C GLU A 127 -2.00 19.14 -0.24
N PHE A 128 -1.94 18.33 0.81
CA PHE A 128 -1.80 18.85 2.16
C PHE A 128 -0.43 19.53 2.35
N GLN A 129 0.61 18.85 1.89
CA GLN A 129 1.97 19.38 2.01
C GLN A 129 2.06 20.76 1.40
N ASN A 130 1.37 20.97 0.27
CA ASN A 130 1.39 22.25 -0.41
C ASN A 130 1.12 23.39 0.56
N VAL A 131 -0.14 23.50 0.99
CA VAL A 131 -0.53 24.54 1.93
C VAL A 131 -1.86 24.21 2.60
N VAL A 132 -2.85 23.86 1.80
CA VAL A 132 -4.18 23.52 2.32
C VAL A 132 -4.96 22.69 1.31
N ASN A 133 -4.75 21.37 1.34
CA ASN A 133 -5.44 20.46 0.44
C ASN A 133 -5.68 21.13 -0.92
N THR A 134 -4.70 20.99 -1.81
CA THR A 134 -4.80 21.58 -3.14
C THR A 134 -4.50 20.54 -4.22
N GLN A 135 -5.39 20.43 -5.20
CA GLN A 135 -5.22 19.48 -6.29
C GLN A 135 -4.54 20.14 -7.49
N SER A 136 -3.96 19.32 -8.35
CA SER A 136 -3.27 19.82 -9.53
C SER A 136 -2.92 18.68 -10.49
N LEU A 137 -3.19 18.89 -11.77
CA LEU A 137 -2.90 17.89 -12.78
C LEU A 137 -3.66 16.59 -12.49
N GLU A 138 -3.44 15.59 -13.33
CA GLU A 138 -4.11 14.30 -13.16
C GLU A 138 -3.09 13.16 -13.08
N MET A 1 -9.08 -23.43 5.81
CA MET A 1 -9.98 -24.21 6.64
C MET A 1 -10.50 -25.43 5.88
N SER A 2 -11.12 -25.19 4.73
CA SER A 2 -11.66 -26.27 3.92
C SER A 2 -11.04 -26.25 2.52
N LEU A 3 -11.02 -27.42 1.87
CA LEU A 3 -10.45 -27.54 0.54
C LEU A 3 -11.52 -27.98 -0.46
N SER A 4 -12.24 -27.00 -1.01
CA SER A 4 -13.30 -27.29 -1.98
C SER A 4 -13.88 -25.99 -2.55
N HIS A 5 -14.16 -25.99 -3.85
CA HIS A 5 -14.71 -24.82 -4.52
C HIS A 5 -13.81 -23.61 -4.32
N LEU A 6 -13.04 -23.27 -5.35
CA LEU A 6 -12.13 -22.14 -5.29
C LEU A 6 -11.32 -22.15 -4.00
N THR A 7 -10.12 -22.72 -4.07
CA THR A 7 -9.25 -22.79 -2.89
C THR A 7 -8.37 -21.55 -2.79
N LEU A 8 -7.71 -21.40 -1.65
CA LEU A 8 -6.82 -20.25 -1.42
C LEU A 8 -5.61 -20.31 -2.34
N ASP A 9 -5.21 -21.53 -2.72
CA ASP A 9 -4.06 -21.72 -3.59
C ASP A 9 -4.23 -20.91 -4.87
N GLN A 10 -5.46 -20.74 -5.32
CA GLN A 10 -5.75 -19.99 -6.53
C GLN A 10 -5.42 -18.50 -6.34
N TYR A 11 -5.72 -17.99 -5.15
CA TYR A 11 -5.46 -16.58 -4.84
C TYR A 11 -3.98 -16.28 -4.93
N TYR A 12 -3.15 -17.30 -4.73
CA TYR A 12 -1.70 -17.14 -4.78
C TYR A 12 -1.25 -16.61 -6.14
N GLU A 13 -1.87 -17.12 -7.20
CA GLU A 13 -1.54 -16.70 -8.56
C GLU A 13 -1.86 -15.21 -8.76
N ILE A 14 -3.03 -14.80 -8.29
CA ILE A 14 -3.45 -13.42 -8.41
C ILE A 14 -2.59 -12.50 -7.56
N GLN A 15 -2.25 -12.96 -6.35
CA GLN A 15 -1.42 -12.18 -5.44
C GLN A 15 -0.04 -11.93 -6.04
N CYS A 16 0.59 -12.99 -6.52
CA CYS A 16 1.92 -12.89 -7.12
C CYS A 16 1.88 -12.01 -8.37
N ASN A 17 0.84 -12.17 -9.17
CA ASN A 17 0.69 -11.40 -10.40
C ASN A 17 0.68 -9.91 -10.10
N GLU A 18 0.15 -9.53 -8.94
CA GLU A 18 0.09 -8.13 -8.54
C GLU A 18 1.48 -7.59 -8.25
N LEU A 19 2.32 -8.43 -7.65
CA LEU A 19 3.68 -8.02 -7.31
C LEU A 19 4.44 -7.56 -8.56
N GLU A 20 4.43 -8.38 -9.60
CA GLU A 20 5.11 -8.06 -10.84
C GLU A 20 4.41 -6.91 -11.56
N ALA A 21 3.09 -6.83 -11.40
CA ALA A 21 2.29 -5.79 -12.02
C ALA A 21 2.69 -4.41 -11.49
N ILE A 22 2.76 -4.30 -10.17
CA ILE A 22 3.12 -3.03 -9.54
C ILE A 22 4.63 -2.79 -9.62
N ARG A 23 5.40 -3.86 -9.55
CA ARG A 23 6.85 -3.76 -9.62
C ARG A 23 7.28 -2.98 -10.86
N SER A 24 6.54 -3.14 -11.95
CA SER A 24 6.85 -2.44 -13.19
C SER A 24 6.75 -0.93 -13.01
N ILE A 25 5.85 -0.51 -12.12
CA ILE A 25 5.66 0.91 -11.86
C ILE A 25 6.66 1.42 -10.82
N TYR A 26 6.83 0.66 -9.75
CA TYR A 26 7.76 1.03 -8.69
C TYR A 26 9.02 0.18 -8.74
N MET A 27 9.55 -0.02 -9.94
CA MET A 27 10.76 -0.81 -10.13
C MET A 27 11.80 -0.48 -9.06
N ASP A 28 12.10 0.80 -8.91
CA ASP A 28 13.08 1.25 -7.93
C ASP A 28 12.40 1.64 -6.62
N ASP A 29 11.14 2.06 -6.72
CA ASP A 29 10.38 2.45 -5.55
C ASP A 29 9.67 1.26 -4.91
N PHE A 30 10.26 0.08 -5.09
CA PHE A 30 9.69 -1.15 -4.55
C PHE A 30 10.50 -1.64 -3.35
N THR A 31 9.81 -2.10 -2.32
CA THR A 31 10.46 -2.59 -1.12
C THR A 31 10.05 -4.02 -0.81
N ASP A 32 11.03 -4.87 -0.51
CA ASP A 32 10.78 -6.26 -0.20
C ASP A 32 10.91 -6.53 1.30
N LEU A 33 9.80 -6.89 1.93
CA LEU A 33 9.80 -7.16 3.36
C LEU A 33 9.45 -8.63 3.63
N THR A 34 9.08 -9.35 2.58
CA THR A 34 8.74 -10.76 2.70
C THR A 34 9.74 -11.50 3.58
N LYS A 35 9.23 -12.45 4.37
CA LYS A 35 10.08 -13.24 5.26
C LYS A 35 11.18 -13.95 4.48
N ARG A 36 12.23 -13.21 4.14
CA ARG A 36 13.35 -13.78 3.39
C ARG A 36 14.39 -14.37 4.33
N LYS A 37 15.52 -14.80 3.78
CA LYS A 37 16.58 -15.39 4.57
C LYS A 37 17.31 -14.32 5.38
N SER A 38 16.61 -13.72 6.32
CA SER A 38 17.18 -12.68 7.16
C SER A 38 16.25 -12.33 8.32
N SER A 39 14.95 -12.31 8.04
CA SER A 39 13.96 -11.99 9.06
C SER A 39 14.10 -12.91 10.26
N TRP A 40 13.13 -12.82 11.17
CA TRP A 40 13.15 -13.65 12.38
C TRP A 40 12.02 -14.67 12.35
N ASP A 41 11.13 -14.54 11.36
CA ASP A 41 10.00 -15.46 11.22
C ASP A 41 9.99 -16.09 9.82
N LYS A 42 9.15 -17.10 9.65
CA LYS A 42 9.03 -17.78 8.37
C LYS A 42 7.58 -18.10 8.05
N GLN A 43 6.74 -17.06 8.05
CA GLN A 43 5.32 -17.22 7.75
C GLN A 43 4.81 -16.08 6.88
N PRO A 44 5.49 -15.86 5.75
CA PRO A 44 5.12 -14.80 4.80
C PRO A 44 3.82 -15.10 4.07
N GLN A 45 3.56 -14.35 3.01
CA GLN A 45 2.35 -14.54 2.22
C GLN A 45 2.35 -13.65 0.99
N ILE A 46 3.54 -13.34 0.49
CA ILE A 46 3.69 -12.50 -0.69
C ILE A 46 3.72 -11.02 -0.31
N ILE A 47 3.20 -10.72 0.87
CA ILE A 47 3.16 -9.34 1.35
C ILE A 47 4.41 -8.57 0.91
N PHE A 48 4.26 -7.26 0.77
CA PHE A 48 5.38 -6.40 0.36
C PHE A 48 5.11 -4.94 0.71
N GLU A 49 6.14 -4.12 0.60
CA GLU A 49 6.02 -2.70 0.90
C GLU A 49 6.38 -1.85 -0.31
N ILE A 50 5.94 -0.59 -0.29
CA ILE A 50 6.23 0.33 -1.39
C ILE A 50 6.57 1.72 -0.86
N THR A 51 7.61 2.31 -1.43
CA THR A 51 8.06 3.64 -1.02
C THR A 51 7.34 4.72 -1.82
N LEU A 52 6.59 5.57 -1.14
CA LEU A 52 5.86 6.65 -1.78
C LEU A 52 6.30 8.00 -1.25
N ARG A 53 5.94 9.07 -1.96
CA ARG A 53 6.30 10.42 -1.56
C ARG A 53 5.67 11.45 -2.50
N SER A 54 5.70 12.70 -2.09
CA SER A 54 5.13 13.79 -2.89
C SER A 54 5.81 13.87 -4.26
N VAL A 55 5.33 14.79 -5.09
CA VAL A 55 5.89 14.97 -6.43
C VAL A 55 7.00 16.00 -6.43
N ASP A 56 6.94 16.92 -5.47
CA ASP A 56 7.95 17.97 -5.35
C ASP A 56 8.74 17.83 -4.05
N LYS A 57 9.53 18.84 -3.72
CA LYS A 57 10.34 18.83 -2.51
C LYS A 57 9.91 19.94 -1.56
N GLU A 58 9.30 20.99 -2.12
CA GLU A 58 8.84 22.12 -1.33
C GLU A 58 7.32 22.22 -1.35
N PRO A 59 6.74 22.67 -0.24
CA PRO A 59 7.51 23.06 0.95
C PRO A 59 8.14 21.86 1.65
N VAL A 60 7.70 20.67 1.26
CA VAL A 60 8.23 19.44 1.85
C VAL A 60 8.25 18.30 0.83
N GLU A 61 8.92 17.22 1.17
CA GLU A 61 9.03 16.06 0.28
C GLU A 61 7.95 15.03 0.61
N SER A 62 7.45 15.08 1.84
CA SER A 62 6.42 14.14 2.28
C SER A 62 6.73 12.72 1.81
N SER A 63 7.38 11.95 2.66
CA SER A 63 7.74 10.57 2.33
C SER A 63 7.08 9.59 3.29
N ILE A 64 6.31 8.66 2.73
CA ILE A 64 5.63 7.66 3.54
C ILE A 64 5.70 6.28 2.89
N THR A 65 5.76 5.24 3.72
CA THR A 65 5.84 3.87 3.23
C THR A 65 4.56 3.10 3.53
N LEU A 66 3.84 2.73 2.48
CA LEU A 66 2.59 1.99 2.63
C LEU A 66 2.84 0.49 2.57
N HIS A 67 2.68 -0.18 3.71
CA HIS A 67 2.90 -1.62 3.79
C HIS A 67 1.57 -2.36 3.64
N PHE A 68 1.40 -3.05 2.52
CA PHE A 68 0.18 -3.80 2.25
C PHE A 68 0.41 -5.29 2.44
N ALA A 69 -0.57 -5.97 3.03
CA ALA A 69 -0.47 -7.41 3.26
C ALA A 69 -1.65 -8.14 2.65
N MET A 70 -1.36 -9.06 1.73
CA MET A 70 -2.40 -9.83 1.06
C MET A 70 -2.87 -10.98 1.95
N THR A 71 -3.96 -10.75 2.68
CA THR A 71 -4.51 -11.76 3.57
C THR A 71 -4.67 -13.09 2.85
N PRO A 72 -4.77 -14.18 3.64
CA PRO A 72 -4.94 -15.53 3.09
C PRO A 72 -6.31 -15.74 2.45
N MET A 73 -7.11 -14.68 2.44
CA MET A 73 -8.45 -14.75 1.86
C MET A 73 -8.60 -13.76 0.70
N TYR A 74 -7.79 -12.69 0.73
CA TYR A 74 -7.83 -11.68 -0.31
C TYR A 74 -7.75 -12.31 -1.69
N PRO A 75 -8.35 -11.64 -2.69
CA PRO A 75 -9.07 -10.37 -2.47
C PRO A 75 -10.35 -10.57 -1.68
N TYR A 76 -10.79 -11.81 -1.56
CA TYR A 76 -12.00 -12.12 -0.82
C TYR A 76 -12.19 -11.18 0.35
N THR A 77 -11.16 -11.08 1.19
CA THR A 77 -11.21 -10.20 2.36
C THR A 77 -10.37 -8.95 2.15
N ALA A 78 -10.31 -8.09 3.16
CA ALA A 78 -9.55 -6.86 3.09
C ALA A 78 -8.20 -7.01 3.77
N PRO A 79 -7.12 -6.64 3.06
CA PRO A 79 -5.75 -6.73 3.58
C PRO A 79 -5.50 -5.72 4.70
N GLU A 80 -4.23 -5.61 5.09
CA GLU A 80 -3.85 -4.68 6.15
C GLU A 80 -2.84 -3.65 5.64
N ILE A 81 -3.17 -2.38 5.81
CA ILE A 81 -2.31 -1.30 5.36
C ILE A 81 -1.91 -0.40 6.53
N GLU A 82 -0.66 0.07 6.52
CA GLU A 82 -0.16 0.95 7.57
C GLU A 82 0.88 1.91 7.02
N PHE A 83 0.92 3.12 7.59
CA PHE A 83 1.87 4.13 7.17
C PHE A 83 3.12 4.12 8.05
N LYS A 84 4.28 4.31 7.41
CA LYS A 84 5.54 4.31 8.14
C LYS A 84 6.33 5.58 7.83
N ASN A 85 7.42 5.80 8.56
CA ASN A 85 8.25 6.97 8.37
C ASN A 85 7.48 8.25 8.68
N VAL A 86 6.58 8.62 7.77
CA VAL A 86 5.77 9.82 7.94
C VAL A 86 6.57 10.93 8.61
N GLN A 87 7.21 11.76 7.78
CA GLN A 87 8.02 12.87 8.28
C GLN A 87 7.20 14.16 8.32
N ASN A 88 6.94 14.72 7.14
CA ASN A 88 6.17 15.95 7.04
C ASN A 88 4.67 15.67 7.14
N VAL A 89 4.28 14.86 8.12
CA VAL A 89 2.88 14.52 8.32
C VAL A 89 2.54 14.45 9.80
N MET A 90 1.32 14.85 10.14
CA MET A 90 0.87 14.83 11.52
C MET A 90 0.17 13.52 11.85
N ASP A 91 -1.03 13.33 11.30
CA ASP A 91 -1.80 12.12 11.54
C ASP A 91 -3.14 12.18 10.82
N SER A 92 -3.74 13.37 10.80
CA SER A 92 -5.03 13.57 10.15
C SER A 92 -4.98 13.12 8.69
N GLN A 93 -3.92 13.53 7.99
CA GLN A 93 -3.76 13.18 6.59
C GLN A 93 -3.67 11.67 6.41
N LEU A 94 -2.89 11.02 7.27
CA LEU A 94 -2.72 9.58 7.22
C LEU A 94 -4.05 8.86 7.37
N GLN A 95 -4.82 9.26 8.39
CA GLN A 95 -6.12 8.65 8.64
C GLN A 95 -7.09 8.94 7.50
N MET A 96 -6.95 10.12 6.90
CA MET A 96 -7.81 10.52 5.79
C MET A 96 -7.69 9.55 4.63
N LEU A 97 -6.47 9.08 4.38
CA LEU A 97 -6.22 8.14 3.29
C LEU A 97 -6.91 6.80 3.55
N LYS A 98 -6.86 6.36 4.80
CA LYS A 98 -7.48 5.09 5.18
C LYS A 98 -8.96 5.08 4.82
N SER A 99 -9.65 6.19 5.09
CA SER A 99 -11.06 6.30 4.78
C SER A 99 -11.32 6.07 3.30
N GLU A 100 -10.42 6.55 2.46
CA GLU A 100 -10.55 6.38 1.01
C GLU A 100 -10.21 4.96 0.60
N PHE A 101 -9.34 4.32 1.35
CA PHE A 101 -8.93 2.95 1.06
C PHE A 101 -10.13 1.99 1.15
N LYS A 102 -11.11 2.36 1.96
CA LYS A 102 -12.30 1.54 2.13
C LYS A 102 -13.10 1.48 0.84
N LYS A 103 -13.28 2.64 0.19
CA LYS A 103 -14.02 2.71 -1.06
C LYS A 103 -13.25 2.05 -2.19
N ILE A 104 -11.93 2.23 -2.18
CA ILE A 104 -11.08 1.65 -3.22
C ILE A 104 -11.16 0.13 -3.20
N HIS A 105 -11.06 -0.47 -2.02
CA HIS A 105 -11.12 -1.91 -1.87
C HIS A 105 -12.48 -2.44 -2.31
N ASN A 106 -13.54 -1.73 -1.91
CA ASN A 106 -14.89 -2.13 -2.27
C ASN A 106 -15.06 -2.24 -3.78
N THR A 107 -14.52 -1.27 -4.50
CA THR A 107 -14.60 -1.26 -5.96
C THR A 107 -13.61 -2.23 -6.57
N SER A 108 -12.48 -2.43 -5.89
CA SER A 108 -11.44 -3.33 -6.37
C SER A 108 -11.47 -4.65 -5.61
N ARG A 109 -12.63 -4.98 -5.05
CA ARG A 109 -12.79 -6.21 -4.29
C ARG A 109 -12.69 -7.43 -5.20
N GLY A 110 -11.45 -7.78 -5.56
CA GLY A 110 -11.23 -8.92 -6.43
C GLY A 110 -10.05 -8.73 -7.36
N GLN A 111 -9.64 -7.47 -7.54
CA GLN A 111 -8.52 -7.15 -8.41
C GLN A 111 -7.38 -6.51 -7.63
N GLU A 112 -6.44 -5.89 -8.34
CA GLU A 112 -5.31 -5.25 -7.71
C GLU A 112 -5.75 -4.00 -6.94
N ILE A 113 -5.23 -3.84 -5.73
CA ILE A 113 -5.56 -2.70 -4.90
C ILE A 113 -4.32 -1.92 -4.49
N ILE A 114 -3.16 -2.56 -4.62
CA ILE A 114 -1.89 -1.94 -4.27
C ILE A 114 -1.64 -0.69 -5.10
N PHE A 115 -2.01 -0.75 -6.37
CA PHE A 115 -1.82 0.38 -7.28
C PHE A 115 -2.82 1.49 -6.97
N GLU A 116 -4.04 1.10 -6.58
CA GLU A 116 -5.08 2.06 -6.26
C GLU A 116 -4.74 2.82 -4.98
N ILE A 117 -4.33 2.09 -3.95
CA ILE A 117 -3.98 2.69 -2.67
C ILE A 117 -2.74 3.58 -2.81
N THR A 118 -1.75 3.10 -3.55
CA THR A 118 -0.52 3.85 -3.76
C THR A 118 -0.76 5.09 -4.61
N SER A 119 -1.56 4.93 -5.67
CA SER A 119 -1.88 6.04 -6.56
C SER A 119 -2.68 7.11 -5.83
N PHE A 120 -3.67 6.68 -5.06
CA PHE A 120 -4.51 7.61 -4.31
C PHE A 120 -3.69 8.41 -3.32
N THR A 121 -2.85 7.72 -2.56
CA THR A 121 -2.00 8.38 -1.57
C THR A 121 -1.10 9.42 -2.22
N GLN A 122 -0.58 9.10 -3.41
CA GLN A 122 0.30 10.01 -4.13
C GLN A 122 -0.43 11.31 -4.47
N GLU A 123 -1.69 11.20 -4.87
CA GLU A 123 -2.49 12.37 -5.22
C GLU A 123 -2.94 13.12 -3.97
N LYS A 124 -3.40 12.37 -2.97
CA LYS A 124 -3.86 12.97 -1.72
C LYS A 124 -2.70 13.64 -0.99
N LEU A 125 -1.52 13.02 -1.05
CA LEU A 125 -0.34 13.57 -0.39
C LEU A 125 0.13 14.84 -1.09
N ASP A 126 0.16 14.80 -2.42
CA ASP A 126 0.60 15.95 -3.21
C ASP A 126 -0.42 17.09 -3.11
N GLU A 127 -1.70 16.73 -3.12
CA GLU A 127 -2.76 17.73 -3.04
C GLU A 127 -2.75 18.43 -1.69
N PHE A 128 -2.55 17.64 -0.62
CA PHE A 128 -2.52 18.19 0.72
C PHE A 128 -1.21 18.91 0.99
N GLN A 129 -0.11 18.18 0.86
CA GLN A 129 1.22 18.76 1.09
C GLN A 129 1.36 20.10 0.38
N ASN A 130 0.51 20.32 -0.61
CA ASN A 130 0.54 21.57 -1.38
C ASN A 130 0.24 22.76 -0.48
N VAL A 131 -0.97 22.81 0.05
CA VAL A 131 -1.39 23.90 0.94
C VAL A 131 -2.38 23.40 1.99
N VAL A 132 -3.25 22.47 1.59
CA VAL A 132 -4.24 21.92 2.49
C VAL A 132 -4.83 23.00 3.40
N ASN A 133 -5.65 23.86 2.82
CA ASN A 133 -6.28 24.95 3.56
C ASN A 133 -5.26 26.02 3.93
N THR A 134 -4.31 25.66 4.79
CA THR A 134 -3.27 26.59 5.22
C THR A 134 -1.90 25.94 5.22
N GLN A 135 -1.01 26.44 4.38
CA GLN A 135 0.34 25.88 4.29
C GLN A 135 1.17 26.25 5.53
N SER A 136 1.74 25.24 6.18
CA SER A 136 2.55 25.46 7.37
C SER A 136 3.70 24.46 7.43
N LEU A 137 4.64 24.71 8.34
CA LEU A 137 5.79 23.83 8.50
C LEU A 137 5.94 23.38 9.95
N GLU A 138 6.49 22.18 10.14
CA GLU A 138 6.68 21.63 11.48
C GLU A 138 8.06 22.02 12.03
N MET A 1 2.92 -23.53 -4.96
CA MET A 1 2.00 -23.88 -3.88
C MET A 1 1.08 -25.03 -4.31
N SER A 2 0.66 -25.84 -3.34
CA SER A 2 -0.20 -26.97 -3.62
C SER A 2 -1.52 -26.51 -4.23
N LEU A 3 -1.55 -26.42 -5.56
CA LEU A 3 -2.75 -25.99 -6.27
C LEU A 3 -3.89 -26.97 -6.05
N SER A 4 -4.74 -26.67 -5.07
CA SER A 4 -5.89 -27.52 -4.76
C SER A 4 -7.20 -26.85 -5.16
N HIS A 5 -8.22 -27.66 -5.39
CA HIS A 5 -9.53 -27.16 -5.78
C HIS A 5 -10.26 -26.56 -4.59
N LEU A 6 -11.10 -25.56 -4.85
CA LEU A 6 -11.87 -24.90 -3.81
C LEU A 6 -11.05 -24.81 -2.52
N THR A 7 -10.17 -23.82 -2.45
CA THR A 7 -9.34 -23.62 -1.27
C THR A 7 -8.58 -22.30 -1.35
N LEU A 8 -8.09 -21.84 -0.20
CA LEU A 8 -7.36 -20.58 -0.14
C LEU A 8 -6.19 -20.58 -1.13
N ASP A 9 -5.67 -21.76 -1.43
CA ASP A 9 -4.57 -21.90 -2.37
C ASP A 9 -4.87 -21.17 -3.67
N GLN A 10 -6.15 -21.13 -4.04
CA GLN A 10 -6.56 -20.46 -5.27
C GLN A 10 -6.36 -18.96 -5.17
N TYR A 11 -6.57 -18.41 -3.98
CA TYR A 11 -6.42 -16.98 -3.75
C TYR A 11 -4.95 -16.56 -3.87
N TYR A 12 -4.06 -17.51 -3.65
CA TYR A 12 -2.62 -17.25 -3.73
C TYR A 12 -2.25 -16.76 -5.12
N GLU A 13 -2.87 -17.34 -6.14
CA GLU A 13 -2.60 -16.96 -7.52
C GLU A 13 -2.87 -15.47 -7.74
N ILE A 14 -4.01 -15.01 -7.24
CA ILE A 14 -4.39 -13.60 -7.38
C ILE A 14 -3.47 -12.70 -6.57
N GLN A 15 -3.22 -13.08 -5.32
CA GLN A 15 -2.36 -12.30 -4.43
C GLN A 15 -0.97 -12.13 -5.05
N CYS A 16 -0.40 -13.23 -5.52
CA CYS A 16 0.92 -13.20 -6.13
C CYS A 16 0.93 -12.32 -7.37
N ASN A 17 -0.11 -12.44 -8.18
CA ASN A 17 -0.22 -11.66 -9.41
C ASN A 17 -0.19 -10.16 -9.10
N GLU A 18 -0.74 -9.78 -7.95
CA GLU A 18 -0.76 -8.39 -7.55
C GLU A 18 0.66 -7.86 -7.29
N LEU A 19 1.49 -8.70 -6.70
CA LEU A 19 2.88 -8.34 -6.40
C LEU A 19 3.65 -8.07 -7.69
N GLU A 20 3.60 -9.01 -8.62
CA GLU A 20 4.30 -8.88 -9.90
C GLU A 20 3.66 -7.79 -10.75
N ALA A 21 2.34 -7.64 -10.62
CA ALA A 21 1.62 -6.63 -11.38
C ALA A 21 2.09 -5.22 -11.04
N ILE A 22 2.15 -4.93 -9.74
CA ILE A 22 2.59 -3.61 -9.27
C ILE A 22 4.11 -3.49 -9.35
N ARG A 23 4.80 -4.60 -9.10
CA ARG A 23 6.26 -4.61 -9.15
C ARG A 23 6.78 -4.04 -10.47
N SER A 24 6.04 -4.29 -11.54
CA SER A 24 6.42 -3.82 -12.86
C SER A 24 6.33 -2.28 -12.93
N ILE A 25 5.41 -1.72 -12.17
CA ILE A 25 5.21 -0.28 -12.13
C ILE A 25 6.19 0.38 -11.18
N TYR A 26 6.35 -0.21 -10.00
CA TYR A 26 7.26 0.33 -9.00
C TYR A 26 8.51 -0.53 -8.88
N MET A 27 9.03 -0.97 -10.03
CA MET A 27 10.23 -1.81 -10.06
C MET A 27 11.25 -1.32 -9.04
N ASP A 28 11.53 -0.01 -9.06
CA ASP A 28 12.49 0.58 -8.14
C ASP A 28 11.78 1.21 -6.94
N ASP A 29 10.45 1.30 -7.02
CA ASP A 29 9.65 1.89 -5.95
C ASP A 29 8.95 0.81 -5.16
N PHE A 30 9.58 -0.36 -5.03
CA PHE A 30 9.01 -1.47 -4.29
C PHE A 30 9.88 -1.82 -3.08
N THR A 31 9.22 -2.10 -1.95
CA THR A 31 9.93 -2.44 -0.73
C THR A 31 9.69 -3.91 -0.35
N ASP A 32 10.78 -4.62 -0.08
CA ASP A 32 10.70 -6.03 0.29
C ASP A 32 10.79 -6.19 1.80
N LEU A 33 9.73 -6.69 2.41
CA LEU A 33 9.69 -6.90 3.85
C LEU A 33 9.36 -8.34 4.19
N THR A 34 8.82 -9.06 3.21
CA THR A 34 8.46 -10.46 3.40
C THR A 34 9.57 -11.23 4.11
N LYS A 35 9.19 -12.04 5.08
CA LYS A 35 10.16 -12.83 5.84
C LYS A 35 10.65 -14.02 5.02
N ARG A 36 11.74 -13.81 4.28
CA ARG A 36 12.32 -14.86 3.46
C ARG A 36 13.78 -15.11 3.83
N LYS A 37 14.54 -15.64 2.89
CA LYS A 37 15.95 -15.93 3.12
C LYS A 37 16.14 -16.77 4.37
N SER A 38 17.39 -16.96 4.76
CA SER A 38 17.71 -17.74 5.96
C SER A 38 16.69 -17.48 7.06
N SER A 39 17.00 -16.53 7.94
CA SER A 39 16.12 -16.19 9.04
C SER A 39 15.80 -17.43 9.88
N TRP A 40 14.91 -17.26 10.85
CA TRP A 40 14.51 -18.36 11.73
C TRP A 40 13.10 -18.83 11.43
N ASP A 41 12.29 -17.92 10.88
CA ASP A 41 10.91 -18.24 10.54
C ASP A 41 10.64 -18.02 9.06
N LYS A 42 9.78 -18.83 8.48
CA LYS A 42 9.43 -18.72 7.06
C LYS A 42 7.93 -18.80 6.86
N GLN A 43 7.23 -17.75 7.25
CA GLN A 43 5.77 -17.70 7.11
C GLN A 43 5.35 -16.46 6.31
N PRO A 44 5.77 -16.41 5.04
CA PRO A 44 5.43 -15.29 4.15
C PRO A 44 3.96 -15.27 3.77
N GLN A 45 3.33 -14.10 3.92
CA GLN A 45 1.92 -13.95 3.59
C GLN A 45 1.74 -13.15 2.30
N ILE A 46 2.85 -12.90 1.61
CA ILE A 46 2.82 -12.15 0.36
C ILE A 46 2.78 -10.65 0.62
N ILE A 47 2.69 -10.28 1.90
CA ILE A 47 2.64 -8.88 2.29
C ILE A 47 3.90 -8.13 1.83
N PHE A 48 3.72 -6.88 1.41
CA PHE A 48 4.83 -6.06 0.94
C PHE A 48 4.53 -4.58 1.11
N GLU A 49 5.58 -3.78 1.22
CA GLU A 49 5.42 -2.34 1.38
C GLU A 49 5.84 -1.59 0.12
N ILE A 50 5.36 -0.36 -0.03
CA ILE A 50 5.69 0.45 -1.20
C ILE A 50 6.08 1.87 -0.79
N THR A 51 7.08 2.43 -1.45
CA THR A 51 7.54 3.78 -1.16
C THR A 51 6.72 4.81 -1.91
N LEU A 52 6.05 5.69 -1.17
CA LEU A 52 5.22 6.72 -1.76
C LEU A 52 5.66 8.11 -1.28
N ARG A 53 5.23 9.14 -1.99
CA ARG A 53 5.57 10.51 -1.65
C ARG A 53 4.92 11.51 -2.61
N SER A 54 5.10 12.79 -2.33
CA SER A 54 4.52 13.84 -3.16
C SER A 54 5.23 13.91 -4.52
N VAL A 55 5.17 15.06 -5.15
CA VAL A 55 5.80 15.27 -6.45
C VAL A 55 6.88 16.34 -6.37
N ASP A 56 6.80 17.18 -5.36
CA ASP A 56 7.78 18.25 -5.16
C ASP A 56 8.62 18.01 -3.92
N LYS A 57 9.62 18.86 -3.71
CA LYS A 57 10.51 18.73 -2.56
C LYS A 57 10.29 19.88 -1.57
N GLU A 58 9.74 20.99 -2.08
CA GLU A 58 9.49 22.15 -1.25
C GLU A 58 8.04 22.59 -1.36
N PRO A 59 7.50 23.16 -0.26
CA PRO A 59 8.26 23.36 0.97
C PRO A 59 8.56 22.04 1.68
N VAL A 60 7.96 20.95 1.19
CA VAL A 60 8.17 19.64 1.78
C VAL A 60 8.30 18.57 0.70
N GLU A 61 8.65 17.36 1.12
CA GLU A 61 8.80 16.24 0.18
C GLU A 61 7.66 15.25 0.34
N SER A 62 6.96 15.32 1.47
CA SER A 62 5.85 14.42 1.74
C SER A 62 6.19 12.99 1.32
N SER A 63 6.70 12.21 2.26
CA SER A 63 7.08 10.83 1.99
C SER A 63 6.37 9.88 2.95
N ILE A 64 5.64 8.92 2.39
CA ILE A 64 4.91 7.93 3.20
C ILE A 64 5.05 6.53 2.61
N THR A 65 5.08 5.53 3.47
CA THR A 65 5.21 4.14 3.05
C THR A 65 3.92 3.37 3.30
N LEU A 66 3.26 2.97 2.22
CA LEU A 66 2.01 2.21 2.33
C LEU A 66 2.27 0.71 2.35
N HIS A 67 2.01 0.09 3.48
CA HIS A 67 2.21 -1.35 3.63
C HIS A 67 0.88 -2.09 3.62
N PHE A 68 0.64 -2.83 2.54
CA PHE A 68 -0.61 -3.59 2.40
C PHE A 68 -0.36 -5.08 2.66
N ALA A 69 -1.30 -5.71 3.35
CA ALA A 69 -1.19 -7.13 3.66
C ALA A 69 -2.35 -7.92 3.06
N MET A 70 -2.02 -8.99 2.35
CA MET A 70 -3.04 -9.83 1.73
C MET A 70 -3.47 -10.97 2.65
N THR A 71 -4.55 -10.75 3.37
CA THR A 71 -5.06 -11.74 4.30
C THR A 71 -5.22 -13.10 3.62
N PRO A 72 -5.28 -14.17 4.42
CA PRO A 72 -5.43 -15.54 3.92
C PRO A 72 -6.81 -15.79 3.34
N MET A 73 -7.64 -14.75 3.30
CA MET A 73 -8.99 -14.85 2.76
C MET A 73 -9.18 -13.91 1.58
N TYR A 74 -8.40 -12.83 1.55
CA TYR A 74 -8.49 -11.85 0.48
C TYR A 74 -8.48 -12.54 -0.88
N PRO A 75 -9.14 -11.91 -1.86
CA PRO A 75 -9.85 -10.65 -1.65
C PRO A 75 -11.09 -10.80 -0.77
N TYR A 76 -11.50 -12.06 -0.56
CA TYR A 76 -12.67 -12.35 0.26
C TYR A 76 -12.79 -11.36 1.41
N THR A 77 -11.69 -11.15 2.12
CA THR A 77 -11.67 -10.22 3.25
C THR A 77 -10.89 -8.96 2.91
N ALA A 78 -10.98 -7.96 3.78
CA ALA A 78 -10.28 -6.70 3.57
C ALA A 78 -8.88 -6.73 4.19
N PRO A 79 -7.88 -6.35 3.39
CA PRO A 79 -6.49 -6.33 3.84
C PRO A 79 -6.22 -5.24 4.88
N GLU A 80 -4.98 -5.16 5.34
CA GLU A 80 -4.59 -4.16 6.33
C GLU A 80 -3.54 -3.21 5.77
N ILE A 81 -3.71 -1.92 6.04
CA ILE A 81 -2.78 -0.90 5.56
C ILE A 81 -2.25 -0.06 6.71
N GLU A 82 -0.99 0.33 6.62
CA GLU A 82 -0.35 1.14 7.65
C GLU A 82 0.64 2.12 7.03
N PHE A 83 0.68 3.33 7.58
CA PHE A 83 1.60 4.37 7.09
C PHE A 83 2.86 4.42 7.93
N LYS A 84 3.99 4.62 7.28
CA LYS A 84 5.28 4.70 7.97
C LYS A 84 6.00 6.00 7.63
N ASN A 85 7.12 6.25 8.32
CA ASN A 85 7.90 7.46 8.10
C ASN A 85 7.07 8.71 8.39
N VAL A 86 6.16 9.03 7.48
CA VAL A 86 5.31 10.21 7.65
C VAL A 86 6.09 11.39 8.22
N GLN A 87 6.62 12.22 7.34
CA GLN A 87 7.39 13.39 7.77
C GLN A 87 6.53 14.64 7.79
N ASN A 88 6.45 15.31 6.64
CA ASN A 88 5.65 16.52 6.52
C ASN A 88 4.26 16.33 7.11
N VAL A 89 3.58 15.26 6.68
CA VAL A 89 2.25 14.95 7.17
C VAL A 89 2.25 14.75 8.69
N MET A 90 1.27 15.35 9.35
CA MET A 90 1.15 15.24 10.80
C MET A 90 0.36 14.00 11.19
N ASP A 91 -0.89 13.92 10.75
CA ASP A 91 -1.75 12.79 11.05
C ASP A 91 -3.14 12.98 10.44
N SER A 92 -3.57 14.23 10.36
CA SER A 92 -4.88 14.55 9.79
C SER A 92 -5.03 13.96 8.40
N GLN A 93 -4.00 14.12 7.57
CA GLN A 93 -4.01 13.61 6.21
C GLN A 93 -3.92 12.08 6.20
N LEU A 94 -3.14 11.53 7.12
CA LEU A 94 -2.96 10.09 7.21
C LEU A 94 -4.30 9.40 7.47
N GLN A 95 -5.05 9.92 8.43
CA GLN A 95 -6.35 9.36 8.77
C GLN A 95 -7.32 9.45 7.59
N MET A 96 -7.18 10.53 6.82
CA MET A 96 -8.04 10.73 5.65
C MET A 96 -7.88 9.60 4.64
N LEU A 97 -6.66 9.11 4.50
CA LEU A 97 -6.38 8.02 3.57
C LEU A 97 -7.16 6.77 3.95
N LYS A 98 -7.14 6.42 5.24
CA LYS A 98 -7.84 5.24 5.74
C LYS A 98 -9.33 5.33 5.42
N SER A 99 -9.87 6.55 5.45
CA SER A 99 -11.27 6.78 5.17
C SER A 99 -11.59 6.53 3.70
N GLU A 100 -10.74 7.07 2.82
CA GLU A 100 -10.93 6.91 1.38
C GLU A 100 -10.59 5.48 0.95
N PHE A 101 -9.75 4.81 1.74
CA PHE A 101 -9.34 3.45 1.44
C PHE A 101 -10.55 2.52 1.37
N LYS A 102 -11.65 2.92 2.02
CA LYS A 102 -12.86 2.13 2.03
C LYS A 102 -13.56 2.18 0.67
N LYS A 103 -13.66 3.38 0.11
CA LYS A 103 -14.30 3.57 -1.19
C LYS A 103 -13.53 2.84 -2.29
N ILE A 104 -12.21 2.86 -2.20
CA ILE A 104 -11.36 2.19 -3.17
C ILE A 104 -11.60 0.68 -3.17
N HIS A 105 -11.60 0.10 -1.97
CA HIS A 105 -11.82 -1.34 -1.83
C HIS A 105 -13.21 -1.72 -2.32
N ASN A 106 -14.20 -0.91 -1.99
CA ASN A 106 -15.58 -1.18 -2.40
C ASN A 106 -15.68 -1.30 -3.91
N THR A 107 -15.01 -0.40 -4.62
CA THR A 107 -15.02 -0.41 -6.07
C THR A 107 -14.11 -1.49 -6.63
N SER A 108 -13.13 -1.91 -5.83
CA SER A 108 -12.18 -2.93 -6.23
C SER A 108 -12.28 -4.16 -5.33
N ARG A 109 -13.50 -4.46 -4.90
CA ARG A 109 -13.73 -5.62 -4.03
C ARG A 109 -13.68 -6.92 -4.82
N GLY A 110 -12.47 -7.47 -4.94
CA GLY A 110 -12.30 -8.71 -5.67
C GLY A 110 -11.30 -8.59 -6.80
N GLN A 111 -10.28 -7.75 -6.59
CA GLN A 111 -9.25 -7.55 -7.60
C GLN A 111 -8.08 -6.77 -7.02
N GLU A 112 -7.25 -6.22 -7.91
CA GLU A 112 -6.09 -5.44 -7.48
C GLU A 112 -6.52 -4.15 -6.77
N ILE A 113 -6.00 -3.95 -5.57
CA ILE A 113 -6.32 -2.76 -4.80
C ILE A 113 -5.06 -2.02 -4.36
N ILE A 114 -3.91 -2.63 -4.60
CA ILE A 114 -2.64 -2.02 -4.25
C ILE A 114 -2.35 -0.79 -5.10
N PHE A 115 -2.55 -0.92 -6.41
CA PHE A 115 -2.33 0.18 -7.33
C PHE A 115 -3.35 1.29 -7.13
N GLU A 116 -4.59 0.90 -6.81
CA GLU A 116 -5.66 1.86 -6.58
C GLU A 116 -5.40 2.67 -5.32
N ILE A 117 -5.01 1.98 -4.24
CA ILE A 117 -4.74 2.64 -2.97
C ILE A 117 -3.51 3.52 -3.07
N THR A 118 -2.49 3.03 -3.76
CA THR A 118 -1.25 3.79 -3.93
C THR A 118 -1.46 5.01 -4.81
N SER A 119 -2.21 4.84 -5.90
CA SER A 119 -2.48 5.94 -6.82
C SER A 119 -3.33 7.01 -6.14
N PHE A 120 -4.34 6.58 -5.40
CA PHE A 120 -5.22 7.52 -4.70
C PHE A 120 -4.44 8.36 -3.69
N THR A 121 -3.62 7.69 -2.88
CA THR A 121 -2.82 8.36 -1.87
C THR A 121 -1.78 9.28 -2.52
N GLN A 122 -1.19 8.83 -3.61
CA GLN A 122 -0.19 9.61 -4.32
C GLN A 122 -0.78 10.93 -4.82
N GLU A 123 -2.03 10.87 -5.27
CA GLU A 123 -2.71 12.06 -5.77
C GLU A 123 -3.19 12.93 -4.62
N LYS A 124 -3.82 12.31 -3.62
CA LYS A 124 -4.33 13.03 -2.47
C LYS A 124 -3.19 13.67 -1.67
N LEU A 125 -2.05 12.99 -1.64
CA LEU A 125 -0.88 13.48 -0.92
C LEU A 125 -0.30 14.72 -1.60
N ASP A 126 -0.21 14.66 -2.93
CA ASP A 126 0.31 15.78 -3.70
C ASP A 126 -0.62 16.98 -3.63
N GLU A 127 -1.93 16.70 -3.64
CA GLU A 127 -2.92 17.76 -3.60
C GLU A 127 -2.81 18.56 -2.29
N PHE A 128 -2.34 17.90 -1.25
CA PHE A 128 -2.19 18.54 0.05
C PHE A 128 -0.95 19.43 0.08
N GLN A 129 0.07 19.04 -0.68
CA GLN A 129 1.31 19.81 -0.75
C GLN A 129 1.35 20.66 -2.02
N ASN A 130 0.18 21.13 -2.45
CA ASN A 130 0.09 21.96 -3.64
C ASN A 130 -0.05 23.44 -3.28
N VAL A 131 -0.83 23.71 -2.23
CA VAL A 131 -1.04 25.08 -1.78
C VAL A 131 -0.92 25.18 -0.26
N VAL A 132 0.28 25.51 0.21
CA VAL A 132 0.54 25.64 1.63
C VAL A 132 0.33 27.08 2.10
N ASN A 133 -0.49 27.25 3.14
CA ASN A 133 -0.76 28.58 3.68
C ASN A 133 -0.82 28.55 5.20
N THR A 134 -0.06 27.63 5.80
CA THR A 134 -0.02 27.49 7.25
C THR A 134 1.41 27.55 7.76
N GLN A 135 1.55 27.93 9.03
CA GLN A 135 2.86 28.04 9.66
C GLN A 135 3.27 26.70 10.29
N SER A 136 4.29 26.07 9.70
CA SER A 136 4.77 24.79 10.21
C SER A 136 6.30 24.75 10.22
N LEU A 137 6.86 24.47 11.38
CA LEU A 137 8.32 24.41 11.53
C LEU A 137 8.70 23.79 12.87
N GLU A 138 8.09 24.28 13.95
CA GLU A 138 8.37 23.78 15.29
C GLU A 138 7.39 24.37 16.29
N MET A 1 -0.52 -26.94 3.56
CA MET A 1 -1.62 -27.88 3.35
C MET A 1 -1.73 -28.26 1.88
N SER A 2 -2.32 -29.41 1.62
CA SER A 2 -2.50 -29.90 0.24
C SER A 2 -3.97 -30.10 -0.07
N LEU A 3 -4.39 -29.61 -1.24
CA LEU A 3 -5.79 -29.73 -1.67
C LEU A 3 -6.01 -29.02 -3.01
N SER A 4 -6.53 -29.76 -3.98
CA SER A 4 -6.79 -29.21 -5.29
C SER A 4 -8.29 -29.04 -5.53
N HIS A 5 -8.96 -28.39 -4.59
CA HIS A 5 -10.40 -28.16 -4.68
C HIS A 5 -10.76 -26.76 -4.20
N LEU A 6 -10.61 -25.77 -5.07
CA LEU A 6 -10.93 -24.39 -4.73
C LEU A 6 -10.49 -24.08 -3.30
N THR A 7 -9.25 -23.63 -3.15
CA THR A 7 -8.72 -23.28 -1.84
C THR A 7 -7.97 -21.96 -1.88
N LEU A 8 -7.62 -21.45 -0.70
CA LEU A 8 -6.91 -20.18 -0.60
C LEU A 8 -5.58 -20.25 -1.35
N ASP A 9 -5.03 -21.46 -1.47
CA ASP A 9 -3.77 -21.66 -2.17
C ASP A 9 -3.80 -21.02 -3.55
N GLN A 10 -4.98 -20.99 -4.16
CA GLN A 10 -5.15 -20.41 -5.49
C GLN A 10 -4.96 -18.90 -5.44
N TYR A 11 -5.49 -18.27 -4.40
CA TYR A 11 -5.39 -16.82 -4.23
C TYR A 11 -3.95 -16.36 -4.42
N TYR A 12 -3.01 -17.28 -4.21
CA TYR A 12 -1.59 -16.96 -4.36
C TYR A 12 -1.29 -16.44 -5.77
N GLU A 13 -1.97 -17.00 -6.76
CA GLU A 13 -1.78 -16.60 -8.14
C GLU A 13 -2.12 -15.12 -8.33
N ILE A 14 -3.23 -14.69 -7.73
CA ILE A 14 -3.66 -13.31 -7.83
C ILE A 14 -2.71 -12.38 -7.10
N GLN A 15 -2.29 -12.78 -5.90
CA GLN A 15 -1.39 -11.99 -5.09
C GLN A 15 -0.03 -11.82 -5.79
N CYS A 16 0.49 -12.93 -6.32
CA CYS A 16 1.77 -12.90 -7.02
C CYS A 16 1.73 -11.94 -8.20
N ASN A 17 0.62 -11.96 -8.93
CA ASN A 17 0.46 -11.08 -10.10
C ASN A 17 0.48 -9.62 -9.68
N GLU A 18 -0.05 -9.33 -8.49
CA GLU A 18 -0.10 -7.97 -7.98
C GLU A 18 1.31 -7.45 -7.70
N LEU A 19 2.17 -8.32 -7.18
CA LEU A 19 3.54 -7.95 -6.86
C LEU A 19 4.29 -7.50 -8.12
N GLU A 20 4.23 -8.33 -9.16
CA GLU A 20 4.90 -8.03 -10.41
C GLU A 20 4.21 -6.85 -11.12
N ALA A 21 2.90 -6.81 -11.04
CA ALA A 21 2.12 -5.75 -11.66
C ALA A 21 2.55 -4.38 -11.13
N ILE A 22 2.58 -4.25 -9.81
CA ILE A 22 2.97 -2.99 -9.17
C ILE A 22 4.47 -2.78 -9.26
N ARG A 23 5.22 -3.87 -9.15
CA ARG A 23 6.68 -3.79 -9.21
C ARG A 23 7.14 -3.05 -10.46
N SER A 24 6.39 -3.20 -11.54
CA SER A 24 6.72 -2.55 -12.81
C SER A 24 6.58 -1.04 -12.68
N ILE A 25 5.61 -0.60 -11.89
CA ILE A 25 5.36 0.82 -11.69
C ILE A 25 6.35 1.41 -10.67
N TYR A 26 6.54 0.69 -9.57
CA TYR A 26 7.45 1.14 -8.53
C TYR A 26 8.70 0.26 -8.47
N MET A 27 9.26 -0.03 -9.65
CA MET A 27 10.45 -0.86 -9.73
C MET A 27 11.43 -0.53 -8.61
N ASP A 28 11.81 0.73 -8.50
CA ASP A 28 12.74 1.18 -7.48
C ASP A 28 11.98 1.72 -6.26
N ASP A 29 10.69 1.99 -6.44
CA ASP A 29 9.86 2.52 -5.37
C ASP A 29 9.16 1.39 -4.62
N PHE A 30 9.82 0.23 -4.56
CA PHE A 30 9.26 -0.93 -3.88
C PHE A 30 10.17 -1.39 -2.75
N THR A 31 9.57 -1.82 -1.65
CA THR A 31 10.33 -2.28 -0.49
C THR A 31 10.02 -3.73 -0.17
N ASP A 32 11.06 -4.55 -0.03
CA ASP A 32 10.90 -5.96 0.29
C ASP A 32 10.86 -6.19 1.79
N LEU A 33 9.70 -6.62 2.29
CA LEU A 33 9.53 -6.88 3.71
C LEU A 33 9.15 -8.34 3.96
N THR A 34 8.48 -8.94 2.98
CA THR A 34 8.06 -10.34 3.10
C THR A 34 9.15 -11.19 3.75
N LYS A 35 8.73 -12.09 4.62
CA LYS A 35 9.67 -12.98 5.31
C LYS A 35 10.05 -14.16 4.43
N ARG A 36 10.44 -13.87 3.18
CA ARG A 36 10.83 -14.92 2.25
C ARG A 36 12.27 -15.37 2.51
N LYS A 37 12.46 -16.69 2.58
CA LYS A 37 13.78 -17.26 2.82
C LYS A 37 14.55 -16.42 3.84
N SER A 38 14.06 -16.40 5.08
CA SER A 38 14.70 -15.65 6.14
C SER A 38 14.78 -16.46 7.43
N SER A 39 15.74 -16.12 8.28
CA SER A 39 15.91 -16.82 9.55
C SER A 39 14.95 -16.29 10.61
N TRP A 40 14.95 -16.94 11.77
CA TRP A 40 14.07 -16.54 12.87
C TRP A 40 12.65 -17.03 12.64
N ASP A 41 12.25 -17.11 11.38
CA ASP A 41 10.92 -17.57 11.02
C ASP A 41 10.66 -17.41 9.53
N LYS A 42 9.76 -18.23 9.00
CA LYS A 42 9.42 -18.18 7.58
C LYS A 42 7.91 -18.26 7.38
N GLN A 43 7.20 -17.21 7.81
CA GLN A 43 5.75 -17.17 7.67
C GLN A 43 5.33 -15.98 6.81
N PRO A 44 5.76 -15.98 5.55
CA PRO A 44 5.43 -14.91 4.59
C PRO A 44 3.97 -14.92 4.20
N GLN A 45 3.50 -13.81 3.65
CA GLN A 45 2.11 -13.69 3.21
C GLN A 45 2.01 -12.93 1.90
N ILE A 46 3.15 -12.74 1.25
CA ILE A 46 3.18 -12.03 -0.03
C ILE A 46 3.20 -10.52 0.18
N ILE A 47 2.62 -10.08 1.28
CA ILE A 47 2.57 -8.65 1.59
C ILE A 47 3.86 -7.95 1.19
N PHE A 48 3.75 -6.67 0.86
CA PHE A 48 4.91 -5.89 0.45
C PHE A 48 4.70 -4.41 0.76
N GLU A 49 5.81 -3.67 0.88
CA GLU A 49 5.75 -2.25 1.17
C GLU A 49 6.13 -1.42 -0.05
N ILE A 50 5.52 -0.24 -0.17
CA ILE A 50 5.80 0.65 -1.30
C ILE A 50 6.12 2.05 -0.82
N THR A 51 7.16 2.64 -1.39
CA THR A 51 7.57 3.99 -1.02
C THR A 51 6.78 5.04 -1.79
N LEU A 52 6.26 6.03 -1.06
CA LEU A 52 5.48 7.11 -1.68
C LEU A 52 5.94 8.46 -1.19
N ARG A 53 5.66 9.50 -1.98
CA ARG A 53 6.05 10.85 -1.63
C ARG A 53 5.58 11.85 -2.68
N SER A 54 5.62 13.14 -2.34
CA SER A 54 5.19 14.19 -3.26
C SER A 54 6.07 14.20 -4.51
N VAL A 55 5.82 15.17 -5.39
CA VAL A 55 6.60 15.30 -6.62
C VAL A 55 7.67 16.37 -6.49
N ASP A 56 7.46 17.31 -5.56
CA ASP A 56 8.41 18.38 -5.33
C ASP A 56 9.04 18.26 -3.95
N LYS A 57 9.79 19.28 -3.55
CA LYS A 57 10.45 19.28 -2.25
C LYS A 57 9.96 20.45 -1.39
N GLU A 58 9.37 21.45 -2.04
CA GLU A 58 8.85 22.61 -1.33
C GLU A 58 7.33 22.71 -1.47
N PRO A 59 6.67 23.15 -0.40
CA PRO A 59 7.35 23.53 0.85
C PRO A 59 7.92 22.33 1.58
N VAL A 60 7.59 21.14 1.11
CA VAL A 60 8.08 19.90 1.73
C VAL A 60 8.15 18.78 0.70
N GLU A 61 8.51 17.58 1.17
CA GLU A 61 8.62 16.42 0.30
C GLU A 61 7.56 15.37 0.64
N SER A 62 6.91 15.57 1.79
CA SER A 62 5.87 14.64 2.23
C SER A 62 6.19 13.22 1.80
N SER A 63 6.90 12.49 2.66
CA SER A 63 7.28 11.12 2.37
C SER A 63 6.51 10.14 3.25
N ILE A 64 5.82 9.19 2.62
CA ILE A 64 5.04 8.19 3.35
C ILE A 64 5.19 6.81 2.71
N THR A 65 5.06 5.78 3.54
CA THR A 65 5.18 4.41 3.05
C THR A 65 3.91 3.61 3.34
N LEU A 66 3.21 3.21 2.29
CA LEU A 66 1.97 2.46 2.43
C LEU A 66 2.25 0.96 2.35
N HIS A 67 1.98 0.26 3.45
CA HIS A 67 2.20 -1.19 3.50
C HIS A 67 0.87 -1.94 3.39
N PHE A 68 0.72 -2.70 2.31
CA PHE A 68 -0.50 -3.47 2.08
C PHE A 68 -0.27 -4.95 2.38
N ALA A 69 -1.26 -5.57 3.02
CA ALA A 69 -1.18 -6.99 3.35
C ALA A 69 -2.30 -7.79 2.70
N MET A 70 -1.93 -8.68 1.79
CA MET A 70 -2.90 -9.52 1.09
C MET A 70 -3.31 -10.71 1.95
N THR A 71 -4.43 -10.55 2.67
CA THR A 71 -4.93 -11.62 3.52
C THR A 71 -5.03 -12.94 2.77
N PRO A 72 -5.10 -14.05 3.51
CA PRO A 72 -5.22 -15.39 2.93
C PRO A 72 -6.58 -15.63 2.27
N MET A 73 -7.53 -14.75 2.57
CA MET A 73 -8.87 -14.88 2.00
C MET A 73 -9.06 -13.89 0.86
N TYR A 74 -8.23 -12.84 0.83
CA TYR A 74 -8.32 -11.82 -0.21
C TYR A 74 -8.33 -12.45 -1.60
N PRO A 75 -8.94 -11.76 -2.55
CA PRO A 75 -9.58 -10.46 -2.31
C PRO A 75 -10.84 -10.58 -1.46
N TYR A 76 -11.30 -11.82 -1.26
CA TYR A 76 -12.49 -12.08 -0.47
C TYR A 76 -12.61 -11.08 0.68
N THR A 77 -11.57 -11.02 1.52
CA THR A 77 -11.55 -10.11 2.65
C THR A 77 -10.74 -8.87 2.34
N ALA A 78 -10.86 -7.85 3.20
CA ALA A 78 -10.13 -6.60 3.02
C ALA A 78 -8.76 -6.66 3.70
N PRO A 79 -7.72 -6.29 2.95
CA PRO A 79 -6.35 -6.29 3.45
C PRO A 79 -6.11 -5.20 4.50
N GLU A 80 -4.87 -5.09 4.95
CA GLU A 80 -4.51 -4.09 5.95
C GLU A 80 -3.55 -3.05 5.37
N ILE A 81 -3.74 -1.79 5.75
CA ILE A 81 -2.89 -0.72 5.26
C ILE A 81 -2.45 0.19 6.40
N GLU A 82 -1.20 0.64 6.36
CA GLU A 82 -0.65 1.50 7.39
C GLU A 82 0.40 2.45 6.81
N PHE A 83 0.46 3.66 7.35
CA PHE A 83 1.43 4.65 6.88
C PHE A 83 2.65 4.68 7.78
N LYS A 84 3.83 4.86 7.17
CA LYS A 84 5.08 4.91 7.92
C LYS A 84 5.86 6.18 7.59
N ASN A 85 6.95 6.40 8.31
CA ASN A 85 7.80 7.57 8.09
C ASN A 85 7.02 8.85 8.39
N VAL A 86 6.09 9.20 7.52
CA VAL A 86 5.28 10.40 7.68
C VAL A 86 6.07 11.50 8.39
N GLN A 87 6.74 12.33 7.61
CA GLN A 87 7.53 13.43 8.16
C GLN A 87 6.73 14.73 8.18
N ASN A 88 6.55 15.32 7.01
CA ASN A 88 5.80 16.57 6.90
C ASN A 88 4.29 16.31 6.95
N VAL A 89 3.88 15.47 7.90
CA VAL A 89 2.47 15.15 8.06
C VAL A 89 2.05 15.18 9.53
N MET A 90 0.86 15.71 9.79
CA MET A 90 0.35 15.80 11.14
C MET A 90 -0.47 14.56 11.50
N ASP A 91 -1.57 14.36 10.77
CA ASP A 91 -2.44 13.22 11.01
C ASP A 91 -3.80 13.42 10.35
N SER A 92 -4.15 14.68 10.09
CA SER A 92 -5.42 15.02 9.47
C SER A 92 -5.51 14.43 8.06
N GLN A 93 -4.45 14.61 7.28
CA GLN A 93 -4.40 14.09 5.92
C GLN A 93 -4.28 12.57 5.91
N LEU A 94 -3.52 12.05 6.87
CA LEU A 94 -3.32 10.61 6.98
C LEU A 94 -4.65 9.88 7.13
N GLN A 95 -5.48 10.36 8.05
CA GLN A 95 -6.79 9.75 8.30
C GLN A 95 -7.69 9.91 7.09
N MET A 96 -7.54 11.04 6.39
CA MET A 96 -8.34 11.32 5.21
C MET A 96 -8.15 10.22 4.15
N LEU A 97 -6.92 9.73 4.03
CA LEU A 97 -6.61 8.69 3.06
C LEU A 97 -7.32 7.38 3.40
N LYS A 98 -7.31 7.03 4.68
CA LYS A 98 -7.95 5.81 5.15
C LYS A 98 -9.43 5.79 4.74
N SER A 99 -10.06 6.95 4.77
CA SER A 99 -11.47 7.06 4.41
C SER A 99 -11.69 6.68 2.95
N GLU A 100 -10.81 7.16 2.09
CA GLU A 100 -10.91 6.86 0.66
C GLU A 100 -10.55 5.40 0.38
N PHE A 101 -9.76 4.81 1.27
CA PHE A 101 -9.35 3.42 1.12
C PHE A 101 -10.57 2.49 1.09
N LYS A 102 -11.54 2.77 1.94
CA LYS A 102 -12.75 1.97 2.01
C LYS A 102 -13.53 2.03 0.70
N LYS A 103 -13.59 3.23 0.11
CA LYS A 103 -14.28 3.42 -1.15
C LYS A 103 -13.58 2.69 -2.29
N ILE A 104 -12.25 2.69 -2.24
CA ILE A 104 -11.46 2.03 -3.27
C ILE A 104 -11.65 0.51 -3.23
N HIS A 105 -11.56 -0.05 -2.03
CA HIS A 105 -11.73 -1.49 -1.85
C HIS A 105 -13.13 -1.93 -2.26
N ASN A 106 -14.13 -1.14 -1.86
CA ASN A 106 -15.52 -1.44 -2.18
C ASN A 106 -15.71 -1.56 -3.69
N THR A 107 -15.04 -0.69 -4.44
CA THR A 107 -15.14 -0.69 -5.89
C THR A 107 -14.12 -1.64 -6.52
N SER A 108 -13.05 -1.92 -5.78
CA SER A 108 -12.01 -2.82 -6.26
C SER A 108 -11.94 -4.09 -5.41
N ARG A 109 -13.11 -4.61 -5.06
CA ARG A 109 -13.19 -5.82 -4.25
C ARG A 109 -13.18 -7.06 -5.13
N GLY A 110 -12.00 -7.60 -5.40
CA GLY A 110 -11.89 -8.77 -6.24
C GLY A 110 -10.71 -8.71 -7.19
N GLN A 111 -10.05 -7.56 -7.22
CA GLN A 111 -8.90 -7.37 -8.10
C GLN A 111 -7.77 -6.66 -7.37
N GLU A 112 -6.94 -5.94 -8.12
CA GLU A 112 -5.81 -5.21 -7.54
C GLU A 112 -6.27 -3.90 -6.91
N ILE A 113 -5.83 -3.65 -5.69
CA ILE A 113 -6.19 -2.43 -4.98
C ILE A 113 -4.96 -1.68 -4.49
N ILE A 114 -3.81 -2.35 -4.55
CA ILE A 114 -2.55 -1.74 -4.13
C ILE A 114 -2.20 -0.54 -4.99
N PHE A 115 -2.45 -0.66 -6.29
CA PHE A 115 -2.15 0.43 -7.22
C PHE A 115 -3.13 1.59 -7.03
N GLU A 116 -4.39 1.26 -6.76
CA GLU A 116 -5.42 2.28 -6.56
C GLU A 116 -5.13 3.09 -5.30
N ILE A 117 -4.76 2.40 -4.23
CA ILE A 117 -4.46 3.05 -2.96
C ILE A 117 -3.23 3.94 -3.08
N THR A 118 -2.23 3.47 -3.81
CA THR A 118 -0.99 4.22 -3.99
C THR A 118 -1.24 5.46 -4.85
N SER A 119 -2.03 5.30 -5.91
CA SER A 119 -2.34 6.41 -6.80
C SER A 119 -3.19 7.45 -6.09
N PHE A 120 -4.02 7.00 -5.16
CA PHE A 120 -4.90 7.88 -4.42
C PHE A 120 -4.13 8.62 -3.33
N THR A 121 -3.20 7.92 -2.69
CA THR A 121 -2.40 8.50 -1.62
C THR A 121 -1.38 9.49 -2.18
N GLN A 122 -0.76 9.13 -3.29
CA GLN A 122 0.23 9.98 -3.92
C GLN A 122 -0.42 11.26 -4.46
N GLU A 123 -1.60 11.11 -5.06
CA GLU A 123 -2.32 12.25 -5.62
C GLU A 123 -2.81 13.17 -4.52
N LYS A 124 -3.20 12.59 -3.38
CA LYS A 124 -3.69 13.36 -2.25
C LYS A 124 -2.54 14.11 -1.57
N LEU A 125 -1.42 13.43 -1.37
CA LEU A 125 -0.25 14.04 -0.74
C LEU A 125 0.31 15.16 -1.61
N ASP A 126 0.35 14.94 -2.91
CA ASP A 126 0.86 15.93 -3.84
C ASP A 126 0.00 17.18 -3.83
N GLU A 127 -1.32 17.00 -3.85
CA GLU A 127 -2.24 18.12 -3.85
C GLU A 127 -2.17 18.88 -2.52
N PHE A 128 -1.83 18.16 -1.46
CA PHE A 128 -1.73 18.76 -0.14
C PHE A 128 -0.65 19.84 -0.11
N GLN A 129 0.57 19.47 -0.45
CA GLN A 129 1.68 20.42 -0.47
C GLN A 129 1.31 21.68 -1.23
N ASN A 130 0.31 21.58 -2.09
CA ASN A 130 -0.16 22.72 -2.88
C ASN A 130 -1.11 23.60 -2.07
N VAL A 131 -2.00 22.95 -1.33
CA VAL A 131 -2.97 23.67 -0.51
C VAL A 131 -2.63 23.54 0.98
N VAL A 132 -1.36 23.30 1.27
CA VAL A 132 -0.90 23.16 2.65
C VAL A 132 -1.23 24.41 3.46
N ASN A 133 -2.01 24.23 4.51
CA ASN A 133 -2.40 25.34 5.38
C ASN A 133 -1.70 25.25 6.73
N THR A 134 -0.45 24.79 6.72
CA THR A 134 0.33 24.66 7.95
C THR A 134 1.80 24.95 7.70
N GLN A 135 2.33 25.94 8.43
CA GLN A 135 3.73 26.32 8.28
C GLN A 135 4.61 25.09 8.05
N SER A 136 4.27 24.00 8.73
CA SER A 136 5.04 22.76 8.60
C SER A 136 6.54 23.04 8.59
N LEU A 137 6.98 23.84 9.55
CA LEU A 137 8.40 24.19 9.65
C LEU A 137 9.06 23.43 10.81
N GLU A 138 9.94 22.49 10.46
CA GLU A 138 10.63 21.70 11.47
C GLU A 138 9.72 21.38 12.64
N MET A 1 -1.31 -26.62 0.26
CA MET A 1 -2.73 -26.72 0.58
C MET A 1 -3.59 -26.52 -0.68
N SER A 2 -4.22 -27.61 -1.12
CA SER A 2 -5.07 -27.56 -2.31
C SER A 2 -6.39 -28.28 -2.07
N LEU A 3 -7.46 -27.73 -2.60
CA LEU A 3 -8.80 -28.32 -2.45
C LEU A 3 -9.30 -28.87 -3.78
N SER A 4 -10.54 -29.36 -3.78
CA SER A 4 -11.14 -29.92 -4.98
C SER A 4 -10.93 -28.98 -6.17
N HIS A 5 -11.52 -27.80 -6.10
CA HIS A 5 -11.40 -26.81 -7.17
C HIS A 5 -11.10 -25.43 -6.60
N LEU A 6 -12.04 -24.90 -5.82
CA LEU A 6 -11.89 -23.58 -5.22
C LEU A 6 -10.95 -23.64 -4.01
N THR A 7 -9.87 -22.88 -4.07
CA THR A 7 -8.90 -22.83 -2.98
C THR A 7 -8.29 -21.45 -2.84
N LEU A 8 -7.74 -21.17 -1.66
CA LEU A 8 -7.13 -19.88 -1.39
C LEU A 8 -5.96 -19.62 -2.35
N ASP A 9 -5.30 -20.69 -2.77
CA ASP A 9 -4.18 -20.59 -3.69
C ASP A 9 -4.55 -19.75 -4.91
N GLN A 10 -5.84 -19.71 -5.22
CA GLN A 10 -6.31 -18.93 -6.36
C GLN A 10 -6.15 -17.44 -6.12
N TYR A 11 -6.40 -17.01 -4.90
CA TYR A 11 -6.28 -15.60 -4.53
C TYR A 11 -4.83 -15.13 -4.65
N TYR A 12 -3.90 -16.08 -4.60
CA TYR A 12 -2.48 -15.76 -4.71
C TYR A 12 -2.19 -15.02 -6.01
N GLU A 13 -2.88 -15.41 -7.08
CA GLU A 13 -2.70 -14.78 -8.38
C GLU A 13 -2.99 -13.28 -8.32
N ILE A 14 -4.03 -12.93 -7.57
CA ILE A 14 -4.41 -11.52 -7.42
C ILE A 14 -3.36 -10.74 -6.64
N GLN A 15 -2.93 -11.30 -5.52
CA GLN A 15 -1.93 -10.66 -4.68
C GLN A 15 -0.60 -10.55 -5.42
N CYS A 16 -0.20 -11.63 -6.08
CA CYS A 16 1.06 -11.65 -6.83
C CYS A 16 1.03 -10.65 -7.97
N ASN A 17 -0.11 -10.58 -8.67
CA ASN A 17 -0.26 -9.66 -9.78
C ASN A 17 -0.02 -8.22 -9.34
N GLU A 18 -0.41 -7.91 -8.11
CA GLU A 18 -0.24 -6.56 -7.57
C GLU A 18 1.24 -6.24 -7.38
N LEU A 19 2.01 -7.23 -6.94
CA LEU A 19 3.44 -7.06 -6.71
C LEU A 19 4.15 -6.68 -8.00
N GLU A 20 3.91 -7.47 -9.06
CA GLU A 20 4.54 -7.21 -10.35
C GLU A 20 3.98 -5.93 -10.98
N ALA A 21 2.68 -5.71 -10.80
CA ALA A 21 2.03 -4.53 -11.34
C ALA A 21 2.59 -3.25 -10.71
N ILE A 22 2.63 -3.22 -9.39
CA ILE A 22 3.14 -2.07 -8.67
C ILE A 22 4.66 -1.95 -8.82
N ARG A 23 5.33 -3.08 -8.85
CA ARG A 23 6.79 -3.11 -8.99
C ARG A 23 7.22 -2.30 -10.21
N SER A 24 6.41 -2.31 -11.25
CA SER A 24 6.71 -1.58 -12.47
C SER A 24 6.66 -0.08 -12.23
N ILE A 25 5.74 0.35 -11.38
CA ILE A 25 5.58 1.77 -11.06
C ILE A 25 6.63 2.22 -10.04
N TYR A 26 6.81 1.41 -9.00
CA TYR A 26 7.77 1.72 -7.94
C TYR A 26 8.98 0.78 -8.03
N MET A 27 9.50 0.59 -9.23
CA MET A 27 10.65 -0.28 -9.43
C MET A 27 11.69 -0.07 -8.34
N ASP A 28 12.16 1.16 -8.22
CA ASP A 28 13.16 1.51 -7.21
C ASP A 28 12.54 2.29 -6.06
N ASP A 29 11.28 1.98 -5.75
CA ASP A 29 10.57 2.66 -4.68
C ASP A 29 9.81 1.65 -3.82
N PHE A 30 10.13 0.37 -3.99
CA PHE A 30 9.48 -0.68 -3.23
C PHE A 30 10.46 -1.34 -2.27
N THR A 31 9.99 -1.65 -1.06
CA THR A 31 10.82 -2.28 -0.04
C THR A 31 10.39 -3.71 0.22
N ASP A 32 11.34 -4.64 0.15
CA ASP A 32 11.05 -6.05 0.38
C ASP A 32 11.15 -6.38 1.86
N LEU A 33 10.03 -6.74 2.46
CA LEU A 33 9.99 -7.09 3.87
C LEU A 33 9.44 -8.50 4.07
N THR A 34 8.79 -9.04 3.04
CA THR A 34 8.23 -10.37 3.10
C THR A 34 9.20 -11.35 3.75
N LYS A 35 8.66 -12.33 4.47
CA LYS A 35 9.48 -13.33 5.14
C LYS A 35 10.61 -13.82 4.23
N ARG A 36 11.75 -13.16 4.30
CA ARG A 36 12.90 -13.52 3.48
C ARG A 36 13.81 -14.50 4.22
N LYS A 37 13.21 -15.43 4.94
CA LYS A 37 13.96 -16.43 5.70
C LYS A 37 15.16 -16.93 4.89
N SER A 38 16.20 -17.36 5.59
CA SER A 38 17.41 -17.86 4.93
C SER A 38 17.07 -19.05 4.04
N SER A 39 17.18 -20.24 4.59
CA SER A 39 16.90 -21.46 3.84
C SER A 39 16.50 -22.60 4.78
N TRP A 40 15.20 -22.67 5.09
CA TRP A 40 14.68 -23.70 5.97
C TRP A 40 13.18 -23.52 6.19
N ASP A 41 12.73 -22.28 6.14
CA ASP A 41 11.32 -21.97 6.34
C ASP A 41 10.84 -20.91 5.34
N LYS A 42 9.68 -21.14 4.74
CA LYS A 42 9.12 -20.21 3.78
C LYS A 42 7.61 -20.08 3.96
N GLN A 43 7.20 -19.26 4.92
CA GLN A 43 5.77 -19.06 5.19
C GLN A 43 5.41 -17.58 5.04
N PRO A 44 5.78 -16.99 3.90
CA PRO A 44 5.50 -15.58 3.62
C PRO A 44 4.02 -15.33 3.36
N GLN A 45 3.68 -14.07 3.08
CA GLN A 45 2.29 -13.70 2.83
C GLN A 45 2.20 -12.69 1.69
N ILE A 46 3.33 -12.46 1.01
CA ILE A 46 3.37 -11.52 -0.10
C ILE A 46 3.52 -10.09 0.40
N ILE A 47 2.90 -9.80 1.54
CA ILE A 47 2.96 -8.47 2.12
C ILE A 47 4.30 -7.80 1.83
N PHE A 48 4.26 -6.50 1.56
CA PHE A 48 5.47 -5.74 1.27
C PHE A 48 5.29 -4.27 1.64
N GLU A 49 6.41 -3.55 1.71
CA GLU A 49 6.37 -2.13 2.05
C GLU A 49 6.72 -1.27 0.84
N ILE A 50 6.20 -0.05 0.82
CA ILE A 50 6.44 0.87 -0.28
C ILE A 50 6.80 2.26 0.23
N THR A 51 7.75 2.90 -0.45
CA THR A 51 8.19 4.24 -0.06
C THR A 51 7.30 5.32 -0.68
N LEU A 52 6.77 6.20 0.16
CA LEU A 52 5.91 7.28 -0.30
C LEU A 52 6.33 8.61 0.30
N ARG A 53 5.91 9.70 -0.34
CA ARG A 53 6.25 11.03 0.13
C ARG A 53 5.62 12.10 -0.76
N SER A 54 5.77 13.36 -0.36
CA SER A 54 5.21 14.47 -1.12
C SER A 54 5.85 14.56 -2.51
N VAL A 55 5.45 15.58 -3.27
CA VAL A 55 5.98 15.77 -4.61
C VAL A 55 7.20 16.68 -4.59
N ASP A 56 7.31 17.49 -3.54
CA ASP A 56 8.44 18.41 -3.40
C ASP A 56 9.18 18.16 -2.09
N LYS A 57 10.10 19.06 -1.75
CA LYS A 57 10.87 18.94 -0.53
C LYS A 57 10.62 20.12 0.41
N GLU A 58 10.03 21.17 -0.14
CA GLU A 58 9.73 22.37 0.65
C GLU A 58 8.23 22.66 0.63
N PRO A 59 7.72 23.20 1.74
CA PRO A 59 8.53 23.51 2.92
C PRO A 59 9.01 22.24 3.63
N VAL A 60 8.47 21.10 3.23
CA VAL A 60 8.84 19.82 3.82
C VAL A 60 8.91 18.72 2.77
N GLU A 61 9.32 17.53 3.19
CA GLU A 61 9.44 16.40 2.29
C GLU A 61 8.32 15.39 2.53
N SER A 62 7.67 15.50 3.69
CA SER A 62 6.58 14.60 4.05
C SER A 62 6.83 13.19 3.50
N SER A 63 7.55 12.38 4.26
CA SER A 63 7.87 11.02 3.86
C SER A 63 7.15 10.01 4.75
N ILE A 64 6.44 9.08 4.12
CA ILE A 64 5.71 8.05 4.85
C ILE A 64 5.81 6.71 4.14
N THR A 65 5.95 5.65 4.94
CA THR A 65 6.06 4.30 4.39
C THR A 65 4.75 3.54 4.56
N LEU A 66 4.14 3.16 3.44
CA LEU A 66 2.88 2.42 3.47
C LEU A 66 3.12 0.92 3.30
N HIS A 67 2.81 0.15 4.34
CA HIS A 67 2.98 -1.29 4.30
C HIS A 67 1.64 -2.01 4.30
N PHE A 68 1.31 -2.62 3.16
CA PHE A 68 0.04 -3.33 3.03
C PHE A 68 0.26 -4.85 3.13
N ALA A 69 -0.65 -5.53 3.80
CA ALA A 69 -0.56 -6.97 3.96
C ALA A 69 -1.78 -7.68 3.39
N MET A 70 -1.57 -8.48 2.36
CA MET A 70 -2.66 -9.21 1.72
C MET A 70 -2.92 -10.53 2.43
N THR A 71 -4.05 -10.62 3.13
CA THR A 71 -4.41 -11.83 3.85
C THR A 71 -4.59 -13.01 2.90
N PRO A 72 -4.51 -14.23 3.45
CA PRO A 72 -4.66 -15.46 2.67
C PRO A 72 -6.09 -15.66 2.17
N MET A 73 -6.99 -14.77 2.58
CA MET A 73 -8.38 -14.84 2.16
C MET A 73 -8.74 -13.69 1.23
N TYR A 74 -8.00 -12.60 1.35
CA TYR A 74 -8.24 -11.42 0.52
C TYR A 74 -8.37 -11.80 -0.95
N PRO A 75 -9.13 -10.99 -1.70
CA PRO A 75 -9.79 -9.80 -1.17
C PRO A 75 -10.94 -10.15 -0.23
N TYR A 76 -11.28 -11.43 -0.18
CA TYR A 76 -12.37 -11.90 0.68
C TYR A 76 -12.46 -11.07 1.95
N THR A 77 -11.31 -10.84 2.59
CA THR A 77 -11.25 -10.06 3.81
C THR A 77 -10.65 -8.67 3.56
N ALA A 78 -10.39 -7.95 4.64
CA ALA A 78 -9.80 -6.62 4.54
C ALA A 78 -8.33 -6.63 4.93
N PRO A 79 -7.48 -6.04 4.07
CA PRO A 79 -6.04 -5.98 4.30
C PRO A 79 -5.68 -5.04 5.46
N GLU A 80 -4.43 -5.11 5.91
CA GLU A 80 -3.97 -4.27 7.00
C GLU A 80 -2.82 -3.37 6.55
N ILE A 81 -2.90 -2.09 6.93
CA ILE A 81 -1.87 -1.13 6.57
C ILE A 81 -1.61 -0.14 7.70
N GLU A 82 -0.38 0.36 7.77
CA GLU A 82 -0.01 1.32 8.80
C GLU A 82 1.07 2.27 8.30
N PHE A 83 1.04 3.51 8.79
CA PHE A 83 2.00 4.52 8.40
C PHE A 83 3.24 4.48 9.30
N LYS A 84 4.41 4.66 8.69
CA LYS A 84 5.66 4.64 9.43
C LYS A 84 6.44 5.93 9.21
N ASN A 85 7.56 6.07 9.92
CA ASN A 85 8.40 7.26 9.80
C ASN A 85 7.61 8.52 10.14
N VAL A 86 6.76 8.96 9.23
CA VAL A 86 5.95 10.15 9.44
C VAL A 86 6.76 11.25 10.11
N GLN A 87 7.43 12.06 9.30
CA GLN A 87 8.24 13.16 9.81
C GLN A 87 7.45 14.46 9.82
N ASN A 88 7.33 15.08 8.65
CA ASN A 88 6.59 16.34 8.53
C ASN A 88 5.10 16.09 8.38
N VAL A 89 4.53 15.35 9.33
CA VAL A 89 3.11 15.03 9.30
C VAL A 89 2.57 14.80 10.72
N MET A 90 1.32 15.19 10.93
CA MET A 90 0.69 15.03 12.24
C MET A 90 -0.13 13.74 12.29
N ASP A 91 -1.12 13.70 13.17
CA ASP A 91 -1.97 12.53 13.31
C ASP A 91 -3.28 12.72 12.56
N SER A 92 -3.60 13.97 12.23
CA SER A 92 -4.82 14.29 11.50
C SER A 92 -4.78 13.72 10.09
N GLN A 93 -3.66 13.94 9.40
CA GLN A 93 -3.51 13.44 8.04
C GLN A 93 -3.41 11.92 8.01
N LEU A 94 -2.65 11.37 8.95
CA LEU A 94 -2.47 9.92 9.04
C LEU A 94 -3.81 9.22 9.24
N GLN A 95 -4.60 9.71 10.19
CA GLN A 95 -5.90 9.13 10.48
C GLN A 95 -6.85 9.33 9.30
N MET A 96 -6.72 10.47 8.64
CA MET A 96 -7.58 10.78 7.49
C MET A 96 -7.41 9.74 6.39
N LEU A 97 -6.16 9.38 6.10
CA LEU A 97 -5.86 8.41 5.06
C LEU A 97 -6.55 7.08 5.36
N LYS A 98 -6.56 6.69 6.63
CA LYS A 98 -7.19 5.44 7.05
C LYS A 98 -8.66 5.42 6.65
N SER A 99 -9.35 6.53 6.86
CA SER A 99 -10.77 6.63 6.52
C SER A 99 -10.98 6.43 5.02
N GLU A 100 -10.07 6.97 4.22
CA GLU A 100 -10.16 6.85 2.77
C GLU A 100 -9.88 5.42 2.33
N PHE A 101 -9.08 4.71 3.11
CA PHE A 101 -8.74 3.32 2.80
C PHE A 101 -9.99 2.45 2.72
N LYS A 102 -10.93 2.71 3.63
CA LYS A 102 -12.17 1.95 3.67
C LYS A 102 -12.99 2.17 2.40
N LYS A 103 -12.99 3.41 1.91
CA LYS A 103 -13.73 3.74 0.69
C LYS A 103 -13.08 3.10 -0.53
N ILE A 104 -11.76 3.11 -0.57
CA ILE A 104 -11.02 2.52 -1.68
C ILE A 104 -11.23 1.02 -1.74
N HIS A 105 -11.09 0.35 -0.61
CA HIS A 105 -11.27 -1.09 -0.53
C HIS A 105 -12.69 -1.48 -0.90
N ASN A 106 -13.66 -0.71 -0.41
CA ASN A 106 -15.06 -0.97 -0.69
C ASN A 106 -15.34 -0.95 -2.19
N THR A 107 -14.76 0.02 -2.88
CA THR A 107 -14.93 0.14 -4.32
C THR A 107 -13.98 -0.78 -5.07
N SER A 108 -12.85 -1.08 -4.47
CA SER A 108 -11.86 -1.96 -5.09
C SER A 108 -11.92 -3.36 -4.49
N ARG A 109 -12.99 -3.63 -3.76
CA ARG A 109 -13.18 -4.93 -3.13
C ARG A 109 -13.26 -6.04 -4.18
N GLY A 110 -12.10 -6.43 -4.71
CA GLY A 110 -12.06 -7.47 -5.71
C GLY A 110 -11.11 -7.14 -6.85
N GLN A 111 -10.05 -6.42 -6.53
CA GLN A 111 -9.06 -6.03 -7.54
C GLN A 111 -7.86 -5.35 -6.90
N GLU A 112 -7.04 -4.70 -7.71
CA GLU A 112 -5.85 -4.01 -7.22
C GLU A 112 -6.25 -2.82 -6.33
N ILE A 113 -5.67 -2.79 -5.13
CA ILE A 113 -5.95 -1.73 -4.18
C ILE A 113 -4.68 -1.06 -3.69
N ILE A 114 -3.54 -1.67 -4.01
CA ILE A 114 -2.24 -1.14 -3.61
C ILE A 114 -1.95 0.17 -4.33
N PHE A 115 -2.20 0.21 -5.63
CA PHE A 115 -1.97 1.40 -6.43
C PHE A 115 -2.95 2.51 -6.05
N GLU A 116 -4.17 2.12 -5.70
CA GLU A 116 -5.20 3.09 -5.33
C GLU A 116 -4.85 3.76 -4.01
N ILE A 117 -4.46 2.96 -3.02
CA ILE A 117 -4.09 3.49 -1.71
C ILE A 117 -2.85 4.38 -1.79
N THR A 118 -1.89 3.94 -2.60
CA THR A 118 -0.65 4.70 -2.77
C THR A 118 -0.92 6.02 -3.49
N SER A 119 -1.73 5.98 -4.53
CA SER A 119 -2.07 7.18 -5.29
C SER A 119 -2.90 8.14 -4.45
N PHE A 120 -3.82 7.60 -3.67
CA PHE A 120 -4.69 8.41 -2.82
C PHE A 120 -3.88 9.04 -1.67
N THR A 121 -3.05 8.23 -1.04
CA THR A 121 -2.23 8.71 0.07
C THR A 121 -1.20 9.73 -0.40
N GLN A 122 -0.58 9.46 -1.55
CA GLN A 122 0.43 10.35 -2.10
C GLN A 122 -0.20 11.68 -2.50
N GLU A 123 -1.28 11.62 -3.27
CA GLU A 123 -1.96 12.83 -3.72
C GLU A 123 -2.51 13.63 -2.54
N LYS A 124 -3.16 12.92 -1.60
CA LYS A 124 -3.72 13.55 -0.42
C LYS A 124 -2.63 14.16 0.45
N LEU A 125 -1.50 13.46 0.57
CA LEU A 125 -0.38 13.92 1.36
C LEU A 125 0.30 15.11 0.70
N ASP A 126 0.41 15.06 -0.62
CA ASP A 126 1.04 16.14 -1.39
C ASP A 126 0.21 17.42 -1.31
N GLU A 127 -1.10 17.28 -1.51
CA GLU A 127 -2.01 18.42 -1.47
C GLU A 127 -2.11 18.98 -0.06
N PHE A 128 -1.92 18.11 0.93
CA PHE A 128 -2.00 18.52 2.33
C PHE A 128 -0.79 19.35 2.72
N GLN A 129 0.40 18.80 2.51
CA GLN A 129 1.64 19.50 2.84
C GLN A 129 1.57 20.96 2.42
N ASN A 130 1.17 21.20 1.17
CA ASN A 130 1.06 22.55 0.65
C ASN A 130 0.07 23.37 1.47
N VAL A 131 -1.22 23.10 1.27
CA VAL A 131 -2.26 23.81 2.00
C VAL A 131 -3.63 23.51 1.43
N VAL A 132 -3.77 23.68 0.11
CA VAL A 132 -5.03 23.42 -0.56
C VAL A 132 -4.81 22.81 -1.94
N ASN A 133 -5.59 21.79 -2.27
CA ASN A 133 -5.48 21.11 -3.57
C ASN A 133 -4.02 20.79 -3.87
N THR A 134 -3.78 20.28 -5.08
CA THR A 134 -2.44 19.91 -5.50
C THR A 134 -2.00 20.72 -6.71
N GLN A 135 -0.69 20.90 -6.87
CA GLN A 135 -0.15 21.65 -7.99
C GLN A 135 0.78 20.77 -8.84
N SER A 136 0.58 20.80 -10.15
CA SER A 136 1.40 20.01 -11.06
C SER A 136 1.40 18.54 -10.65
N LEU A 137 0.30 17.85 -10.94
CA LEU A 137 0.17 16.44 -10.59
C LEU A 137 1.46 15.68 -10.92
N GLU A 138 1.96 15.88 -12.13
CA GLU A 138 3.18 15.22 -12.57
C GLU A 138 4.41 16.03 -12.16
N MET A 1 1.94 -26.45 -1.96
CA MET A 1 2.14 -25.93 -3.32
C MET A 1 1.08 -26.50 -4.27
N SER A 2 0.30 -27.44 -3.78
CA SER A 2 -0.75 -28.06 -4.59
C SER A 2 -1.67 -28.92 -3.72
N LEU A 3 -2.97 -28.72 -3.89
CA LEU A 3 -3.96 -29.46 -3.12
C LEU A 3 -5.36 -28.87 -3.30
N SER A 4 -6.30 -29.71 -3.71
CA SER A 4 -7.68 -29.28 -3.92
C SER A 4 -7.74 -28.18 -4.98
N HIS A 5 -8.94 -27.90 -5.47
CA HIS A 5 -9.14 -26.86 -6.48
C HIS A 5 -9.82 -25.64 -5.88
N LEU A 6 -11.04 -25.85 -5.37
CA LEU A 6 -11.81 -24.76 -4.77
C LEU A 6 -11.40 -24.54 -3.31
N THR A 7 -10.47 -23.62 -3.10
CA THR A 7 -10.00 -23.32 -1.75
C THR A 7 -9.26 -21.98 -1.71
N LEU A 8 -8.99 -21.49 -0.51
CA LEU A 8 -8.30 -20.22 -0.34
C LEU A 8 -6.98 -20.20 -1.10
N ASP A 9 -6.43 -21.39 -1.35
CA ASP A 9 -5.17 -21.52 -2.08
C ASP A 9 -5.25 -20.79 -3.42
N GLN A 10 -6.44 -20.77 -4.00
CA GLN A 10 -6.64 -20.12 -5.29
C GLN A 10 -6.46 -18.62 -5.18
N TYR A 11 -6.96 -18.04 -4.08
CA TYR A 11 -6.84 -16.60 -3.86
C TYR A 11 -5.39 -16.16 -3.90
N TYR A 12 -4.48 -17.10 -3.65
CA TYR A 12 -3.05 -16.81 -3.66
C TYR A 12 -2.62 -16.23 -5.00
N GLU A 13 -3.23 -16.72 -6.08
CA GLU A 13 -2.91 -16.26 -7.42
C GLU A 13 -3.22 -14.77 -7.57
N ILE A 14 -4.36 -14.35 -7.01
CA ILE A 14 -4.77 -12.97 -7.08
C ILE A 14 -3.84 -12.07 -6.25
N GLN A 15 -3.52 -12.52 -5.05
CA GLN A 15 -2.64 -11.77 -4.17
C GLN A 15 -1.23 -11.67 -4.75
N CYS A 16 -0.70 -12.80 -5.20
CA CYS A 16 0.64 -12.85 -5.79
C CYS A 16 0.72 -11.96 -7.03
N ASN A 17 -0.33 -11.99 -7.84
CA ASN A 17 -0.37 -11.20 -9.07
C ASN A 17 -0.22 -9.71 -8.75
N GLU A 18 -0.74 -9.29 -7.61
CA GLU A 18 -0.66 -7.90 -7.19
C GLU A 18 0.80 -7.50 -6.92
N LEU A 19 1.55 -8.41 -6.32
CA LEU A 19 2.96 -8.15 -6.01
C LEU A 19 3.76 -7.93 -7.28
N GLU A 20 3.65 -8.86 -8.21
CA GLU A 20 4.37 -8.78 -9.48
C GLU A 20 3.84 -7.63 -10.33
N ALA A 21 2.52 -7.44 -10.29
CA ALA A 21 1.88 -6.37 -11.05
C ALA A 21 2.34 -4.99 -10.58
N ILE A 22 2.28 -4.77 -9.27
CA ILE A 22 2.69 -3.50 -8.69
C ILE A 22 4.21 -3.34 -8.73
N ARG A 23 4.92 -4.46 -8.56
CA ARG A 23 6.38 -4.44 -8.58
C ARG A 23 6.89 -3.82 -9.87
N SER A 24 6.21 -4.10 -10.97
CA SER A 24 6.61 -3.55 -12.27
C SER A 24 6.46 -2.04 -12.30
N ILE A 25 5.49 -1.53 -11.55
CA ILE A 25 5.25 -0.09 -11.49
C ILE A 25 6.23 0.59 -10.53
N TYR A 26 6.41 -0.01 -9.36
CA TYR A 26 7.32 0.54 -8.36
C TYR A 26 8.58 -0.30 -8.25
N MET A 27 9.10 -0.74 -9.39
CA MET A 27 10.31 -1.56 -9.42
C MET A 27 11.31 -1.09 -8.37
N ASP A 28 11.62 0.21 -8.39
CA ASP A 28 12.57 0.77 -7.44
C ASP A 28 11.84 1.24 -6.17
N ASP A 29 10.61 1.71 -6.34
CA ASP A 29 9.81 2.18 -5.21
C ASP A 29 9.10 1.02 -4.52
N PHE A 30 9.62 -0.19 -4.71
CA PHE A 30 9.04 -1.38 -4.11
C PHE A 30 9.96 -1.95 -3.02
N THR A 31 9.40 -2.17 -1.84
CA THR A 31 10.17 -2.72 -0.73
C THR A 31 9.68 -4.12 -0.35
N ASP A 32 10.61 -5.02 -0.16
CA ASP A 32 10.28 -6.40 0.21
C ASP A 32 10.41 -6.60 1.71
N LEU A 33 9.31 -7.00 2.36
CA LEU A 33 9.31 -7.22 3.79
C LEU A 33 8.87 -8.66 4.11
N THR A 34 8.61 -9.43 3.07
CA THR A 34 8.20 -10.82 3.24
C THR A 34 9.18 -11.59 4.11
N LYS A 35 9.04 -12.91 4.12
CA LYS A 35 9.93 -13.76 4.91
C LYS A 35 11.18 -14.13 4.13
N ARG A 36 11.47 -13.35 3.08
CA ARG A 36 12.64 -13.60 2.25
C ARG A 36 13.93 -13.41 3.06
N LYS A 37 14.50 -12.22 3.00
CA LYS A 37 15.73 -11.92 3.72
C LYS A 37 15.42 -11.44 5.14
N SER A 38 14.72 -12.27 5.90
CA SER A 38 14.36 -11.94 7.27
C SER A 38 14.44 -13.17 8.16
N SER A 39 15.66 -13.54 8.56
CA SER A 39 15.86 -14.69 9.42
C SER A 39 15.20 -14.49 10.78
N TRP A 40 14.02 -15.07 10.94
CA TRP A 40 13.28 -14.96 12.20
C TRP A 40 12.07 -15.88 12.20
N ASP A 41 11.30 -15.84 11.11
CA ASP A 41 10.11 -16.67 10.99
C ASP A 41 9.93 -17.16 9.56
N LYS A 42 9.30 -18.32 9.40
CA LYS A 42 9.06 -18.90 8.09
C LYS A 42 7.58 -19.15 7.85
N GLN A 43 6.80 -18.06 7.80
CA GLN A 43 5.36 -18.16 7.59
C GLN A 43 4.80 -16.84 7.07
N PRO A 44 5.05 -16.57 5.78
CA PRO A 44 4.57 -15.34 5.13
C PRO A 44 3.06 -15.33 4.93
N GLN A 45 2.55 -14.28 4.32
CA GLN A 45 1.12 -14.15 4.06
C GLN A 45 0.85 -13.20 2.91
N ILE A 46 1.87 -12.96 2.10
CA ILE A 46 1.75 -12.07 0.95
C ILE A 46 1.58 -10.63 1.38
N ILE A 47 2.68 -10.01 1.82
CA ILE A 47 2.66 -8.62 2.26
C ILE A 47 3.93 -7.89 1.85
N PHE A 48 3.80 -6.59 1.59
CA PHE A 48 4.94 -5.78 1.19
C PHE A 48 4.64 -4.30 1.37
N GLU A 49 5.70 -3.50 1.53
CA GLU A 49 5.55 -2.07 1.73
C GLU A 49 6.00 -1.30 0.49
N ILE A 50 5.42 -0.12 0.28
CA ILE A 50 5.77 0.71 -0.87
C ILE A 50 6.06 2.14 -0.44
N THR A 51 7.13 2.71 -0.99
CA THR A 51 7.52 4.07 -0.67
C THR A 51 6.81 5.08 -1.56
N LEU A 52 5.99 5.94 -0.96
CA LEU A 52 5.25 6.94 -1.71
C LEU A 52 5.67 8.35 -1.28
N ARG A 53 5.31 9.34 -2.10
CA ARG A 53 5.66 10.72 -1.80
C ARG A 53 5.03 11.67 -2.83
N SER A 54 5.20 12.97 -2.62
CA SER A 54 4.65 13.97 -3.53
C SER A 54 5.33 13.90 -4.89
N VAL A 55 5.33 15.02 -5.61
CA VAL A 55 5.95 15.10 -6.92
C VAL A 55 7.08 16.12 -6.95
N ASP A 56 7.06 17.03 -5.99
CA ASP A 56 8.08 18.06 -5.89
C ASP A 56 8.92 17.89 -4.63
N LYS A 57 9.90 18.77 -4.46
CA LYS A 57 10.78 18.71 -3.30
C LYS A 57 10.68 19.98 -2.47
N GLU A 58 9.91 20.95 -2.97
CA GLU A 58 9.73 22.21 -2.27
C GLU A 58 8.25 22.63 -2.30
N PRO A 59 7.81 23.28 -1.21
CA PRO A 59 8.65 23.57 -0.06
C PRO A 59 9.02 22.31 0.73
N VAL A 60 8.42 21.19 0.34
CA VAL A 60 8.70 19.91 1.01
C VAL A 60 8.76 18.77 0.00
N GLU A 61 8.88 17.55 0.51
CA GLU A 61 8.95 16.37 -0.35
C GLU A 61 7.79 15.43 -0.06
N SER A 62 7.10 15.67 1.04
CA SER A 62 5.97 14.84 1.44
C SER A 62 6.21 13.37 1.04
N SER A 63 6.83 12.62 1.94
CA SER A 63 7.12 11.21 1.69
C SER A 63 6.43 10.32 2.71
N ILE A 64 5.62 9.38 2.22
CA ILE A 64 4.90 8.47 3.09
C ILE A 64 4.97 7.04 2.56
N THR A 65 5.24 6.09 3.46
CA THR A 65 5.35 4.69 3.09
C THR A 65 4.05 3.95 3.40
N LEU A 66 3.37 3.49 2.35
CA LEU A 66 2.12 2.76 2.51
C LEU A 66 2.36 1.25 2.52
N HIS A 67 2.16 0.64 3.68
CA HIS A 67 2.34 -0.80 3.83
C HIS A 67 1.01 -1.53 3.84
N PHE A 68 0.75 -2.31 2.80
CA PHE A 68 -0.50 -3.05 2.70
C PHE A 68 -0.27 -4.53 3.00
N ALA A 69 -1.21 -5.13 3.72
CA ALA A 69 -1.12 -6.54 4.08
C ALA A 69 -2.35 -7.31 3.61
N MET A 70 -2.14 -8.26 2.70
CA MET A 70 -3.22 -9.07 2.17
C MET A 70 -3.60 -10.18 3.14
N THR A 71 -4.80 -10.72 2.97
CA THR A 71 -5.29 -11.79 3.84
C THR A 71 -5.53 -13.07 3.05
N PRO A 72 -5.59 -14.20 3.77
CA PRO A 72 -5.81 -15.52 3.16
C PRO A 72 -7.22 -15.66 2.61
N MET A 73 -8.01 -14.59 2.70
CA MET A 73 -9.38 -14.61 2.21
C MET A 73 -9.60 -13.52 1.17
N TYR A 74 -8.79 -12.48 1.24
CA TYR A 74 -8.90 -11.36 0.30
C TYR A 74 -9.01 -11.87 -1.14
N PRO A 75 -9.71 -11.09 -1.97
CA PRO A 75 -10.33 -9.83 -1.56
C PRO A 75 -11.51 -10.04 -0.63
N TYR A 76 -11.94 -11.29 -0.50
CA TYR A 76 -13.07 -11.63 0.37
C TYR A 76 -13.09 -10.73 1.60
N THR A 77 -11.94 -10.55 2.23
CA THR A 77 -11.84 -9.70 3.41
C THR A 77 -11.10 -8.40 3.10
N ALA A 78 -11.02 -7.52 4.08
CA ALA A 78 -10.35 -6.25 3.92
C ALA A 78 -8.95 -6.28 4.53
N PRO A 79 -7.94 -5.89 3.73
CA PRO A 79 -6.55 -5.86 4.18
C PRO A 79 -6.29 -4.77 5.21
N GLU A 80 -5.01 -4.53 5.50
CA GLU A 80 -4.63 -3.50 6.47
C GLU A 80 -3.58 -2.57 5.88
N ILE A 81 -3.70 -1.29 6.19
CA ILE A 81 -2.76 -0.28 5.69
C ILE A 81 -2.23 0.59 6.82
N GLU A 82 -0.98 1.04 6.68
CA GLU A 82 -0.35 1.87 7.70
C GLU A 82 0.61 2.86 7.06
N PHE A 83 0.65 4.07 7.61
CA PHE A 83 1.55 5.11 7.09
C PHE A 83 2.81 5.21 7.94
N LYS A 84 3.95 5.38 7.27
CA LYS A 84 5.24 5.49 7.95
C LYS A 84 5.96 6.77 7.54
N ASN A 85 7.05 7.08 8.24
CA ASN A 85 7.84 8.26 7.94
C ASN A 85 7.02 9.53 8.18
N VAL A 86 6.08 9.79 7.28
CA VAL A 86 5.23 10.97 7.39
C VAL A 86 6.00 12.15 7.95
N GLN A 87 6.60 12.93 7.05
CA GLN A 87 7.38 14.10 7.46
C GLN A 87 6.53 15.37 7.40
N ASN A 88 6.16 15.77 6.19
CA ASN A 88 5.35 16.97 5.99
C ASN A 88 3.87 16.66 6.20
N VAL A 89 3.58 15.85 7.22
CA VAL A 89 2.20 15.47 7.53
C VAL A 89 1.92 15.62 9.02
N MET A 90 0.67 15.93 9.36
CA MET A 90 0.26 16.10 10.74
C MET A 90 -0.48 14.86 11.24
N ASP A 91 -1.69 14.66 10.73
CA ASP A 91 -2.51 13.52 11.13
C ASP A 91 -3.81 13.49 10.33
N SER A 92 -4.44 14.65 10.20
CA SER A 92 -5.69 14.75 9.46
C SER A 92 -5.57 14.16 8.07
N GLN A 93 -4.42 14.40 7.43
CA GLN A 93 -4.17 13.90 6.09
C GLN A 93 -4.10 12.37 6.09
N LEU A 94 -3.39 11.81 7.05
CA LEU A 94 -3.24 10.37 7.16
C LEU A 94 -4.59 9.69 7.35
N GLN A 95 -5.38 10.22 8.29
CA GLN A 95 -6.70 9.68 8.57
C GLN A 95 -7.62 9.82 7.37
N MET A 96 -7.44 10.90 6.61
CA MET A 96 -8.25 11.15 5.43
C MET A 96 -8.10 10.03 4.41
N LEU A 97 -6.88 9.53 4.27
CA LEU A 97 -6.59 8.44 3.33
C LEU A 97 -7.30 7.16 3.77
N LYS A 98 -7.30 6.91 5.07
CA LYS A 98 -7.94 5.71 5.61
C LYS A 98 -9.43 5.69 5.31
N SER A 99 -10.04 6.88 5.30
CA SER A 99 -11.46 7.00 5.01
C SER A 99 -11.75 6.70 3.55
N GLU A 100 -10.95 7.26 2.65
CA GLU A 100 -11.13 7.05 1.22
C GLU A 100 -10.71 5.64 0.83
N PHE A 101 -9.84 5.04 1.64
CA PHE A 101 -9.35 3.69 1.37
C PHE A 101 -10.49 2.69 1.34
N LYS A 102 -11.47 2.90 2.22
CA LYS A 102 -12.63 2.01 2.29
C LYS A 102 -13.42 2.05 1.00
N LYS A 103 -13.56 3.24 0.43
CA LYS A 103 -14.30 3.41 -0.82
C LYS A 103 -13.56 2.75 -1.99
N ILE A 104 -12.24 2.87 -1.99
CA ILE A 104 -11.42 2.27 -3.04
C ILE A 104 -11.55 0.75 -3.04
N HIS A 105 -11.44 0.15 -1.86
CA HIS A 105 -11.54 -1.30 -1.71
C HIS A 105 -12.92 -1.79 -2.13
N ASN A 106 -13.95 -1.06 -1.70
CA ASN A 106 -15.32 -1.42 -2.04
C ASN A 106 -15.55 -1.44 -3.54
N THR A 107 -14.81 -0.58 -4.24
CA THR A 107 -14.92 -0.48 -5.70
C THR A 107 -13.81 -1.28 -6.38
N SER A 108 -12.85 -1.75 -5.60
CA SER A 108 -11.74 -2.53 -6.13
C SER A 108 -11.63 -3.87 -5.42
N ARG A 109 -12.77 -4.46 -5.09
CA ARG A 109 -12.81 -5.75 -4.41
C ARG A 109 -13.02 -6.88 -5.40
N GLY A 110 -11.92 -7.47 -5.85
CA GLY A 110 -12.00 -8.57 -6.80
C GLY A 110 -10.78 -8.66 -7.70
N GLN A 111 -9.97 -7.61 -7.70
CA GLN A 111 -8.77 -7.57 -8.52
C GLN A 111 -7.57 -7.10 -7.70
N GLU A 112 -7.27 -5.81 -7.77
CA GLU A 112 -6.15 -5.24 -7.04
C GLU A 112 -6.53 -3.90 -6.40
N ILE A 113 -6.04 -3.67 -5.19
CA ILE A 113 -6.33 -2.43 -4.48
C ILE A 113 -5.05 -1.72 -4.08
N ILE A 114 -3.91 -2.38 -4.29
CA ILE A 114 -2.62 -1.81 -3.96
C ILE A 114 -2.30 -0.61 -4.86
N PHE A 115 -2.59 -0.75 -6.13
CA PHE A 115 -2.34 0.32 -7.10
C PHE A 115 -3.33 1.47 -6.91
N GLU A 116 -4.59 1.12 -6.67
CA GLU A 116 -5.64 2.12 -6.47
C GLU A 116 -5.36 2.95 -5.22
N ILE A 117 -4.94 2.29 -4.16
CA ILE A 117 -4.66 2.97 -2.90
C ILE A 117 -3.43 3.87 -3.04
N THR A 118 -2.40 3.37 -3.72
CA THR A 118 -1.17 4.13 -3.93
C THR A 118 -1.42 5.32 -4.84
N SER A 119 -2.17 5.10 -5.92
CA SER A 119 -2.47 6.15 -6.88
C SER A 119 -3.31 7.25 -6.23
N PHE A 120 -4.31 6.85 -5.45
CA PHE A 120 -5.18 7.80 -4.78
C PHE A 120 -4.40 8.64 -3.78
N THR A 121 -3.56 7.98 -2.99
CA THR A 121 -2.75 8.66 -1.99
C THR A 121 -1.68 9.54 -2.64
N GLN A 122 -1.09 9.03 -3.73
CA GLN A 122 -0.07 9.77 -4.45
C GLN A 122 -0.62 11.05 -5.06
N GLU A 123 -1.85 10.97 -5.56
CA GLU A 123 -2.50 12.13 -6.17
C GLU A 123 -3.03 13.07 -5.10
N LYS A 124 -3.58 12.51 -4.03
CA LYS A 124 -4.12 13.30 -2.93
C LYS A 124 -3.00 14.00 -2.15
N LEU A 125 -1.89 13.29 -1.95
CA LEU A 125 -0.76 13.83 -1.23
C LEU A 125 -0.19 15.05 -1.94
N ASP A 126 0.07 14.90 -3.24
CA ASP A 126 0.61 15.99 -4.04
C ASP A 126 -0.31 17.21 -4.00
N GLU A 127 -1.62 16.96 -4.02
CA GLU A 127 -2.60 18.05 -3.98
C GLU A 127 -2.51 18.81 -2.66
N PHE A 128 -2.09 18.11 -1.61
CA PHE A 128 -1.97 18.72 -0.29
C PHE A 128 -0.79 19.69 -0.25
N GLN A 129 0.42 19.15 -0.32
CA GLN A 129 1.62 19.98 -0.29
C GLN A 129 1.40 21.30 -1.02
N ASN A 130 0.67 21.24 -2.12
CA ASN A 130 0.38 22.44 -2.91
C ASN A 130 -0.46 23.43 -2.11
N VAL A 131 -1.50 22.91 -1.45
CA VAL A 131 -2.38 23.75 -0.66
C VAL A 131 -2.21 23.47 0.84
N VAL A 132 -1.01 23.05 1.21
CA VAL A 132 -0.70 22.74 2.60
C VAL A 132 -0.56 24.02 3.43
N ASN A 133 -1.22 24.05 4.58
CA ASN A 133 -1.16 25.22 5.46
C ASN A 133 -0.71 24.82 6.86
N THR A 134 0.30 23.96 6.94
CA THR A 134 0.83 23.50 8.22
C THR A 134 2.33 23.28 8.15
N GLN A 135 2.98 23.28 9.31
CA GLN A 135 4.43 23.09 9.38
C GLN A 135 4.80 22.29 10.63
N SER A 136 5.65 21.29 10.45
CA SER A 136 6.10 20.46 11.56
C SER A 136 7.62 20.30 11.54
N LEU A 137 8.16 19.92 10.39
CA LEU A 137 9.59 19.73 10.24
C LEU A 137 10.36 20.95 10.75
N GLU A 138 11.08 20.76 11.86
CA GLU A 138 11.85 21.84 12.46
C GLU A 138 13.04 22.21 11.57
N MET A 1 -22.31 -26.79 -1.82
CA MET A 1 -23.55 -26.31 -2.43
C MET A 1 -23.34 -25.97 -3.90
N SER A 2 -22.08 -26.03 -4.35
CA SER A 2 -21.74 -25.71 -5.73
C SER A 2 -20.80 -26.76 -6.31
N LEU A 3 -19.79 -27.13 -5.53
CA LEU A 3 -18.82 -28.14 -5.97
C LEU A 3 -17.99 -27.61 -7.14
N SER A 4 -16.79 -27.13 -6.84
CA SER A 4 -15.91 -26.60 -7.89
C SER A 4 -14.54 -26.27 -7.29
N HIS A 5 -13.61 -25.88 -8.17
CA HIS A 5 -12.26 -25.52 -7.75
C HIS A 5 -12.25 -24.17 -7.03
N LEU A 6 -12.60 -24.19 -5.75
CA LEU A 6 -12.64 -22.97 -4.95
C LEU A 6 -11.81 -23.12 -3.68
N THR A 7 -10.74 -22.36 -3.58
CA THR A 7 -9.87 -22.41 -2.40
C THR A 7 -9.00 -21.17 -2.32
N LEU A 8 -8.18 -21.10 -1.26
CA LEU A 8 -7.30 -19.96 -1.05
C LEU A 8 -6.18 -19.95 -2.09
N ASP A 9 -5.80 -21.13 -2.56
CA ASP A 9 -4.74 -21.26 -3.56
C ASP A 9 -4.98 -20.32 -4.73
N GLN A 10 -6.26 -20.11 -5.06
CA GLN A 10 -6.61 -19.24 -6.17
C GLN A 10 -6.27 -17.78 -5.85
N TYR A 11 -6.45 -17.40 -4.60
CA TYR A 11 -6.17 -16.04 -4.16
C TYR A 11 -4.69 -15.72 -4.33
N TYR A 12 -3.85 -16.74 -4.27
CA TYR A 12 -2.40 -16.56 -4.41
C TYR A 12 -2.07 -15.96 -5.77
N GLU A 13 -2.79 -16.38 -6.80
CA GLU A 13 -2.58 -15.89 -8.15
C GLU A 13 -2.80 -14.38 -8.22
N ILE A 14 -3.90 -13.93 -7.62
CA ILE A 14 -4.23 -12.51 -7.61
C ILE A 14 -3.21 -11.71 -6.81
N GLN A 15 -2.78 -12.26 -5.68
CA GLN A 15 -1.80 -11.60 -4.83
C GLN A 15 -0.50 -11.33 -5.59
N CYS A 16 -0.02 -12.36 -6.29
CA CYS A 16 1.21 -12.24 -7.07
C CYS A 16 1.06 -11.21 -8.18
N ASN A 17 -0.08 -11.25 -8.86
CA ASN A 17 -0.36 -10.33 -9.95
C ASN A 17 -0.26 -8.88 -9.48
N GLU A 18 -0.64 -8.64 -8.23
CA GLU A 18 -0.59 -7.30 -7.66
C GLU A 18 0.84 -6.82 -7.50
N LEU A 19 1.73 -7.74 -7.11
CA LEU A 19 3.14 -7.41 -6.93
C LEU A 19 3.76 -6.97 -8.24
N GLU A 20 3.59 -7.77 -9.29
CA GLU A 20 4.14 -7.46 -10.59
C GLU A 20 3.43 -6.25 -11.22
N ALA A 21 2.16 -6.11 -10.90
CA ALA A 21 1.37 -5.00 -11.42
C ALA A 21 1.90 -3.66 -10.92
N ILE A 22 2.13 -3.57 -9.61
CA ILE A 22 2.65 -2.35 -9.01
C ILE A 22 4.14 -2.19 -9.28
N ARG A 23 4.86 -3.31 -9.26
CA ARG A 23 6.30 -3.29 -9.49
C ARG A 23 6.62 -2.55 -10.80
N SER A 24 5.74 -2.68 -11.78
CA SER A 24 5.94 -2.04 -13.07
C SER A 24 5.88 -0.52 -12.94
N ILE A 25 4.98 -0.04 -12.07
CA ILE A 25 4.82 1.38 -11.85
C ILE A 25 5.91 1.92 -10.93
N TYR A 26 6.17 1.20 -9.85
CA TYR A 26 7.19 1.60 -8.88
C TYR A 26 8.42 0.72 -9.00
N MET A 27 8.86 0.46 -10.23
CA MET A 27 10.03 -0.37 -10.47
C MET A 27 11.18 0.00 -9.53
N ASP A 28 11.63 1.25 -9.63
CA ASP A 28 12.71 1.73 -8.79
C ASP A 28 12.22 2.01 -7.37
N ASP A 29 10.95 2.36 -7.25
CA ASP A 29 10.35 2.65 -5.95
C ASP A 29 9.68 1.40 -5.37
N PHE A 30 10.31 0.24 -5.58
CA PHE A 30 9.78 -1.01 -5.07
C PHE A 30 10.75 -1.65 -4.07
N THR A 31 10.22 -2.01 -2.91
CA THR A 31 11.03 -2.64 -1.86
C THR A 31 10.54 -4.04 -1.55
N ASP A 32 11.47 -4.99 -1.52
CA ASP A 32 11.14 -6.38 -1.23
C ASP A 32 11.56 -6.76 0.19
N LEU A 33 10.57 -7.05 1.04
CA LEU A 33 10.85 -7.42 2.42
C LEU A 33 10.51 -8.89 2.66
N THR A 34 9.92 -9.53 1.66
CA THR A 34 9.55 -10.93 1.76
C THR A 34 10.68 -11.76 2.36
N LYS A 35 10.39 -12.46 3.46
CA LYS A 35 11.38 -13.29 4.12
C LYS A 35 12.06 -14.23 3.13
N ARG A 36 13.10 -13.74 2.47
CA ARG A 36 13.83 -14.55 1.50
C ARG A 36 15.17 -15.01 2.07
N LYS A 37 16.05 -14.06 2.37
CA LYS A 37 17.37 -14.38 2.92
C LYS A 37 17.74 -13.39 4.03
N SER A 38 18.32 -13.91 5.10
CA SER A 38 18.73 -13.07 6.23
C SER A 38 17.52 -12.38 6.85
N SER A 39 17.03 -12.94 7.95
CA SER A 39 15.88 -12.39 8.65
C SER A 39 15.72 -13.03 10.03
N TRP A 40 14.61 -12.71 10.69
CA TRP A 40 14.33 -13.25 12.01
C TRP A 40 13.19 -14.27 11.96
N ASP A 41 12.39 -14.19 10.91
CA ASP A 41 11.27 -15.10 10.73
C ASP A 41 11.25 -15.69 9.33
N LYS A 42 10.45 -16.73 9.13
CA LYS A 42 10.35 -17.38 7.83
C LYS A 42 8.90 -17.81 7.54
N GLN A 43 8.01 -16.83 7.44
CA GLN A 43 6.60 -17.10 7.17
C GLN A 43 5.96 -15.95 6.40
N PRO A 44 6.48 -15.69 5.19
CA PRO A 44 5.97 -14.62 4.34
C PRO A 44 4.57 -14.93 3.79
N GLN A 45 4.18 -14.19 2.75
CA GLN A 45 2.86 -14.39 2.14
C GLN A 45 2.67 -13.43 0.96
N ILE A 46 3.75 -13.11 0.28
CA ILE A 46 3.70 -12.21 -0.86
C ILE A 46 3.83 -10.76 -0.42
N ILE A 47 3.62 -10.51 0.87
CA ILE A 47 3.72 -9.17 1.42
C ILE A 47 4.96 -8.46 0.91
N PHE A 48 4.87 -7.13 0.80
CA PHE A 48 5.99 -6.33 0.33
C PHE A 48 5.85 -4.88 0.78
N GLU A 49 6.90 -4.09 0.56
CA GLU A 49 6.90 -2.69 0.94
C GLU A 49 7.09 -1.79 -0.28
N ILE A 50 6.72 -0.52 -0.13
CA ILE A 50 6.85 0.44 -1.23
C ILE A 50 7.26 1.82 -0.69
N THR A 51 8.18 2.46 -1.39
CA THR A 51 8.66 3.78 -1.01
C THR A 51 7.74 4.88 -1.53
N LEU A 52 7.35 5.80 -0.64
CA LEU A 52 6.47 6.89 -1.01
C LEU A 52 7.00 8.22 -0.45
N ARG A 53 6.55 9.32 -1.05
CA ARG A 53 6.96 10.65 -0.61
C ARG A 53 6.32 11.73 -1.48
N SER A 54 6.39 12.97 -1.02
CA SER A 54 5.82 14.10 -1.74
C SER A 54 6.41 14.19 -3.15
N VAL A 55 5.79 15.01 -4.00
CA VAL A 55 6.26 15.19 -5.36
C VAL A 55 7.45 16.14 -5.41
N ASP A 56 7.60 16.96 -4.38
CA ASP A 56 8.70 17.92 -4.31
C ASP A 56 9.57 17.64 -3.09
N LYS A 57 10.50 18.54 -2.83
CA LYS A 57 11.43 18.40 -1.70
C LYS A 57 11.26 19.55 -0.72
N GLU A 58 10.65 20.64 -1.19
CA GLU A 58 10.44 21.82 -0.35
C GLU A 58 8.95 22.13 -0.22
N PRO A 59 8.56 22.64 0.96
CA PRO A 59 9.49 22.88 2.06
C PRO A 59 10.01 21.59 2.69
N VAL A 60 9.35 20.48 2.37
CA VAL A 60 9.74 19.18 2.89
C VAL A 60 9.57 18.09 1.85
N GLU A 61 10.15 16.93 2.12
CA GLU A 61 10.06 15.79 1.19
C GLU A 61 9.04 14.77 1.68
N SER A 62 8.76 14.79 2.98
CA SER A 62 7.80 13.87 3.57
C SER A 62 7.97 12.46 2.99
N SER A 63 8.79 11.65 3.65
CA SER A 63 9.04 10.29 3.18
C SER A 63 8.38 9.28 4.11
N ILE A 64 7.51 8.43 3.56
CA ILE A 64 6.83 7.42 4.33
C ILE A 64 6.81 6.08 3.60
N THR A 65 7.05 5.00 4.34
CA THR A 65 7.05 3.66 3.74
C THR A 65 5.75 2.93 4.05
N LEU A 66 4.99 2.62 3.00
CA LEU A 66 3.72 1.93 3.16
C LEU A 66 3.90 0.42 2.94
N HIS A 67 3.80 -0.34 4.01
CA HIS A 67 3.94 -1.79 3.94
C HIS A 67 2.57 -2.48 3.97
N PHE A 68 2.19 -3.06 2.84
CA PHE A 68 0.91 -3.76 2.73
C PHE A 68 1.09 -5.26 2.83
N ALA A 69 0.19 -5.92 3.55
CA ALA A 69 0.26 -7.37 3.71
C ALA A 69 -0.99 -8.04 3.15
N MET A 70 -0.79 -8.97 2.22
CA MET A 70 -1.89 -9.69 1.60
C MET A 70 -2.21 -10.97 2.38
N THR A 71 -3.11 -10.84 3.36
CA THR A 71 -3.51 -11.98 4.17
C THR A 71 -3.82 -13.19 3.30
N PRO A 72 -3.78 -14.39 3.91
CA PRO A 72 -4.05 -15.65 3.22
C PRO A 72 -5.52 -15.78 2.83
N MET A 73 -6.31 -14.76 3.13
CA MET A 73 -7.73 -14.77 2.82
C MET A 73 -8.07 -13.66 1.83
N TYR A 74 -7.27 -12.60 1.83
CA TYR A 74 -7.49 -11.47 0.93
C TYR A 74 -7.63 -11.96 -0.52
N PRO A 75 -8.35 -11.16 -1.33
CA PRO A 75 -8.97 -9.92 -0.87
C PRO A 75 -10.14 -10.16 0.08
N TYR A 76 -10.56 -11.41 0.18
CA TYR A 76 -11.67 -11.78 1.05
C TYR A 76 -11.67 -10.92 2.31
N THR A 77 -10.57 -10.94 3.04
CA THR A 77 -10.45 -10.15 4.27
C THR A 77 -9.72 -8.84 4.01
N ALA A 78 -9.55 -8.06 5.07
CA ALA A 78 -8.86 -6.77 4.96
C ALA A 78 -7.39 -6.91 5.31
N PRO A 79 -6.51 -6.40 4.43
CA PRO A 79 -5.06 -6.45 4.63
C PRO A 79 -4.59 -5.54 5.76
N GLU A 80 -3.31 -5.62 6.08
CA GLU A 80 -2.75 -4.80 7.15
C GLU A 80 -1.65 -3.88 6.60
N ILE A 81 -1.65 -2.64 7.07
CA ILE A 81 -0.66 -1.66 6.63
C ILE A 81 -0.26 -0.74 7.78
N GLU A 82 0.99 -0.27 7.75
CA GLU A 82 1.49 0.62 8.78
C GLU A 82 2.49 1.63 8.19
N PHE A 83 2.52 2.82 8.77
CA PHE A 83 3.43 3.87 8.31
C PHE A 83 4.76 3.80 9.04
N LYS A 84 5.86 3.94 8.30
CA LYS A 84 7.19 3.90 8.88
C LYS A 84 7.99 5.14 8.52
N ASN A 85 9.14 5.32 9.16
CA ASN A 85 9.99 6.47 8.89
C ASN A 85 9.28 7.77 9.27
N VAL A 86 8.31 8.16 8.45
CA VAL A 86 7.55 9.38 8.69
C VAL A 86 8.41 10.43 9.37
N GLN A 87 9.06 11.28 8.57
CA GLN A 87 9.91 12.33 9.10
C GLN A 87 9.16 13.66 9.18
N ASN A 88 8.91 14.27 8.02
CA ASN A 88 8.20 15.54 7.98
C ASN A 88 6.70 15.33 8.17
N VAL A 89 6.34 14.66 9.27
CA VAL A 89 4.94 14.39 9.57
C VAL A 89 4.66 14.57 11.05
N MET A 90 3.40 14.87 11.39
CA MET A 90 3.00 15.07 12.77
C MET A 90 2.31 13.83 13.32
N ASP A 91 1.10 13.56 12.82
CA ASP A 91 0.33 12.41 13.26
C ASP A 91 -1.06 12.41 12.65
N SER A 92 -1.71 13.58 12.67
CA SER A 92 -3.04 13.72 12.12
C SER A 92 -3.11 13.23 10.68
N GLN A 93 -2.06 13.52 9.92
CA GLN A 93 -1.98 13.11 8.52
C GLN A 93 -1.89 11.60 8.40
N LEU A 94 -1.09 10.98 9.26
CA LEU A 94 -0.92 9.53 9.25
C LEU A 94 -2.24 8.83 9.56
N GLN A 95 -2.91 9.28 10.61
CA GLN A 95 -4.19 8.70 11.01
C GLN A 95 -5.25 8.94 9.95
N MET A 96 -5.17 10.10 9.29
CA MET A 96 -6.13 10.46 8.26
C MET A 96 -6.11 9.43 7.12
N LEU A 97 -4.91 8.97 6.77
CA LEU A 97 -4.75 7.98 5.70
C LEU A 97 -5.37 6.65 6.09
N LYS A 98 -5.20 6.27 7.35
CA LYS A 98 -5.74 5.01 7.86
C LYS A 98 -7.25 4.94 7.64
N SER A 99 -7.92 6.07 7.81
CA SER A 99 -9.36 6.15 7.63
C SER A 99 -9.74 5.99 6.17
N GLU A 100 -8.95 6.60 5.29
CA GLU A 100 -9.20 6.53 3.85
C GLU A 100 -8.95 5.12 3.33
N PHE A 101 -8.10 4.38 4.04
CA PHE A 101 -7.77 3.01 3.64
C PHE A 101 -9.01 2.12 3.67
N LYS A 102 -9.91 2.41 4.60
CA LYS A 102 -11.15 1.64 4.72
C LYS A 102 -12.08 1.89 3.55
N LYS A 103 -12.18 3.16 3.14
CA LYS A 103 -13.04 3.54 2.03
C LYS A 103 -12.51 2.95 0.71
N ILE A 104 -11.20 2.99 0.54
CA ILE A 104 -10.57 2.46 -0.67
C ILE A 104 -10.77 0.96 -0.77
N HIS A 105 -10.51 0.26 0.32
CA HIS A 105 -10.65 -1.20 0.35
C HIS A 105 -12.10 -1.60 0.11
N ASN A 106 -13.03 -0.86 0.73
CA ASN A 106 -14.44 -1.14 0.58
C ASN A 106 -14.88 -1.07 -0.88
N THR A 107 -14.37 -0.06 -1.58
CA THR A 107 -14.71 0.13 -2.99
C THR A 107 -13.84 -0.76 -3.88
N SER A 108 -12.64 -1.09 -3.40
CA SER A 108 -11.72 -1.93 -4.15
C SER A 108 -11.63 -3.32 -3.53
N ARG A 109 -12.68 -3.72 -2.82
CA ARG A 109 -12.72 -5.02 -2.17
C ARG A 109 -12.89 -6.14 -3.21
N GLY A 110 -11.78 -6.52 -3.83
CA GLY A 110 -11.82 -7.57 -4.83
C GLY A 110 -10.68 -7.49 -5.82
N GLN A 111 -10.24 -6.26 -6.11
CA GLN A 111 -9.15 -6.05 -7.05
C GLN A 111 -7.91 -5.51 -6.32
N GLU A 112 -7.03 -4.86 -7.08
CA GLU A 112 -5.80 -4.30 -6.50
C GLU A 112 -6.12 -3.10 -5.62
N ILE A 113 -5.48 -3.03 -4.47
CA ILE A 113 -5.68 -1.93 -3.53
C ILE A 113 -4.38 -1.23 -3.20
N ILE A 114 -3.28 -1.80 -3.68
CA ILE A 114 -1.96 -1.23 -3.44
C ILE A 114 -1.79 0.10 -4.17
N PHE A 115 -2.18 0.12 -5.44
CA PHE A 115 -2.06 1.33 -6.26
C PHE A 115 -2.99 2.42 -5.72
N GLU A 116 -4.17 2.02 -5.27
CA GLU A 116 -5.14 2.97 -4.73
C GLU A 116 -4.64 3.58 -3.42
N ILE A 117 -4.12 2.74 -2.54
CA ILE A 117 -3.60 3.20 -1.26
C ILE A 117 -2.36 4.07 -1.44
N THR A 118 -1.49 3.65 -2.35
CA THR A 118 -0.25 4.39 -2.63
C THR A 118 -0.55 5.72 -3.30
N SER A 119 -1.46 5.70 -4.27
CA SER A 119 -1.83 6.91 -4.99
C SER A 119 -2.57 7.88 -4.07
N PHE A 120 -3.51 7.35 -3.30
CA PHE A 120 -4.30 8.18 -2.38
C PHE A 120 -3.40 8.81 -1.32
N THR A 121 -2.50 8.02 -0.76
CA THR A 121 -1.60 8.51 0.27
C THR A 121 -0.62 9.54 -0.31
N GLN A 122 -0.06 9.23 -1.47
CA GLN A 122 0.89 10.13 -2.12
C GLN A 122 0.20 11.43 -2.54
N GLU A 123 -1.00 11.30 -3.11
CA GLU A 123 -1.75 12.47 -3.56
C GLU A 123 -2.26 13.27 -2.36
N LYS A 124 -2.50 12.58 -1.26
CA LYS A 124 -3.00 13.22 -0.04
C LYS A 124 -1.87 13.93 0.70
N LEU A 125 -0.71 13.28 0.76
CA LEU A 125 0.45 13.85 1.43
C LEU A 125 1.01 15.04 0.66
N ASP A 126 1.00 14.94 -0.66
CA ASP A 126 1.50 16.01 -1.52
C ASP A 126 0.61 17.24 -1.40
N GLU A 127 -0.70 17.04 -1.48
CA GLU A 127 -1.65 18.15 -1.39
C GLU A 127 -1.60 18.79 0.00
N PHE A 128 -1.25 18.00 1.00
CA PHE A 128 -1.16 18.49 2.37
C PHE A 128 0.12 19.28 2.59
N GLN A 129 1.25 18.60 2.44
CA GLN A 129 2.55 19.24 2.62
C GLN A 129 2.53 20.69 2.15
N ASN A 130 1.97 20.91 0.97
CA ASN A 130 1.88 22.24 0.39
C ASN A 130 1.30 23.23 1.40
N VAL A 131 0.03 23.01 1.77
CA VAL A 131 -0.64 23.88 2.73
C VAL A 131 -2.04 23.36 3.05
N VAL A 132 -2.78 22.99 2.00
CA VAL A 132 -4.13 22.47 2.17
C VAL A 132 -4.68 21.97 0.84
N ASN A 133 -5.76 21.19 0.92
CA ASN A 133 -6.40 20.64 -0.29
C ASN A 133 -6.49 21.70 -1.38
N THR A 134 -5.63 21.58 -2.38
CA THR A 134 -5.62 22.52 -3.50
C THR A 134 -6.15 21.87 -4.77
N GLN A 135 -5.48 20.81 -5.22
CA GLN A 135 -5.89 20.10 -6.43
C GLN A 135 -7.23 19.39 -6.21
N SER A 136 -7.85 18.96 -7.31
CA SER A 136 -9.13 18.27 -7.24
C SER A 136 -9.37 17.46 -8.51
N LEU A 137 -8.77 16.29 -8.58
CA LEU A 137 -8.92 15.41 -9.73
C LEU A 137 -8.54 16.13 -11.02
N GLU A 138 -7.27 16.08 -11.36
CA GLU A 138 -6.78 16.74 -12.58
C GLU A 138 -6.04 15.75 -13.48
N MET A 1 0.02 -33.94 -8.09
CA MET A 1 -1.02 -34.44 -7.21
C MET A 1 -1.40 -33.40 -6.17
N SER A 2 -2.57 -32.78 -6.35
CA SER A 2 -3.05 -31.76 -5.43
C SER A 2 -4.56 -31.84 -5.27
N LEU A 3 -5.04 -31.58 -4.05
CA LEU A 3 -6.47 -31.62 -3.76
C LEU A 3 -7.04 -30.21 -3.64
N SER A 4 -6.58 -29.31 -4.50
CA SER A 4 -7.04 -27.93 -4.49
C SER A 4 -8.57 -27.86 -4.46
N HIS A 5 -9.19 -28.04 -5.63
CA HIS A 5 -10.64 -28.01 -5.74
C HIS A 5 -11.23 -26.99 -4.77
N LEU A 6 -11.35 -25.75 -5.22
CA LEU A 6 -11.91 -24.69 -4.39
C LEU A 6 -11.14 -24.57 -3.07
N THR A 7 -10.17 -23.66 -3.04
CA THR A 7 -9.37 -23.45 -1.84
C THR A 7 -8.65 -22.10 -1.89
N LEU A 8 -8.02 -21.73 -0.78
CA LEU A 8 -7.30 -20.47 -0.70
C LEU A 8 -6.05 -20.50 -1.58
N ASP A 9 -5.58 -21.70 -1.89
CA ASP A 9 -4.39 -21.86 -2.72
C ASP A 9 -4.51 -21.04 -4.01
N GLN A 10 -5.74 -20.92 -4.51
CA GLN A 10 -5.99 -20.16 -5.73
C GLN A 10 -5.78 -18.67 -5.49
N TYR A 11 -6.25 -18.18 -4.35
CA TYR A 11 -6.12 -16.77 -4.00
C TYR A 11 -4.68 -16.30 -4.17
N TYR A 12 -3.75 -17.23 -4.09
CA TYR A 12 -2.33 -16.92 -4.24
C TYR A 12 -2.05 -16.28 -5.60
N GLU A 13 -2.76 -16.75 -6.62
CA GLU A 13 -2.59 -16.24 -7.97
C GLU A 13 -2.90 -14.74 -8.03
N ILE A 14 -3.99 -14.35 -7.36
CA ILE A 14 -4.40 -12.95 -7.33
C ILE A 14 -3.40 -12.10 -6.54
N GLN A 15 -2.91 -12.65 -5.44
CA GLN A 15 -1.95 -11.94 -4.60
C GLN A 15 -0.65 -11.68 -5.35
N CYS A 16 -0.13 -12.72 -6.00
CA CYS A 16 1.11 -12.61 -6.76
C CYS A 16 0.93 -11.67 -7.95
N ASN A 17 -0.23 -11.75 -8.60
CA ASN A 17 -0.52 -10.91 -9.76
C ASN A 17 -0.44 -9.43 -9.38
N GLU A 18 -0.82 -9.11 -8.15
CA GLU A 18 -0.79 -7.73 -7.68
C GLU A 18 0.65 -7.23 -7.57
N LEU A 19 1.54 -8.08 -7.08
CA LEU A 19 2.94 -7.71 -6.94
C LEU A 19 3.55 -7.34 -8.28
N GLU A 20 3.38 -8.21 -9.28
CA GLU A 20 3.91 -7.97 -10.61
C GLU A 20 3.18 -6.82 -11.28
N ALA A 21 1.89 -6.70 -11.01
CA ALA A 21 1.08 -5.63 -11.59
C ALA A 21 1.57 -4.26 -11.14
N ILE A 22 1.73 -4.10 -9.83
CA ILE A 22 2.20 -2.84 -9.27
C ILE A 22 3.70 -2.67 -9.46
N ARG A 23 4.43 -3.78 -9.39
CA ARG A 23 5.87 -3.77 -9.55
C ARG A 23 6.27 -3.04 -10.83
N SER A 24 5.45 -3.20 -11.87
CA SER A 24 5.72 -2.56 -13.15
C SER A 24 5.59 -1.04 -13.04
N ILE A 25 4.76 -0.59 -12.13
CA ILE A 25 4.55 0.84 -11.92
C ILE A 25 5.61 1.42 -10.99
N TYR A 26 5.87 0.71 -9.89
CA TYR A 26 6.85 1.17 -8.92
C TYR A 26 8.07 0.26 -8.94
N MET A 27 8.58 -0.04 -10.13
CA MET A 27 9.74 -0.89 -10.29
C MET A 27 10.83 -0.53 -9.28
N ASP A 28 11.32 0.71 -9.38
CA ASP A 28 12.36 1.19 -8.47
C ASP A 28 11.75 1.68 -7.16
N ASP A 29 10.46 1.96 -7.18
CA ASP A 29 9.77 2.43 -5.99
C ASP A 29 8.98 1.30 -5.34
N PHE A 30 9.55 0.10 -5.36
CA PHE A 30 8.90 -1.06 -4.76
C PHE A 30 9.83 -1.73 -3.75
N THR A 31 9.32 -1.92 -2.53
CA THR A 31 10.10 -2.56 -1.47
C THR A 31 9.44 -3.85 -1.01
N ASP A 32 10.24 -4.90 -0.89
CA ASP A 32 9.74 -6.20 -0.45
C ASP A 32 10.12 -6.47 1.01
N LEU A 33 9.10 -6.54 1.87
CA LEU A 33 9.32 -6.78 3.30
C LEU A 33 8.99 -8.22 3.65
N THR A 34 8.45 -8.96 2.68
CA THR A 34 8.09 -10.36 2.90
C THR A 34 9.09 -11.05 3.83
N LYS A 35 8.58 -11.57 4.94
CA LYS A 35 9.42 -12.27 5.91
C LYS A 35 10.40 -13.20 5.20
N ARG A 36 11.60 -12.70 4.92
CA ARG A 36 12.62 -13.50 4.25
C ARG A 36 13.46 -14.28 5.26
N LYS A 37 14.42 -15.04 4.77
CA LYS A 37 15.29 -15.83 5.63
C LYS A 37 15.87 -14.97 6.74
N SER A 38 15.67 -15.39 7.99
CA SER A 38 16.18 -14.66 9.14
C SER A 38 15.74 -15.32 10.44
N SER A 39 15.94 -14.62 11.55
CA SER A 39 15.57 -15.13 12.86
C SER A 39 14.70 -14.14 13.61
N TRP A 40 13.38 -14.33 13.53
CA TRP A 40 12.44 -13.44 14.20
C TRP A 40 11.00 -13.88 13.95
N ASP A 41 10.76 -14.39 12.75
CA ASP A 41 9.42 -14.85 12.37
C ASP A 41 9.40 -15.35 10.94
N LYS A 42 8.57 -16.35 10.68
CA LYS A 42 8.46 -16.94 9.35
C LYS A 42 7.01 -17.30 9.03
N GLN A 43 6.18 -16.28 8.81
CA GLN A 43 4.78 -16.48 8.50
C GLN A 43 4.24 -15.38 7.59
N PRO A 44 4.96 -15.13 6.49
CA PRO A 44 4.59 -14.10 5.52
C PRO A 44 3.32 -14.48 4.73
N GLN A 45 3.09 -13.77 3.63
CA GLN A 45 1.93 -14.02 2.80
C GLN A 45 1.91 -13.10 1.58
N ILE A 46 3.08 -12.84 1.02
CA ILE A 46 3.20 -11.98 -0.14
C ILE A 46 3.29 -10.51 0.28
N ILE A 47 2.76 -10.20 1.45
CA ILE A 47 2.77 -8.84 1.97
C ILE A 47 4.03 -8.10 1.51
N PHE A 48 3.87 -6.81 1.24
CA PHE A 48 4.99 -5.99 0.79
C PHE A 48 4.73 -4.51 1.08
N GLU A 49 5.73 -3.68 0.82
CA GLU A 49 5.61 -2.25 1.06
C GLU A 49 5.90 -1.45 -0.22
N ILE A 50 5.45 -0.20 -0.25
CA ILE A 50 5.66 0.65 -1.41
C ILE A 50 6.04 2.06 -0.98
N THR A 51 7.13 2.57 -1.57
CA THR A 51 7.61 3.92 -1.25
C THR A 51 6.86 4.97 -2.07
N LEU A 52 6.23 5.90 -1.38
CA LEU A 52 5.48 6.96 -2.05
C LEU A 52 6.02 8.34 -1.63
N ARG A 53 5.62 9.36 -2.38
CA ARG A 53 6.06 10.73 -2.10
C ARG A 53 5.44 11.71 -3.09
N SER A 54 5.51 13.00 -2.76
CA SER A 54 4.96 14.04 -3.61
C SER A 54 5.65 14.04 -4.98
N VAL A 55 5.07 14.77 -5.92
CA VAL A 55 5.62 14.86 -7.27
C VAL A 55 6.82 15.79 -7.31
N ASP A 56 6.87 16.72 -6.36
CA ASP A 56 7.97 17.68 -6.28
C ASP A 56 8.69 17.56 -4.95
N LYS A 57 9.62 18.49 -4.70
CA LYS A 57 10.38 18.50 -3.45
C LYS A 57 10.07 19.75 -2.63
N GLU A 58 9.56 20.78 -3.30
CA GLU A 58 9.22 22.03 -2.64
C GLU A 58 7.71 22.27 -2.68
N PRO A 59 7.18 22.87 -1.60
CA PRO A 59 7.99 23.26 -0.43
C PRO A 59 8.48 22.05 0.35
N VAL A 60 7.91 20.89 0.06
CA VAL A 60 8.31 19.66 0.75
C VAL A 60 8.19 18.46 -0.18
N GLU A 61 8.69 17.30 0.27
CA GLU A 61 8.64 16.08 -0.52
C GLU A 61 7.61 15.11 0.05
N SER A 62 7.23 15.33 1.31
CA SER A 62 6.25 14.47 1.97
C SER A 62 6.37 13.04 1.48
N SER A 63 7.20 12.24 2.15
CA SER A 63 7.40 10.85 1.77
C SER A 63 6.73 9.91 2.78
N ILE A 64 5.84 9.06 2.28
CA ILE A 64 5.13 8.11 3.14
C ILE A 64 5.11 6.72 2.51
N THR A 65 5.39 5.70 3.33
CA THR A 65 5.40 4.33 2.85
C THR A 65 4.16 3.58 3.32
N LEU A 66 3.31 3.18 2.37
CA LEU A 66 2.09 2.46 2.69
C LEU A 66 2.33 0.95 2.66
N HIS A 67 2.30 0.33 3.83
CA HIS A 67 2.51 -1.11 3.94
C HIS A 67 1.18 -1.86 3.84
N PHE A 68 0.99 -2.56 2.73
CA PHE A 68 -0.24 -3.31 2.51
C PHE A 68 0.01 -4.81 2.70
N ALA A 69 -0.95 -5.48 3.33
CA ALA A 69 -0.84 -6.92 3.59
C ALA A 69 -2.01 -7.67 2.96
N MET A 70 -1.70 -8.71 2.20
CA MET A 70 -2.73 -9.52 1.55
C MET A 70 -2.97 -10.80 2.33
N THR A 71 -4.07 -10.84 3.08
CA THR A 71 -4.42 -12.02 3.87
C THR A 71 -4.58 -13.25 2.98
N PRO A 72 -4.49 -14.43 3.60
CA PRO A 72 -4.61 -15.71 2.89
C PRO A 72 -6.04 -15.95 2.41
N MET A 73 -6.94 -15.03 2.73
CA MET A 73 -8.34 -15.16 2.32
C MET A 73 -8.74 -14.01 1.40
N TYR A 74 -7.95 -12.93 1.42
CA TYR A 74 -8.22 -11.76 0.60
C TYR A 74 -8.26 -12.14 -0.88
N PRO A 75 -8.85 -11.26 -1.70
CA PRO A 75 -9.44 -10.01 -1.22
C PRO A 75 -10.70 -10.23 -0.40
N TYR A 76 -11.13 -11.49 -0.32
CA TYR A 76 -12.33 -11.84 0.44
C TYR A 76 -12.45 -10.98 1.70
N THR A 77 -11.45 -11.07 2.57
CA THR A 77 -11.44 -10.31 3.80
C THR A 77 -10.81 -8.93 3.60
N ALA A 78 -10.57 -8.22 4.70
CA ALA A 78 -9.97 -6.90 4.64
C ALA A 78 -8.51 -6.95 5.09
N PRO A 79 -7.60 -6.49 4.20
CA PRO A 79 -6.16 -6.47 4.49
C PRO A 79 -5.79 -5.44 5.55
N GLU A 80 -4.51 -5.13 5.65
CA GLU A 80 -4.03 -4.16 6.62
C GLU A 80 -3.15 -3.11 5.95
N ILE A 81 -3.29 -1.86 6.39
CA ILE A 81 -2.51 -0.76 5.83
C ILE A 81 -2.02 0.18 6.93
N GLU A 82 -0.77 0.61 6.82
CA GLU A 82 -0.18 1.51 7.79
C GLU A 82 0.82 2.46 7.13
N PHE A 83 0.89 3.69 7.63
CA PHE A 83 1.80 4.68 7.10
C PHE A 83 3.09 4.73 7.89
N LYS A 84 4.21 4.87 7.19
CA LYS A 84 5.52 4.92 7.84
C LYS A 84 6.27 6.19 7.44
N ASN A 85 7.43 6.39 8.04
CA ASN A 85 8.25 7.57 7.75
C ASN A 85 7.51 8.86 8.11
N VAL A 86 6.54 9.22 7.29
CA VAL A 86 5.75 10.43 7.51
C VAL A 86 6.61 11.54 8.09
N GLN A 87 7.24 12.31 7.21
CA GLN A 87 8.09 13.42 7.62
C GLN A 87 7.34 14.75 7.54
N ASN A 88 7.05 15.18 6.32
CA ASN A 88 6.34 16.43 6.11
C ASN A 88 4.83 16.24 6.24
N VAL A 89 4.43 15.46 7.24
CA VAL A 89 3.02 15.19 7.47
C VAL A 89 2.67 15.34 8.95
N MET A 90 1.45 15.79 9.23
CA MET A 90 0.99 15.96 10.60
C MET A 90 0.18 14.76 11.06
N ASP A 91 -1.02 14.61 10.51
CA ASP A 91 -1.89 13.49 10.87
C ASP A 91 -3.28 13.67 10.28
N SER A 92 -3.70 14.93 10.14
CA SER A 92 -5.01 15.23 9.59
C SER A 92 -5.18 14.61 8.20
N GLN A 93 -4.17 14.77 7.36
CA GLN A 93 -4.20 14.22 6.01
C GLN A 93 -4.09 12.70 6.03
N LEU A 94 -3.21 12.19 6.90
CA LEU A 94 -3.02 10.75 7.03
C LEU A 94 -4.32 10.04 7.37
N GLN A 95 -5.02 10.56 8.37
CA GLN A 95 -6.29 9.98 8.80
C GLN A 95 -7.34 10.11 7.70
N MET A 96 -7.27 11.21 6.95
CA MET A 96 -8.23 11.47 5.88
C MET A 96 -8.16 10.36 4.83
N LEU A 97 -6.97 9.85 4.58
CA LEU A 97 -6.77 8.78 3.60
C LEU A 97 -7.39 7.47 4.09
N LYS A 98 -7.21 7.18 5.38
CA LYS A 98 -7.75 5.97 5.97
C LYS A 98 -9.25 5.87 5.75
N SER A 99 -9.93 7.02 5.79
CA SER A 99 -11.37 7.07 5.59
C SER A 99 -11.73 6.70 4.15
N GLU A 100 -10.98 7.26 3.21
CA GLU A 100 -11.21 6.99 1.79
C GLU A 100 -10.82 5.57 1.42
N PHE A 101 -9.89 5.00 2.19
CA PHE A 101 -9.41 3.65 1.96
C PHE A 101 -10.56 2.65 2.04
N LYS A 102 -11.59 2.99 2.81
CA LYS A 102 -12.76 2.12 2.96
C LYS A 102 -13.60 2.11 1.69
N LYS A 103 -13.77 3.28 1.09
CA LYS A 103 -14.55 3.39 -0.14
C LYS A 103 -13.82 2.76 -1.32
N ILE A 104 -12.51 2.96 -1.38
CA ILE A 104 -11.70 2.40 -2.45
C ILE A 104 -11.74 0.88 -2.44
N HIS A 105 -11.55 0.30 -1.24
CA HIS A 105 -11.56 -1.15 -1.09
C HIS A 105 -12.93 -1.71 -1.45
N ASN A 106 -13.98 -1.03 -1.03
CA ASN A 106 -15.35 -1.47 -1.31
C ASN A 106 -15.59 -1.57 -2.82
N THR A 107 -15.04 -0.62 -3.56
CA THR A 107 -15.19 -0.60 -5.01
C THR A 107 -14.18 -1.53 -5.68
N SER A 108 -13.04 -1.72 -5.03
CA SER A 108 -11.99 -2.58 -5.57
C SER A 108 -11.82 -3.83 -4.72
N ARG A 109 -12.94 -4.46 -4.37
CA ARG A 109 -12.90 -5.67 -3.55
C ARG A 109 -13.00 -6.92 -4.41
N GLY A 110 -11.86 -7.37 -4.93
CA GLY A 110 -11.84 -8.54 -5.77
C GLY A 110 -10.93 -8.39 -6.98
N GLN A 111 -10.28 -7.23 -7.08
CA GLN A 111 -9.39 -6.96 -8.19
C GLN A 111 -8.03 -6.50 -7.69
N GLU A 112 -7.95 -5.25 -7.23
CA GLU A 112 -6.70 -4.69 -6.72
C GLU A 112 -6.97 -3.44 -5.90
N ILE A 113 -6.20 -3.28 -4.82
CA ILE A 113 -6.36 -2.12 -3.94
C ILE A 113 -5.01 -1.44 -3.70
N ILE A 114 -3.94 -2.11 -4.11
CA ILE A 114 -2.60 -1.55 -3.94
C ILE A 114 -2.40 -0.32 -4.81
N PHE A 115 -2.84 -0.40 -6.06
CA PHE A 115 -2.70 0.71 -6.99
C PHE A 115 -3.68 1.83 -6.64
N GLU A 116 -4.87 1.45 -6.20
CA GLU A 116 -5.89 2.42 -5.82
C GLU A 116 -5.48 3.20 -4.58
N ILE A 117 -4.98 2.49 -3.58
CA ILE A 117 -4.54 3.12 -2.34
C ILE A 117 -3.32 4.00 -2.56
N THR A 118 -2.38 3.49 -3.37
CA THR A 118 -1.16 4.24 -3.66
C THR A 118 -1.46 5.47 -4.52
N SER A 119 -2.36 5.32 -5.48
CA SER A 119 -2.75 6.41 -6.36
C SER A 119 -3.49 7.50 -5.59
N PHE A 120 -4.42 7.07 -4.74
CA PHE A 120 -5.22 8.01 -3.94
C PHE A 120 -4.32 8.84 -3.04
N THR A 121 -3.39 8.17 -2.36
CA THR A 121 -2.47 8.85 -1.45
C THR A 121 -1.48 9.72 -2.22
N GLN A 122 -1.03 9.22 -3.36
CA GLN A 122 -0.08 9.96 -4.19
C GLN A 122 -0.73 11.21 -4.78
N GLU A 123 -1.98 11.07 -5.20
CA GLU A 123 -2.71 12.19 -5.79
C GLU A 123 -3.12 13.20 -4.71
N LYS A 124 -3.54 12.70 -3.56
CA LYS A 124 -3.96 13.55 -2.45
C LYS A 124 -2.75 14.09 -1.71
N LEU A 125 -1.61 13.45 -1.88
CA LEU A 125 -0.37 13.87 -1.23
C LEU A 125 0.13 15.19 -1.81
N ASP A 126 0.26 15.23 -3.14
CA ASP A 126 0.72 16.43 -3.82
C ASP A 126 -0.32 17.53 -3.75
N GLU A 127 -1.59 17.15 -3.84
CA GLU A 127 -2.69 18.11 -3.78
C GLU A 127 -2.67 18.88 -2.47
N PHE A 128 -2.30 18.21 -1.39
CA PHE A 128 -2.25 18.83 -0.08
C PHE A 128 -0.97 19.66 0.07
N GLN A 129 0.14 19.12 -0.40
CA GLN A 129 1.43 19.81 -0.32
C GLN A 129 1.42 21.07 -1.16
N ASN A 130 0.64 21.05 -2.24
CA ASN A 130 0.54 22.20 -3.13
C ASN A 130 -0.24 23.33 -2.49
N VAL A 131 -1.25 22.97 -1.71
CA VAL A 131 -2.09 23.96 -1.03
C VAL A 131 -2.08 23.73 0.48
N VAL A 132 -0.98 23.22 0.99
CA VAL A 132 -0.85 22.95 2.43
C VAL A 132 -1.01 24.23 3.23
N ASN A 133 -1.85 24.17 4.26
CA ASN A 133 -2.10 25.32 5.12
C ASN A 133 -1.36 25.19 6.45
N THR A 134 -0.10 24.75 6.38
CA THR A 134 0.72 24.57 7.57
C THR A 134 2.20 24.64 7.23
N GLN A 135 2.83 25.77 7.56
CA GLN A 135 4.25 25.96 7.29
C GLN A 135 5.10 25.49 8.47
N SER A 136 5.63 24.27 8.35
CA SER A 136 6.46 23.71 9.40
C SER A 136 7.18 22.46 8.92
N LEU A 137 7.98 21.86 9.79
CA LEU A 137 8.73 20.66 9.45
C LEU A 137 9.18 19.92 10.71
N GLU A 138 9.57 18.66 10.54
CA GLU A 138 10.02 17.84 11.66
C GLU A 138 11.33 18.38 12.23
N MET A 1 -5.67 -27.65 -2.85
CA MET A 1 -4.52 -27.33 -3.71
C MET A 1 -4.83 -27.63 -5.17
N SER A 2 -4.51 -26.68 -6.05
CA SER A 2 -4.76 -26.85 -7.48
C SER A 2 -6.22 -27.23 -7.74
N LEU A 3 -6.53 -27.50 -8.99
CA LEU A 3 -7.89 -27.88 -9.38
C LEU A 3 -8.87 -26.75 -9.07
N SER A 4 -9.41 -26.14 -10.12
CA SER A 4 -10.36 -25.05 -9.96
C SER A 4 -11.63 -25.53 -9.24
N HIS A 5 -11.66 -25.31 -7.93
CA HIS A 5 -12.80 -25.71 -7.12
C HIS A 5 -13.07 -24.71 -6.00
N LEU A 6 -12.86 -23.43 -6.30
CA LEU A 6 -13.07 -22.37 -5.32
C LEU A 6 -12.24 -22.61 -4.07
N THR A 7 -11.21 -21.80 -3.88
CA THR A 7 -10.34 -21.93 -2.72
C THR A 7 -9.45 -20.70 -2.57
N LEU A 8 -8.72 -20.63 -1.45
CA LEU A 8 -7.83 -19.52 -1.18
C LEU A 8 -6.69 -19.48 -2.20
N ASP A 9 -6.38 -20.63 -2.78
CA ASP A 9 -5.31 -20.73 -3.78
C ASP A 9 -5.55 -19.74 -4.91
N GLN A 10 -6.81 -19.53 -5.26
CA GLN A 10 -7.17 -18.62 -6.34
C GLN A 10 -6.76 -17.19 -6.00
N TYR A 11 -6.87 -16.83 -4.73
CA TYR A 11 -6.51 -15.50 -4.27
C TYR A 11 -5.01 -15.24 -4.43
N TYR A 12 -4.24 -16.33 -4.43
CA TYR A 12 -2.79 -16.23 -4.58
C TYR A 12 -2.42 -15.54 -5.89
N GLU A 13 -3.13 -15.88 -6.96
CA GLU A 13 -2.88 -15.30 -8.27
C GLU A 13 -3.05 -13.78 -8.22
N ILE A 14 -4.13 -13.32 -7.60
CA ILE A 14 -4.41 -11.90 -7.49
C ILE A 14 -3.39 -11.21 -6.59
N GLN A 15 -3.05 -11.87 -5.48
CA GLN A 15 -2.09 -11.32 -4.54
C GLN A 15 -0.72 -11.15 -5.18
N CYS A 16 -0.27 -12.19 -5.86
CA CYS A 16 1.03 -12.16 -6.53
C CYS A 16 1.07 -11.08 -7.60
N ASN A 17 0.01 -11.01 -8.40
CA ASN A 17 -0.09 -10.02 -9.47
C ASN A 17 0.04 -8.61 -8.91
N GLU A 18 -0.47 -8.40 -7.70
CA GLU A 18 -0.43 -7.10 -7.06
C GLU A 18 1.02 -6.68 -6.78
N LEU A 19 1.84 -7.65 -6.39
CA LEU A 19 3.24 -7.39 -6.09
C LEU A 19 4.00 -6.98 -7.36
N GLU A 20 3.86 -7.78 -8.40
CA GLU A 20 4.54 -7.50 -9.67
C GLU A 20 3.93 -6.27 -10.35
N ALA A 21 2.62 -6.09 -10.17
CA ALA A 21 1.92 -4.95 -10.75
C ALA A 21 2.40 -3.63 -10.15
N ILE A 22 2.42 -3.58 -8.82
CA ILE A 22 2.87 -2.38 -8.12
C ILE A 22 4.37 -2.19 -8.23
N ARG A 23 5.10 -3.30 -8.26
CA ARG A 23 6.56 -3.26 -8.38
C ARG A 23 6.98 -2.40 -9.56
N SER A 24 6.21 -2.47 -10.64
CA SER A 24 6.51 -1.70 -11.85
C SER A 24 6.35 -0.21 -11.60
N ILE A 25 5.45 0.14 -10.69
CA ILE A 25 5.20 1.54 -10.35
C ILE A 25 6.20 2.04 -9.32
N TYR A 26 6.44 1.25 -8.29
CA TYR A 26 7.39 1.60 -7.24
C TYR A 26 8.66 0.77 -7.33
N MET A 27 9.14 0.56 -8.56
CA MET A 27 10.35 -0.22 -8.77
C MET A 27 11.40 0.08 -7.70
N ASP A 28 11.80 1.34 -7.61
CA ASP A 28 12.80 1.76 -6.63
C ASP A 28 12.14 2.09 -5.29
N ASP A 29 10.84 2.36 -5.33
CA ASP A 29 10.09 2.69 -4.12
C ASP A 29 9.38 1.45 -3.57
N PHE A 30 10.02 0.30 -3.72
CA PHE A 30 9.45 -0.95 -3.24
C PHE A 30 10.35 -1.59 -2.17
N THR A 31 9.73 -2.12 -1.12
CA THR A 31 10.47 -2.75 -0.04
C THR A 31 10.12 -4.23 0.08
N ASP A 32 11.14 -5.07 0.21
CA ASP A 32 10.92 -6.51 0.35
C ASP A 32 11.05 -6.95 1.80
N LEU A 33 9.96 -7.50 2.34
CA LEU A 33 9.95 -7.95 3.72
C LEU A 33 9.51 -9.42 3.81
N THR A 34 9.11 -9.97 2.66
CA THR A 34 8.67 -11.37 2.61
C THR A 34 9.77 -12.32 3.06
N LYS A 35 9.67 -13.57 2.65
CA LYS A 35 10.66 -14.58 3.01
C LYS A 35 11.53 -14.94 1.81
N ARG A 36 11.61 -14.03 0.85
CA ARG A 36 12.41 -14.24 -0.34
C ARG A 36 13.72 -14.96 0.00
N LYS A 37 14.62 -14.23 0.67
CA LYS A 37 15.91 -14.80 1.05
C LYS A 37 16.71 -13.80 1.89
N SER A 38 17.14 -14.23 3.07
CA SER A 38 17.90 -13.38 3.96
C SER A 38 17.91 -13.93 5.38
N SER A 39 16.75 -13.87 6.03
CA SER A 39 16.61 -14.36 7.41
C SER A 39 16.46 -15.88 7.41
N TRP A 40 16.15 -16.42 8.59
CA TRP A 40 15.98 -17.86 8.74
C TRP A 40 14.50 -18.23 8.84
N ASP A 41 13.73 -17.37 9.49
CA ASP A 41 12.29 -17.60 9.65
C ASP A 41 11.50 -16.31 9.39
N LYS A 42 10.38 -16.46 8.69
CA LYS A 42 9.54 -15.31 8.37
C LYS A 42 8.06 -15.71 8.38
N GLN A 43 7.73 -16.74 7.62
CA GLN A 43 6.36 -17.22 7.53
C GLN A 43 5.42 -16.12 7.09
N PRO A 44 5.83 -15.39 6.03
CA PRO A 44 5.03 -14.28 5.48
C PRO A 44 3.77 -14.78 4.78
N GLN A 45 3.20 -13.92 3.94
CA GLN A 45 1.98 -14.26 3.21
C GLN A 45 1.82 -13.38 1.97
N ILE A 46 2.95 -13.04 1.33
CA ILE A 46 2.92 -12.21 0.15
C ILE A 46 2.91 -10.73 0.52
N ILE A 47 2.88 -10.45 1.82
CA ILE A 47 2.87 -9.08 2.31
C ILE A 47 4.13 -8.32 1.90
N PHE A 48 3.99 -7.02 1.65
CA PHE A 48 5.12 -6.21 1.24
C PHE A 48 4.92 -4.75 1.69
N GLU A 49 6.03 -4.05 1.89
CA GLU A 49 5.98 -2.65 2.32
C GLU A 49 6.38 -1.71 1.19
N ILE A 50 5.73 -0.56 1.13
CA ILE A 50 6.02 0.42 0.10
C ILE A 50 6.35 1.79 0.70
N THR A 51 7.43 2.39 0.24
CA THR A 51 7.85 3.69 0.74
C THR A 51 7.13 4.82 0.00
N LEU A 52 6.49 5.70 0.76
CA LEU A 52 5.76 6.83 0.17
C LEU A 52 6.29 8.15 0.72
N ARG A 53 5.93 9.24 0.05
CA ARG A 53 6.36 10.56 0.48
C ARG A 53 5.83 11.64 -0.48
N SER A 54 6.03 12.90 -0.11
CA SER A 54 5.58 14.01 -0.93
C SER A 54 6.28 14.01 -2.28
N VAL A 55 5.81 14.87 -3.19
CA VAL A 55 6.39 14.97 -4.52
C VAL A 55 7.60 15.91 -4.53
N ASP A 56 7.64 16.81 -3.57
CA ASP A 56 8.75 17.76 -3.46
C ASP A 56 9.49 17.58 -2.14
N LYS A 57 10.43 18.49 -1.86
CA LYS A 57 11.21 18.42 -0.64
C LYS A 57 10.92 19.62 0.25
N GLU A 58 10.24 20.63 -0.31
CA GLU A 58 9.90 21.83 0.45
C GLU A 58 8.40 22.11 0.36
N PRO A 59 7.86 22.72 1.42
CA PRO A 59 8.64 23.11 2.60
C PRO A 59 9.10 21.90 3.41
N VAL A 60 8.58 20.73 3.05
CA VAL A 60 8.95 19.50 3.75
C VAL A 60 9.06 18.33 2.78
N GLU A 61 9.66 17.23 3.23
CA GLU A 61 9.84 16.06 2.40
C GLU A 61 8.70 15.07 2.62
N SER A 62 8.08 15.14 3.78
CA SER A 62 6.97 14.25 4.12
C SER A 62 7.26 12.83 3.66
N SER A 63 7.81 12.01 4.55
CA SER A 63 8.13 10.63 4.23
C SER A 63 7.31 9.66 5.09
N ILE A 64 6.57 8.78 4.42
CA ILE A 64 5.74 7.81 5.12
C ILE A 64 5.83 6.44 4.46
N THR A 65 5.90 5.39 5.27
CA THR A 65 6.00 4.03 4.77
C THR A 65 4.67 3.30 4.91
N LEU A 66 4.05 2.98 3.79
CA LEU A 66 2.77 2.27 3.79
C LEU A 66 2.97 0.77 3.55
N HIS A 67 2.70 -0.03 4.58
CA HIS A 67 2.84 -1.48 4.48
C HIS A 67 1.47 -2.16 4.47
N PHE A 68 1.14 -2.79 3.36
CA PHE A 68 -0.14 -3.47 3.22
C PHE A 68 0.05 -4.99 3.34
N ALA A 69 -0.89 -5.64 4.02
CA ALA A 69 -0.83 -7.08 4.22
C ALA A 69 -2.03 -7.77 3.56
N MET A 70 -1.76 -8.81 2.79
CA MET A 70 -2.80 -9.56 2.10
C MET A 70 -3.26 -10.76 2.94
N THR A 71 -4.36 -10.58 3.65
CA THR A 71 -4.90 -11.64 4.49
C THR A 71 -5.14 -12.92 3.69
N PRO A 72 -5.30 -14.05 4.40
CA PRO A 72 -5.53 -15.35 3.77
C PRO A 72 -6.91 -15.44 3.12
N MET A 73 -7.66 -14.34 3.16
CA MET A 73 -8.99 -14.29 2.58
C MET A 73 -9.12 -13.13 1.60
N TYR A 74 -8.27 -12.13 1.77
CA TYR A 74 -8.29 -10.96 0.90
C TYR A 74 -8.30 -11.38 -0.57
N PRO A 75 -8.91 -10.54 -1.42
CA PRO A 75 -9.55 -9.29 -0.98
C PRO A 75 -10.82 -9.55 -0.16
N TYR A 76 -11.31 -10.78 -0.20
CA TYR A 76 -12.51 -11.15 0.54
C TYR A 76 -12.60 -10.39 1.86
N THR A 77 -11.48 -10.32 2.57
CA THR A 77 -11.44 -9.62 3.84
C THR A 77 -10.63 -8.33 3.74
N ALA A 78 -10.78 -7.47 4.73
CA ALA A 78 -10.05 -6.20 4.74
C ALA A 78 -8.62 -6.39 5.22
N PRO A 79 -7.65 -5.92 4.41
CA PRO A 79 -6.23 -6.03 4.72
C PRO A 79 -5.82 -5.13 5.88
N GLU A 80 -4.55 -5.22 6.29
CA GLU A 80 -4.05 -4.41 7.38
C GLU A 80 -2.91 -3.50 6.91
N ILE A 81 -2.95 -2.24 7.32
CA ILE A 81 -1.93 -1.28 6.94
C ILE A 81 -1.62 -0.32 8.09
N GLU A 82 -0.39 0.17 8.13
CA GLU A 82 0.03 1.11 9.17
C GLU A 82 1.08 2.08 8.65
N PHE A 83 1.07 3.30 9.18
CA PHE A 83 2.02 4.32 8.77
C PHE A 83 3.27 4.28 9.63
N LYS A 84 4.43 4.47 8.99
CA LYS A 84 5.70 4.45 9.70
C LYS A 84 6.49 5.73 9.42
N ASN A 85 7.52 5.97 10.23
CA ASN A 85 8.36 7.16 10.06
C ASN A 85 7.55 8.42 10.29
N VAL A 86 6.68 8.74 9.34
CA VAL A 86 5.84 9.94 9.44
C VAL A 86 6.55 11.05 10.20
N GLN A 87 7.28 11.90 9.48
CA GLN A 87 8.01 13.00 10.09
C GLN A 87 7.17 14.28 10.08
N ASN A 88 7.24 15.01 8.97
CA ASN A 88 6.50 16.25 8.82
C ASN A 88 5.06 16.07 9.30
N VAL A 89 4.47 14.92 9.02
CA VAL A 89 3.10 14.63 9.42
C VAL A 89 2.96 14.65 10.94
N MET A 90 1.83 15.15 11.42
CA MET A 90 1.57 15.23 12.85
C MET A 90 0.77 14.02 13.32
N ASP A 91 -0.39 13.81 12.70
CA ASP A 91 -1.25 12.68 13.07
C ASP A 91 -2.61 12.80 12.39
N SER A 92 -3.15 14.01 12.37
CA SER A 92 -4.46 14.26 11.76
C SER A 92 -4.48 13.77 10.32
N GLN A 93 -3.37 13.96 9.61
CA GLN A 93 -3.27 13.53 8.22
C GLN A 93 -3.26 12.00 8.12
N LEU A 94 -2.52 11.35 9.01
CA LEU A 94 -2.43 9.89 9.02
C LEU A 94 -3.80 9.27 9.25
N GLN A 95 -4.51 9.77 10.26
CA GLN A 95 -5.84 9.26 10.59
C GLN A 95 -6.81 9.50 9.44
N MET A 96 -6.63 10.62 8.74
CA MET A 96 -7.49 10.98 7.63
C MET A 96 -7.42 9.91 6.54
N LEU A 97 -6.23 9.42 6.28
CA LEU A 97 -6.02 8.39 5.26
C LEU A 97 -6.72 7.08 5.64
N LYS A 98 -6.64 6.75 6.93
CA LYS A 98 -7.27 5.53 7.42
C LYS A 98 -8.76 5.49 7.07
N SER A 99 -9.45 6.60 7.30
CA SER A 99 -10.87 6.69 7.01
C SER A 99 -11.13 6.47 5.52
N GLU A 100 -10.23 6.97 4.69
CA GLU A 100 -10.36 6.83 3.25
C GLU A 100 -10.11 5.38 2.82
N PHE A 101 -9.28 4.69 3.56
CA PHE A 101 -8.96 3.29 3.26
C PHE A 101 -10.22 2.43 3.28
N LYS A 102 -11.12 2.73 4.20
CA LYS A 102 -12.37 1.99 4.32
C LYS A 102 -13.24 2.17 3.09
N LYS A 103 -13.27 3.41 2.56
CA LYS A 103 -14.06 3.72 1.39
C LYS A 103 -13.46 3.08 0.14
N ILE A 104 -12.14 3.17 0.02
CA ILE A 104 -11.43 2.60 -1.12
C ILE A 104 -11.62 1.08 -1.17
N HIS A 105 -11.42 0.43 -0.04
CA HIS A 105 -11.57 -1.02 0.04
C HIS A 105 -13.00 -1.44 -0.27
N ASN A 106 -13.96 -0.71 0.29
CA ASN A 106 -15.38 -1.00 0.07
C ASN A 106 -15.72 -0.98 -1.42
N THR A 107 -15.14 -0.02 -2.14
CA THR A 107 -15.38 0.11 -3.56
C THR A 107 -14.38 -0.70 -4.37
N SER A 108 -13.25 -1.02 -3.75
CA SER A 108 -12.21 -1.80 -4.41
C SER A 108 -12.12 -3.20 -3.81
N ARG A 109 -13.25 -3.71 -3.35
CA ARG A 109 -13.30 -5.04 -2.75
C ARG A 109 -13.32 -6.12 -3.83
N GLY A 110 -12.15 -6.55 -4.26
CA GLY A 110 -12.06 -7.57 -5.28
C GLY A 110 -11.48 -7.05 -6.58
N GLN A 111 -10.40 -6.28 -6.47
CA GLN A 111 -9.74 -5.71 -7.65
C GLN A 111 -8.47 -4.98 -7.26
N GLU A 112 -7.84 -5.41 -6.17
CA GLU A 112 -6.61 -4.80 -5.68
C GLU A 112 -6.89 -3.41 -5.11
N ILE A 113 -6.21 -3.10 -4.01
CA ILE A 113 -6.38 -1.81 -3.36
C ILE A 113 -5.04 -1.20 -2.98
N ILE A 114 -3.97 -1.91 -3.30
CA ILE A 114 -2.62 -1.44 -3.00
C ILE A 114 -2.30 -0.15 -3.76
N PHE A 115 -2.63 -0.14 -5.04
CA PHE A 115 -2.38 1.04 -5.89
C PHE A 115 -3.36 2.16 -5.54
N GLU A 116 -4.56 1.79 -5.13
CA GLU A 116 -5.58 2.77 -4.77
C GLU A 116 -5.20 3.52 -3.49
N ILE A 117 -4.75 2.78 -2.49
CA ILE A 117 -4.35 3.37 -1.22
C ILE A 117 -3.10 4.24 -1.39
N THR A 118 -2.13 3.73 -2.15
CA THR A 118 -0.89 4.46 -2.39
C THR A 118 -1.14 5.69 -3.25
N SER A 119 -1.99 5.55 -4.27
CA SER A 119 -2.30 6.65 -5.17
C SER A 119 -3.11 7.72 -4.45
N PHE A 120 -4.09 7.29 -3.66
CA PHE A 120 -4.93 8.20 -2.91
C PHE A 120 -4.13 8.93 -1.82
N THR A 121 -3.38 8.16 -1.05
CA THR A 121 -2.57 8.71 0.03
C THR A 121 -1.52 9.68 -0.52
N GLN A 122 -0.93 9.32 -1.65
CA GLN A 122 0.10 10.15 -2.28
C GLN A 122 -0.51 11.46 -2.77
N GLU A 123 -1.60 11.36 -3.53
CA GLU A 123 -2.26 12.54 -4.06
C GLU A 123 -2.80 13.42 -2.94
N LYS A 124 -3.31 12.78 -1.89
CA LYS A 124 -3.85 13.51 -0.74
C LYS A 124 -2.74 14.08 0.13
N LEU A 125 -1.64 13.33 0.23
CA LEU A 125 -0.50 13.76 1.02
C LEU A 125 0.22 14.93 0.37
N ASP A 126 0.54 14.80 -0.91
CA ASP A 126 1.21 15.85 -1.65
C ASP A 126 0.40 17.14 -1.62
N GLU A 127 -0.89 17.03 -1.88
CA GLU A 127 -1.78 18.19 -1.88
C GLU A 127 -1.87 18.80 -0.49
N PHE A 128 -1.69 17.97 0.53
CA PHE A 128 -1.76 18.42 1.92
C PHE A 128 -0.53 19.24 2.28
N GLN A 129 0.65 18.71 1.93
CA GLN A 129 1.91 19.39 2.22
C GLN A 129 1.96 20.75 1.56
N ASN A 130 1.45 20.84 0.33
CA ASN A 130 1.43 22.09 -0.41
C ASN A 130 0.43 23.07 0.18
N VAL A 131 -0.85 22.87 -0.14
CA VAL A 131 -1.91 23.73 0.36
C VAL A 131 -3.28 23.22 -0.04
N VAL A 132 -3.44 22.89 -1.32
CA VAL A 132 -4.70 22.37 -1.83
C VAL A 132 -4.49 21.57 -3.11
N ASN A 133 -5.04 20.36 -3.14
CA ASN A 133 -4.91 19.50 -4.31
C ASN A 133 -3.45 19.39 -4.75
N THR A 134 -3.22 18.63 -5.82
CA THR A 134 -1.87 18.44 -6.34
C THR A 134 -1.41 19.67 -7.11
N GLN A 135 -0.19 19.60 -7.64
CA GLN A 135 0.38 20.71 -8.41
C GLN A 135 1.49 20.22 -9.33
N SER A 136 2.30 19.29 -8.83
CA SER A 136 3.41 18.76 -9.61
C SER A 136 3.04 17.41 -10.21
N LEU A 137 2.37 16.57 -9.43
CA LEU A 137 1.95 15.25 -9.89
C LEU A 137 3.15 14.32 -10.01
N GLU A 138 4.00 14.59 -11.00
CA GLU A 138 5.19 13.78 -11.23
C GLU A 138 6.35 14.64 -11.72
N MET A 1 3.47 -24.74 -7.81
CA MET A 1 2.42 -25.37 -7.03
C MET A 1 1.08 -24.66 -7.23
N SER A 2 0.08 -25.40 -7.67
CA SER A 2 -1.25 -24.84 -7.90
C SER A 2 -2.18 -25.86 -8.55
N LEU A 3 -3.13 -26.36 -7.78
CA LEU A 3 -4.09 -27.34 -8.28
C LEU A 3 -5.31 -26.66 -8.88
N SER A 4 -6.22 -27.47 -9.41
CA SER A 4 -7.44 -26.94 -10.02
C SER A 4 -8.63 -27.10 -9.08
N HIS A 5 -8.89 -26.06 -8.29
CA HIS A 5 -10.01 -26.09 -7.34
C HIS A 5 -10.37 -24.67 -6.90
N LEU A 6 -11.46 -24.55 -6.16
CA LEU A 6 -11.93 -23.25 -5.68
C LEU A 6 -11.50 -23.03 -4.24
N THR A 7 -10.25 -23.35 -3.93
CA THR A 7 -9.71 -23.17 -2.58
C THR A 7 -8.98 -21.84 -2.45
N LEU A 8 -8.24 -21.69 -1.36
CA LEU A 8 -7.49 -20.46 -1.12
C LEU A 8 -6.33 -20.32 -2.10
N ASP A 9 -5.87 -21.45 -2.63
CA ASP A 9 -4.77 -21.45 -3.59
C ASP A 9 -5.08 -20.54 -4.77
N GLN A 10 -6.36 -20.42 -5.10
CA GLN A 10 -6.79 -19.58 -6.21
C GLN A 10 -6.53 -18.10 -5.91
N TYR A 11 -6.69 -17.72 -4.66
CA TYR A 11 -6.48 -16.34 -4.24
C TYR A 11 -5.00 -15.95 -4.37
N TYR A 12 -4.13 -16.95 -4.24
CA TYR A 12 -2.69 -16.71 -4.35
C TYR A 12 -2.33 -16.11 -5.70
N GLU A 13 -2.99 -16.60 -6.75
CA GLU A 13 -2.74 -16.11 -8.10
C GLU A 13 -3.00 -14.61 -8.20
N ILE A 14 -4.11 -14.18 -7.60
CA ILE A 14 -4.48 -12.76 -7.63
C ILE A 14 -3.49 -11.93 -6.81
N GLN A 15 -3.19 -12.38 -5.60
CA GLN A 15 -2.26 -11.68 -4.73
C GLN A 15 -0.90 -11.52 -5.39
N CYS A 16 -0.40 -12.61 -5.98
CA CYS A 16 0.89 -12.59 -6.66
C CYS A 16 0.90 -11.56 -7.78
N ASN A 17 -0.16 -11.53 -8.57
CA ASN A 17 -0.27 -10.59 -9.68
C ASN A 17 -0.19 -9.14 -9.18
N GLU A 18 -0.72 -8.91 -7.98
CA GLU A 18 -0.70 -7.57 -7.39
C GLU A 18 0.73 -7.12 -7.12
N LEU A 19 1.56 -8.04 -6.66
CA LEU A 19 2.95 -7.73 -6.36
C LEU A 19 3.70 -7.31 -7.62
N GLU A 20 3.60 -8.13 -8.66
CA GLU A 20 4.27 -7.84 -9.93
C GLU A 20 3.64 -6.62 -10.61
N ALA A 21 2.32 -6.49 -10.46
CA ALA A 21 1.60 -5.37 -11.05
C ALA A 21 2.08 -4.03 -10.49
N ILE A 22 2.12 -3.94 -9.17
CA ILE A 22 2.57 -2.72 -8.50
C ILE A 22 4.08 -2.57 -8.59
N ARG A 23 4.79 -3.68 -8.54
CA ARG A 23 6.25 -3.67 -8.62
C ARG A 23 6.72 -2.89 -9.85
N SER A 24 5.96 -3.00 -10.93
CA SER A 24 6.30 -2.31 -12.17
C SER A 24 6.17 -0.79 -12.01
N ILE A 25 5.24 -0.38 -11.16
CA ILE A 25 5.00 1.04 -10.91
C ILE A 25 6.02 1.59 -9.92
N TYR A 26 6.26 0.86 -8.85
CA TYR A 26 7.23 1.28 -7.83
C TYR A 26 8.47 0.40 -7.86
N MET A 27 8.97 0.12 -9.06
CA MET A 27 10.16 -0.70 -9.22
C MET A 27 11.23 -0.32 -8.21
N ASP A 28 11.39 0.98 -7.99
CA ASP A 28 12.38 1.48 -7.04
C ASP A 28 11.71 1.95 -5.75
N ASP A 29 10.41 2.23 -5.83
CA ASP A 29 9.67 2.68 -4.67
C ASP A 29 8.96 1.51 -3.98
N PHE A 30 9.48 0.31 -4.19
CA PHE A 30 8.91 -0.89 -3.60
C PHE A 30 9.89 -1.51 -2.59
N THR A 31 9.34 -2.06 -1.51
CA THR A 31 10.16 -2.69 -0.48
C THR A 31 9.73 -4.13 -0.24
N ASP A 32 10.69 -5.04 -0.23
CA ASP A 32 10.41 -6.46 -0.02
C ASP A 32 10.57 -6.82 1.46
N LEU A 33 9.47 -7.19 2.10
CA LEU A 33 9.47 -7.55 3.51
C LEU A 33 9.04 -9.01 3.69
N THR A 34 8.40 -9.57 2.67
CA THR A 34 7.94 -10.95 2.72
C THR A 34 9.05 -11.89 3.17
N LYS A 35 8.71 -12.83 4.04
CA LYS A 35 9.68 -13.79 4.55
C LYS A 35 10.33 -14.56 3.40
N ARG A 36 11.44 -14.02 2.90
CA ARG A 36 12.17 -14.65 1.81
C ARG A 36 13.64 -14.86 2.17
N LYS A 37 13.87 -15.53 3.29
CA LYS A 37 15.22 -15.79 3.75
C LYS A 37 15.84 -16.96 2.98
N SER A 38 17.14 -17.17 3.17
CA SER A 38 17.85 -18.25 2.50
C SER A 38 17.71 -19.56 3.27
N SER A 39 18.22 -19.56 4.50
CA SER A 39 18.16 -20.76 5.34
C SER A 39 17.89 -20.38 6.80
N TRP A 40 16.64 -20.42 7.19
CA TRP A 40 16.25 -20.08 8.56
C TRP A 40 14.75 -20.24 8.76
N ASP A 41 13.97 -19.69 7.84
CA ASP A 41 12.52 -19.78 7.91
C ASP A 41 11.88 -19.53 6.55
N LYS A 42 10.61 -19.90 6.41
CA LYS A 42 9.89 -19.72 5.16
C LYS A 42 8.39 -19.61 5.40
N GLN A 43 7.99 -18.51 6.03
CA GLN A 43 6.58 -18.29 6.32
C GLN A 43 6.08 -17.02 5.62
N PRO A 44 6.28 -16.95 4.31
CA PRO A 44 5.85 -15.80 3.50
C PRO A 44 4.34 -15.72 3.36
N GLN A 45 3.84 -14.52 3.08
CA GLN A 45 2.41 -14.31 2.92
C GLN A 45 2.12 -13.36 1.76
N ILE A 46 3.14 -13.11 0.95
CA ILE A 46 2.99 -12.22 -0.20
C ILE A 46 3.06 -10.75 0.23
N ILE A 47 2.41 -10.43 1.34
CA ILE A 47 2.40 -9.07 1.85
C ILE A 47 3.73 -8.37 1.58
N PHE A 48 3.66 -7.08 1.28
CA PHE A 48 4.86 -6.29 1.00
C PHE A 48 4.66 -4.84 1.41
N GLU A 49 5.76 -4.10 1.50
CA GLU A 49 5.71 -2.69 1.87
C GLU A 49 6.02 -1.80 0.68
N ILE A 50 5.40 -0.62 0.65
CA ILE A 50 5.63 0.33 -0.43
C ILE A 50 5.98 1.70 0.11
N THR A 51 6.99 2.34 -0.51
CA THR A 51 7.43 3.65 -0.08
C THR A 51 6.74 4.75 -0.89
N LEU A 52 6.11 5.68 -0.20
CA LEU A 52 5.41 6.78 -0.85
C LEU A 52 6.00 8.13 -0.42
N ARG A 53 5.66 9.17 -1.17
CA ARG A 53 6.14 10.51 -0.87
C ARG A 53 5.37 11.56 -1.65
N SER A 54 5.32 12.78 -1.12
CA SER A 54 4.60 13.88 -1.77
C SER A 54 5.12 14.10 -3.19
N VAL A 55 4.65 15.17 -3.82
CA VAL A 55 5.06 15.49 -5.18
C VAL A 55 6.31 16.35 -5.18
N ASP A 56 6.44 17.21 -4.16
CA ASP A 56 7.60 18.08 -4.05
C ASP A 56 8.36 17.81 -2.76
N LYS A 57 9.27 18.71 -2.41
CA LYS A 57 10.07 18.56 -1.19
C LYS A 57 9.82 19.71 -0.23
N GLU A 58 9.41 20.85 -0.77
CA GLU A 58 9.14 22.03 0.04
C GLU A 58 7.65 22.36 0.04
N PRO A 59 7.15 22.84 1.18
CA PRO A 59 7.97 23.06 2.38
C PRO A 59 8.41 21.75 3.02
N VAL A 60 7.78 20.65 2.61
CA VAL A 60 8.11 19.34 3.14
C VAL A 60 8.07 18.28 2.04
N GLU A 61 8.31 17.02 2.42
CA GLU A 61 8.30 15.92 1.47
C GLU A 61 7.24 14.89 1.85
N SER A 62 6.71 15.00 3.07
CA SER A 62 5.69 14.08 3.55
C SER A 62 5.93 12.68 3.00
N SER A 63 6.71 11.88 3.74
CA SER A 63 7.01 10.52 3.32
C SER A 63 6.32 9.51 4.23
N ILE A 64 5.52 8.63 3.63
CA ILE A 64 4.80 7.62 4.39
C ILE A 64 4.87 6.27 3.70
N THR A 65 5.00 5.20 4.48
CA THR A 65 5.08 3.85 3.94
C THR A 65 3.82 3.05 4.26
N LEU A 66 3.09 2.67 3.21
CA LEU A 66 1.87 1.91 3.37
C LEU A 66 2.13 0.41 3.24
N HIS A 67 1.90 -0.32 4.31
CA HIS A 67 2.11 -1.77 4.31
C HIS A 67 0.78 -2.52 4.26
N PHE A 68 0.54 -3.22 3.16
CA PHE A 68 -0.70 -3.97 2.99
C PHE A 68 -0.46 -5.47 3.20
N ALA A 69 -1.40 -6.13 3.86
CA ALA A 69 -1.28 -7.56 4.12
C ALA A 69 -2.39 -8.33 3.40
N MET A 70 -2.02 -9.05 2.35
CA MET A 70 -2.97 -9.84 1.58
C MET A 70 -3.37 -11.10 2.34
N THR A 71 -4.32 -10.95 3.26
CA THR A 71 -4.79 -12.08 4.06
C THR A 71 -4.93 -13.33 3.21
N PRO A 72 -4.92 -14.50 3.86
CA PRO A 72 -5.05 -15.79 3.18
C PRO A 72 -6.45 -16.01 2.61
N MET A 73 -7.33 -15.04 2.83
CA MET A 73 -8.70 -15.13 2.34
C MET A 73 -8.96 -14.08 1.25
N TYR A 74 -8.20 -12.99 1.30
CA TYR A 74 -8.35 -11.92 0.32
C TYR A 74 -8.35 -12.47 -1.10
N PRO A 75 -9.08 -11.78 -2.00
CA PRO A 75 -9.81 -10.55 -1.65
C PRO A 75 -11.01 -10.83 -0.76
N TYR A 76 -11.38 -12.10 -0.65
CA TYR A 76 -12.52 -12.50 0.17
C TYR A 76 -12.62 -11.63 1.42
N THR A 77 -11.51 -11.52 2.14
CA THR A 77 -11.47 -10.72 3.36
C THR A 77 -10.69 -9.43 3.15
N ALA A 78 -10.81 -8.51 4.10
CA ALA A 78 -10.11 -7.23 4.02
C ALA A 78 -8.72 -7.32 4.64
N PRO A 79 -7.69 -6.87 3.89
CA PRO A 79 -6.31 -6.89 4.35
C PRO A 79 -6.05 -5.89 5.48
N GLU A 80 -4.79 -5.73 5.85
CA GLU A 80 -4.41 -4.81 6.91
C GLU A 80 -3.44 -3.74 6.40
N ILE A 81 -3.72 -2.49 6.72
CA ILE A 81 -2.88 -1.38 6.29
C ILE A 81 -2.37 -0.58 7.48
N GLU A 82 -1.12 -0.13 7.40
CA GLU A 82 -0.52 0.64 8.47
C GLU A 82 0.42 1.71 7.91
N PHE A 83 0.47 2.86 8.57
CA PHE A 83 1.33 3.96 8.14
C PHE A 83 2.63 4.00 8.95
N LYS A 84 3.75 4.17 8.26
CA LYS A 84 5.05 4.22 8.90
C LYS A 84 5.78 5.50 8.54
N ASN A 85 6.91 5.74 9.21
CA ASN A 85 7.72 6.94 8.96
C ASN A 85 6.93 8.21 9.29
N VAL A 86 5.98 8.53 8.42
CA VAL A 86 5.15 9.72 8.61
C VAL A 86 5.91 10.81 9.37
N GLN A 87 6.57 11.68 8.63
CA GLN A 87 7.35 12.77 9.22
C GLN A 87 6.50 14.04 9.33
N ASN A 88 6.10 14.57 8.18
CA ASN A 88 5.28 15.79 8.14
C ASN A 88 3.81 15.47 8.38
N VAL A 89 3.56 14.54 9.30
CA VAL A 89 2.19 14.15 9.63
C VAL A 89 2.03 13.90 11.12
N MET A 90 0.83 14.14 11.64
CA MET A 90 0.55 13.95 13.05
C MET A 90 -0.33 12.73 13.26
N ASP A 91 -1.54 12.77 12.69
CA ASP A 91 -2.48 11.67 12.83
C ASP A 91 -3.76 11.94 12.04
N SER A 92 -4.11 13.23 11.93
CA SER A 92 -5.31 13.63 11.21
C SER A 92 -5.29 13.09 9.78
N GLN A 93 -4.14 13.24 9.11
CA GLN A 93 -3.99 12.77 7.75
C GLN A 93 -4.02 11.25 7.68
N LEU A 94 -3.34 10.61 8.64
CA LEU A 94 -3.28 9.15 8.69
C LEU A 94 -4.69 8.56 8.80
N GLN A 95 -5.48 9.08 9.73
CA GLN A 95 -6.84 8.61 9.93
C GLN A 95 -7.71 8.92 8.72
N MET A 96 -7.45 10.05 8.08
CA MET A 96 -8.21 10.46 6.90
C MET A 96 -8.10 9.42 5.79
N LEU A 97 -6.90 8.87 5.63
CA LEU A 97 -6.66 7.86 4.60
C LEU A 97 -7.41 6.57 4.91
N LYS A 98 -7.40 6.18 6.18
CA LYS A 98 -8.09 4.96 6.60
C LYS A 98 -9.56 5.00 6.21
N SER A 99 -10.18 6.16 6.40
CA SER A 99 -11.60 6.33 6.05
C SER A 99 -11.84 6.06 4.57
N GLU A 100 -10.96 6.61 3.73
CA GLU A 100 -11.08 6.42 2.29
C GLU A 100 -10.77 4.99 1.89
N PHE A 101 -9.94 4.33 2.70
CA PHE A 101 -9.56 2.94 2.43
C PHE A 101 -10.80 2.04 2.40
N LYS A 102 -11.82 2.42 3.14
CA LYS A 102 -13.05 1.64 3.19
C LYS A 102 -13.84 1.77 1.89
N LYS A 103 -13.91 2.99 1.36
CA LYS A 103 -14.62 3.24 0.11
C LYS A 103 -13.89 2.62 -1.06
N ILE A 104 -12.57 2.77 -1.08
CA ILE A 104 -11.75 2.22 -2.16
C ILE A 104 -11.85 0.70 -2.20
N HIS A 105 -11.71 0.07 -1.04
CA HIS A 105 -11.78 -1.39 -0.93
C HIS A 105 -13.16 -1.89 -1.36
N ASN A 106 -14.20 -1.19 -0.91
CA ASN A 106 -15.57 -1.56 -1.24
C ASN A 106 -15.78 -1.61 -2.75
N THR A 107 -15.21 -0.64 -3.46
CA THR A 107 -15.32 -0.58 -4.91
C THR A 107 -14.29 -1.47 -5.59
N SER A 108 -13.28 -1.89 -4.82
CA SER A 108 -12.23 -2.74 -5.35
C SER A 108 -12.09 -4.01 -4.52
N ARG A 109 -13.22 -4.60 -4.17
CA ARG A 109 -13.23 -5.82 -3.37
C ARG A 109 -13.21 -7.06 -4.27
N GLY A 110 -12.01 -7.44 -4.70
CA GLY A 110 -11.86 -8.60 -5.56
C GLY A 110 -10.90 -8.36 -6.71
N GLN A 111 -10.40 -7.13 -6.81
CA GLN A 111 -9.47 -6.77 -7.87
C GLN A 111 -8.12 -6.37 -7.29
N GLU A 112 -7.93 -5.06 -7.10
CA GLU A 112 -6.67 -4.55 -6.55
C GLU A 112 -6.91 -3.28 -5.74
N ILE A 113 -6.35 -3.24 -4.53
CA ILE A 113 -6.51 -2.09 -3.66
C ILE A 113 -5.15 -1.49 -3.30
N ILE A 114 -4.09 -2.19 -3.65
CA ILE A 114 -2.73 -1.73 -3.36
C ILE A 114 -2.41 -0.47 -4.14
N PHE A 115 -2.75 -0.46 -5.42
CA PHE A 115 -2.50 0.69 -6.28
C PHE A 115 -3.46 1.82 -5.96
N GLU A 116 -4.68 1.47 -5.60
CA GLU A 116 -5.70 2.46 -5.26
C GLU A 116 -5.34 3.19 -3.98
N ILE A 117 -4.98 2.44 -2.95
CA ILE A 117 -4.62 3.01 -1.66
C ILE A 117 -3.37 3.88 -1.78
N THR A 118 -2.41 3.42 -2.57
CA THR A 118 -1.16 4.15 -2.77
C THR A 118 -1.41 5.44 -3.55
N SER A 119 -2.23 5.35 -4.59
CA SER A 119 -2.54 6.52 -5.42
C SER A 119 -3.37 7.52 -4.64
N PHE A 120 -4.37 7.03 -3.91
CA PHE A 120 -5.24 7.89 -3.12
C PHE A 120 -4.45 8.65 -2.06
N THR A 121 -3.62 7.92 -1.32
CA THR A 121 -2.81 8.53 -0.26
C THR A 121 -1.86 9.58 -0.84
N GLN A 122 -1.29 9.28 -2.01
CA GLN A 122 -0.38 10.20 -2.66
C GLN A 122 -1.11 11.45 -3.14
N GLU A 123 -2.20 11.24 -3.89
CA GLU A 123 -2.98 12.35 -4.41
C GLU A 123 -3.49 13.23 -3.29
N LYS A 124 -4.04 12.60 -2.25
CA LYS A 124 -4.57 13.33 -1.10
C LYS A 124 -3.43 13.89 -0.24
N LEU A 125 -2.29 13.23 -0.29
CA LEU A 125 -1.12 13.67 0.49
C LEU A 125 -0.58 14.99 -0.03
N ASP A 126 -0.37 15.07 -1.35
CA ASP A 126 0.14 16.28 -1.97
C ASP A 126 -0.82 17.44 -1.77
N GLU A 127 -2.13 17.15 -1.84
CA GLU A 127 -3.15 18.18 -1.67
C GLU A 127 -3.08 18.78 -0.27
N PHE A 128 -2.61 17.99 0.69
CA PHE A 128 -2.49 18.46 2.07
C PHE A 128 -1.28 19.35 2.24
N GLN A 129 -0.14 18.90 1.71
CA GLN A 129 1.10 19.67 1.80
C GLN A 129 1.02 20.94 0.97
N ASN A 130 0.50 20.83 -0.24
CA ASN A 130 0.36 21.97 -1.13
C ASN A 130 -0.58 23.01 -0.54
N VAL A 131 -1.87 22.82 -0.75
CA VAL A 131 -2.88 23.74 -0.24
C VAL A 131 -3.10 24.90 -1.20
N VAL A 132 -2.08 25.23 -1.98
CA VAL A 132 -2.17 26.32 -2.95
C VAL A 132 -1.08 26.19 -4.01
N ASN A 133 -1.49 25.92 -5.25
CA ASN A 133 -0.54 25.78 -6.34
C ASN A 133 0.60 26.79 -6.21
N THR A 134 1.78 26.39 -6.65
CA THR A 134 2.95 27.25 -6.59
C THR A 134 3.55 27.27 -5.18
N GLN A 135 2.80 27.85 -4.25
CA GLN A 135 3.26 27.93 -2.85
C GLN A 135 4.42 28.90 -2.72
N SER A 136 4.65 29.38 -1.50
CA SER A 136 5.73 30.33 -1.24
C SER A 136 7.04 29.58 -1.00
N LEU A 137 8.07 29.94 -1.75
CA LEU A 137 9.38 29.30 -1.62
C LEU A 137 9.84 29.33 -0.17
N GLU A 138 9.70 30.48 0.48
CA GLU A 138 10.11 30.63 1.86
C GLU A 138 9.37 31.80 2.52
N MET A 1 1.32 -25.41 -2.42
CA MET A 1 2.18 -26.15 -1.50
C MET A 1 1.64 -27.56 -1.26
N SER A 2 0.33 -27.67 -1.11
CA SER A 2 -0.30 -28.97 -0.88
C SER A 2 -1.75 -28.96 -1.37
N LEU A 3 -2.48 -27.90 -1.00
CA LEU A 3 -3.88 -27.78 -1.39
C LEU A 3 -4.00 -27.01 -2.71
N SER A 4 -4.99 -27.39 -3.52
CA SER A 4 -5.22 -26.74 -4.80
C SER A 4 -6.58 -27.13 -5.38
N HIS A 5 -7.06 -26.34 -6.34
CA HIS A 5 -8.34 -26.61 -6.97
C HIS A 5 -9.49 -26.18 -6.07
N LEU A 6 -10.33 -25.28 -6.57
CA LEU A 6 -11.46 -24.79 -5.81
C LEU A 6 -11.11 -24.63 -4.34
N THR A 7 -10.50 -23.50 -4.00
CA THR A 7 -10.10 -23.22 -2.62
C THR A 7 -9.37 -21.89 -2.52
N LEU A 8 -8.88 -21.58 -1.33
CA LEU A 8 -8.14 -20.34 -1.09
C LEU A 8 -6.84 -20.32 -1.88
N ASP A 9 -6.30 -21.51 -2.15
CA ASP A 9 -5.05 -21.62 -2.89
C ASP A 9 -5.11 -20.82 -4.20
N GLN A 10 -6.32 -20.71 -4.75
CA GLN A 10 -6.52 -19.97 -5.99
C GLN A 10 -6.28 -18.48 -5.78
N TYR A 11 -6.73 -17.97 -4.64
CA TYR A 11 -6.57 -16.56 -4.32
C TYR A 11 -5.10 -16.17 -4.28
N TYR A 12 -4.24 -17.14 -4.02
CA TYR A 12 -2.81 -16.90 -3.96
C TYR A 12 -2.28 -16.36 -5.28
N GLU A 13 -2.82 -16.88 -6.38
CA GLU A 13 -2.41 -16.44 -7.71
C GLU A 13 -2.71 -14.95 -7.92
N ILE A 14 -3.89 -14.54 -7.46
CA ILE A 14 -4.29 -13.14 -7.59
C ILE A 14 -3.43 -12.23 -6.72
N GLN A 15 -3.16 -12.69 -5.50
CA GLN A 15 -2.34 -11.91 -4.57
C GLN A 15 -0.95 -11.68 -5.13
N CYS A 16 -0.35 -12.73 -5.69
CA CYS A 16 0.98 -12.63 -6.26
C CYS A 16 1.00 -11.67 -7.46
N ASN A 17 -0.05 -11.73 -8.27
CA ASN A 17 -0.16 -10.87 -9.43
C ASN A 17 -0.09 -9.39 -9.04
N GLU A 18 -0.63 -9.08 -7.87
CA GLU A 18 -0.63 -7.70 -7.38
C GLU A 18 0.79 -7.23 -7.10
N LEU A 19 1.63 -8.13 -6.59
CA LEU A 19 3.02 -7.81 -6.29
C LEU A 19 3.80 -7.50 -7.56
N GLU A 20 3.71 -8.41 -8.53
CA GLU A 20 4.42 -8.24 -9.80
C GLU A 20 3.81 -7.09 -10.60
N ALA A 21 2.49 -6.93 -10.48
CA ALA A 21 1.80 -5.87 -11.20
C ALA A 21 2.25 -4.49 -10.73
N ILE A 22 2.24 -4.29 -9.42
CA ILE A 22 2.66 -3.01 -8.84
C ILE A 22 4.17 -2.86 -8.88
N ARG A 23 4.88 -3.97 -8.70
CA ARG A 23 6.33 -3.96 -8.72
C ARG A 23 6.87 -3.27 -9.98
N SER A 24 6.15 -3.46 -11.08
CA SER A 24 6.56 -2.86 -12.35
C SER A 24 6.40 -1.35 -12.31
N ILE A 25 5.46 -0.87 -11.50
CA ILE A 25 5.20 0.56 -11.36
C ILE A 25 6.16 1.20 -10.35
N TYR A 26 6.32 0.53 -9.22
CA TYR A 26 7.21 1.03 -8.17
C TYR A 26 8.49 0.21 -8.10
N MET A 27 8.80 -0.47 -9.20
CA MET A 27 10.01 -1.30 -9.27
C MET A 27 11.14 -0.67 -8.45
N ASP A 28 11.33 0.64 -8.62
CA ASP A 28 12.38 1.35 -7.90
C ASP A 28 11.88 1.80 -6.53
N ASP A 29 10.59 2.09 -6.44
CA ASP A 29 9.99 2.53 -5.18
C ASP A 29 9.21 1.40 -4.52
N PHE A 30 9.74 0.19 -4.62
CA PHE A 30 9.10 -0.99 -4.03
C PHE A 30 9.89 -1.50 -2.84
N THR A 31 9.18 -1.81 -1.76
CA THR A 31 9.81 -2.31 -0.54
C THR A 31 9.39 -3.75 -0.25
N ASP A 32 10.36 -4.62 0.01
CA ASP A 32 10.08 -6.01 0.31
C ASP A 32 10.25 -6.29 1.81
N LEU A 33 9.16 -6.65 2.46
CA LEU A 33 9.17 -6.95 3.88
C LEU A 33 8.74 -8.39 4.15
N THR A 34 8.50 -9.13 3.08
CA THR A 34 8.08 -10.52 3.19
C THR A 34 9.21 -11.40 3.74
N LYS A 35 8.91 -12.15 4.79
CA LYS A 35 9.90 -13.02 5.40
C LYS A 35 10.33 -14.12 4.44
N ARG A 36 11.34 -13.83 3.64
CA ARG A 36 11.85 -14.80 2.66
C ARG A 36 13.08 -15.52 3.21
N LYS A 37 14.14 -14.76 3.48
CA LYS A 37 15.37 -15.34 3.99
C LYS A 37 15.08 -16.50 4.93
N SER A 38 15.92 -17.53 4.86
CA SER A 38 15.76 -18.71 5.70
C SER A 38 16.07 -18.38 7.16
N SER A 39 15.70 -19.30 8.05
CA SER A 39 15.93 -19.11 9.48
C SER A 39 15.24 -17.85 9.98
N TRP A 40 15.11 -17.75 11.30
CA TRP A 40 14.47 -16.58 11.91
C TRP A 40 12.95 -16.68 11.80
N ASP A 41 12.47 -17.11 10.62
CA ASP A 41 11.04 -17.25 10.40
C ASP A 41 10.77 -17.79 8.99
N LYS A 42 9.69 -18.54 8.86
CA LYS A 42 9.31 -19.12 7.57
C LYS A 42 7.80 -19.24 7.44
N GLN A 43 7.14 -18.12 7.19
CA GLN A 43 5.69 -18.10 7.05
C GLN A 43 5.22 -16.79 6.43
N PRO A 44 5.62 -16.54 5.17
CA PRO A 44 5.25 -15.32 4.44
C PRO A 44 3.77 -15.29 4.08
N GLN A 45 3.27 -14.11 3.76
CA GLN A 45 1.87 -13.94 3.39
C GLN A 45 1.74 -13.11 2.12
N ILE A 46 2.86 -12.87 1.45
CA ILE A 46 2.87 -12.09 0.23
C ILE A 46 2.87 -10.59 0.53
N ILE A 47 2.63 -10.25 1.78
CA ILE A 47 2.61 -8.86 2.21
C ILE A 47 3.87 -8.12 1.76
N PHE A 48 3.75 -6.82 1.53
CA PHE A 48 4.87 -6.01 1.09
C PHE A 48 4.60 -4.53 1.32
N GLU A 49 5.66 -3.73 1.34
CA GLU A 49 5.54 -2.29 1.55
C GLU A 49 5.88 -1.53 0.27
N ILE A 50 5.44 -0.27 0.21
CA ILE A 50 5.71 0.57 -0.95
C ILE A 50 6.03 2.00 -0.53
N THR A 51 7.10 2.55 -1.10
CA THR A 51 7.51 3.91 -0.79
C THR A 51 6.76 4.92 -1.63
N LEU A 52 6.08 5.85 -0.97
CA LEU A 52 5.31 6.89 -1.66
C LEU A 52 5.80 8.28 -1.28
N ARG A 53 5.40 9.28 -2.06
CA ARG A 53 5.80 10.66 -1.80
C ARG A 53 5.30 11.58 -2.90
N SER A 54 5.29 12.88 -2.62
CA SER A 54 4.83 13.87 -3.58
C SER A 54 5.68 13.84 -4.84
N VAL A 55 5.70 14.95 -5.57
CA VAL A 55 6.49 15.05 -6.80
C VAL A 55 7.49 16.20 -6.72
N ASP A 56 7.21 17.17 -5.86
CA ASP A 56 8.08 18.32 -5.69
C ASP A 56 8.78 18.28 -4.33
N LYS A 57 9.53 19.33 -4.03
CA LYS A 57 10.24 19.41 -2.76
C LYS A 57 9.77 20.62 -1.95
N GLU A 58 8.99 21.49 -2.58
CA GLU A 58 8.47 22.67 -1.92
C GLU A 58 6.94 22.74 -2.06
N PRO A 59 6.29 23.20 -0.98
CA PRO A 59 6.96 23.60 0.26
C PRO A 59 7.56 22.41 1.01
N VAL A 60 7.33 21.20 0.48
CA VAL A 60 7.84 19.99 1.10
C VAL A 60 7.94 18.86 0.08
N GLU A 61 8.27 17.66 0.56
CA GLU A 61 8.40 16.50 -0.29
C GLU A 61 7.34 15.46 0.04
N SER A 62 6.80 15.53 1.25
CA SER A 62 5.79 14.58 1.70
C SER A 62 6.21 13.15 1.41
N SER A 63 6.68 12.46 2.44
CA SER A 63 7.12 11.07 2.31
C SER A 63 6.40 10.17 3.29
N ILE A 64 5.73 9.14 2.78
CA ILE A 64 5.00 8.20 3.62
C ILE A 64 5.06 6.79 3.04
N THR A 65 5.16 5.81 3.92
CA THR A 65 5.23 4.41 3.51
C THR A 65 3.93 3.67 3.83
N LEU A 66 3.27 3.17 2.78
CA LEU A 66 2.02 2.45 2.95
C LEU A 66 2.24 0.94 2.93
N HIS A 67 2.09 0.31 4.08
CA HIS A 67 2.27 -1.13 4.21
C HIS A 67 0.94 -1.87 4.10
N PHE A 68 0.74 -2.57 2.98
CA PHE A 68 -0.49 -3.32 2.76
C PHE A 68 -0.27 -4.82 2.98
N ALA A 69 -1.25 -5.47 3.60
CA ALA A 69 -1.16 -6.89 3.88
C ALA A 69 -2.39 -7.62 3.35
N MET A 70 -2.15 -8.69 2.58
CA MET A 70 -3.24 -9.47 2.01
C MET A 70 -3.57 -10.66 2.90
N THR A 71 -4.79 -11.19 2.75
CA THR A 71 -5.23 -12.33 3.55
C THR A 71 -5.41 -13.56 2.68
N PRO A 72 -5.47 -14.73 3.32
CA PRO A 72 -5.64 -16.01 2.62
C PRO A 72 -7.04 -16.16 2.02
N MET A 73 -7.88 -15.15 2.22
CA MET A 73 -9.24 -15.16 1.70
C MET A 73 -9.43 -14.08 0.65
N TYR A 74 -8.64 -13.01 0.74
CA TYR A 74 -8.73 -11.90 -0.20
C TYR A 74 -8.81 -12.41 -1.62
N PRO A 75 -9.45 -11.63 -2.50
CA PRO A 75 -10.06 -10.36 -2.12
C PRO A 75 -11.29 -10.54 -1.24
N TYR A 76 -11.59 -11.79 -0.91
CA TYR A 76 -12.74 -12.10 -0.05
C TYR A 76 -12.44 -11.77 1.41
N THR A 77 -11.85 -10.60 1.63
CA THR A 77 -11.52 -10.16 2.98
C THR A 77 -11.02 -8.72 2.98
N ALA A 78 -10.64 -8.23 4.15
CA ALA A 78 -10.14 -6.87 4.29
C ALA A 78 -8.70 -6.86 4.80
N PRO A 79 -7.78 -6.36 3.97
CA PRO A 79 -6.36 -6.28 4.32
C PRO A 79 -6.08 -5.25 5.41
N GLU A 80 -4.82 -4.89 5.57
CA GLU A 80 -4.42 -3.91 6.59
C GLU A 80 -3.44 -2.90 6.02
N ILE A 81 -3.66 -1.63 6.33
CA ILE A 81 -2.79 -0.56 5.84
C ILE A 81 -2.30 0.32 6.99
N GLU A 82 -1.06 0.78 6.88
CA GLU A 82 -0.48 1.64 7.91
C GLU A 82 0.51 2.63 7.31
N PHE A 83 0.58 3.82 7.88
CA PHE A 83 1.49 4.86 7.39
C PHE A 83 2.75 4.92 8.24
N LYS A 84 3.89 5.11 7.58
CA LYS A 84 5.17 5.18 8.28
C LYS A 84 5.92 6.45 7.90
N ASN A 85 7.05 6.69 8.56
CA ASN A 85 7.86 7.87 8.29
C ASN A 85 7.07 9.15 8.57
N VAL A 86 6.16 9.47 7.66
CA VAL A 86 5.33 10.68 7.79
C VAL A 86 6.16 11.84 8.34
N GLN A 87 6.72 12.63 7.43
CA GLN A 87 7.53 13.78 7.81
C GLN A 87 6.70 15.06 7.78
N ASN A 88 6.25 15.45 6.58
CA ASN A 88 5.46 16.65 6.42
C ASN A 88 3.98 16.36 6.68
N VAL A 89 3.71 15.46 7.61
CA VAL A 89 2.35 15.09 7.96
C VAL A 89 2.18 14.95 9.48
N MET A 90 0.99 15.30 9.96
CA MET A 90 0.71 15.22 11.39
C MET A 90 -0.13 13.97 11.70
N ASP A 91 -1.34 13.93 11.15
CA ASP A 91 -2.23 12.80 11.36
C ASP A 91 -3.55 13.00 10.61
N SER A 92 -3.98 14.25 10.49
CA SER A 92 -5.21 14.57 9.79
C SER A 92 -5.22 13.97 8.39
N GLN A 93 -4.09 14.08 7.70
CA GLN A 93 -3.96 13.54 6.35
C GLN A 93 -3.96 12.02 6.36
N LEU A 94 -3.29 11.44 7.35
CA LEU A 94 -3.21 9.99 7.47
C LEU A 94 -4.60 9.38 7.63
N GLN A 95 -5.39 9.95 8.52
CA GLN A 95 -6.75 9.46 8.76
C GLN A 95 -7.63 9.67 7.54
N MET A 96 -7.38 10.76 6.81
CA MET A 96 -8.14 11.07 5.61
C MET A 96 -8.03 9.95 4.59
N LEU A 97 -6.83 9.37 4.48
CA LEU A 97 -6.58 8.30 3.53
C LEU A 97 -7.26 7.01 3.98
N LYS A 98 -7.22 6.76 5.29
CA LYS A 98 -7.84 5.56 5.86
C LYS A 98 -9.32 5.49 5.49
N SER A 99 -9.99 6.64 5.50
CA SER A 99 -11.41 6.71 5.18
C SER A 99 -11.66 6.27 3.74
N GLU A 100 -10.78 6.68 2.84
CA GLU A 100 -10.90 6.33 1.43
C GLU A 100 -10.52 4.87 1.19
N PHE A 101 -9.67 4.34 2.06
CA PHE A 101 -9.22 2.96 1.95
C PHE A 101 -10.41 2.00 2.01
N LYS A 102 -11.45 2.40 2.73
CA LYS A 102 -12.64 1.58 2.88
C LYS A 102 -13.48 1.61 1.60
N LYS A 103 -13.61 2.79 1.01
CA LYS A 103 -14.39 2.95 -0.22
C LYS A 103 -13.67 2.30 -1.40
N ILE A 104 -12.35 2.42 -1.41
CA ILE A 104 -11.54 1.85 -2.49
C ILE A 104 -11.66 0.32 -2.50
N HIS A 105 -11.52 -0.29 -1.33
CA HIS A 105 -11.62 -1.74 -1.22
C HIS A 105 -13.00 -2.24 -1.65
N ASN A 106 -14.02 -1.50 -1.25
CA ASN A 106 -15.40 -1.86 -1.59
C ASN A 106 -15.60 -1.85 -3.09
N THR A 107 -15.03 -0.86 -3.76
CA THR A 107 -15.15 -0.74 -5.21
C THR A 107 -14.15 -1.64 -5.92
N SER A 108 -13.02 -1.91 -5.27
CA SER A 108 -11.99 -2.76 -5.84
C SER A 108 -12.07 -4.17 -5.26
N ARG A 109 -13.21 -4.49 -4.66
CA ARG A 109 -13.41 -5.81 -4.06
C ARG A 109 -13.43 -6.90 -5.14
N GLY A 110 -12.25 -7.46 -5.43
CA GLY A 110 -12.15 -8.50 -6.43
C GLY A 110 -10.94 -8.32 -7.34
N GLN A 111 -10.45 -7.09 -7.43
CA GLN A 111 -9.30 -6.79 -8.26
C GLN A 111 -8.15 -6.23 -7.43
N GLU A 112 -7.26 -5.49 -8.08
CA GLU A 112 -6.12 -4.90 -7.39
C GLU A 112 -6.56 -3.72 -6.52
N ILE A 113 -5.97 -3.63 -5.33
CA ILE A 113 -6.30 -2.56 -4.40
C ILE A 113 -5.06 -1.77 -4.01
N ILE A 114 -3.90 -2.40 -4.12
CA ILE A 114 -2.64 -1.75 -3.78
C ILE A 114 -2.41 -0.51 -4.64
N PHE A 115 -2.66 -0.64 -5.93
CA PHE A 115 -2.49 0.47 -6.86
C PHE A 115 -3.51 1.57 -6.59
N GLU A 116 -4.71 1.18 -6.19
CA GLU A 116 -5.77 2.13 -5.89
C GLU A 116 -5.42 2.96 -4.66
N ILE A 117 -4.99 2.30 -3.59
CA ILE A 117 -4.63 2.97 -2.36
C ILE A 117 -3.42 3.88 -2.56
N THR A 118 -2.44 3.39 -3.31
CA THR A 118 -1.23 4.15 -3.59
C THR A 118 -1.53 5.35 -4.48
N SER A 119 -2.37 5.15 -5.49
CA SER A 119 -2.74 6.21 -6.42
C SER A 119 -3.55 7.28 -5.71
N PHE A 120 -4.51 6.84 -4.90
CA PHE A 120 -5.37 7.77 -4.16
C PHE A 120 -4.56 8.57 -3.15
N THR A 121 -3.72 7.88 -2.39
CA THR A 121 -2.88 8.52 -1.38
C THR A 121 -1.84 9.42 -2.02
N GLN A 122 -1.27 8.96 -3.13
CA GLN A 122 -0.25 9.72 -3.85
C GLN A 122 -0.84 11.01 -4.41
N GLU A 123 -1.98 10.91 -5.07
CA GLU A 123 -2.64 12.07 -5.65
C GLU A 123 -3.06 13.05 -4.57
N LYS A 124 -3.54 12.53 -3.45
CA LYS A 124 -3.99 13.36 -2.33
C LYS A 124 -2.80 14.08 -1.70
N LEU A 125 -1.69 13.37 -1.56
CA LEU A 125 -0.49 13.95 -0.96
C LEU A 125 0.13 15.00 -1.88
N ASP A 126 0.06 14.75 -3.18
CA ASP A 126 0.61 15.68 -4.16
C ASP A 126 -0.15 17.02 -4.13
N GLU A 127 -1.47 16.93 -4.02
CA GLU A 127 -2.30 18.12 -3.97
C GLU A 127 -2.10 18.89 -2.66
N PHE A 128 -1.92 18.14 -1.58
CA PHE A 128 -1.73 18.75 -0.26
C PHE A 128 -0.63 19.81 -0.31
N GLN A 129 0.53 19.42 -0.82
CA GLN A 129 1.66 20.34 -0.92
C GLN A 129 1.27 21.62 -1.67
N ASN A 130 0.49 21.46 -2.73
CA ASN A 130 0.03 22.60 -3.52
C ASN A 130 -0.43 23.74 -2.62
N VAL A 131 -1.10 23.37 -1.53
CA VAL A 131 -1.60 24.37 -0.58
C VAL A 131 -1.99 23.71 0.75
N VAL A 132 -0.98 23.35 1.54
CA VAL A 132 -1.23 22.71 2.83
C VAL A 132 -1.23 23.74 3.95
N ASN A 133 -2.18 23.61 4.86
CA ASN A 133 -2.30 24.53 5.99
C ASN A 133 -1.13 24.34 6.96
N THR A 134 -0.07 25.13 6.77
CA THR A 134 1.10 25.04 7.63
C THR A 134 2.22 25.95 7.11
N GLN A 135 2.38 25.98 5.79
CA GLN A 135 3.42 26.80 5.18
C GLN A 135 4.70 26.80 6.01
N SER A 136 5.42 25.69 5.97
CA SER A 136 6.66 25.56 6.73
C SER A 136 7.24 24.15 6.59
N LEU A 137 8.44 23.96 7.13
CA LEU A 137 9.10 22.66 7.07
C LEU A 137 8.65 21.76 8.21
N GLU A 138 9.28 20.59 8.31
CA GLU A 138 8.93 19.63 9.35
C GLU A 138 9.40 20.13 10.72
N MET A 1 1.32 -31.49 0.80
CA MET A 1 0.26 -31.50 1.81
C MET A 1 -0.99 -30.81 1.27
N SER A 2 -0.80 -29.70 0.58
CA SER A 2 -1.92 -28.94 0.02
C SER A 2 -1.79 -28.85 -1.50
N LEU A 3 -2.94 -28.74 -2.18
CA LEU A 3 -2.96 -28.65 -3.63
C LEU A 3 -3.81 -27.45 -4.08
N SER A 4 -3.86 -27.23 -5.39
CA SER A 4 -4.63 -26.13 -5.94
C SER A 4 -5.98 -26.62 -6.46
N HIS A 5 -6.97 -26.65 -5.57
CA HIS A 5 -8.31 -27.10 -5.93
C HIS A 5 -9.37 -26.39 -5.08
N LEU A 6 -10.06 -25.43 -5.70
CA LEU A 6 -11.11 -24.69 -5.00
C LEU A 6 -10.69 -24.39 -3.57
N THR A 7 -9.74 -23.47 -3.40
CA THR A 7 -9.26 -23.10 -2.08
C THR A 7 -8.52 -21.76 -2.13
N LEU A 8 -8.12 -21.28 -0.95
CA LEU A 8 -7.41 -20.01 -0.85
C LEU A 8 -6.22 -19.97 -1.83
N ASP A 9 -5.75 -21.15 -2.22
CA ASP A 9 -4.64 -21.25 -3.15
C ASP A 9 -4.89 -20.41 -4.39
N GLN A 10 -6.15 -20.29 -4.78
CA GLN A 10 -6.53 -19.52 -5.95
C GLN A 10 -6.29 -18.03 -5.73
N TYR A 11 -6.56 -17.57 -4.50
CA TYR A 11 -6.37 -16.17 -4.16
C TYR A 11 -4.92 -15.75 -4.35
N TYR A 12 -4.01 -16.71 -4.23
CA TYR A 12 -2.59 -16.43 -4.38
C TYR A 12 -2.29 -15.89 -5.77
N GLU A 13 -3.01 -16.41 -6.77
CA GLU A 13 -2.82 -15.97 -8.15
C GLU A 13 -3.19 -14.51 -8.31
N ILE A 14 -4.33 -14.13 -7.74
CA ILE A 14 -4.81 -12.76 -7.82
C ILE A 14 -3.90 -11.81 -7.05
N GLN A 15 -3.49 -12.24 -5.86
CA GLN A 15 -2.62 -11.43 -5.02
C GLN A 15 -1.25 -11.25 -5.67
N CYS A 16 -0.67 -12.35 -6.13
CA CYS A 16 0.64 -12.31 -6.78
C CYS A 16 0.62 -11.39 -7.99
N ASN A 17 -0.49 -11.40 -8.72
CA ASN A 17 -0.63 -10.57 -9.91
C ASN A 17 -0.44 -9.09 -9.56
N GLU A 18 -0.86 -8.71 -8.37
CA GLU A 18 -0.73 -7.32 -7.92
C GLU A 18 0.73 -6.95 -7.73
N LEU A 19 1.53 -7.89 -7.23
CA LEU A 19 2.94 -7.65 -7.01
C LEU A 19 3.67 -7.39 -8.32
N GLU A 20 3.46 -8.29 -9.29
CA GLU A 20 4.11 -8.15 -10.60
C GLU A 20 3.54 -6.96 -11.35
N ALA A 21 2.24 -6.71 -11.17
CA ALA A 21 1.57 -5.60 -11.83
C ALA A 21 2.11 -4.26 -11.34
N ILE A 22 2.14 -4.10 -10.01
CA ILE A 22 2.63 -2.85 -9.41
C ILE A 22 4.15 -2.76 -9.51
N ARG A 23 4.82 -3.91 -9.42
CA ARG A 23 6.27 -3.95 -9.49
C ARG A 23 6.77 -3.25 -10.75
N SER A 24 5.99 -3.36 -11.83
CA SER A 24 6.37 -2.73 -13.10
C SER A 24 6.32 -1.22 -13.00
N ILE A 25 5.36 -0.72 -12.21
CA ILE A 25 5.21 0.72 -12.02
C ILE A 25 6.22 1.26 -11.00
N TYR A 26 6.36 0.54 -9.89
CA TYR A 26 7.29 0.93 -8.84
C TYR A 26 8.51 0.02 -8.81
N MET A 27 9.05 -0.25 -10.00
CA MET A 27 10.23 -1.11 -10.11
C MET A 27 11.26 -0.77 -9.03
N ASP A 28 11.64 0.50 -8.97
CA ASP A 28 12.62 0.95 -7.98
C ASP A 28 11.92 1.45 -6.72
N ASP A 29 10.67 1.88 -6.86
CA ASP A 29 9.90 2.38 -5.74
C ASP A 29 9.19 1.24 -5.02
N PHE A 30 9.78 0.05 -5.07
CA PHE A 30 9.20 -1.11 -4.41
C PHE A 30 10.08 -1.59 -3.27
N THR A 31 9.45 -2.07 -2.20
CA THR A 31 10.18 -2.55 -1.03
C THR A 31 9.80 -3.99 -0.71
N ASP A 32 10.81 -4.85 -0.54
CA ASP A 32 10.58 -6.25 -0.21
C ASP A 32 10.68 -6.49 1.29
N LEU A 33 9.56 -6.86 1.90
CA LEU A 33 9.52 -7.13 3.34
C LEU A 33 9.16 -8.58 3.60
N THR A 34 8.59 -9.25 2.60
CA THR A 34 8.20 -10.65 2.75
C THR A 34 9.17 -11.40 3.63
N LYS A 35 8.83 -11.49 4.92
CA LYS A 35 9.68 -12.20 5.88
C LYS A 35 10.18 -13.51 5.30
N ARG A 36 11.42 -13.51 4.82
CA ARG A 36 12.03 -14.72 4.24
C ARG A 36 12.92 -15.42 5.26
N LYS A 37 14.16 -14.96 5.37
CA LYS A 37 15.11 -15.55 6.30
C LYS A 37 15.40 -14.60 7.46
N SER A 38 15.00 -13.34 7.30
CA SER A 38 15.21 -12.33 8.34
C SER A 38 14.09 -12.36 9.37
N SER A 39 14.12 -11.40 10.28
CA SER A 39 13.11 -11.31 11.33
C SER A 39 13.16 -12.55 12.23
N TRP A 40 12.12 -12.72 13.05
CA TRP A 40 12.04 -13.85 13.95
C TRP A 40 10.90 -14.79 13.56
N ASP A 41 10.04 -14.31 12.67
CA ASP A 41 8.91 -15.11 12.20
C ASP A 41 8.94 -15.26 10.68
N LYS A 42 8.64 -16.46 10.21
CA LYS A 42 8.63 -16.74 8.77
C LYS A 42 7.27 -17.28 8.33
N GLN A 43 6.28 -16.39 8.27
CA GLN A 43 4.94 -16.77 7.86
C GLN A 43 4.30 -15.69 7.00
N PRO A 44 4.93 -15.39 5.85
CA PRO A 44 4.44 -14.37 4.92
C PRO A 44 3.16 -14.80 4.21
N GLN A 45 2.76 -14.04 3.20
CA GLN A 45 1.55 -14.34 2.45
C GLN A 45 1.45 -13.46 1.21
N ILE A 46 2.60 -13.10 0.65
CA ILE A 46 2.64 -12.27 -0.55
C ILE A 46 2.62 -10.79 -0.18
N ILE A 47 2.61 -10.50 1.12
CA ILE A 47 2.60 -9.12 1.60
C ILE A 47 3.89 -8.40 1.24
N PHE A 48 3.80 -7.10 1.00
CA PHE A 48 4.95 -6.29 0.64
C PHE A 48 4.67 -4.81 0.89
N GLU A 49 5.74 -4.02 0.93
CA GLU A 49 5.60 -2.58 1.15
C GLU A 49 5.97 -1.80 -0.12
N ILE A 50 5.46 -0.57 -0.20
CA ILE A 50 5.74 0.28 -1.36
C ILE A 50 6.11 1.69 -0.93
N THR A 51 7.15 2.24 -1.55
CA THR A 51 7.61 3.58 -1.23
C THR A 51 6.83 4.63 -2.01
N LEU A 52 6.41 5.69 -1.33
CA LEU A 52 5.65 6.76 -1.96
C LEU A 52 6.20 8.13 -1.55
N ARG A 53 5.95 9.13 -2.39
CA ARG A 53 6.42 10.48 -2.12
C ARG A 53 5.57 11.51 -2.85
N SER A 54 5.67 12.77 -2.42
CA SER A 54 4.90 13.84 -3.04
C SER A 54 5.21 13.96 -4.52
N VAL A 55 4.74 15.04 -5.14
CA VAL A 55 4.97 15.27 -6.56
C VAL A 55 6.34 15.89 -6.80
N ASP A 56 6.76 16.78 -5.91
CA ASP A 56 8.05 17.43 -6.02
C ASP A 56 8.82 17.35 -4.71
N LYS A 57 9.71 18.32 -4.48
CA LYS A 57 10.51 18.36 -3.28
C LYS A 57 10.20 19.61 -2.46
N GLU A 58 9.47 20.54 -3.06
CA GLU A 58 9.10 21.77 -2.40
C GLU A 58 7.59 22.00 -2.43
N PRO A 59 7.04 22.63 -1.38
CA PRO A 59 7.85 23.07 -0.23
C PRO A 59 8.37 21.91 0.60
N VAL A 60 7.91 20.71 0.29
CA VAL A 60 8.34 19.51 1.01
C VAL A 60 8.34 18.29 0.10
N GLU A 61 9.00 17.22 0.55
CA GLU A 61 9.06 15.99 -0.23
C GLU A 61 7.95 15.03 0.19
N SER A 62 7.53 15.13 1.46
CA SER A 62 6.50 14.26 1.98
C SER A 62 6.67 12.84 1.49
N SER A 63 7.36 12.02 2.28
CA SER A 63 7.59 10.62 1.92
C SER A 63 6.89 9.68 2.89
N ILE A 64 6.05 8.80 2.35
CA ILE A 64 5.33 7.84 3.17
C ILE A 64 5.36 6.45 2.56
N THR A 65 5.58 5.45 3.40
CA THR A 65 5.63 4.07 2.94
C THR A 65 4.32 3.34 3.20
N LEU A 66 3.64 2.95 2.11
CA LEU A 66 2.37 2.26 2.23
C LEU A 66 2.57 0.74 2.18
N HIS A 67 2.32 0.08 3.30
CA HIS A 67 2.48 -1.37 3.38
C HIS A 67 1.11 -2.06 3.33
N PHE A 68 0.86 -2.77 2.23
CA PHE A 68 -0.40 -3.48 2.06
C PHE A 68 -0.22 -4.98 2.29
N ALA A 69 -1.21 -5.60 2.91
CA ALA A 69 -1.16 -7.03 3.19
C ALA A 69 -2.38 -7.75 2.62
N MET A 70 -2.13 -8.71 1.75
CA MET A 70 -3.21 -9.49 1.12
C MET A 70 -3.62 -10.66 2.01
N THR A 71 -4.61 -10.43 2.87
CA THR A 71 -5.10 -11.46 3.76
C THR A 71 -5.26 -12.80 3.03
N PRO A 72 -5.24 -13.90 3.79
CA PRO A 72 -5.39 -15.24 3.24
C PRO A 72 -6.80 -15.50 2.72
N MET A 73 -7.66 -14.49 2.81
CA MET A 73 -9.03 -14.62 2.35
C MET A 73 -9.32 -13.63 1.22
N TYR A 74 -8.57 -12.54 1.19
CA TYR A 74 -8.74 -11.51 0.17
C TYR A 74 -8.82 -12.15 -1.22
N PRO A 75 -9.55 -11.49 -2.13
CA PRO A 75 -10.25 -10.23 -1.83
C PRO A 75 -11.43 -10.44 -0.88
N TYR A 76 -11.78 -11.70 -0.66
CA TYR A 76 -12.90 -12.04 0.23
C TYR A 76 -12.99 -11.04 1.38
N THR A 77 -11.88 -10.85 2.07
CA THR A 77 -11.84 -9.93 3.20
C THR A 77 -11.08 -8.66 2.84
N ALA A 78 -10.90 -7.78 3.83
CA ALA A 78 -10.19 -6.52 3.62
C ALA A 78 -8.76 -6.61 4.13
N PRO A 79 -7.81 -6.16 3.31
CA PRO A 79 -6.39 -6.18 3.65
C PRO A 79 -6.05 -5.17 4.74
N GLU A 80 -4.75 -4.93 4.95
CA GLU A 80 -4.31 -3.98 5.96
C GLU A 80 -3.30 -2.99 5.38
N ILE A 81 -3.38 -1.75 5.83
CA ILE A 81 -2.48 -0.71 5.35
C ILE A 81 -1.92 0.11 6.50
N GLU A 82 -0.65 0.49 6.40
CA GLU A 82 0.00 1.28 7.45
C GLU A 82 1.05 2.21 6.84
N PHE A 83 1.12 3.43 7.37
CA PHE A 83 2.08 4.42 6.88
C PHE A 83 3.33 4.42 7.74
N LYS A 84 4.49 4.57 7.08
CA LYS A 84 5.77 4.59 7.78
C LYS A 84 6.54 5.86 7.47
N ASN A 85 7.64 6.07 8.19
CA ASN A 85 8.46 7.26 7.98
C ASN A 85 7.69 8.53 8.30
N VAL A 86 6.76 8.89 7.43
CA VAL A 86 5.95 10.09 7.61
C VAL A 86 6.78 11.24 8.15
N GLN A 87 7.27 12.08 7.24
CA GLN A 87 8.08 13.23 7.62
C GLN A 87 7.24 14.50 7.70
N ASN A 88 7.02 15.13 6.55
CA ASN A 88 6.23 16.36 6.50
C ASN A 88 4.81 16.11 7.01
N VAL A 89 4.25 14.97 6.64
CA VAL A 89 2.89 14.61 7.06
C VAL A 89 2.81 14.48 8.58
N MET A 90 1.70 14.94 9.14
CA MET A 90 1.49 14.87 10.58
C MET A 90 0.65 13.66 10.95
N ASP A 91 -0.61 13.67 10.55
CA ASP A 91 -1.53 12.58 10.83
C ASP A 91 -2.92 12.87 10.29
N SER A 92 -3.29 14.14 10.28
CA SER A 92 -4.61 14.55 9.78
C SER A 92 -4.84 14.04 8.37
N GLN A 93 -3.83 14.22 7.51
CA GLN A 93 -3.92 13.76 6.12
C GLN A 93 -3.88 12.24 6.04
N LEU A 94 -3.08 11.63 6.91
CA LEU A 94 -2.95 10.17 6.92
C LEU A 94 -4.30 9.51 7.16
N GLN A 95 -5.04 10.00 8.14
CA GLN A 95 -6.36 9.46 8.46
C GLN A 95 -7.32 9.64 7.29
N MET A 96 -7.16 10.74 6.56
CA MET A 96 -8.02 11.03 5.42
C MET A 96 -7.91 9.93 4.37
N LEU A 97 -6.69 9.44 4.16
CA LEU A 97 -6.45 8.39 3.18
C LEU A 97 -7.07 7.08 3.62
N LYS A 98 -6.96 6.78 4.91
CA LYS A 98 -7.53 5.56 5.47
C LYS A 98 -9.02 5.47 5.20
N SER A 99 -9.70 6.62 5.25
CA SER A 99 -11.14 6.68 5.01
C SER A 99 -11.46 6.38 3.55
N GLU A 100 -10.68 6.97 2.65
CA GLU A 100 -10.88 6.77 1.22
C GLU A 100 -10.59 5.33 0.83
N PHE A 101 -9.76 4.66 1.62
CA PHE A 101 -9.38 3.28 1.36
C PHE A 101 -10.62 2.38 1.36
N LYS A 102 -11.56 2.67 2.25
CA LYS A 102 -12.79 1.88 2.36
C LYS A 102 -13.61 1.99 1.08
N LYS A 103 -13.66 3.20 0.52
CA LYS A 103 -14.42 3.44 -0.72
C LYS A 103 -13.75 2.75 -1.90
N ILE A 104 -12.42 2.81 -1.94
CA ILE A 104 -11.67 2.20 -3.03
C ILE A 104 -11.84 0.68 -3.04
N HIS A 105 -11.69 0.08 -1.85
CA HIS A 105 -11.83 -1.36 -1.73
C HIS A 105 -13.24 -1.81 -2.09
N ASN A 106 -14.23 -1.04 -1.65
CA ASN A 106 -15.63 -1.36 -1.93
C ASN A 106 -15.88 -1.45 -3.43
N THR A 107 -15.21 -0.58 -4.19
CA THR A 107 -15.36 -0.56 -5.64
C THR A 107 -14.43 -1.57 -6.30
N SER A 108 -13.33 -1.89 -5.62
CA SER A 108 -12.36 -2.84 -6.15
C SER A 108 -12.40 -4.15 -5.35
N ARG A 109 -13.52 -4.38 -4.66
CA ARG A 109 -13.68 -5.59 -3.87
C ARG A 109 -13.64 -6.84 -4.75
N GLY A 110 -12.44 -7.23 -5.15
CA GLY A 110 -12.29 -8.41 -5.99
C GLY A 110 -11.29 -8.18 -7.13
N GLN A 111 -10.27 -7.38 -6.86
CA GLN A 111 -9.25 -7.08 -7.87
C GLN A 111 -8.08 -6.35 -7.25
N GLU A 112 -7.22 -5.78 -8.10
CA GLU A 112 -6.05 -5.06 -7.63
C GLU A 112 -6.46 -3.75 -6.94
N ILE A 113 -5.92 -3.53 -5.74
CA ILE A 113 -6.22 -2.34 -4.98
C ILE A 113 -4.96 -1.61 -4.55
N ILE A 114 -3.81 -2.25 -4.79
CA ILE A 114 -2.52 -1.66 -4.44
C ILE A 114 -2.25 -0.40 -5.26
N PHE A 115 -2.54 -0.47 -6.56
CA PHE A 115 -2.32 0.66 -7.45
C PHE A 115 -3.30 1.79 -7.15
N GLU A 116 -4.52 1.41 -6.76
CA GLU A 116 -5.56 2.39 -6.45
C GLU A 116 -5.19 3.18 -5.19
N ILE A 117 -4.75 2.47 -4.16
CA ILE A 117 -4.36 3.10 -2.90
C ILE A 117 -3.16 4.02 -3.10
N THR A 118 -2.20 3.57 -3.90
CA THR A 118 -1.00 4.35 -4.17
C THR A 118 -1.33 5.60 -5.00
N SER A 119 -2.20 5.43 -5.99
CA SER A 119 -2.59 6.54 -6.85
C SER A 119 -3.41 7.56 -6.07
N PHE A 120 -4.34 7.07 -5.26
CA PHE A 120 -5.20 7.95 -4.46
C PHE A 120 -4.37 8.70 -3.41
N THR A 121 -3.45 7.98 -2.78
CA THR A 121 -2.60 8.57 -1.75
C THR A 121 -1.66 9.60 -2.34
N GLN A 122 -1.13 9.31 -3.52
CA GLN A 122 -0.20 10.20 -4.20
C GLN A 122 -0.89 11.51 -4.58
N GLU A 123 -2.05 11.39 -5.25
CA GLU A 123 -2.81 12.56 -5.67
C GLU A 123 -3.22 13.41 -4.46
N LYS A 124 -3.53 12.74 -3.36
CA LYS A 124 -3.94 13.44 -2.14
C LYS A 124 -2.73 13.99 -1.40
N LEU A 125 -1.60 13.30 -1.51
CA LEU A 125 -0.37 13.73 -0.85
C LEU A 125 0.23 14.94 -1.55
N ASP A 126 0.20 14.92 -2.88
CA ASP A 126 0.73 16.04 -3.67
C ASP A 126 -0.16 17.27 -3.54
N GLU A 127 -1.47 17.07 -3.66
CA GLU A 127 -2.42 18.17 -3.57
C GLU A 127 -2.31 18.86 -2.21
N PHE A 128 -2.35 18.06 -1.15
CA PHE A 128 -2.26 18.60 0.21
C PHE A 128 -0.96 19.35 0.41
N GLN A 129 0.11 18.84 -0.18
CA GLN A 129 1.43 19.47 -0.08
C GLN A 129 1.49 20.75 -0.89
N ASN A 130 0.57 20.89 -1.84
CA ASN A 130 0.52 22.07 -2.70
C ASN A 130 0.38 23.34 -1.87
N VAL A 131 -0.79 23.52 -1.29
CA VAL A 131 -1.06 24.70 -0.46
C VAL A 131 -1.81 24.33 0.82
N VAL A 132 -2.66 23.30 0.71
CA VAL A 132 -3.44 22.84 1.86
C VAL A 132 -2.63 22.96 3.15
N ASN A 133 -3.34 23.09 4.27
CA ASN A 133 -2.69 23.21 5.57
C ASN A 133 -1.40 22.41 5.61
N THR A 134 -0.27 23.08 5.38
CA THR A 134 1.02 22.43 5.39
C THR A 134 1.73 22.64 6.72
N GLN A 135 3.04 22.35 6.76
CA GLN A 135 3.83 22.50 7.97
C GLN A 135 5.31 22.63 7.64
N SER A 136 5.95 23.65 8.20
CA SER A 136 7.37 23.88 7.97
C SER A 136 8.23 23.07 8.93
N LEU A 137 7.96 21.77 8.99
CA LEU A 137 8.70 20.87 9.87
C LEU A 137 9.06 21.56 11.17
N GLU A 138 8.10 21.63 12.08
CA GLU A 138 8.30 22.26 13.38
C GLU A 138 7.13 21.99 14.32
#